data_7T30
#
_entry.id   7T30
#
_cell.length_a   1.00
_cell.length_b   1.00
_cell.length_c   1.00
_cell.angle_alpha   90.00
_cell.angle_beta   90.00
_cell.angle_gamma   90.00
#
_symmetry.space_group_name_H-M   'P 1'
#
loop_
_entity.id
_entity.type
_entity.pdbx_description
1 polymer 'NiFe hydrogenase subunit A'
2 polymer 'NiFe hydrogenase subunit B'
3 polymer 'NiFe hydrogenase subunit C'
4 polymer 'NiFe hydrogenase large subunit'
5 polymer 'NiFe hydrogenase small subunit'
6 non-polymer 'FE2/S2 (INORGANIC) CLUSTER'
7 non-polymer 'IRON/SULFUR CLUSTER'
8 non-polymer NICOTINAMIDE-ADENINE-DINUCLEOTIDE
9 non-polymer 'FLAVIN MONONUCLEOTIDE'
10 non-polymer 'NICKEL (III) ION'
11 non-polymer 'CARBONMONOXIDE-(DICYANO) IRON'
#
loop_
_entity_poly.entity_id
_entity_poly.type
_entity_poly.pdbx_seq_one_letter_code
_entity_poly.pdbx_strand_id
1 'polypeptide(L)'
;MKEITLTIDGKVCKGVQGDTILDVANKNDVYIPTLCYQKGLTPIGACRMCVVQLEGNPKMLPSCTTPAQDGMVVVTKNEK
LKDYRRQILELLFAGRNHFCMYCSQSGDCELQRLAIEHEMDSVRFPYLYEDFEVDATDPNLMMDHNRCVLCQRCIRTCSE
IVGAHTLDLERRGWQAKVIADLGKRLRESDTCVNCGACAQSCPTGTITIREFAYRGRRSECDAVVESVCPLCAVGCKIKT
YVRTGSIVRVEGTGVEEPDGGQLCHMGRWWLPESTERERVTVPLIREGASYREATWEEALALASAEFKKAYDQEKAGAIL
SSLCTDEELTLFSALFRNALKMKHIDTFDGDIIRGFFKGFMPFREQGVRPFTAAHHILDSDLIITMFADPQKEAPVVASY
IRVACLHRNAKLMNLSYGPSPFPGLVDLDIRLPEGQAVPKALSNLAEIIGKISLGPSDMASFGEFEAGAGKALSSYRESI
EESARAMGLDPKIAEEVALMLISARRPIFIIGGRATKSHELVTAACNLAVASKAFFEDGLGVVPLLVSANSLGARNTVVS
ENPWLGRERRDFLYVFSTAMVPEEEEILAAISATRFVVVQTPFKVRPLVNLADILLPAPAWYERSGHFCTIEGERRKLNT
IVPPKGEIKSLHYVMDEFAKKLGVKLERPEVSPCEEIFKSQLRASEARIVTL
;
A,F
2 'polypeptide(L)'
;MAIYRAHVLVCRGTGCTASGAPGVMKAFKEELAKKGLDREVMLVETGCHGMCEMGPVVVVYPEGAFYCRVTPEDVPEIVE
EHLYKGRIVQRLLYTVPEDMEKVPYYKDIPFYSKQHRIVLSNCGYIDPEKIEEYIARDGYMALGKALLEMTPEEVLEEVK
KSGLRGRGGAGFPTGLKWEFAKKASGDKKYVICNADEGDPGAFMDRSTLEGDPHSVIEGMTIGAYVIGADEGYIYCRAEY
PLAIKRLKIAIAQAEEMGLLGDHIMGTNFSFHLHLKEGAGAFVCGEETALMASIEGRRGMPRPRPPFPAQHGLWGKPTNI
NNVETWANVPRIILNGADWFASMGTEKSKGTKIFALTGKITNTGLIEVPMGITIREIIYELGGGILNGKEFKAVQIGGPS
GGCLTKEHLDLPIDYESLTAAGAIMGSGGLVVMDEDTCMVDVAKFFLEFTQRESCGKCVPCREGTKQMLLMLQKICNGEG
TMDDLSKLEELAHMVKETSLCGLGQTAPNPVITTIRYFRDEYVAHIKDKRCPAKICPALIKYVVDPEKCRKCGLCARNCP
VKCISGDRQTPYLINQEKCIKCGTCMQVCPFGAIGKV
;
B,G
3 'polypeptide(L)'
;MALSTVDVVEKVKEIVAPWKGKQGGLIPILQEVQRELGYLPEEALLTISRELKMPKAEVYGVATFYAQFHLKPRGRHVIR
VCRGTACHVRGSLQILEKVKQMLGIEENETTDDLRFTLEPVACLGACGLAPVMMVDEDTHGRMTPDKIQAILDKYQ
;
C,H
4 'polypeptide(L)'
;MTEVFKLEINPVTRIEGHGKITVMLDESGHVRETRFHVTQYRGFEVFTHGRDFREMPVITPRICGICPVSHHLASAKACD
EILGVTITPAAHKLRELMHMGQIVQSHALSFFHLSSPDILWGFDAPVKIRNVAGLVDRYPELAKKGIMLRKFGQEIIKTL
GGKKIHPWHSIPGGVNRSLTPQERDAIAAQLPEMKSIAMEAIKLIKDYLQEGGEELKEFATLDTAYMGLVRDGYLELYDG
EVRIKAPRGRILDQFDPKDYLDHIGEHVEPWSYLKFPFYKALGFPHGSYRVGPLARLNAADAVSTPEASKEFALYKEMGE
DGIVPYTLYYHYARLIEALYGLERIEQLLADPDITSSDLRVTSKEINPEGIGVIEAPRGTLIHHYQVNESGVITKVNLIV
ATGHNNFAMNKGVEMVAKKYITGTNVPEGVFNRLEHVIRAYDPCLSCSTHAVGKMPLKLELVGPTGEILKEVTRD
;
D,I
5 'polypeptide(L)'
;MAKAKVATFWLEACAGCHMSFLDLDERLIDLFQNVEILFSPIVDAKDIPNIDVGVLSGGLGNVEEVELAKKMRERCKYLV
AWGDCAVFGGINCMRNFIPKDVVLREGYIETASTVNPQGIVPSEDIPELLPRALPIDYEVKVDVYVPGCPPDADTIYYVF
KELLAGRVPKVPSEMMRYD
;
E,J
#
# COMPACT_ATOMS: atom_id res chain seq x y z
N MET A 1 -60.70 19.73 27.49
CA MET A 1 -61.51 18.61 26.93
C MET A 1 -60.64 17.36 26.83
N LYS A 2 -59.46 17.46 26.21
CA LYS A 2 -58.54 16.29 26.04
C LYS A 2 -59.24 15.17 25.25
N GLU A 3 -60.27 15.51 24.48
CA GLU A 3 -60.95 14.50 23.61
C GLU A 3 -61.53 15.25 22.41
N ILE A 4 -60.76 15.32 21.32
CA ILE A 4 -61.21 16.02 20.13
C ILE A 4 -61.60 15.01 19.06
N THR A 5 -62.24 15.51 18.01
CA THR A 5 -62.67 14.68 16.89
C THR A 5 -62.47 15.45 15.59
N LEU A 6 -61.93 14.78 14.59
CA LEU A 6 -61.70 15.35 13.28
C LEU A 6 -62.43 14.53 12.22
N THR A 7 -62.32 14.96 10.97
CA THR A 7 -62.86 14.21 9.83
C THR A 7 -61.76 14.10 8.78
N ILE A 8 -61.12 12.94 8.72
CA ILE A 8 -60.07 12.66 7.74
C ILE A 8 -60.68 11.77 6.66
N ASP A 9 -60.62 12.23 5.41
CA ASP A 9 -61.18 11.49 4.28
C ASP A 9 -62.66 11.19 4.47
N GLY A 10 -63.37 12.12 5.07
CA GLY A 10 -64.79 11.92 5.36
C GLY A 10 -65.02 11.09 6.61
N LYS A 11 -64.05 10.24 6.94
CA LYS A 11 -64.17 9.36 8.09
C LYS A 11 -63.91 10.13 9.38
N VAL A 12 -64.82 10.01 10.34
CA VAL A 12 -64.69 10.73 11.61
C VAL A 12 -63.73 9.98 12.50
N CYS A 13 -62.71 10.68 13.01
CA CYS A 13 -61.68 10.11 13.84
C CYS A 13 -61.66 10.79 15.21
N LYS A 14 -61.27 10.02 16.22
CA LYS A 14 -61.19 10.47 17.61
C LYS A 14 -59.73 10.70 17.99
N GLY A 15 -59.50 11.56 18.97
CA GLY A 15 -58.15 11.84 19.39
C GLY A 15 -58.11 12.70 20.63
N VAL A 16 -56.92 13.17 20.94
CA VAL A 16 -56.67 14.00 22.12
C VAL A 16 -56.14 15.35 21.64
N GLN A 17 -56.42 16.39 22.44
CA GLN A 17 -56.14 17.76 22.01
C GLN A 17 -54.65 18.04 21.84
N GLY A 18 -53.78 17.15 22.30
CA GLY A 18 -52.35 17.41 22.25
C GLY A 18 -51.61 16.86 21.04
N ASP A 19 -52.23 15.93 20.31
CA ASP A 19 -51.51 15.24 19.25
C ASP A 19 -51.54 16.04 17.95
N THR A 20 -50.82 15.53 16.96
CA THR A 20 -50.80 16.07 15.61
C THR A 20 -51.82 15.33 14.75
N ILE A 21 -51.99 15.81 13.51
CA ILE A 21 -52.96 15.18 12.61
C ILE A 21 -52.51 13.78 12.23
N LEU A 22 -51.22 13.59 11.98
CA LEU A 22 -50.73 12.28 11.60
C LEU A 22 -50.96 11.26 12.71
N ASP A 23 -50.86 11.68 13.97
CA ASP A 23 -51.12 10.77 15.07
C ASP A 23 -52.59 10.36 15.12
N VAL A 24 -53.51 11.30 14.89
CA VAL A 24 -54.93 10.95 14.88
C VAL A 24 -55.24 10.06 13.68
N ALA A 25 -54.52 10.24 12.57
CA ALA A 25 -54.74 9.39 11.41
C ALA A 25 -54.25 7.97 11.67
N ASN A 26 -53.03 7.84 12.16
CA ASN A 26 -52.47 6.53 12.47
C ASN A 26 -53.22 5.85 13.60
N LYS A 27 -53.88 6.61 14.47
CA LYS A 27 -54.52 6.01 15.63
C LYS A 27 -55.70 5.14 15.23
N ASN A 28 -56.48 5.54 14.22
CA ASN A 28 -57.59 4.67 13.85
C ASN A 28 -57.14 3.60 12.87
N ASP A 29 -56.99 3.95 11.59
CA ASP A 29 -56.21 3.17 10.64
C ASP A 29 -55.60 4.05 9.57
N VAL A 30 -56.08 5.29 9.49
CA VAL A 30 -56.01 6.08 8.25
C VAL A 30 -54.57 6.26 7.81
N TYR A 31 -54.37 6.24 6.50
CA TYR A 31 -53.05 6.23 5.88
C TYR A 31 -52.68 7.61 5.37
N ILE A 32 -51.45 8.03 5.66
CA ILE A 32 -50.88 9.27 5.14
C ILE A 32 -49.44 8.98 4.74
N PRO A 33 -49.00 9.37 3.54
CA PRO A 33 -47.62 9.12 3.12
C PRO A 33 -46.63 9.80 4.05
N THR A 34 -45.61 9.04 4.48
CA THR A 34 -44.56 9.58 5.39
C THR A 34 -43.20 9.00 4.99
N LEU A 35 -42.14 9.79 5.09
CA LEU A 35 -40.77 9.30 4.76
C LEU A 35 -39.80 9.68 5.88
N CYS A 36 -40.00 10.85 6.51
CA CYS A 36 -39.06 11.32 7.56
C CYS A 36 -39.64 11.05 8.95
N TYR A 37 -40.86 10.51 9.02
CA TYR A 37 -41.51 10.27 10.34
C TYR A 37 -41.12 8.90 10.89
N GLN A 38 -40.71 8.86 12.15
CA GLN A 38 -40.38 7.61 12.82
C GLN A 38 -41.03 7.60 14.20
N LYS A 39 -41.86 6.61 14.47
CA LYS A 39 -42.47 6.49 15.83
C LYS A 39 -41.33 6.40 16.86
N GLY A 40 -41.34 7.31 17.85
CA GLY A 40 -40.30 7.29 18.89
C GLY A 40 -39.32 8.44 18.75
N LEU A 41 -39.42 9.20 17.66
CA LEU A 41 -38.53 10.38 17.45
C LEU A 41 -39.39 11.64 17.29
N THR A 42 -38.92 12.77 17.82
CA THR A 42 -39.66 14.05 17.69
C THR A 42 -39.92 14.34 16.21
N PRO A 43 -41.18 14.62 15.74
CA PRO A 43 -41.40 15.00 14.33
C PRO A 43 -40.35 15.97 13.76
N ILE A 44 -39.84 15.69 12.56
CA ILE A 44 -38.75 16.53 11.96
C ILE A 44 -39.34 17.53 10.97
N GLY A 45 -40.03 17.06 9.93
CA GLY A 45 -40.56 17.96 8.89
C GLY A 45 -39.51 18.22 7.82
N ALA A 46 -39.23 17.23 6.97
CA ALA A 46 -38.16 17.36 5.95
C ALA A 46 -38.66 16.88 4.58
N CYS A 47 -39.28 15.71 4.52
CA CYS A 47 -39.72 15.13 3.21
C CYS A 47 -40.91 15.90 2.64
N ARG A 48 -41.76 16.46 3.50
CA ARG A 48 -42.96 17.23 3.07
C ARG A 48 -43.89 16.34 2.23
N MET A 49 -43.89 15.02 2.47
CA MET A 49 -44.79 14.08 1.75
C MET A 49 -46.11 13.96 2.50
N CYS A 50 -46.12 14.30 3.79
CA CYS A 50 -47.35 14.13 4.62
C CYS A 50 -48.26 15.36 4.48
N VAL A 51 -48.05 16.15 3.43
CA VAL A 51 -48.85 17.40 3.24
C VAL A 51 -50.34 17.07 3.21
N VAL A 52 -51.18 17.99 3.70
CA VAL A 52 -52.61 17.77 3.81
C VAL A 52 -53.26 19.14 3.86
N GLN A 53 -54.46 19.24 3.29
CA GLN A 53 -55.16 20.52 3.23
C GLN A 53 -56.58 20.37 3.75
N LEU A 54 -57.09 21.47 4.31
CA LEU A 54 -58.43 21.53 4.85
C LEU A 54 -59.39 22.18 3.85
N GLU A 55 -60.68 21.99 4.09
CA GLU A 55 -61.68 22.65 3.26
C GLU A 55 -61.70 24.14 3.54
N GLY A 56 -61.72 24.93 2.47
CA GLY A 56 -61.71 26.38 2.60
C GLY A 56 -60.33 26.98 2.58
N ASN A 57 -59.43 26.49 3.43
CA ASN A 57 -58.07 27.00 3.45
C ASN A 57 -57.26 26.37 2.34
N PRO A 58 -56.73 27.16 1.38
CA PRO A 58 -55.95 26.57 0.30
C PRO A 58 -54.52 26.23 0.67
N LYS A 59 -54.10 26.53 1.90
CA LYS A 59 -52.74 26.23 2.32
C LYS A 59 -52.58 24.72 2.54
N MET A 60 -51.32 24.28 2.55
CA MET A 60 -50.97 22.88 2.75
C MET A 60 -50.19 22.74 4.04
N LEU A 61 -50.63 21.82 4.90
CA LEU A 61 -50.07 21.69 6.23
C LEU A 61 -49.44 20.32 6.41
N PRO A 62 -48.25 20.25 6.99
CA PRO A 62 -47.60 18.95 7.26
C PRO A 62 -48.31 18.23 8.40
N SER A 63 -48.98 17.12 8.06
CA SER A 63 -49.80 16.41 9.03
C SER A 63 -49.02 15.88 10.22
N CYS A 64 -47.70 15.80 10.13
CA CYS A 64 -46.90 15.23 11.21
C CYS A 64 -46.46 16.27 12.24
N THR A 65 -46.50 17.55 11.91
CA THR A 65 -46.13 18.60 12.87
C THR A 65 -47.27 19.57 13.19
N THR A 66 -48.41 19.46 12.53
CA THR A 66 -49.47 20.41 12.86
C THR A 66 -50.47 19.77 13.82
N PRO A 67 -50.80 20.45 14.91
CA PRO A 67 -51.68 19.86 15.92
C PRO A 67 -53.11 19.72 15.42
N ALA A 68 -53.83 18.80 16.05
CA ALA A 68 -55.21 18.53 15.71
C ALA A 68 -56.14 19.40 16.55
N GLN A 69 -57.17 19.95 15.89
CA GLN A 69 -58.10 20.86 16.55
C GLN A 69 -59.51 20.46 16.11
N ASP A 70 -60.36 20.12 17.08
CA ASP A 70 -61.73 19.69 16.84
C ASP A 70 -62.46 20.60 15.84
N GLY A 71 -63.10 20.00 14.84
CA GLY A 71 -63.91 20.72 13.89
C GLY A 71 -63.29 20.92 12.52
N MET A 72 -62.06 20.45 12.30
CA MET A 72 -61.38 20.64 11.03
C MET A 72 -61.59 19.42 10.14
N VAL A 73 -61.81 19.68 8.87
CA VAL A 73 -61.93 18.63 7.86
C VAL A 73 -60.58 18.47 7.18
N VAL A 74 -60.15 17.22 7.02
CA VAL A 74 -58.84 16.89 6.48
C VAL A 74 -59.02 16.14 5.17
N VAL A 75 -58.28 16.56 4.14
CA VAL A 75 -58.28 15.92 2.83
C VAL A 75 -56.88 15.42 2.55
N THR A 76 -56.72 14.11 2.38
CA THR A 76 -55.41 13.52 2.14
C THR A 76 -55.16 13.19 0.67
N LYS A 77 -56.19 12.89 -0.11
CA LYS A 77 -56.03 12.48 -1.51
C LYS A 77 -56.85 13.38 -2.42
N ASN A 78 -56.15 14.10 -3.31
CA ASN A 78 -56.78 14.81 -4.41
C ASN A 78 -55.72 15.02 -5.49
N GLU A 79 -56.13 15.69 -6.58
CA GLU A 79 -55.22 15.86 -7.71
C GLU A 79 -53.99 16.67 -7.32
N LYS A 80 -54.20 17.80 -6.64
CA LYS A 80 -53.10 18.67 -6.26
C LYS A 80 -52.07 17.94 -5.41
N LEU A 81 -52.54 17.18 -4.41
CA LEU A 81 -51.61 16.53 -3.49
C LEU A 81 -50.85 15.41 -4.19
N LYS A 82 -51.53 14.63 -5.02
CA LYS A 82 -50.86 13.60 -5.80
C LYS A 82 -49.77 14.20 -6.68
N ASP A 83 -50.09 15.31 -7.36
CA ASP A 83 -49.11 15.97 -8.21
C ASP A 83 -47.91 16.44 -7.40
N TYR A 84 -48.15 17.09 -6.25
CA TYR A 84 -47.04 17.61 -5.47
C TYR A 84 -46.17 16.49 -4.91
N ARG A 85 -46.79 15.42 -4.42
CA ARG A 85 -46.02 14.31 -3.87
C ARG A 85 -45.21 13.61 -4.95
N ARG A 86 -45.79 13.44 -6.14
CA ARG A 86 -45.03 12.85 -7.23
C ARG A 86 -43.87 13.75 -7.64
N GLN A 87 -44.05 15.07 -7.59
CA GLN A 87 -42.95 15.97 -7.89
C GLN A 87 -41.85 15.86 -6.85
N ILE A 88 -42.20 15.71 -5.58
CA ILE A 88 -41.20 15.56 -4.53
C ILE A 88 -40.40 14.27 -4.74
N LEU A 89 -41.11 13.17 -5.03
CA LEU A 89 -40.43 11.90 -5.27
C LEU A 89 -39.52 11.98 -6.50
N GLU A 90 -39.98 12.65 -7.55
CA GLU A 90 -39.16 12.77 -8.75
C GLU A 90 -37.94 13.63 -8.49
N LEU A 91 -38.07 14.67 -7.67
CA LEU A 91 -36.90 15.45 -7.26
C LEU A 91 -35.91 14.57 -6.52
N LEU A 92 -36.40 13.76 -5.58
CA LEU A 92 -35.51 12.90 -4.81
C LEU A 92 -34.80 11.89 -5.71
N PHE A 93 -35.48 11.40 -6.74
CA PHE A 93 -34.86 10.43 -7.62
C PHE A 93 -33.87 11.08 -8.59
N ALA A 94 -34.19 12.28 -9.09
CA ALA A 94 -33.32 12.96 -10.03
C ALA A 94 -32.11 13.60 -9.37
N GLY A 95 -32.18 13.90 -8.08
CA GLY A 95 -31.06 14.52 -7.40
C GLY A 95 -29.97 13.54 -7.07
N ARG A 96 -30.32 12.43 -6.43
CA ARG A 96 -29.36 11.40 -6.07
C ARG A 96 -29.38 10.30 -7.12
N ASN A 97 -28.53 9.28 -6.90
CA ASN A 97 -28.40 8.20 -7.91
C ASN A 97 -29.04 6.93 -7.35
N HIS A 98 -30.31 6.70 -7.69
CA HIS A 98 -31.05 5.52 -7.15
C HIS A 98 -31.01 4.36 -8.15
N PHE A 99 -30.29 3.30 -7.81
CA PHE A 99 -30.17 2.12 -8.68
C PHE A 99 -30.90 0.97 -7.99
N CYS A 100 -32.20 0.85 -8.26
CA CYS A 100 -33.00 -0.18 -7.55
C CYS A 100 -32.53 -1.58 -7.94
N MET A 101 -32.02 -1.76 -9.16
CA MET A 101 -31.62 -3.12 -9.63
C MET A 101 -30.76 -3.84 -8.60
N TYR A 102 -29.78 -3.15 -7.99
CA TYR A 102 -28.85 -3.83 -7.06
C TYR A 102 -28.92 -3.24 -5.65
N CYS A 103 -29.96 -2.48 -5.33
CA CYS A 103 -30.09 -1.97 -3.94
C CYS A 103 -30.39 -3.15 -3.00
N SER A 104 -29.80 -3.15 -1.80
CA SER A 104 -30.09 -4.23 -0.82
C SER A 104 -31.52 -4.09 -0.30
N GLN A 105 -32.04 -2.87 -0.24
CA GLN A 105 -33.40 -2.63 0.21
C GLN A 105 -34.37 -2.48 -0.95
N SER A 106 -34.12 -3.17 -2.06
CA SER A 106 -34.85 -2.96 -3.30
C SER A 106 -36.23 -3.61 -3.29
N GLY A 107 -36.71 -4.04 -2.12
CA GLY A 107 -38.08 -4.51 -2.02
C GLY A 107 -38.73 -4.09 -0.71
N ASP A 108 -37.98 -3.37 0.11
CA ASP A 108 -38.50 -2.87 1.41
C ASP A 108 -37.96 -1.46 1.67
N CYS A 109 -37.89 -0.62 0.63
CA CYS A 109 -37.44 0.79 0.79
C CYS A 109 -38.68 1.69 0.81
N GLU A 110 -38.76 2.60 1.79
CA GLU A 110 -39.94 3.49 1.92
C GLU A 110 -40.05 4.39 0.68
N LEU A 111 -38.93 4.90 0.17
CA LEU A 111 -38.95 5.77 -1.00
C LEU A 111 -39.46 5.03 -2.22
N GLN A 112 -39.00 3.80 -2.43
CA GLN A 112 -39.44 3.03 -3.59
C GLN A 112 -40.91 2.69 -3.50
N ARG A 113 -41.41 2.36 -2.31
CA ARG A 113 -42.82 2.07 -2.15
C ARG A 113 -43.66 3.32 -2.38
N LEU A 114 -43.21 4.47 -1.89
CA LEU A 114 -43.91 5.72 -2.15
C LEU A 114 -43.90 6.07 -3.63
N ALA A 115 -42.83 5.70 -4.34
CA ALA A 115 -42.76 5.98 -5.77
C ALA A 115 -43.69 5.06 -6.55
N ILE A 116 -43.79 3.80 -6.14
CA ILE A 116 -44.66 2.87 -6.84
C ILE A 116 -46.13 3.15 -6.54
N GLU A 117 -46.45 3.59 -5.33
CA GLU A 117 -47.85 3.88 -5.01
C GLU A 117 -48.34 5.13 -5.72
N HIS A 118 -47.44 6.03 -6.10
CA HIS A 118 -47.79 7.22 -6.85
C HIS A 118 -47.58 7.06 -8.35
N GLU A 119 -47.35 5.84 -8.82
CA GLU A 119 -47.26 5.51 -10.24
C GLU A 119 -46.15 6.32 -10.92
N MET A 120 -44.98 6.33 -10.31
CA MET A 120 -43.84 7.04 -10.86
C MET A 120 -43.17 6.16 -11.92
N ASP A 121 -43.21 6.60 -13.17
CA ASP A 121 -42.56 5.91 -14.28
C ASP A 121 -41.66 6.83 -15.09
N SER A 122 -41.36 8.02 -14.56
CA SER A 122 -40.43 8.96 -15.18
C SER A 122 -40.12 10.02 -14.14
N VAL A 123 -38.94 10.63 -14.27
CA VAL A 123 -38.50 11.59 -13.27
C VAL A 123 -38.72 13.04 -13.67
N ARG A 124 -38.85 13.33 -14.96
CA ARG A 124 -39.18 14.64 -15.51
C ARG A 124 -38.10 15.68 -15.24
N PHE A 125 -36.98 15.32 -14.65
CA PHE A 125 -35.91 16.26 -14.31
C PHE A 125 -34.59 15.77 -14.88
N PRO A 126 -33.63 16.68 -15.11
CA PRO A 126 -32.46 16.34 -15.93
C PRO A 126 -31.46 15.35 -15.34
N TYR A 127 -31.76 14.73 -14.20
CA TYR A 127 -30.95 13.65 -13.64
C TYR A 127 -29.50 14.10 -13.39
N LEU A 128 -29.36 15.00 -12.43
CA LEU A 128 -28.03 15.40 -11.98
C LEU A 128 -27.20 14.19 -11.60
N TYR A 129 -26.11 13.95 -12.33
CA TYR A 129 -25.26 12.77 -12.13
C TYR A 129 -24.07 13.21 -11.29
N GLU A 130 -24.30 13.35 -9.99
CA GLU A 130 -23.27 13.78 -9.06
C GLU A 130 -22.58 12.58 -8.44
N ASP A 131 -21.36 12.79 -7.97
CA ASP A 131 -20.55 11.73 -7.39
C ASP A 131 -20.66 11.82 -5.88
N PHE A 132 -21.32 10.84 -5.27
CA PHE A 132 -21.43 10.74 -3.83
C PHE A 132 -20.58 9.59 -3.30
N GLU A 133 -20.05 9.78 -2.11
CA GLU A 133 -19.16 8.79 -1.54
C GLU A 133 -19.94 7.57 -1.05
N VAL A 134 -19.38 6.40 -1.29
CA VAL A 134 -19.89 5.16 -0.72
C VAL A 134 -18.89 4.71 0.33
N ASP A 135 -19.32 4.71 1.59
CA ASP A 135 -18.44 4.41 2.71
C ASP A 135 -18.65 2.96 3.12
N ALA A 136 -17.73 2.09 2.73
CA ALA A 136 -17.74 0.69 3.13
C ALA A 136 -16.50 0.35 3.97
N THR A 137 -15.96 1.35 4.66
CA THR A 137 -14.74 1.13 5.44
C THR A 137 -15.02 0.28 6.66
N ASP A 138 -16.14 0.50 7.32
CA ASP A 138 -16.53 -0.35 8.43
C ASP A 138 -16.93 -1.72 7.89
N PRO A 139 -16.38 -2.82 8.42
CA PRO A 139 -16.73 -4.14 7.89
C PRO A 139 -18.20 -4.51 8.07
N ASN A 140 -18.92 -3.88 8.99
CA ASN A 140 -20.29 -4.28 9.30
C ASN A 140 -21.35 -3.39 8.69
N LEU A 141 -21.17 -2.08 8.75
CA LEU A 141 -22.17 -1.13 8.25
C LEU A 141 -21.65 -0.44 7.00
N MET A 142 -22.55 -0.21 6.05
CA MET A 142 -22.23 0.48 4.80
C MET A 142 -23.12 1.70 4.65
N MET A 143 -22.52 2.82 4.26
CA MET A 143 -23.24 4.06 4.03
C MET A 143 -23.04 4.47 2.58
N ASP A 144 -24.07 4.28 1.76
CA ASP A 144 -24.04 4.62 0.34
C ASP A 144 -24.85 5.89 0.17
N HIS A 145 -24.16 7.04 0.12
CA HIS A 145 -24.83 8.33 0.07
C HIS A 145 -25.52 8.59 -1.27
N ASN A 146 -25.40 7.69 -2.23
CA ASN A 146 -26.16 7.81 -3.47
C ASN A 146 -27.66 7.64 -3.23
N ARG A 147 -28.04 7.07 -2.09
CA ARG A 147 -29.43 6.78 -1.78
C ARG A 147 -29.95 7.60 -0.61
N CYS A 148 -29.49 8.83 -0.37
CA CYS A 148 -29.90 9.58 0.84
C CYS A 148 -31.04 10.55 0.56
N VAL A 149 -32.05 10.52 1.39
CA VAL A 149 -33.23 11.41 1.27
C VAL A 149 -32.98 12.57 2.23
N LEU A 150 -31.97 12.47 3.11
CA LEU A 150 -31.69 13.51 4.09
C LEU A 150 -32.91 13.77 4.97
N CYS A 151 -33.36 12.67 5.57
CA CYS A 151 -34.52 12.65 6.49
C CYS A 151 -34.01 12.85 7.90
N GLN A 152 -32.71 12.64 8.13
CA GLN A 152 -32.04 12.88 9.40
C GLN A 152 -32.48 11.92 10.50
N ARG A 153 -33.09 10.81 10.15
CA ARG A 153 -33.61 9.88 11.17
C ARG A 153 -32.44 9.09 11.72
N CYS A 154 -31.29 9.14 11.08
CA CYS A 154 -30.06 8.48 11.55
C CYS A 154 -29.37 9.41 12.52
N ILE A 155 -29.44 10.71 12.26
CA ILE A 155 -28.86 11.70 13.15
C ILE A 155 -29.71 11.85 14.40
N ARG A 156 -30.99 11.53 14.34
CA ARG A 156 -31.84 11.61 15.52
C ARG A 156 -31.79 10.34 16.35
N THR A 157 -31.39 9.22 15.73
CA THR A 157 -31.34 7.97 16.46
C THR A 157 -30.04 7.76 17.21
N CYS A 158 -28.97 8.38 16.72
CA CYS A 158 -27.65 8.28 17.34
C CYS A 158 -27.43 9.41 18.35
N SER A 159 -28.43 10.29 18.47
CA SER A 159 -28.35 11.41 19.38
C SER A 159 -29.31 11.33 20.56
N GLU A 160 -30.58 11.09 20.30
CA GLU A 160 -31.55 11.06 21.38
C GLU A 160 -31.79 9.66 21.94
N ILE A 161 -31.56 8.62 21.15
CA ILE A 161 -31.85 7.25 21.56
C ILE A 161 -30.58 6.50 21.96
N VAL A 162 -29.49 6.68 21.22
CA VAL A 162 -28.24 6.00 21.50
C VAL A 162 -27.34 6.82 22.40
N GLY A 163 -27.07 8.06 22.03
CA GLY A 163 -26.21 8.91 22.82
C GLY A 163 -24.85 9.10 22.17
N ALA A 164 -24.40 8.08 21.45
CA ALA A 164 -23.15 8.17 20.70
C ALA A 164 -23.39 9.05 19.49
N HIS A 165 -23.21 10.36 19.71
CA HIS A 165 -23.55 11.36 18.71
C HIS A 165 -22.53 11.34 17.58
N THR A 166 -22.52 10.25 16.82
CA THR A 166 -21.50 10.07 15.78
C THR A 166 -21.86 10.74 14.47
N LEU A 167 -23.15 10.95 14.20
CA LEU A 167 -23.61 11.46 12.93
C LEU A 167 -24.12 12.88 13.05
N ASP A 168 -23.89 13.68 12.01
CA ASP A 168 -24.49 15.01 11.90
C ASP A 168 -24.45 15.41 10.43
N LEU A 169 -24.86 16.65 10.16
CA LEU A 169 -24.95 17.15 8.80
C LEU A 169 -23.74 18.03 8.47
N GLU A 170 -23.12 17.75 7.33
CA GLU A 170 -22.00 18.54 6.82
C GLU A 170 -22.55 19.75 6.08
N ARG A 171 -21.73 20.37 5.23
CA ARG A 171 -22.01 21.65 4.59
C ARG A 171 -23.47 21.77 4.16
N ARG A 172 -24.03 22.97 4.37
CA ARG A 172 -25.44 23.20 4.12
C ARG A 172 -25.75 23.23 2.63
N GLY A 173 -27.02 23.44 2.32
CA GLY A 173 -27.46 23.49 0.94
C GLY A 173 -27.62 22.12 0.33
N TRP A 174 -27.59 22.11 -1.01
CA TRP A 174 -27.64 20.84 -1.73
C TRP A 174 -26.46 19.94 -1.42
N GLN A 175 -25.37 20.49 -0.90
CA GLN A 175 -24.19 19.72 -0.53
C GLN A 175 -24.30 19.09 0.86
N ALA A 176 -25.51 19.00 1.40
CA ALA A 176 -25.71 18.39 2.70
C ALA A 176 -25.28 16.92 2.65
N LYS A 177 -24.68 16.46 3.73
CA LYS A 177 -24.17 15.10 3.83
C LYS A 177 -24.21 14.65 5.28
N VAL A 178 -24.36 13.35 5.47
CA VAL A 178 -24.34 12.73 6.78
C VAL A 178 -22.94 12.20 7.02
N ILE A 179 -22.25 12.78 7.99
CA ILE A 179 -20.84 12.49 8.23
C ILE A 179 -20.68 11.80 9.57
N ALA A 180 -19.52 11.19 9.75
CA ALA A 180 -19.09 10.68 11.05
C ALA A 180 -18.39 11.81 11.80
N ASP A 181 -17.65 11.47 12.85
CA ASP A 181 -16.95 12.47 13.64
C ASP A 181 -15.90 13.19 12.79
N LEU A 182 -16.06 14.50 12.65
CA LEU A 182 -15.09 15.36 11.97
C LEU A 182 -14.85 14.92 10.53
N GLY A 183 -15.93 14.54 9.84
CA GLY A 183 -15.83 14.19 8.44
C GLY A 183 -15.08 12.91 8.14
N LYS A 184 -14.83 12.11 9.18
CA LYS A 184 -14.05 10.86 8.99
C LYS A 184 -14.99 9.78 8.42
N ARG A 185 -14.41 8.65 8.00
CA ARG A 185 -15.20 7.45 7.64
C ARG A 185 -15.66 6.76 8.93
N LEU A 186 -16.71 5.93 8.84
CA LEU A 186 -17.28 5.30 10.06
C LEU A 186 -16.20 4.48 10.80
N ARG A 187 -15.23 3.91 10.08
CA ARG A 187 -14.24 3.07 10.75
C ARG A 187 -13.24 3.88 11.55
N GLU A 188 -13.01 5.14 11.17
CA GLU A 188 -12.10 6.00 11.92
C GLU A 188 -12.78 6.66 13.12
N SER A 189 -14.11 6.68 13.16
CA SER A 189 -14.82 7.32 14.26
C SER A 189 -14.72 6.45 15.51
N ASP A 190 -14.28 7.06 16.61
CA ASP A 190 -14.13 6.36 17.87
C ASP A 190 -15.39 6.41 18.74
N THR A 191 -16.29 7.35 18.46
CA THR A 191 -17.53 7.50 19.28
C THR A 191 -18.66 6.64 18.71
N CYS A 192 -18.33 5.54 18.01
CA CYS A 192 -19.40 4.63 17.49
C CYS A 192 -19.42 3.34 18.32
N VAL A 193 -20.62 2.82 18.61
CA VAL A 193 -20.75 1.60 19.46
C VAL A 193 -21.18 0.42 18.58
N ASN A 194 -21.33 0.63 17.28
CA ASN A 194 -21.74 -0.45 16.34
C ASN A 194 -23.05 -1.07 16.83
N CYS A 195 -24.10 -0.27 17.01
CA CYS A 195 -25.40 -0.78 17.53
C CYS A 195 -26.36 -1.05 16.38
N GLY A 196 -26.16 -0.42 15.22
CA GLY A 196 -27.06 -0.56 14.10
C GLY A 196 -28.42 0.06 14.27
N ALA A 197 -28.55 0.98 15.24
CA ALA A 197 -29.84 1.69 15.41
C ALA A 197 -30.06 2.60 14.21
N CYS A 198 -28.97 3.05 13.58
CA CYS A 198 -29.07 3.91 12.38
C CYS A 198 -29.61 3.09 11.19
N ALA A 199 -29.18 1.83 11.07
CA ALA A 199 -29.63 0.97 9.96
C ALA A 199 -31.13 0.69 10.11
N GLN A 200 -31.62 0.57 11.34
CA GLN A 200 -33.03 0.34 11.57
C GLN A 200 -33.85 1.61 11.34
N SER A 201 -33.23 2.75 11.60
CA SER A 201 -33.95 4.02 11.43
C SER A 201 -33.94 4.47 9.98
N CYS A 202 -32.98 4.05 9.15
CA CYS A 202 -32.90 4.57 7.76
C CYS A 202 -34.05 3.99 6.98
N PRO A 203 -34.80 4.82 6.28
CA PRO A 203 -35.92 4.31 5.46
C PRO A 203 -35.48 3.83 4.09
N THR A 204 -34.39 4.39 3.59
CA THR A 204 -33.84 4.02 2.29
C THR A 204 -32.78 2.93 2.49
N GLY A 205 -31.98 2.69 1.47
CA GLY A 205 -30.90 1.71 1.58
C GLY A 205 -29.54 2.37 1.65
N THR A 206 -29.45 3.49 2.36
CA THR A 206 -28.16 4.15 2.53
C THR A 206 -27.31 3.43 3.57
N ILE A 207 -27.78 3.40 4.81
CA ILE A 207 -27.14 2.60 5.85
C ILE A 207 -27.67 1.18 5.76
N THR A 208 -26.76 0.23 5.67
CA THR A 208 -27.12 -1.17 5.49
C THR A 208 -26.15 -2.06 6.27
N ILE A 209 -26.71 -3.07 6.94
CA ILE A 209 -25.90 -4.11 7.55
C ILE A 209 -25.37 -5.00 6.42
N ARG A 210 -24.05 -5.19 6.39
CA ARG A 210 -23.41 -5.69 5.18
C ARG A 210 -23.53 -7.20 5.04
N GLU A 211 -23.34 -7.95 6.14
CA GLU A 211 -23.22 -9.39 6.00
C GLU A 211 -24.54 -10.07 5.70
N PHE A 212 -25.67 -9.42 6.00
CA PHE A 212 -26.98 -9.94 5.66
C PHE A 212 -27.64 -9.16 4.54
N ALA A 213 -26.84 -8.68 3.58
CA ALA A 213 -27.39 -7.98 2.43
C ALA A 213 -28.15 -8.95 1.54
N TYR A 214 -29.27 -8.47 0.99
CA TYR A 214 -30.08 -9.18 0.00
C TYR A 214 -30.86 -10.33 0.61
N ARG A 215 -30.60 -10.63 1.88
CA ARG A 215 -31.33 -11.68 2.60
C ARG A 215 -32.26 -11.12 3.65
N GLY A 216 -31.87 -10.02 4.29
CA GLY A 216 -32.69 -9.43 5.34
C GLY A 216 -33.68 -8.42 4.82
N ARG A 217 -34.39 -8.78 3.75
CA ARG A 217 -35.50 -7.97 3.27
C ARG A 217 -36.77 -8.43 3.97
N ARG A 218 -37.45 -7.51 4.66
CA ARG A 218 -38.66 -7.86 5.38
C ARG A 218 -39.78 -8.28 4.44
N SER A 219 -39.70 -7.92 3.16
CA SER A 219 -40.76 -8.25 2.22
C SER A 219 -40.74 -9.71 1.80
N GLU A 220 -39.58 -10.36 1.83
CA GLU A 220 -39.44 -11.73 1.39
C GLU A 220 -39.12 -12.68 2.54
N CYS A 221 -39.70 -12.42 3.70
CA CYS A 221 -39.55 -13.29 4.86
C CYS A 221 -40.57 -14.41 4.83
N ASP A 222 -40.39 -15.38 5.72
CA ASP A 222 -41.34 -16.47 5.89
C ASP A 222 -42.15 -16.38 7.16
N ALA A 223 -41.64 -15.73 8.20
CA ALA A 223 -42.35 -15.58 9.46
C ALA A 223 -41.68 -14.49 10.28
N VAL A 224 -42.49 -13.80 11.09
CA VAL A 224 -42.00 -12.79 12.02
C VAL A 224 -42.42 -13.19 13.42
N VAL A 225 -41.45 -13.33 14.31
CA VAL A 225 -41.68 -13.76 15.69
C VAL A 225 -41.02 -12.77 16.62
N GLU A 226 -41.75 -12.37 17.66
CA GLU A 226 -41.24 -11.43 18.65
C GLU A 226 -40.88 -12.18 19.92
N SER A 227 -39.67 -11.93 20.43
CA SER A 227 -39.16 -12.58 21.62
C SER A 227 -38.22 -11.62 22.34
N VAL A 228 -37.42 -12.16 23.25
CA VAL A 228 -36.50 -11.37 24.04
C VAL A 228 -35.04 -11.78 23.84
N CYS A 229 -34.16 -10.79 23.82
CA CYS A 229 -32.73 -10.99 23.67
C CYS A 229 -32.20 -11.62 24.95
N PRO A 230 -31.68 -12.86 24.86
CA PRO A 230 -31.18 -13.60 26.01
C PRO A 230 -29.77 -13.21 26.47
N LEU A 231 -28.98 -12.61 25.57
CA LEU A 231 -27.54 -12.34 25.88
C LEU A 231 -27.34 -11.57 27.20
N CYS A 232 -28.04 -10.46 27.45
CA CYS A 232 -27.74 -9.70 28.70
C CYS A 232 -28.99 -9.54 29.59
N ALA A 233 -28.86 -8.80 30.69
CA ALA A 233 -29.97 -8.66 31.67
C ALA A 233 -31.03 -7.66 31.20
N VAL A 234 -30.67 -6.68 30.37
CA VAL A 234 -31.64 -5.62 29.96
C VAL A 234 -32.88 -6.29 29.36
N GLY A 235 -32.70 -7.37 28.60
CA GLY A 235 -33.84 -8.11 28.04
C GLY A 235 -34.65 -7.27 27.08
N CYS A 236 -34.02 -6.84 25.98
CA CYS A 236 -34.71 -5.98 24.97
C CYS A 236 -35.67 -6.84 24.14
N LYS A 237 -36.88 -6.31 23.87
CA LYS A 237 -37.86 -7.04 23.03
C LYS A 237 -37.40 -6.98 21.56
N ILE A 238 -37.47 -8.10 20.85
CA ILE A 238 -36.94 -8.14 19.45
C ILE A 238 -38.06 -8.49 18.46
N LYS A 239 -37.75 -8.47 17.16
CA LYS A 239 -38.72 -8.75 16.09
C LYS A 239 -38.09 -9.62 15.02
N THR A 240 -37.50 -10.73 15.45
CA THR A 240 -36.84 -11.70 14.57
C THR A 240 -37.59 -11.95 13.28
N TYR A 241 -36.85 -11.87 12.16
CA TYR A 241 -37.35 -12.20 10.84
C TYR A 241 -36.70 -13.50 10.38
N VAL A 242 -37.51 -14.47 9.98
CA VAL A 242 -37.03 -15.80 9.62
C VAL A 242 -37.22 -16.01 8.13
N ARG A 243 -36.20 -16.57 7.48
CA ARG A 243 -36.25 -16.86 6.05
C ARG A 243 -35.48 -18.14 5.81
N THR A 244 -36.19 -19.20 5.41
CA THR A 244 -35.59 -20.50 5.08
C THR A 244 -34.79 -21.05 6.26
N GLY A 245 -35.40 -21.03 7.44
CA GLY A 245 -34.77 -21.60 8.62
C GLY A 245 -33.58 -20.82 9.13
N SER A 246 -33.55 -19.51 8.90
CA SER A 246 -32.42 -18.69 9.29
C SER A 246 -32.92 -17.30 9.66
N ILE A 247 -32.32 -16.74 10.71
CA ILE A 247 -32.65 -15.39 11.16
C ILE A 247 -31.88 -14.41 10.29
N VAL A 248 -32.61 -13.57 9.55
CA VAL A 248 -31.98 -12.65 8.60
C VAL A 248 -31.92 -11.22 9.12
N ARG A 249 -32.72 -10.87 10.12
CA ARG A 249 -32.78 -9.50 10.61
C ARG A 249 -33.40 -9.50 11.99
N VAL A 250 -32.79 -8.76 12.90
CA VAL A 250 -33.31 -8.59 14.26
C VAL A 250 -33.54 -7.09 14.44
N GLU A 251 -34.80 -6.72 14.66
CA GLU A 251 -35.19 -5.32 14.83
C GLU A 251 -35.73 -5.10 16.23
N GLY A 252 -35.52 -3.90 16.75
CA GLY A 252 -35.90 -3.61 18.11
C GLY A 252 -37.30 -3.08 18.29
N THR A 253 -38.23 -3.95 18.66
CA THR A 253 -39.52 -3.50 19.15
C THR A 253 -39.34 -2.79 20.49
N GLY A 254 -40.19 -1.81 20.75
CA GLY A 254 -40.00 -1.02 21.95
C GLY A 254 -39.61 0.41 21.66
N VAL A 255 -40.17 0.98 20.59
CA VAL A 255 -39.91 2.35 20.21
C VAL A 255 -40.75 3.28 21.07
N GLU A 256 -41.47 2.72 22.04
CA GLU A 256 -42.21 3.49 23.03
C GLU A 256 -41.54 3.52 24.39
N GLU A 257 -40.75 2.49 24.73
CA GLU A 257 -39.99 2.39 25.95
C GLU A 257 -38.73 3.25 25.86
N PRO A 258 -38.07 3.53 26.99
CA PRO A 258 -36.90 4.43 26.94
C PRO A 258 -35.72 3.85 26.17
N ASP A 259 -35.66 2.54 25.96
CA ASP A 259 -34.59 1.99 25.13
C ASP A 259 -34.69 2.47 23.70
N GLY A 260 -35.90 2.56 23.16
CA GLY A 260 -36.11 3.08 21.83
C GLY A 260 -35.87 2.09 20.71
N GLY A 261 -35.72 0.81 21.02
CA GLY A 261 -35.50 -0.19 20.02
C GLY A 261 -34.05 -0.43 19.64
N GLN A 262 -33.15 0.47 20.03
CA GLN A 262 -31.73 0.24 19.78
C GLN A 262 -31.26 -1.01 20.53
N LEU A 263 -30.78 -1.98 19.78
CA LEU A 263 -30.23 -3.18 20.36
C LEU A 263 -28.71 -3.06 20.28
N CYS A 264 -28.01 -3.83 21.10
CA CYS A 264 -26.55 -3.84 21.09
C CYS A 264 -26.00 -4.64 19.92
N HIS A 265 -24.72 -4.44 19.61
CA HIS A 265 -24.03 -5.15 18.53
C HIS A 265 -24.30 -6.65 18.59
N MET A 266 -24.34 -7.18 19.80
CA MET A 266 -24.66 -8.60 20.01
C MET A 266 -26.09 -8.89 19.59
N GLY A 267 -27.04 -8.11 20.09
CA GLY A 267 -28.45 -8.44 19.87
C GLY A 267 -28.85 -8.52 18.41
N ARG A 268 -28.23 -7.72 17.55
CA ARG A 268 -28.59 -7.71 16.14
C ARG A 268 -27.48 -8.15 15.21
N TRP A 269 -26.36 -8.65 15.74
CA TRP A 269 -25.34 -9.28 14.91
C TRP A 269 -25.10 -10.74 15.28
N TRP A 270 -25.01 -11.07 16.57
CA TRP A 270 -24.74 -12.43 16.97
C TRP A 270 -25.97 -13.32 16.77
N LEU A 271 -27.16 -12.81 17.11
CA LEU A 271 -28.36 -13.62 17.00
C LEU A 271 -28.64 -14.08 15.58
N PRO A 272 -28.51 -13.25 14.53
CA PRO A 272 -28.66 -13.79 13.18
C PRO A 272 -27.44 -14.55 12.71
N GLU A 273 -26.27 -14.25 13.27
CA GLU A 273 -25.07 -15.03 12.98
C GLU A 273 -25.06 -16.38 13.69
N SER A 274 -25.90 -16.56 14.70
CA SER A 274 -25.98 -17.83 15.42
C SER A 274 -26.72 -18.90 14.66
N THR A 275 -27.68 -18.53 13.82
CA THR A 275 -28.51 -19.50 13.13
C THR A 275 -27.78 -20.15 11.96
N GLU A 276 -26.58 -19.68 11.63
CA GLU A 276 -25.80 -20.23 10.53
C GLU A 276 -24.50 -20.85 11.03
N ARG A 277 -24.53 -21.49 12.20
CA ARG A 277 -23.35 -22.12 12.77
C ARG A 277 -23.41 -23.63 12.54
N GLU A 278 -22.47 -24.35 13.16
CA GLU A 278 -22.10 -25.70 12.72
C GLU A 278 -22.96 -26.81 13.30
N ARG A 279 -23.71 -26.58 14.39
CA ARG A 279 -24.81 -27.46 14.72
C ARG A 279 -24.41 -28.91 14.96
N VAL A 280 -23.83 -29.21 16.13
CA VAL A 280 -23.29 -30.52 16.48
C VAL A 280 -24.16 -31.67 15.95
N THR A 281 -25.46 -31.65 16.27
CA THR A 281 -26.49 -32.52 15.66
C THR A 281 -26.30 -34.01 15.87
N VAL A 282 -25.25 -34.43 16.58
CA VAL A 282 -25.02 -35.85 16.85
C VAL A 282 -23.98 -35.98 17.94
N PRO A 283 -24.08 -36.96 18.84
CA PRO A 283 -23.06 -37.10 19.88
C PRO A 283 -21.70 -37.44 19.29
N LEU A 284 -20.66 -36.83 19.85
CA LEU A 284 -19.30 -37.01 19.37
C LEU A 284 -18.46 -37.70 20.43
N ILE A 285 -17.22 -38.00 20.05
CA ILE A 285 -16.22 -38.57 20.96
C ILE A 285 -14.85 -38.08 20.50
N ARG A 286 -13.99 -37.73 21.46
CA ARG A 286 -12.77 -37.01 21.14
C ARG A 286 -11.86 -37.80 20.21
N GLU A 287 -11.59 -39.06 20.55
CA GLU A 287 -10.79 -39.96 19.72
C GLU A 287 -9.35 -39.50 19.56
N GLY A 288 -9.03 -38.33 20.12
CA GLY A 288 -7.69 -37.78 20.06
C GLY A 288 -7.55 -36.77 18.94
N ALA A 289 -7.62 -35.49 19.29
CA ALA A 289 -7.37 -34.38 18.37
C ALA A 289 -8.35 -34.29 17.21
N SER A 290 -9.33 -35.19 17.14
CA SER A 290 -10.28 -35.20 16.03
C SER A 290 -11.51 -35.99 16.41
N TYR A 291 -12.66 -35.33 16.45
CA TYR A 291 -13.89 -35.94 16.93
C TYR A 291 -14.35 -37.06 16.01
N ARG A 292 -15.33 -37.82 16.50
CA ARG A 292 -15.85 -38.98 15.80
C ARG A 292 -17.33 -39.13 16.11
N GLU A 293 -18.09 -39.58 15.11
CA GLU A 293 -19.53 -39.74 15.26
C GLU A 293 -19.83 -41.02 16.03
N ALA A 294 -20.77 -40.95 16.97
CA ALA A 294 -21.17 -42.09 17.77
C ALA A 294 -22.67 -42.04 18.00
N THR A 295 -23.24 -43.21 18.28
CA THR A 295 -24.65 -43.28 18.62
C THR A 295 -24.88 -42.75 20.04
N TRP A 296 -26.14 -42.50 20.36
CA TRP A 296 -26.46 -41.96 21.67
C TRP A 296 -26.15 -42.95 22.77
N GLU A 297 -26.39 -44.25 22.52
CA GLU A 297 -26.10 -45.26 23.52
C GLU A 297 -24.61 -45.30 23.84
N GLU A 298 -23.75 -45.29 22.83
CA GLU A 298 -22.32 -45.36 23.05
C GLU A 298 -21.81 -44.15 23.82
N ALA A 299 -22.16 -42.95 23.34
CA ALA A 299 -21.70 -41.72 23.98
C ALA A 299 -22.19 -41.64 25.42
N LEU A 300 -23.48 -41.89 25.64
CA LEU A 300 -24.00 -41.79 27.00
C LEU A 300 -23.44 -42.89 27.90
N ALA A 301 -23.16 -44.06 27.35
CA ALA A 301 -22.58 -45.13 28.15
C ALA A 301 -21.19 -44.76 28.62
N LEU A 302 -20.35 -44.25 27.71
CA LEU A 302 -19.00 -43.87 28.10
C LEU A 302 -19.02 -42.68 29.05
N ALA A 303 -19.90 -41.71 28.80
CA ALA A 303 -19.99 -40.54 29.68
C ALA A 303 -20.42 -40.94 31.08
N SER A 304 -21.44 -41.80 31.20
CA SER A 304 -21.88 -42.21 32.53
C SER A 304 -20.89 -43.15 33.18
N ALA A 305 -20.14 -43.93 32.40
CA ALA A 305 -19.11 -44.78 32.97
C ALA A 305 -18.02 -43.95 33.62
N GLU A 306 -17.61 -42.86 32.96
CA GLU A 306 -16.63 -41.98 33.59
C GLU A 306 -17.25 -41.07 34.65
N PHE A 307 -18.57 -40.88 34.62
CA PHE A 307 -19.23 -40.04 35.61
C PHE A 307 -19.44 -40.79 36.91
N LYS A 308 -19.68 -42.10 36.84
CA LYS A 308 -19.82 -42.88 38.07
C LYS A 308 -18.48 -43.06 38.75
N LYS A 309 -17.47 -43.48 38.00
CA LYS A 309 -16.15 -43.75 38.56
C LYS A 309 -15.50 -42.51 39.15
N ALA A 310 -16.14 -41.35 39.06
CA ALA A 310 -15.65 -40.12 39.68
C ALA A 310 -16.56 -39.61 40.78
N TYR A 311 -17.86 -39.87 40.70
CA TYR A 311 -18.81 -39.45 41.72
C TYR A 311 -18.69 -40.23 43.01
N ASP A 312 -18.20 -41.47 42.97
CA ASP A 312 -18.00 -42.21 44.21
C ASP A 312 -16.87 -41.60 45.03
N GLN A 313 -15.86 -41.04 44.38
CA GLN A 313 -14.67 -40.54 45.06
C GLN A 313 -14.78 -39.03 45.26
N GLU A 314 -16.02 -38.57 45.38
CA GLU A 314 -16.33 -37.20 45.78
C GLU A 314 -15.95 -36.19 44.69
N LYS A 315 -15.32 -36.65 43.61
CA LYS A 315 -14.78 -35.74 42.62
C LYS A 315 -15.61 -35.69 41.35
N ALA A 316 -16.57 -34.77 41.31
CA ALA A 316 -17.38 -34.53 40.12
C ALA A 316 -18.02 -33.16 40.23
N GLY A 317 -18.37 -32.54 39.10
CA GLY A 317 -18.89 -31.20 39.14
C GLY A 317 -19.72 -30.88 37.92
N ALA A 318 -20.49 -29.81 38.01
CA ALA A 318 -21.36 -29.35 36.93
C ALA A 318 -21.24 -27.85 36.81
N ILE A 319 -20.98 -27.37 35.60
CA ILE A 319 -20.90 -25.94 35.31
C ILE A 319 -21.96 -25.64 34.26
N LEU A 320 -23.09 -25.11 34.69
CA LEU A 320 -24.22 -24.85 33.83
C LEU A 320 -24.22 -23.39 33.39
N SER A 321 -25.11 -23.07 32.48
CA SER A 321 -25.19 -21.73 31.89
C SER A 321 -26.41 -21.00 32.40
N SER A 322 -26.25 -19.72 32.71
CA SER A 322 -27.34 -18.89 33.19
C SER A 322 -28.17 -18.28 32.07
N LEU A 323 -27.79 -18.53 30.82
CA LEU A 323 -28.64 -18.19 29.68
C LEU A 323 -29.66 -19.28 29.39
N CYS A 324 -29.70 -20.32 30.22
CA CYS A 324 -30.70 -21.36 30.11
C CYS A 324 -32.01 -20.90 30.73
N THR A 325 -33.08 -21.60 30.35
CA THR A 325 -34.40 -21.24 30.83
C THR A 325 -34.63 -21.83 32.21
N ASP A 326 -35.76 -21.45 32.83
CA ASP A 326 -36.03 -21.90 34.19
C ASP A 326 -36.34 -23.38 34.24
N GLU A 327 -36.91 -23.94 33.17
CA GLU A 327 -37.23 -25.36 33.16
C GLU A 327 -35.97 -26.22 33.03
N GLU A 328 -35.05 -25.81 32.15
CA GLU A 328 -33.78 -26.54 32.04
C GLU A 328 -32.99 -26.45 33.33
N LEU A 329 -32.98 -25.28 33.97
CA LEU A 329 -32.28 -25.15 35.23
C LEU A 329 -32.95 -25.98 36.32
N THR A 330 -34.28 -26.04 36.31
CA THR A 330 -35.00 -26.87 37.26
C THR A 330 -34.64 -28.34 37.07
N LEU A 331 -34.55 -28.80 35.82
CA LEU A 331 -34.19 -30.19 35.57
C LEU A 331 -32.75 -30.49 35.98
N PHE A 332 -31.83 -29.60 35.63
CA PHE A 332 -30.44 -29.77 36.04
C PHE A 332 -30.32 -29.82 37.56
N SER A 333 -31.04 -28.95 38.27
CA SER A 333 -30.97 -28.94 39.72
C SER A 333 -31.64 -30.17 40.31
N ALA A 334 -32.71 -30.65 39.68
CA ALA A 334 -33.34 -31.88 40.14
C ALA A 334 -32.40 -33.06 40.01
N LEU A 335 -31.57 -33.06 38.97
CA LEU A 335 -30.61 -34.16 38.83
C LEU A 335 -29.43 -34.01 39.79
N PHE A 336 -28.85 -32.82 39.87
CA PHE A 336 -27.60 -32.65 40.57
C PHE A 336 -27.76 -32.26 42.03
N ARG A 337 -28.70 -31.37 42.33
CA ARG A 337 -28.84 -30.87 43.70
C ARG A 337 -29.79 -31.69 44.55
N ASN A 338 -30.84 -32.25 43.96
CA ASN A 338 -31.84 -32.99 44.72
C ASN A 338 -31.91 -34.47 44.35
N ALA A 339 -30.98 -34.97 43.55
CA ALA A 339 -30.90 -36.41 43.29
C ALA A 339 -29.52 -36.98 43.55
N LEU A 340 -28.47 -36.22 43.29
CA LEU A 340 -27.10 -36.68 43.51
C LEU A 340 -26.44 -36.05 44.72
N LYS A 341 -27.09 -35.09 45.37
CA LYS A 341 -26.55 -34.41 46.55
C LYS A 341 -25.19 -33.77 46.26
N MET A 342 -24.97 -33.38 45.01
CA MET A 342 -23.72 -32.75 44.61
C MET A 342 -23.56 -31.40 45.29
N LYS A 343 -22.30 -30.98 45.43
CA LYS A 343 -21.96 -29.71 46.04
C LYS A 343 -21.29 -28.73 45.08
N HIS A 344 -20.85 -29.18 43.90
CA HIS A 344 -20.15 -28.33 42.95
C HIS A 344 -21.04 -28.13 41.73
N ILE A 345 -21.95 -27.16 41.82
CA ILE A 345 -22.94 -26.91 40.77
C ILE A 345 -22.86 -25.46 40.31
N ASP A 346 -21.66 -24.89 40.28
CA ASP A 346 -21.53 -23.48 39.94
C ASP A 346 -22.03 -23.20 38.51
N THR A 347 -22.11 -21.92 38.19
CA THR A 347 -22.51 -21.42 36.89
C THR A 347 -21.37 -20.57 36.33
N PHE A 348 -21.31 -20.47 35.00
CA PHE A 348 -20.28 -19.65 34.37
C PHE A 348 -20.21 -18.23 34.94
N ASP A 349 -21.31 -17.74 35.52
CA ASP A 349 -21.35 -16.41 36.10
C ASP A 349 -21.71 -16.46 37.59
N GLY A 350 -21.49 -17.61 38.23
CA GLY A 350 -21.90 -17.79 39.61
C GLY A 350 -21.25 -16.78 40.56
N ASP A 351 -20.03 -16.34 40.25
CA ASP A 351 -19.33 -15.43 41.14
C ASP A 351 -20.04 -14.08 41.22
N ILE A 352 -20.39 -13.51 40.07
CA ILE A 352 -21.10 -12.23 40.05
C ILE A 352 -22.42 -12.34 40.80
N ILE A 353 -23.14 -13.44 40.59
CA ILE A 353 -24.46 -13.61 41.18
C ILE A 353 -24.35 -13.72 42.70
N ARG A 354 -23.48 -14.61 43.19
CA ARG A 354 -23.33 -14.77 44.62
C ARG A 354 -22.79 -13.50 45.27
N GLY A 355 -21.91 -12.78 44.58
CA GLY A 355 -21.39 -11.54 45.14
C GLY A 355 -22.45 -10.48 45.27
N PHE A 356 -23.23 -10.27 44.21
CA PHE A 356 -24.30 -9.28 44.27
C PHE A 356 -25.31 -9.62 45.35
N PHE A 357 -25.67 -10.91 45.47
CA PHE A 357 -26.70 -11.26 46.45
C PHE A 357 -26.17 -11.16 47.87
N LYS A 358 -24.94 -11.61 48.12
CA LYS A 358 -24.41 -11.51 49.48
C LYS A 358 -23.99 -10.08 49.83
N GLY A 359 -23.91 -9.19 48.83
CA GLY A 359 -23.71 -7.78 49.14
C GLY A 359 -25.01 -7.03 49.33
N PHE A 360 -26.09 -7.51 48.74
CA PHE A 360 -27.39 -6.86 48.88
C PHE A 360 -28.21 -7.42 50.03
N MET A 361 -27.85 -8.58 50.58
CA MET A 361 -28.60 -9.13 51.70
C MET A 361 -28.51 -8.31 52.99
N PRO A 362 -27.43 -7.58 53.29
CA PRO A 362 -27.47 -6.64 54.42
C PRO A 362 -28.63 -5.66 54.37
N PHE A 363 -29.32 -5.58 53.23
CA PHE A 363 -30.48 -4.71 53.09
C PHE A 363 -31.80 -5.47 52.97
N ARG A 364 -31.75 -6.77 52.68
CA ARG A 364 -32.98 -7.55 52.67
C ARG A 364 -33.49 -7.82 54.08
N GLU A 365 -32.60 -7.84 55.07
CA GLU A 365 -33.02 -8.10 56.43
C GLU A 365 -33.58 -6.86 57.12
N GLN A 366 -33.67 -5.74 56.41
CA GLN A 366 -34.32 -4.55 56.93
C GLN A 366 -35.43 -4.01 56.03
N GLY A 367 -35.81 -4.75 54.99
CA GLY A 367 -37.00 -4.42 54.23
C GLY A 367 -36.85 -3.33 53.19
N VAL A 368 -35.70 -3.23 52.53
CA VAL A 368 -35.49 -2.26 51.47
C VAL A 368 -35.04 -2.99 50.22
N ARG A 369 -35.53 -2.54 49.07
CA ARG A 369 -35.12 -3.08 47.78
C ARG A 369 -33.89 -2.33 47.29
N PRO A 370 -32.70 -2.92 47.36
CA PRO A 370 -31.48 -2.15 47.16
C PRO A 370 -31.08 -1.94 45.70
N PHE A 371 -32.03 -1.58 44.85
CA PHE A 371 -31.72 -1.21 43.47
C PHE A 371 -32.98 -0.64 42.81
N THR A 372 -32.79 -0.05 41.64
CA THR A 372 -33.84 0.61 40.90
C THR A 372 -33.82 0.15 39.45
N ALA A 373 -34.82 0.58 38.69
CA ALA A 373 -34.85 0.33 37.26
C ALA A 373 -33.71 1.06 36.57
N ALA A 374 -33.20 0.44 35.50
CA ALA A 374 -32.01 0.95 34.84
C ALA A 374 -32.28 2.21 34.03
N HIS A 375 -33.54 2.51 33.73
CA HIS A 375 -33.87 3.64 32.87
C HIS A 375 -34.00 4.95 33.64
N HIS A 376 -33.75 4.95 34.95
CA HIS A 376 -33.77 6.18 35.72
C HIS A 376 -32.49 6.99 35.58
N ILE A 377 -31.46 6.45 34.94
CA ILE A 377 -30.23 7.19 34.72
C ILE A 377 -30.48 8.45 33.92
N LEU A 378 -31.55 8.49 33.13
CA LEU A 378 -31.88 9.69 32.36
C LEU A 378 -32.38 10.80 33.28
N ASP A 379 -33.05 10.43 34.37
CA ASP A 379 -33.63 11.41 35.28
C ASP A 379 -32.67 11.81 36.40
N SER A 380 -31.45 11.30 36.41
CA SER A 380 -30.51 11.58 37.48
C SER A 380 -29.75 12.87 37.20
N ASP A 381 -28.84 13.20 38.11
CA ASP A 381 -28.00 14.39 37.99
C ASP A 381 -26.52 14.11 38.16
N LEU A 382 -26.14 13.05 38.88
CA LEU A 382 -24.74 12.67 39.02
C LEU A 382 -24.66 11.15 38.97
N ILE A 383 -23.99 10.63 37.95
CA ILE A 383 -23.87 9.19 37.73
C ILE A 383 -22.48 8.75 38.13
N ILE A 384 -22.38 7.91 39.15
CA ILE A 384 -21.12 7.42 39.68
C ILE A 384 -20.94 5.98 39.19
N THR A 385 -19.85 5.74 38.46
CA THR A 385 -19.57 4.44 37.86
C THR A 385 -18.63 3.69 38.79
N MET A 386 -19.16 2.69 39.48
CA MET A 386 -18.41 1.92 40.46
C MET A 386 -18.05 0.56 39.88
N PHE A 387 -16.80 0.43 39.42
CA PHE A 387 -16.25 -0.85 38.95
C PHE A 387 -17.08 -1.44 37.83
N ALA A 388 -17.58 -0.57 36.94
CA ALA A 388 -18.48 -0.97 35.87
C ALA A 388 -17.91 -0.57 34.53
N ASP A 389 -18.25 -1.36 33.51
CA ASP A 389 -17.96 -1.01 32.12
C ASP A 389 -19.17 -1.43 31.30
N PRO A 390 -20.22 -0.60 31.29
CA PRO A 390 -21.49 -1.05 30.71
C PRO A 390 -21.44 -1.28 29.22
N GLN A 391 -20.50 -0.67 28.49
CA GLN A 391 -20.42 -0.90 27.05
C GLN A 391 -20.06 -2.35 26.73
N LYS A 392 -19.55 -3.10 27.69
CA LYS A 392 -19.26 -4.51 27.51
C LYS A 392 -20.19 -5.41 28.32
N GLU A 393 -21.05 -4.84 29.17
CA GLU A 393 -21.92 -5.63 30.02
C GLU A 393 -23.40 -5.30 29.85
N ALA A 394 -23.75 -4.03 29.63
CA ALA A 394 -25.13 -3.65 29.44
C ALA A 394 -25.19 -2.41 28.57
N PRO A 395 -25.15 -2.57 27.25
CA PRO A 395 -25.03 -1.40 26.35
C PRO A 395 -26.17 -0.41 26.46
N VAL A 396 -27.38 -0.86 26.76
CA VAL A 396 -28.50 0.07 26.91
C VAL A 396 -28.30 0.96 28.14
N VAL A 397 -27.66 0.42 29.18
CA VAL A 397 -27.31 1.25 30.33
C VAL A 397 -26.31 2.32 29.93
N ALA A 398 -25.31 1.95 29.12
CA ALA A 398 -24.37 2.94 28.61
C ALA A 398 -25.07 3.98 27.74
N SER A 399 -26.11 3.57 27.01
CA SER A 399 -26.87 4.52 26.21
C SER A 399 -27.62 5.50 27.09
N TYR A 400 -28.23 5.01 28.16
CA TYR A 400 -28.85 5.89 29.15
C TYR A 400 -27.82 6.89 29.69
N ILE A 401 -26.63 6.39 30.03
CA ILE A 401 -25.59 7.26 30.58
C ILE A 401 -25.22 8.34 29.58
N ARG A 402 -25.01 7.97 28.32
CA ARG A 402 -24.61 8.94 27.31
C ARG A 402 -25.71 9.96 27.06
N VAL A 403 -26.97 9.51 26.97
CA VAL A 403 -28.06 10.44 26.74
C VAL A 403 -28.17 11.43 27.90
N ALA A 404 -28.03 10.94 29.14
CA ALA A 404 -28.15 11.82 30.28
C ALA A 404 -26.98 12.81 30.36
N CYS A 405 -25.77 12.35 30.04
CA CYS A 405 -24.60 13.21 30.18
C CYS A 405 -24.37 14.12 28.99
N LEU A 406 -25.00 13.87 27.85
CA LEU A 406 -24.79 14.69 26.67
C LEU A 406 -26.01 15.48 26.22
N HIS A 407 -27.21 15.12 26.68
CA HIS A 407 -28.42 15.82 26.28
C HIS A 407 -29.33 16.15 27.46
N ARG A 408 -29.04 15.69 28.67
CA ARG A 408 -29.79 16.05 29.86
C ARG A 408 -28.90 16.62 30.97
N ASN A 409 -27.65 16.95 30.65
CA ASN A 409 -26.76 17.70 31.53
C ASN A 409 -26.57 17.01 32.89
N ALA A 410 -25.95 15.83 32.83
CA ALA A 410 -25.55 15.10 34.02
C ALA A 410 -24.04 15.01 34.09
N LYS A 411 -23.53 14.88 35.32
CA LYS A 411 -22.10 14.80 35.56
C LYS A 411 -21.72 13.37 35.90
N LEU A 412 -20.53 12.98 35.46
CA LEU A 412 -20.05 11.60 35.56
C LEU A 412 -18.75 11.55 36.34
N MET A 413 -18.66 10.61 37.28
CA MET A 413 -17.45 10.37 38.05
C MET A 413 -17.20 8.88 38.18
N ASN A 414 -15.95 8.48 37.96
CA ASN A 414 -15.55 7.08 38.01
C ASN A 414 -14.93 6.77 39.37
N LEU A 415 -15.22 5.57 39.88
CA LEU A 415 -14.74 5.14 41.18
C LEU A 415 -14.20 3.71 41.08
N SER A 416 -13.36 3.47 40.09
CA SER A 416 -12.87 2.13 39.82
C SER A 416 -11.40 2.17 39.42
N TYR A 417 -10.74 1.02 39.60
CA TYR A 417 -9.37 0.83 39.14
C TYR A 417 -9.34 0.28 37.73
N GLY A 418 -9.96 1.00 36.80
CA GLY A 418 -10.08 0.54 35.44
C GLY A 418 -9.74 1.60 34.41
N PRO A 419 -10.24 1.42 33.19
CA PRO A 419 -9.88 2.33 32.09
C PRO A 419 -10.79 3.53 31.93
N SER A 420 -11.65 3.81 32.92
CA SER A 420 -12.60 4.92 32.83
C SER A 420 -13.50 4.72 31.62
N PRO A 421 -14.46 3.78 31.69
CA PRO A 421 -15.14 3.29 30.48
C PRO A 421 -15.78 4.36 29.60
N PHE A 422 -15.83 5.61 30.06
CA PHE A 422 -16.34 6.72 29.25
C PHE A 422 -15.28 7.82 29.20
N PRO A 423 -14.22 7.61 28.41
CA PRO A 423 -13.15 8.61 28.33
C PRO A 423 -13.54 9.84 27.53
N GLY A 424 -14.19 10.80 28.19
CA GLY A 424 -14.61 12.01 27.51
C GLY A 424 -15.92 12.56 28.03
N LEU A 425 -16.59 11.79 28.88
CA LEU A 425 -17.79 12.25 29.58
C LEU A 425 -17.59 12.39 31.08
N VAL A 426 -16.57 11.75 31.63
CA VAL A 426 -16.28 11.82 33.06
C VAL A 426 -15.53 13.12 33.35
N ASP A 427 -15.82 13.71 34.51
CA ASP A 427 -15.08 14.88 34.97
C ASP A 427 -14.35 14.64 36.28
N LEU A 428 -14.39 13.42 36.81
CA LEU A 428 -13.71 13.09 38.07
C LEU A 428 -13.40 11.60 38.05
N ASP A 429 -12.16 11.27 37.70
CA ASP A 429 -11.71 9.88 37.66
C ASP A 429 -10.98 9.56 38.96
N ILE A 430 -11.59 8.71 39.78
CA ILE A 430 -11.04 8.33 41.08
C ILE A 430 -10.58 6.88 41.00
N ARG A 431 -9.28 6.68 40.82
CA ARG A 431 -8.71 5.35 40.70
C ARG A 431 -8.30 4.83 42.07
N LEU A 432 -8.93 3.78 42.51
CA LEU A 432 -8.65 3.19 43.80
C LEU A 432 -7.57 2.12 43.68
N PRO A 433 -6.59 2.12 44.59
CA PRO A 433 -5.65 1.01 44.65
C PRO A 433 -6.21 -0.16 45.44
N GLU A 434 -5.83 -1.36 44.99
CA GLU A 434 -6.42 -2.58 45.52
C GLU A 434 -5.99 -2.81 46.98
N GLY A 435 -6.47 -3.91 47.55
CA GLY A 435 -6.14 -4.24 48.95
C GLY A 435 -7.42 -4.38 49.77
N GLN A 436 -7.64 -3.47 50.73
CA GLN A 436 -8.90 -3.49 51.51
C GLN A 436 -9.49 -2.07 51.50
N ALA A 437 -9.96 -1.62 50.34
CA ALA A 437 -10.53 -0.25 50.20
C ALA A 437 -12.01 -0.25 50.57
N VAL A 438 -12.57 -1.43 50.85
CA VAL A 438 -14.03 -1.55 51.17
C VAL A 438 -14.34 -0.86 52.51
N PRO A 439 -13.69 -1.19 53.65
CA PRO A 439 -13.94 -0.48 54.91
C PRO A 439 -13.64 1.00 54.75
N LYS A 440 -12.60 1.35 53.99
CA LYS A 440 -12.24 2.77 53.75
C LYS A 440 -13.46 3.48 53.15
N ALA A 441 -14.07 2.90 52.12
CA ALA A 441 -15.24 3.52 51.46
C ALA A 441 -16.40 3.64 52.45
N LEU A 442 -16.67 2.57 53.21
CA LEU A 442 -17.83 2.56 54.14
C LEU A 442 -17.63 3.59 55.26
N SER A 443 -16.40 3.74 55.77
CA SER A 443 -16.13 4.79 56.80
C SER A 443 -16.23 6.19 56.16
N ASN A 444 -15.82 6.31 54.89
CA ASN A 444 -15.89 7.61 54.18
C ASN A 444 -17.35 8.06 54.07
N LEU A 445 -18.26 7.13 53.76
CA LEU A 445 -19.69 7.51 53.58
C LEU A 445 -20.37 7.62 54.96
N ALA A 446 -19.75 7.07 56.01
CA ALA A 446 -20.31 7.20 57.38
C ALA A 446 -20.35 8.68 57.75
N GLU A 447 -19.31 9.43 57.37
CA GLU A 447 -19.23 10.88 57.71
C GLU A 447 -20.34 11.66 56.99
N ILE A 448 -20.75 11.21 55.81
CA ILE A 448 -21.76 11.96 55.00
C ILE A 448 -23.15 11.83 55.63
N ILE A 449 -23.39 10.81 56.45
CA ILE A 449 -24.71 10.69 57.15
C ILE A 449 -24.68 11.52 58.45
N GLY A 450 -23.49 11.67 59.07
CA GLY A 450 -23.40 12.38 60.35
C GLY A 450 -22.99 13.83 60.17
N LYS A 451 -21.70 14.07 59.90
CA LYS A 451 -21.19 15.42 59.72
C LYS A 451 -21.94 16.19 58.63
N ILE A 452 -22.51 15.50 57.66
CA ILE A 452 -23.25 16.16 56.59
C ILE A 452 -24.73 15.86 56.71
N SER A 479 -10.57 12.74 60.11
CA SER A 479 -11.69 11.81 59.80
C SER A 479 -11.65 11.41 58.32
N ILE A 480 -11.89 12.37 57.43
CA ILE A 480 -11.86 12.09 55.96
C ILE A 480 -10.44 11.63 55.58
N GLU A 481 -9.41 12.29 56.11
CA GLU A 481 -8.00 11.94 55.79
C GLU A 481 -7.71 10.51 56.23
N GLU A 482 -8.16 10.13 57.43
CA GLU A 482 -7.92 8.76 57.97
C GLU A 482 -8.65 7.74 57.10
N SER A 483 -9.82 8.11 56.57
CA SER A 483 -10.63 7.18 55.73
C SER A 483 -10.22 7.30 54.25
N ALA A 484 -9.15 8.04 53.96
CA ALA A 484 -8.70 8.25 52.57
C ALA A 484 -7.20 7.97 52.45
N ARG A 485 -6.79 6.78 52.88
CA ARG A 485 -5.35 6.37 52.77
C ARG A 485 -5.29 5.11 51.89
N ALA A 486 -6.09 4.09 52.21
CA ALA A 486 -6.15 2.87 51.36
C ALA A 486 -6.90 3.20 50.07
N MET A 487 -7.66 4.31 50.06
CA MET A 487 -8.35 4.75 48.82
C MET A 487 -7.32 5.40 47.89
N GLY A 488 -6.08 5.60 48.38
CA GLY A 488 -4.99 6.16 47.55
C GLY A 488 -5.32 7.54 47.03
N LEU A 489 -6.01 8.36 47.83
CA LEU A 489 -6.38 9.73 47.42
C LEU A 489 -5.80 10.73 48.41
N ASP A 490 -5.10 11.77 47.94
CA ASP A 490 -4.65 12.82 48.89
C ASP A 490 -5.91 13.48 49.45
N PRO A 491 -5.93 13.95 50.72
CA PRO A 491 -7.15 14.49 51.33
C PRO A 491 -8.02 15.32 50.37
N LYS A 492 -7.40 16.22 49.60
CA LYS A 492 -8.16 17.11 48.67
C LYS A 492 -9.01 16.28 47.70
N ILE A 493 -8.46 15.20 47.13
CA ILE A 493 -9.20 14.42 46.10
C ILE A 493 -10.49 13.89 46.71
N ALA A 494 -10.40 13.21 47.86
CA ALA A 494 -11.60 12.66 48.54
C ALA A 494 -12.51 13.80 48.99
N GLU A 495 -11.94 14.96 49.36
CA GLU A 495 -12.74 16.10 49.87
C GLU A 495 -13.73 16.55 48.80
N GLU A 496 -13.26 16.83 47.58
CA GLU A 496 -14.17 17.36 46.57
C GLU A 496 -15.01 16.26 45.95
N VAL A 497 -14.56 15.01 46.07
CA VAL A 497 -15.46 13.88 45.78
C VAL A 497 -16.71 13.99 46.64
N ALA A 498 -16.52 14.14 47.95
CA ALA A 498 -17.67 14.28 48.86
C ALA A 498 -18.44 15.56 48.57
N LEU A 499 -17.73 16.64 48.22
CA LEU A 499 -18.38 17.91 47.91
C LEU A 499 -19.30 17.83 46.70
N MET A 500 -18.90 17.13 45.64
CA MET A 500 -19.80 16.93 44.52
C MET A 500 -20.88 15.90 44.83
N LEU A 501 -20.57 14.93 45.69
CA LEU A 501 -21.59 13.95 46.07
C LEU A 501 -22.70 14.56 46.90
N ILE A 502 -22.41 15.59 47.70
CA ILE A 502 -23.43 16.19 48.56
C ILE A 502 -24.27 17.23 47.84
N SER A 503 -23.75 17.83 46.77
CA SER A 503 -24.45 18.88 46.05
C SER A 503 -25.42 18.32 45.01
N ALA A 504 -25.54 17.01 44.91
CA ALA A 504 -26.41 16.37 43.92
C ALA A 504 -27.74 16.01 44.57
N ARG A 505 -28.83 16.46 43.96
CA ARG A 505 -30.16 16.24 44.52
C ARG A 505 -30.72 14.86 44.21
N ARG A 506 -30.38 14.29 43.05
CA ARG A 506 -30.81 12.94 42.71
C ARG A 506 -29.67 12.24 41.99
N PRO A 507 -28.73 11.67 42.72
CA PRO A 507 -27.63 10.94 42.11
C PRO A 507 -28.00 9.49 41.87
N ILE A 508 -27.11 8.78 41.18
CA ILE A 508 -27.29 7.35 40.93
C ILE A 508 -25.92 6.72 40.79
N PHE A 509 -25.83 5.45 41.18
CA PHE A 509 -24.59 4.69 41.15
C PHE A 509 -24.75 3.50 40.21
N ILE A 510 -23.73 3.24 39.41
CA ILE A 510 -23.69 2.07 38.53
C ILE A 510 -22.61 1.14 39.06
N ILE A 511 -23.03 0.01 39.63
CA ILE A 511 -22.13 -0.95 40.25
C ILE A 511 -21.92 -2.11 39.27
N GLY A 512 -20.67 -2.40 38.95
CA GLY A 512 -20.35 -3.38 37.94
C GLY A 512 -20.04 -4.75 38.51
N GLY A 513 -19.74 -5.68 37.59
CA GLY A 513 -19.45 -7.05 37.96
C GLY A 513 -18.06 -7.26 38.52
N ARG A 514 -17.14 -6.33 38.30
CA ARG A 514 -15.83 -6.42 38.92
C ARG A 514 -15.94 -6.29 40.43
N ALA A 515 -16.78 -5.37 40.89
CA ALA A 515 -16.98 -5.18 42.33
C ALA A 515 -17.50 -6.43 43.02
N THR A 516 -17.99 -7.41 42.26
CA THR A 516 -18.45 -8.66 42.84
C THR A 516 -17.32 -9.63 43.11
N LYS A 517 -16.06 -9.19 43.01
CA LYS A 517 -14.95 -10.01 43.48
C LYS A 517 -14.94 -10.10 45.01
N SER A 518 -15.72 -9.26 45.68
CA SER A 518 -15.88 -9.30 47.13
C SER A 518 -17.27 -8.78 47.45
N HIS A 519 -18.07 -9.58 48.15
CA HIS A 519 -19.44 -9.19 48.47
C HIS A 519 -19.47 -8.02 49.44
N GLU A 520 -18.29 -7.53 49.81
CA GLU A 520 -18.21 -6.36 50.67
C GLU A 520 -18.36 -5.08 49.87
N LEU A 521 -17.76 -5.03 48.67
CA LEU A 521 -17.78 -3.79 47.90
C LEU A 521 -19.18 -3.48 47.36
N VAL A 522 -19.98 -4.51 47.13
CA VAL A 522 -21.38 -4.28 46.76
C VAL A 522 -22.12 -3.58 47.88
N THR A 523 -21.93 -4.05 49.12
CA THR A 523 -22.52 -3.36 50.26
C THR A 523 -21.96 -1.96 50.41
N ALA A 524 -20.68 -1.77 50.07
CA ALA A 524 -20.09 -0.43 50.14
C ALA A 524 -20.79 0.52 49.17
N ALA A 525 -21.04 0.06 47.94
CA ALA A 525 -21.78 0.88 46.97
C ALA A 525 -23.20 1.14 47.46
N CYS A 526 -23.87 0.11 47.96
CA CYS A 526 -25.24 0.28 48.44
C CYS A 526 -25.32 1.19 49.65
N ASN A 527 -24.20 1.33 50.38
CA ASN A 527 -24.17 2.24 51.51
C ASN A 527 -23.82 3.65 51.09
N LEU A 528 -22.95 3.81 50.10
CA LEU A 528 -22.78 5.11 49.47
C LEU A 528 -24.09 5.61 48.88
N ALA A 529 -24.97 4.69 48.48
CA ALA A 529 -26.27 5.09 47.97
C ALA A 529 -27.14 5.70 49.07
N VAL A 530 -27.16 5.10 50.26
CA VAL A 530 -28.00 5.63 51.33
C VAL A 530 -27.37 6.84 51.98
N ALA A 531 -26.04 6.95 51.94
CA ALA A 531 -25.34 8.06 52.55
C ALA A 531 -25.46 9.34 51.74
N SER A 532 -26.17 9.31 50.61
CA SER A 532 -26.34 10.51 49.79
C SER A 532 -27.79 10.72 49.40
N LYS A 533 -28.72 10.00 50.03
CA LYS A 533 -30.15 10.14 49.76
C LYS A 533 -30.46 9.90 48.27
N ALA A 534 -30.00 8.77 47.75
CA ALA A 534 -30.30 8.37 46.38
C ALA A 534 -31.43 7.33 46.39
N PHE A 535 -32.65 7.84 46.56
CA PHE A 535 -33.82 7.01 46.69
C PHE A 535 -34.74 7.15 45.47
N PHE A 536 -35.43 6.07 45.14
CA PHE A 536 -36.49 6.08 44.14
C PHE A 536 -37.63 5.21 44.64
N GLU A 537 -38.81 5.43 44.08
CA GLU A 537 -40.01 4.74 44.57
C GLU A 537 -39.96 3.24 44.32
N ASP A 538 -38.99 2.74 43.55
CA ASP A 538 -38.82 1.31 43.43
C ASP A 538 -37.63 0.78 44.23
N GLY A 539 -36.74 1.66 44.68
CA GLY A 539 -35.64 1.25 45.52
C GLY A 539 -34.53 2.27 45.48
N LEU A 540 -33.33 1.81 45.86
CA LEU A 540 -32.16 2.68 45.89
C LEU A 540 -31.61 2.88 44.49
N GLY A 541 -30.72 3.87 44.36
CA GLY A 541 -30.06 4.12 43.10
C GLY A 541 -28.77 3.34 42.93
N VAL A 542 -28.88 2.03 42.82
CA VAL A 542 -27.73 1.15 42.72
C VAL A 542 -27.62 0.49 41.36
N VAL A 543 -28.74 0.05 40.80
CA VAL A 543 -28.86 -0.51 39.44
C VAL A 543 -27.68 -1.42 39.11
N PRO A 544 -27.62 -2.62 39.68
CA PRO A 544 -26.50 -3.52 39.40
C PRO A 544 -26.55 -4.01 37.96
N LEU A 545 -25.36 -4.27 37.42
CA LEU A 545 -25.20 -4.77 36.06
C LEU A 545 -24.99 -6.28 36.15
N LEU A 546 -26.09 -7.02 36.05
CA LEU A 546 -26.05 -8.47 36.03
C LEU A 546 -25.69 -8.95 34.63
N VAL A 547 -24.93 -10.03 34.55
CA VAL A 547 -24.39 -10.47 33.26
C VAL A 547 -25.35 -11.36 32.50
N SER A 548 -26.31 -11.98 33.17
CA SER A 548 -27.30 -12.82 32.51
C SER A 548 -28.69 -12.36 32.93
N ALA A 549 -29.71 -13.01 32.35
CA ALA A 549 -31.09 -12.65 32.61
C ALA A 549 -31.77 -13.57 33.61
N ASN A 550 -31.34 -14.82 33.70
CA ASN A 550 -31.88 -15.77 34.68
C ASN A 550 -31.06 -15.75 35.96
N SER A 551 -30.84 -14.54 36.50
CA SER A 551 -30.00 -14.41 37.72
C SER A 551 -30.71 -15.06 38.90
N LEU A 552 -31.92 -14.61 39.22
CA LEU A 552 -32.66 -15.18 40.37
C LEU A 552 -32.96 -16.65 40.09
N GLY A 553 -33.31 -16.97 38.84
CA GLY A 553 -33.58 -18.37 38.47
C GLY A 553 -32.36 -19.24 38.72
N ALA A 554 -31.19 -18.80 38.26
CA ALA A 554 -29.95 -19.60 38.45
C ALA A 554 -29.64 -19.72 39.94
N ARG A 555 -29.82 -18.64 40.70
CA ARG A 555 -29.50 -18.67 42.13
C ARG A 555 -30.35 -19.70 42.85
N ASN A 556 -31.67 -19.61 42.70
CA ASN A 556 -32.59 -20.50 43.42
C ASN A 556 -32.41 -21.95 43.02
N THR A 557 -31.76 -22.24 41.89
CA THR A 557 -31.70 -23.60 41.37
C THR A 557 -30.29 -24.16 41.31
N VAL A 558 -29.33 -23.43 40.75
CA VAL A 558 -28.06 -24.00 40.31
C VAL A 558 -26.88 -23.37 41.05
N VAL A 559 -26.85 -22.04 41.15
CA VAL A 559 -25.69 -21.35 41.70
C VAL A 559 -25.37 -21.87 43.10
N SER A 560 -24.09 -22.12 43.34
CA SER A 560 -23.61 -22.64 44.61
C SER A 560 -23.39 -21.50 45.61
N GLU A 561 -23.20 -21.89 46.87
CA GLU A 561 -23.01 -20.91 47.94
C GLU A 561 -21.54 -20.53 48.14
N ASN A 562 -20.61 -21.43 47.86
CA ASN A 562 -19.20 -21.15 48.01
C ASN A 562 -18.47 -21.37 46.69
N PRO A 563 -17.48 -20.55 46.38
CA PRO A 563 -16.71 -20.76 45.14
C PRO A 563 -15.87 -22.02 45.23
N TRP A 564 -15.88 -22.80 44.16
CA TRP A 564 -15.10 -24.04 44.08
C TRP A 564 -14.34 -24.22 42.78
N LEU A 565 -14.63 -23.44 41.74
CA LEU A 565 -13.93 -23.59 40.48
C LEU A 565 -12.53 -23.03 40.57
N GLY A 566 -11.58 -23.70 39.95
CA GLY A 566 -10.19 -23.29 40.04
C GLY A 566 -9.54 -23.62 41.37
N ARG A 567 -10.29 -24.25 42.27
CA ARG A 567 -9.74 -24.67 43.58
C ARG A 567 -9.77 -26.20 43.63
N GLU A 568 -10.95 -26.80 43.44
CA GLU A 568 -11.06 -28.27 43.36
C GLU A 568 -10.48 -28.72 42.01
N ARG A 569 -9.55 -29.68 42.03
CA ARG A 569 -8.90 -30.16 40.77
C ARG A 569 -9.99 -30.65 39.81
N ARG A 570 -10.89 -31.52 40.29
CA ARG A 570 -12.04 -32.05 39.48
C ARG A 570 -11.60 -33.10 38.46
N ASP A 571 -12.13 -34.31 38.56
CA ASP A 571 -11.89 -35.42 37.65
C ASP A 571 -13.04 -35.65 36.67
N PHE A 572 -14.23 -35.14 36.95
CA PHE A 572 -15.32 -35.15 35.98
C PHE A 572 -16.05 -33.82 36.03
N LEU A 573 -16.57 -33.41 34.88
CA LEU A 573 -17.19 -32.11 34.71
C LEU A 573 -18.25 -32.18 33.64
N TYR A 574 -19.46 -31.74 33.97
CA TYR A 574 -20.53 -31.54 33.01
C TYR A 574 -20.69 -30.04 32.78
N VAL A 575 -20.64 -29.62 31.52
CA VAL A 575 -20.68 -28.21 31.16
C VAL A 575 -21.77 -28.02 30.12
N PHE A 576 -22.88 -27.42 30.52
CA PHE A 576 -23.92 -27.00 29.58
C PHE A 576 -23.70 -25.53 29.26
N SER A 577 -23.33 -25.25 28.02
CA SER A 577 -23.01 -23.89 27.60
C SER A 577 -23.77 -23.60 26.31
N THR A 578 -24.72 -22.67 26.38
CA THR A 578 -25.27 -22.08 25.16
C THR A 578 -24.21 -21.18 24.56
N ALA A 579 -23.50 -21.66 23.55
CA ALA A 579 -22.26 -21.02 23.12
C ALA A 579 -22.55 -19.70 22.42
N MET A 580 -23.03 -18.72 23.19
CA MET A 580 -23.38 -17.41 22.66
C MET A 580 -22.45 -16.31 23.14
N VAL A 581 -22.28 -16.18 24.45
CA VAL A 581 -21.41 -15.15 25.02
C VAL A 581 -20.09 -15.80 25.41
N PRO A 582 -18.97 -15.10 25.29
CA PRO A 582 -17.69 -15.69 25.68
C PRO A 582 -17.62 -15.91 27.18
N GLU A 583 -16.67 -16.74 27.58
CA GLU A 583 -16.48 -17.08 28.99
C GLU A 583 -15.13 -16.57 29.48
N GLU A 584 -15.07 -16.32 30.78
CA GLU A 584 -13.82 -15.80 31.40
C GLU A 584 -12.70 -16.82 31.17
N GLU A 585 -11.50 -16.32 30.90
CA GLU A 585 -10.33 -17.20 30.63
C GLU A 585 -10.11 -18.15 31.80
N GLU A 586 -10.29 -17.67 33.03
CA GLU A 586 -10.04 -18.49 34.25
C GLU A 586 -10.96 -19.70 34.27
N ILE A 587 -12.24 -19.48 33.95
CA ILE A 587 -13.23 -20.60 33.97
C ILE A 587 -12.80 -21.66 32.95
N LEU A 588 -12.37 -21.24 31.76
CA LEU A 588 -12.00 -22.19 30.72
C LEU A 588 -10.71 -22.91 31.07
N ALA A 589 -9.78 -22.25 31.76
CA ALA A 589 -8.57 -22.91 32.21
C ALA A 589 -8.87 -23.96 33.26
N ALA A 590 -9.85 -23.70 34.13
CA ALA A 590 -10.28 -24.70 35.09
C ALA A 590 -10.98 -25.87 34.40
N ILE A 591 -11.72 -25.59 33.34
CA ILE A 591 -12.37 -26.68 32.60
C ILE A 591 -11.34 -27.51 31.83
N SER A 592 -10.25 -26.88 31.40
CA SER A 592 -9.26 -27.59 30.59
C SER A 592 -8.44 -28.57 31.41
N ALA A 593 -8.45 -28.44 32.74
CA ALA A 593 -7.64 -29.29 33.61
C ALA A 593 -8.50 -30.27 34.41
N THR A 594 -9.65 -30.67 33.88
CA THR A 594 -10.59 -31.50 34.63
C THR A 594 -10.54 -32.98 34.24
N ARG A 595 -9.72 -33.35 33.25
CA ARG A 595 -9.41 -34.74 32.91
C ARG A 595 -10.59 -35.46 32.27
N PHE A 596 -11.77 -34.86 32.33
CA PHE A 596 -12.91 -35.31 31.53
C PHE A 596 -14.01 -34.26 31.55
N VAL A 597 -14.40 -33.77 30.39
CA VAL A 597 -15.46 -32.78 30.26
C VAL A 597 -16.50 -33.31 29.29
N VAL A 598 -17.76 -33.22 29.69
CA VAL A 598 -18.89 -33.55 28.82
C VAL A 598 -19.65 -32.25 28.60
N VAL A 599 -19.60 -31.75 27.38
CA VAL A 599 -20.29 -30.51 27.01
C VAL A 599 -21.55 -30.85 26.25
N GLN A 600 -22.61 -30.09 26.50
CA GLN A 600 -23.86 -30.28 25.79
C GLN A 600 -24.23 -29.00 25.04
N THR A 601 -23.27 -28.46 24.31
CA THR A 601 -23.48 -27.27 23.51
C THR A 601 -24.17 -27.61 22.19
N PRO A 602 -24.89 -26.65 21.61
CA PRO A 602 -25.53 -26.90 20.31
C PRO A 602 -24.66 -26.57 19.10
N PHE A 603 -23.57 -25.84 19.33
CA PHE A 603 -22.68 -25.40 18.26
C PHE A 603 -21.32 -26.07 18.38
N LYS A 604 -20.57 -26.04 17.28
CA LYS A 604 -19.22 -26.56 17.21
C LYS A 604 -18.19 -25.45 17.22
N VAL A 605 -18.46 -24.42 18.04
CA VAL A 605 -17.58 -23.23 18.14
C VAL A 605 -16.21 -23.62 18.69
N ARG A 606 -15.21 -22.75 18.53
CA ARG A 606 -13.82 -23.12 18.88
C ARG A 606 -13.57 -23.38 20.36
N PRO A 607 -13.94 -22.52 21.34
CA PRO A 607 -13.48 -22.71 22.72
C PRO A 607 -14.06 -23.93 23.40
N LEU A 608 -15.19 -24.45 22.93
CA LEU A 608 -15.76 -25.64 23.55
C LEU A 608 -15.33 -26.92 22.85
N VAL A 609 -15.21 -26.92 21.52
CA VAL A 609 -14.69 -28.10 20.85
C VAL A 609 -13.22 -28.31 21.18
N ASN A 610 -12.56 -27.29 21.73
CA ASN A 610 -11.13 -27.42 22.10
C ASN A 610 -11.01 -28.20 23.42
N LEU A 611 -11.84 -27.87 24.42
CA LEU A 611 -11.85 -28.55 25.71
C LEU A 611 -13.19 -29.27 25.86
N ALA A 612 -13.25 -30.50 25.33
CA ALA A 612 -14.43 -31.33 25.45
C ALA A 612 -14.06 -32.75 25.09
N ASP A 613 -14.80 -33.70 25.66
CA ASP A 613 -14.58 -35.11 25.39
C ASP A 613 -15.77 -35.82 24.75
N ILE A 614 -16.99 -35.28 24.88
CA ILE A 614 -18.15 -35.95 24.31
C ILE A 614 -18.89 -35.04 23.34
N LEU A 615 -19.20 -33.81 23.77
CA LEU A 615 -19.90 -32.84 22.93
C LEU A 615 -21.27 -33.37 22.47
N LEU A 616 -22.14 -33.57 23.45
CA LEU A 616 -23.51 -33.96 23.17
C LEU A 616 -24.31 -32.78 22.61
N PRO A 617 -25.26 -33.06 21.72
CA PRO A 617 -26.09 -31.98 21.17
C PRO A 617 -27.23 -31.57 22.09
N ALA A 618 -27.66 -30.32 21.92
CA ALA A 618 -28.70 -29.71 22.73
C ALA A 618 -29.45 -28.70 21.87
N PRO A 619 -30.65 -28.29 22.30
CA PRO A 619 -31.38 -27.28 21.54
C PRO A 619 -30.78 -25.90 21.71
N ALA A 620 -30.86 -25.10 20.65
CA ALA A 620 -30.37 -23.74 20.66
C ALA A 620 -31.42 -22.80 21.24
N TRP A 621 -31.02 -21.54 21.43
CA TRP A 621 -31.90 -20.58 22.08
C TRP A 621 -33.11 -20.24 21.21
N TYR A 622 -32.99 -20.34 19.89
CA TYR A 622 -34.08 -20.05 18.99
C TYR A 622 -34.94 -21.28 18.70
N GLU A 623 -34.95 -22.27 19.58
CA GLU A 623 -35.72 -23.49 19.38
C GLU A 623 -36.56 -23.90 20.57
N ARG A 624 -36.38 -23.30 21.73
CA ARG A 624 -37.13 -23.65 22.92
C ARG A 624 -37.71 -22.41 23.58
N SER A 625 -38.75 -22.63 24.38
CA SER A 625 -39.45 -21.58 25.10
C SER A 625 -39.08 -21.59 26.57
N GLY A 626 -39.31 -20.47 27.23
CA GLY A 626 -38.97 -20.34 28.64
C GLY A 626 -39.49 -19.05 29.21
N HIS A 627 -39.10 -18.77 30.46
CA HIS A 627 -39.67 -17.64 31.17
C HIS A 627 -38.66 -16.71 31.84
N PHE A 628 -37.42 -17.15 32.10
CA PHE A 628 -36.33 -16.25 32.47
C PHE A 628 -36.67 -15.43 33.72
N CYS A 629 -36.79 -16.14 34.84
CA CYS A 629 -36.95 -15.46 36.12
C CYS A 629 -35.80 -14.49 36.35
N THR A 630 -36.12 -13.22 36.51
CA THR A 630 -35.11 -12.16 36.53
C THR A 630 -34.91 -11.64 37.95
N ILE A 631 -34.00 -10.67 38.08
CA ILE A 631 -33.60 -10.17 39.38
C ILE A 631 -34.68 -9.29 40.00
N GLU A 632 -35.35 -8.47 39.18
CA GLU A 632 -36.33 -7.53 39.69
C GLU A 632 -37.69 -8.16 39.95
N GLY A 633 -37.87 -9.45 39.72
CA GLY A 633 -39.14 -10.08 40.04
C GLY A 633 -39.76 -10.92 38.95
N GLU A 634 -40.92 -10.49 38.45
CA GLU A 634 -41.74 -11.31 37.58
C GLU A 634 -41.01 -11.65 36.29
N ARG A 635 -41.45 -12.73 35.65
CA ARG A 635 -40.72 -13.41 34.59
C ARG A 635 -40.96 -12.79 33.22
N ARG A 636 -40.00 -13.00 32.33
CA ARG A 636 -40.11 -12.66 30.92
C ARG A 636 -40.65 -13.87 30.16
N LYS A 637 -40.52 -13.86 28.84
CA LYS A 637 -40.93 -15.00 28.03
C LYS A 637 -40.14 -15.01 26.74
N LEU A 638 -39.45 -16.12 26.48
CA LEU A 638 -38.77 -16.35 25.21
C LEU A 638 -39.61 -17.29 24.37
N ASN A 639 -39.92 -16.88 23.14
CA ASN A 639 -40.69 -17.68 22.22
C ASN A 639 -39.76 -18.43 21.27
N THR A 640 -40.25 -19.58 20.78
CA THR A 640 -39.48 -20.39 19.86
C THR A 640 -39.59 -19.80 18.46
N ILE A 641 -38.44 -19.40 17.89
CA ILE A 641 -38.45 -18.71 16.62
C ILE A 641 -38.49 -19.69 15.47
N VAL A 642 -37.49 -20.56 15.37
CA VAL A 642 -37.39 -21.57 14.33
C VAL A 642 -37.61 -22.93 15.00
N PRO A 643 -38.58 -23.71 14.57
CA PRO A 643 -38.80 -25.03 15.17
C PRO A 643 -37.57 -25.91 15.03
N PRO A 644 -37.39 -26.88 15.93
CA PRO A 644 -36.20 -27.75 15.86
C PRO A 644 -36.14 -28.53 14.56
N LYS A 645 -34.95 -28.57 13.96
CA LYS A 645 -34.78 -29.19 12.66
C LYS A 645 -34.78 -30.72 12.76
N GLY A 646 -33.79 -31.27 13.46
CA GLY A 646 -33.65 -32.70 13.61
C GLY A 646 -34.39 -33.23 14.82
N GLU A 647 -33.99 -34.43 15.25
CA GLU A 647 -34.58 -35.08 16.42
C GLU A 647 -33.48 -35.38 17.42
N ILE A 648 -33.15 -34.39 18.26
CA ILE A 648 -32.38 -34.65 19.48
C ILE A 648 -33.28 -35.11 20.60
N LYS A 649 -34.57 -34.78 20.53
CA LYS A 649 -35.68 -35.46 21.17
C LYS A 649 -35.80 -35.30 22.67
N SER A 650 -34.76 -34.76 23.32
CA SER A 650 -34.86 -34.44 24.75
C SER A 650 -33.59 -33.83 25.34
N LEU A 651 -33.76 -33.27 26.54
CA LEU A 651 -32.68 -33.11 27.51
C LEU A 651 -32.93 -33.95 28.75
N HIS A 652 -34.20 -34.21 29.07
CA HIS A 652 -34.57 -35.17 30.11
C HIS A 652 -33.99 -36.55 29.84
N TYR A 653 -33.82 -36.90 28.56
CA TYR A 653 -33.22 -38.19 28.21
C TYR A 653 -31.84 -38.34 28.83
N VAL A 654 -30.96 -37.36 28.60
CA VAL A 654 -29.61 -37.41 29.15
C VAL A 654 -29.65 -37.42 30.67
N MET A 655 -30.57 -36.64 31.26
CA MET A 655 -30.64 -36.57 32.71
C MET A 655 -31.10 -37.89 33.32
N ASP A 656 -31.92 -38.66 32.60
CA ASP A 656 -32.30 -39.98 33.11
C ASP A 656 -31.18 -40.99 32.91
N GLU A 657 -30.54 -40.97 31.74
CA GLU A 657 -29.43 -41.90 31.53
C GLU A 657 -28.23 -41.58 32.42
N PHE A 658 -28.20 -40.39 33.01
CA PHE A 658 -27.24 -40.11 34.08
C PHE A 658 -27.80 -40.50 35.44
N ALA A 659 -29.10 -40.30 35.65
CA ALA A 659 -29.74 -40.78 36.87
C ALA A 659 -29.70 -42.29 36.93
N LYS A 660 -30.21 -42.96 35.90
CA LYS A 660 -29.88 -44.36 35.71
C LYS A 660 -28.40 -44.49 35.36
N LYS A 661 -27.90 -45.72 35.38
CA LYS A 661 -26.48 -46.01 35.22
C LYS A 661 -25.71 -45.46 36.42
N LEU A 662 -26.43 -44.87 37.37
CA LEU A 662 -25.84 -44.35 38.61
C LEU A 662 -26.61 -44.73 39.85
N GLY A 663 -27.88 -45.12 39.74
CA GLY A 663 -28.63 -45.63 40.87
C GLY A 663 -29.42 -44.60 41.65
N VAL A 664 -30.03 -43.63 40.95
CA VAL A 664 -30.89 -42.61 41.63
C VAL A 664 -32.19 -42.43 40.85
N LYS A 665 -33.19 -41.81 41.49
CA LYS A 665 -34.46 -41.42 40.82
C LYS A 665 -34.44 -39.90 40.57
N LEU A 666 -35.06 -39.44 39.48
CA LEU A 666 -34.98 -38.00 39.14
C LEU A 666 -36.10 -37.22 39.86
N GLU A 667 -37.29 -37.81 40.02
CA GLU A 667 -38.35 -37.13 40.75
C GLU A 667 -38.65 -35.75 40.14
N ARG A 668 -39.16 -35.80 38.90
CA ARG A 668 -39.50 -34.63 38.09
C ARG A 668 -40.29 -33.58 38.85
N PRO A 669 -39.70 -32.42 39.13
CA PRO A 669 -40.44 -31.34 39.77
C PRO A 669 -41.00 -30.34 38.76
N GLU A 670 -41.78 -29.39 39.23
CA GLU A 670 -42.21 -28.26 38.42
C GLU A 670 -41.54 -26.99 38.93
N VAL A 671 -41.65 -25.93 38.14
CA VAL A 671 -40.80 -24.76 38.34
C VAL A 671 -41.11 -24.10 39.68
N SER A 672 -40.06 -23.55 40.29
CA SER A 672 -40.23 -22.74 41.50
C SER A 672 -40.72 -21.35 41.12
N PRO A 673 -41.69 -20.80 41.86
CA PRO A 673 -42.26 -19.51 41.48
C PRO A 673 -41.31 -18.36 41.74
N CYS A 674 -41.59 -17.23 41.11
CA CYS A 674 -40.84 -16.01 41.37
C CYS A 674 -41.26 -15.48 42.74
N GLU A 675 -40.28 -15.29 43.62
CA GLU A 675 -40.55 -15.01 45.02
C GLU A 675 -40.28 -13.56 45.39
N GLU A 676 -39.93 -12.72 44.41
CA GLU A 676 -39.59 -11.31 44.65
C GLU A 676 -38.63 -11.16 45.83
N ILE A 677 -37.44 -11.73 45.68
CA ILE A 677 -36.44 -11.87 46.74
C ILE A 677 -36.27 -10.59 47.56
N PHE A 678 -36.18 -9.44 46.90
CA PHE A 678 -35.99 -8.17 47.59
C PHE A 678 -37.31 -7.40 47.55
N LYS A 679 -38.12 -7.58 48.59
CA LYS A 679 -39.42 -6.93 48.67
C LYS A 679 -39.26 -5.48 49.12
N SER A 680 -40.15 -4.63 48.62
CA SER A 680 -40.20 -3.22 49.01
C SER A 680 -41.17 -3.09 50.19
N GLN A 681 -40.70 -3.51 51.36
CA GLN A 681 -41.55 -3.52 52.54
C GLN A 681 -41.74 -2.12 53.11
N LEU A 682 -40.65 -1.44 53.45
CA LEU A 682 -40.69 -0.08 53.97
C LEU A 682 -39.97 0.85 53.00
N ARG A 683 -40.45 2.10 52.95
CA ARG A 683 -40.13 3.01 51.86
C ARG A 683 -38.94 3.88 52.25
N ALA A 684 -37.79 3.64 51.60
CA ALA A 684 -36.70 4.61 51.50
C ALA A 684 -36.22 5.10 52.87
N SER A 685 -36.38 4.29 53.90
CA SER A 685 -35.84 4.60 55.22
C SER A 685 -34.47 3.96 55.29
N GLU A 686 -33.43 4.78 55.11
CA GLU A 686 -32.08 4.26 54.96
C GLU A 686 -31.50 3.86 56.29
N ALA A 687 -30.53 2.95 56.25
CA ALA A 687 -29.82 2.49 57.45
C ALA A 687 -28.44 2.01 57.00
N ARG A 688 -27.41 2.80 57.32
CA ARG A 688 -26.04 2.39 57.08
C ARG A 688 -25.76 1.05 57.72
N ILE A 689 -25.17 0.13 56.97
CA ILE A 689 -24.95 -1.23 57.44
C ILE A 689 -23.47 -1.37 57.76
N VAL A 690 -23.15 -1.42 59.06
CA VAL A 690 -21.76 -1.49 59.49
C VAL A 690 -21.19 -2.88 59.30
N THR A 691 -22.00 -3.80 58.76
CA THR A 691 -21.48 -5.11 58.39
C THR A 691 -20.53 -4.96 57.22
N LEU A 692 -19.24 -5.00 57.49
CA LEU A 692 -18.21 -4.68 56.51
C LEU A 692 -17.55 -5.95 55.95
N SER B 113 -36.20 63.35 -1.79
CA SER B 113 -37.01 64.58 -2.04
C SER B 113 -37.96 64.82 -0.85
N LYS B 114 -39.27 64.81 -1.10
CA LYS B 114 -40.26 65.01 -0.02
C LYS B 114 -40.72 63.64 0.50
N GLN B 115 -40.37 63.31 1.76
CA GLN B 115 -40.77 62.01 2.35
C GLN B 115 -40.90 62.18 3.87
N HIS B 116 -41.69 61.31 4.52
CA HIS B 116 -41.91 61.42 5.99
C HIS B 116 -40.93 60.52 6.73
N ARG B 117 -40.07 61.10 7.57
CA ARG B 117 -39.05 60.30 8.31
C ARG B 117 -39.52 60.10 9.75
N ILE B 118 -39.81 58.86 10.14
CA ILE B 118 -40.20 58.56 11.55
C ILE B 118 -39.10 57.71 12.18
N VAL B 119 -38.82 56.54 11.60
CA VAL B 119 -37.78 55.67 12.14
C VAL B 119 -36.43 56.38 12.13
N LEU B 120 -36.03 56.88 10.97
CA LEU B 120 -34.77 57.61 10.84
C LEU B 120 -35.00 59.12 10.93
N SER B 121 -35.65 59.54 12.02
CA SER B 121 -35.86 60.99 12.25
C SER B 121 -34.68 61.54 13.03
N ASN B 122 -33.52 60.85 12.96
CA ASN B 122 -32.28 61.32 13.63
C ASN B 122 -31.19 61.44 12.57
N CYS B 123 -31.01 60.39 11.76
CA CYS B 123 -30.03 60.43 10.64
C CYS B 123 -28.72 61.09 11.08
N GLY B 124 -28.33 62.19 10.43
CA GLY B 124 -27.04 62.86 10.73
C GLY B 124 -27.21 64.07 11.63
N TYR B 125 -28.44 64.52 11.87
CA TYR B 125 -28.66 65.66 12.80
C TYR B 125 -28.57 65.12 14.24
N ILE B 126 -27.60 64.24 14.49
CA ILE B 126 -27.38 63.68 15.85
C ILE B 126 -25.93 63.18 15.96
N ASP B 127 -25.43 63.03 17.18
CA ASP B 127 -24.08 62.42 17.37
C ASP B 127 -24.30 60.94 17.57
N PRO B 128 -23.63 60.06 16.79
CA PRO B 128 -23.91 58.63 16.87
C PRO B 128 -23.36 57.94 18.12
N GLU B 129 -22.46 58.60 18.86
CA GLU B 129 -21.87 57.88 19.97
C GLU B 129 -22.34 58.38 21.34
N LYS B 130 -22.30 59.69 21.57
CA LYS B 130 -22.65 60.24 22.88
C LYS B 130 -24.16 60.37 23.03
N ILE B 131 -24.67 59.96 24.19
CA ILE B 131 -26.09 59.73 24.36
C ILE B 131 -26.83 61.02 24.69
N GLU B 132 -26.20 61.96 25.39
CA GLU B 132 -26.92 63.17 25.77
C GLU B 132 -27.34 63.99 24.56
N GLU B 133 -26.58 63.95 23.47
CA GLU B 133 -27.08 64.51 22.22
C GLU B 133 -28.40 63.85 21.83
N TYR B 134 -28.50 62.54 22.01
CA TYR B 134 -29.72 61.83 21.63
C TYR B 134 -30.87 62.16 22.56
N ILE B 135 -30.62 62.26 23.86
CA ILE B 135 -31.69 62.57 24.80
C ILE B 135 -32.14 64.01 24.64
N ALA B 136 -31.29 64.87 24.10
CA ALA B 136 -31.68 66.25 23.86
C ALA B 136 -32.84 66.38 22.89
N ARG B 137 -33.21 65.30 22.21
CA ARG B 137 -34.29 65.31 21.22
C ARG B 137 -35.40 64.33 21.57
N ASP B 138 -35.85 64.36 22.84
CA ASP B 138 -36.87 63.46 23.38
C ASP B 138 -36.38 62.03 23.46
N GLY B 139 -35.07 61.84 23.58
CA GLY B 139 -34.43 60.54 23.45
C GLY B 139 -35.06 59.40 24.22
N TYR B 140 -35.03 59.44 25.54
CA TYR B 140 -35.54 58.34 26.36
C TYR B 140 -36.85 58.67 27.04
N MET B 141 -37.47 59.82 26.71
CA MET B 141 -38.69 60.24 27.38
C MET B 141 -39.74 59.14 27.39
N ALA B 142 -39.94 58.48 26.24
CA ALA B 142 -40.91 57.40 26.14
C ALA B 142 -40.75 56.42 27.30
N LEU B 143 -39.52 55.93 27.51
CA LEU B 143 -39.29 54.96 28.59
C LEU B 143 -39.87 55.46 29.90
N GLY B 144 -39.54 56.70 30.28
CA GLY B 144 -40.11 57.26 31.49
C GLY B 144 -41.61 57.18 31.51
N LYS B 145 -42.28 57.71 30.48
CA LYS B 145 -43.73 57.77 30.52
C LYS B 145 -44.33 56.38 30.38
N ALA B 146 -43.51 55.39 30.08
CA ALA B 146 -44.03 54.03 30.03
C ALA B 146 -43.66 53.25 31.28
N LEU B 147 -42.64 53.71 32.00
CA LEU B 147 -42.18 53.00 33.19
C LEU B 147 -42.56 53.69 34.48
N LEU B 148 -42.88 54.99 34.43
CA LEU B 148 -43.26 55.75 35.61
C LEU B 148 -44.68 56.29 35.56
N GLU B 149 -45.26 56.45 34.36
CA GLU B 149 -46.61 56.98 34.22
C GLU B 149 -47.65 55.91 33.94
N MET B 150 -47.42 55.07 32.93
CA MET B 150 -48.39 54.05 32.55
C MET B 150 -48.14 52.74 33.29
N THR B 151 -49.07 51.82 33.14
CA THR B 151 -49.16 50.48 33.66
C THR B 151 -48.69 49.47 32.62
N PRO B 152 -48.13 48.32 33.05
CA PRO B 152 -47.63 47.34 32.07
C PRO B 152 -48.71 46.73 31.19
N GLU B 153 -49.97 47.14 31.36
CA GLU B 153 -51.07 46.65 30.55
C GLU B 153 -51.56 47.65 29.52
N GLU B 154 -51.77 48.90 29.89
CA GLU B 154 -52.24 49.88 28.93
C GLU B 154 -51.21 50.15 27.85
N VAL B 155 -49.92 50.12 28.20
CA VAL B 155 -48.86 50.26 27.21
C VAL B 155 -48.97 49.23 26.10
N LEU B 156 -49.44 48.02 26.42
CA LEU B 156 -49.66 47.01 25.40
C LEU B 156 -50.91 47.27 24.58
N GLU B 157 -52.00 47.70 25.21
CA GLU B 157 -53.27 47.82 24.49
C GLU B 157 -53.31 49.08 23.63
N GLU B 158 -52.53 50.10 23.98
CA GLU B 158 -52.45 51.28 23.15
C GLU B 158 -51.47 51.11 22.01
N VAL B 159 -50.50 50.21 22.14
CA VAL B 159 -49.72 49.77 21.00
C VAL B 159 -50.57 48.88 20.10
N LYS B 160 -51.42 48.05 20.69
CA LYS B 160 -52.27 47.12 19.94
C LYS B 160 -53.24 47.84 19.01
N LYS B 161 -53.59 49.09 19.29
CA LYS B 161 -54.45 49.84 18.39
C LYS B 161 -53.68 50.77 17.48
N SER B 162 -52.36 50.93 17.71
CA SER B 162 -51.50 51.64 16.79
C SER B 162 -51.36 50.94 15.45
N GLY B 163 -51.77 49.67 15.35
CA GLY B 163 -51.68 48.95 14.10
C GLY B 163 -50.27 48.75 13.59
N LEU B 164 -49.29 48.73 14.50
CA LEU B 164 -47.90 48.55 14.10
C LEU B 164 -47.65 47.10 13.70
N ARG B 165 -47.76 46.81 12.41
CA ARG B 165 -47.48 45.47 11.92
C ARG B 165 -45.98 45.25 11.79
N GLY B 166 -45.58 43.99 11.90
CA GLY B 166 -44.18 43.62 11.86
C GLY B 166 -43.46 44.09 10.61
N ARG B 167 -42.54 45.03 10.78
CA ARG B 167 -41.75 45.54 9.67
C ARG B 167 -40.65 44.58 9.23
N GLY B 168 -40.51 43.44 9.90
CA GLY B 168 -39.51 42.46 9.48
C GLY B 168 -39.83 41.81 8.15
N GLY B 169 -41.08 41.89 7.70
CA GLY B 169 -41.46 41.34 6.42
C GLY B 169 -42.78 40.60 6.45
N ALA B 170 -43.10 39.98 7.58
CA ALA B 170 -44.35 39.23 7.67
C ALA B 170 -45.55 40.17 7.63
N GLY B 171 -45.61 41.11 8.56
CA GLY B 171 -46.71 42.04 8.64
C GLY B 171 -47.69 41.75 9.75
N PHE B 172 -47.27 41.06 10.80
CA PHE B 172 -48.08 40.63 11.93
C PHE B 172 -48.21 41.75 12.96
N PRO B 173 -49.39 41.92 13.54
CA PRO B 173 -49.57 42.93 14.59
C PRO B 173 -48.69 42.66 15.79
N THR B 174 -47.75 43.57 16.08
CA THR B 174 -46.83 43.34 17.18
C THR B 174 -47.54 43.30 18.52
N GLY B 175 -48.68 44.00 18.63
CA GLY B 175 -49.45 43.93 19.86
C GLY B 175 -49.89 42.51 20.19
N LEU B 176 -50.32 41.77 19.17
CA LEU B 176 -50.76 40.40 19.39
C LEU B 176 -49.59 39.51 19.81
N LYS B 177 -48.43 39.70 19.20
CA LYS B 177 -47.27 38.91 19.59
C LYS B 177 -46.85 39.22 21.02
N TRP B 178 -46.91 40.50 21.41
CA TRP B 178 -46.61 40.85 22.79
C TRP B 178 -47.63 40.28 23.75
N GLU B 179 -48.89 40.18 23.34
CA GLU B 179 -49.91 39.56 24.19
C GLU B 179 -49.66 38.07 24.34
N PHE B 180 -49.25 37.40 23.25
CA PHE B 180 -48.90 35.99 23.33
C PHE B 180 -47.71 35.78 24.25
N ALA B 181 -46.72 36.67 24.19
CA ALA B 181 -45.52 36.49 25.00
C ALA B 181 -45.78 36.82 26.47
N LYS B 182 -46.61 37.82 26.76
CA LYS B 182 -46.91 38.15 28.14
C LYS B 182 -47.72 37.06 28.81
N LYS B 183 -48.75 36.55 28.12
CA LYS B 183 -49.60 35.51 28.69
C LYS B 183 -48.96 34.14 28.56
N ALA B 184 -47.73 34.00 29.04
CA ALA B 184 -47.00 32.75 28.98
C ALA B 184 -46.79 32.17 30.37
N SER B 185 -46.42 30.90 30.42
CA SER B 185 -46.16 30.20 31.66
C SER B 185 -44.71 30.41 32.10
N GLY B 186 -44.45 30.14 33.38
CA GLY B 186 -43.12 30.28 33.95
C GLY B 186 -42.67 31.72 34.04
N ASP B 187 -41.64 31.98 34.84
CA ASP B 187 -41.10 33.33 34.99
C ASP B 187 -39.69 33.34 34.42
N LYS B 188 -39.60 33.41 33.09
CA LYS B 188 -38.35 33.67 32.39
C LYS B 188 -38.66 33.99 30.93
N LYS B 189 -38.36 35.19 30.48
CA LYS B 189 -38.68 35.61 29.13
C LYS B 189 -37.44 36.19 28.46
N TYR B 190 -37.58 36.46 27.17
CA TYR B 190 -36.51 37.03 26.37
C TYR B 190 -37.11 37.98 25.33
N VAL B 191 -36.26 38.89 24.86
CA VAL B 191 -36.61 39.78 23.76
C VAL B 191 -35.41 39.86 22.83
N ILE B 192 -35.64 39.62 21.54
CA ILE B 192 -34.57 39.49 20.57
C ILE B 192 -34.81 40.49 19.43
N CYS B 193 -33.73 41.02 18.89
CA CYS B 193 -33.76 42.06 17.86
C CYS B 193 -32.98 41.54 16.67
N ASN B 194 -33.69 41.31 15.56
CA ASN B 194 -33.15 40.60 14.41
C ASN B 194 -32.53 41.59 13.43
N ALA B 195 -31.22 41.80 13.56
CA ALA B 195 -30.48 42.66 12.64
C ALA B 195 -29.52 41.84 11.77
N ASP B 196 -29.86 40.59 11.49
CA ASP B 196 -29.03 39.72 10.67
C ASP B 196 -29.51 39.87 9.22
N GLU B 197 -29.53 41.10 8.76
CA GLU B 197 -30.03 41.42 7.42
C GLU B 197 -29.04 40.90 6.39
N GLY B 198 -29.40 39.80 5.73
CA GLY B 198 -28.49 39.14 4.81
C GLY B 198 -28.66 39.49 3.35
N ASP B 199 -29.72 40.21 3.01
CA ASP B 199 -29.94 40.63 1.63
C ASP B 199 -28.84 41.59 1.21
N PRO B 200 -28.07 41.28 0.16
CA PRO B 200 -27.09 42.24 -0.35
C PRO B 200 -27.77 43.37 -1.10
N GLY B 201 -28.20 44.40 -0.37
CA GLY B 201 -29.04 45.44 -0.92
C GLY B 201 -30.06 45.90 0.08
N ALA B 202 -30.04 45.31 1.28
CA ALA B 202 -30.96 45.67 2.34
C ALA B 202 -30.20 46.21 3.55
N PHE B 203 -29.26 47.13 3.31
CA PHE B 203 -28.52 47.81 4.36
C PHE B 203 -29.38 48.80 5.14
N MET B 204 -30.68 48.68 4.91
CA MET B 204 -31.73 49.37 5.65
C MET B 204 -31.50 49.40 7.15
N ASP B 205 -31.13 48.26 7.70
CA ASP B 205 -31.19 48.05 9.14
C ASP B 205 -29.86 48.26 9.84
N ARG B 206 -28.75 47.87 9.20
CA ARG B 206 -27.44 48.24 9.74
C ARG B 206 -27.30 49.75 9.85
N SER B 207 -27.88 50.49 8.91
CA SER B 207 -27.83 51.95 8.98
C SER B 207 -28.61 52.46 10.19
N THR B 208 -29.66 51.76 10.59
CA THR B 208 -30.42 52.18 11.77
C THR B 208 -29.64 51.91 13.05
N LEU B 209 -29.04 50.73 13.16
CA LEU B 209 -28.24 50.42 14.35
C LEU B 209 -26.98 51.26 14.41
N GLU B 210 -26.51 51.77 13.27
CA GLU B 210 -25.37 52.68 13.24
C GLU B 210 -25.77 54.13 13.43
N GLY B 211 -27.02 54.48 13.17
CA GLY B 211 -27.47 55.85 13.36
C GLY B 211 -27.88 56.16 14.78
N ASP B 212 -28.84 55.41 15.31
CA ASP B 212 -29.38 55.65 16.65
C ASP B 212 -29.64 54.33 17.35
N PRO B 213 -28.59 53.69 17.90
CA PRO B 213 -28.81 52.47 18.66
C PRO B 213 -29.68 52.67 19.89
N HIS B 214 -29.77 53.89 20.40
CA HIS B 214 -30.47 54.13 21.66
C HIS B 214 -31.98 54.02 21.52
N SER B 215 -32.53 54.36 20.35
CA SER B 215 -33.95 54.12 20.11
C SER B 215 -34.27 52.63 20.11
N VAL B 216 -33.38 51.81 19.54
CA VAL B 216 -33.58 50.36 19.56
C VAL B 216 -33.44 49.83 20.98
N ILE B 217 -32.51 50.39 21.76
CA ILE B 217 -32.40 50.00 23.17
C ILE B 217 -33.68 50.33 23.92
N GLU B 218 -34.24 51.51 23.66
CA GLU B 218 -35.52 51.89 24.24
C GLU B 218 -36.62 50.92 23.85
N GLY B 219 -36.67 50.53 22.57
CA GLY B 219 -37.70 49.59 22.15
C GLY B 219 -37.59 48.25 22.83
N MET B 220 -36.37 47.73 22.91
CA MET B 220 -36.16 46.46 23.62
C MET B 220 -36.54 46.59 25.09
N THR B 221 -36.24 47.72 25.71
CA THR B 221 -36.57 47.90 27.13
C THR B 221 -38.07 47.99 27.34
N ILE B 222 -38.77 48.72 26.48
CA ILE B 222 -40.23 48.77 26.55
C ILE B 222 -40.83 47.38 26.39
N GLY B 223 -40.28 46.61 25.45
CA GLY B 223 -40.76 45.26 25.28
C GLY B 223 -40.54 44.40 26.51
N ALA B 224 -39.37 44.53 27.12
CA ALA B 224 -39.10 43.79 28.35
C ALA B 224 -40.04 44.20 29.46
N TYR B 225 -40.40 45.48 29.53
CA TYR B 225 -41.31 45.94 30.56
C TYR B 225 -42.72 45.40 30.35
N VAL B 226 -43.23 45.49 29.11
CA VAL B 226 -44.56 44.99 28.82
C VAL B 226 -44.63 43.48 29.03
N ILE B 227 -43.80 42.74 28.31
CA ILE B 227 -43.84 41.29 28.35
C ILE B 227 -43.43 40.79 29.74
N GLY B 228 -42.42 41.39 30.34
CA GLY B 228 -41.89 40.90 31.59
C GLY B 228 -40.63 40.11 31.38
N ALA B 229 -39.79 40.60 30.47
CA ALA B 229 -38.55 39.91 30.10
C ALA B 229 -37.41 40.43 30.94
N ASP B 230 -36.61 39.50 31.47
CA ASP B 230 -35.42 39.87 32.23
C ASP B 230 -34.25 40.20 31.30
N GLU B 231 -33.86 39.23 30.47
CA GLU B 231 -32.71 39.38 29.59
C GLU B 231 -33.15 39.80 28.20
N GLY B 232 -32.17 40.08 27.35
CA GLY B 232 -32.43 40.48 25.98
C GLY B 232 -31.21 40.31 25.10
N TYR B 233 -31.43 40.00 23.82
CA TYR B 233 -30.35 39.78 22.88
C TYR B 233 -30.56 40.62 21.63
N ILE B 234 -29.45 40.95 20.98
CA ILE B 234 -29.45 41.55 19.65
C ILE B 234 -28.59 40.68 18.75
N TYR B 235 -29.03 40.47 17.52
CA TYR B 235 -28.34 39.61 16.58
C TYR B 235 -27.80 40.46 15.43
N CYS B 236 -26.50 40.67 15.43
CA CYS B 236 -25.81 41.39 14.37
C CYS B 236 -24.75 40.51 13.76
N ARG B 237 -24.59 40.60 12.44
CA ARG B 237 -23.57 39.83 11.76
C ARG B 237 -22.18 40.37 12.10
N ALA B 238 -21.22 39.46 12.23
CA ALA B 238 -19.84 39.86 12.43
C ALA B 238 -19.27 40.60 11.24
N GLU B 239 -20.00 40.63 10.11
CA GLU B 239 -19.58 41.39 8.94
C GLU B 239 -19.85 42.88 9.09
N TYR B 240 -20.60 43.29 10.13
CA TYR B 240 -20.93 44.69 10.37
C TYR B 240 -20.26 45.12 11.67
N PRO B 241 -18.97 45.47 11.62
CA PRO B 241 -18.26 45.82 12.85
C PRO B 241 -18.65 47.19 13.39
N LEU B 242 -19.11 48.10 12.52
CA LEU B 242 -19.45 49.44 12.98
C LEU B 242 -20.69 49.42 13.87
N ALA B 243 -21.75 48.74 13.44
CA ALA B 243 -22.95 48.65 14.25
C ALA B 243 -22.68 47.94 15.56
N ILE B 244 -21.89 46.85 15.51
CA ILE B 244 -21.55 46.12 16.72
C ILE B 244 -20.79 47.02 17.69
N LYS B 245 -19.81 47.78 17.18
CA LYS B 245 -19.05 48.70 18.02
C LYS B 245 -19.96 49.73 18.66
N ARG B 246 -20.74 50.43 17.84
CA ARG B 246 -21.58 51.51 18.35
C ARG B 246 -22.62 50.99 19.34
N LEU B 247 -23.13 49.77 19.13
CA LEU B 247 -24.13 49.26 20.06
C LEU B 247 -23.47 48.81 21.36
N LYS B 248 -22.29 48.19 21.27
CA LYS B 248 -21.58 47.78 22.49
C LYS B 248 -21.21 48.98 23.35
N ILE B 249 -20.88 50.11 22.73
CA ILE B 249 -20.57 51.28 23.54
C ILE B 249 -21.85 52.01 23.98
N ALA B 250 -22.91 51.97 23.17
CA ALA B 250 -24.15 52.62 23.53
C ALA B 250 -24.85 51.95 24.71
N ILE B 251 -24.85 50.61 24.78
CA ILE B 251 -25.47 49.95 25.91
C ILE B 251 -24.74 50.31 27.21
N ALA B 252 -23.41 50.43 27.16
CA ALA B 252 -22.66 50.84 28.33
C ALA B 252 -22.98 52.28 28.70
N GLN B 253 -22.95 53.18 27.72
CA GLN B 253 -23.27 54.58 27.97
C GLN B 253 -24.72 54.81 28.37
N ALA B 254 -25.59 53.82 28.19
CA ALA B 254 -26.96 53.92 28.63
C ALA B 254 -27.25 53.22 29.94
N GLU B 255 -26.42 52.28 30.37
CA GLU B 255 -26.59 51.70 31.70
C GLU B 255 -25.88 52.53 32.77
N GLU B 256 -24.83 53.25 32.40
CA GLU B 256 -24.19 54.17 33.33
C GLU B 256 -25.17 55.23 33.82
N MET B 257 -26.03 55.72 32.93
CA MET B 257 -27.06 56.66 33.31
C MET B 257 -28.26 55.99 33.97
N GLY B 258 -28.17 54.71 34.32
CA GLY B 258 -29.24 54.02 34.98
C GLY B 258 -30.45 53.74 34.13
N LEU B 259 -30.27 53.37 32.86
CA LEU B 259 -31.37 53.05 31.95
C LEU B 259 -31.31 51.64 31.40
N LEU B 260 -30.24 50.89 31.70
CA LEU B 260 -30.12 49.53 31.19
C LEU B 260 -29.53 48.56 32.20
N GLY B 261 -29.53 48.89 33.48
CA GLY B 261 -28.97 48.02 34.49
C GLY B 261 -30.01 47.47 35.44
N ASP B 262 -29.59 47.21 36.67
CA ASP B 262 -30.52 46.72 37.69
C ASP B 262 -31.39 47.85 38.20
N HIS B 263 -32.63 47.52 38.55
CA HIS B 263 -33.59 48.45 39.13
C HIS B 263 -33.61 49.78 38.39
N ILE B 264 -33.93 49.72 37.10
CA ILE B 264 -34.05 50.93 36.31
C ILE B 264 -35.13 51.82 36.90
N MET B 265 -34.77 53.06 37.19
CA MET B 265 -35.59 54.02 37.93
C MET B 265 -36.00 53.51 39.30
N GLY B 266 -35.37 52.45 39.80
CA GLY B 266 -35.76 51.83 41.05
C GLY B 266 -37.21 51.38 41.04
N THR B 267 -37.55 50.49 40.11
CA THR B 267 -38.95 50.13 39.87
C THR B 267 -39.15 48.64 39.69
N ASN B 268 -38.34 47.82 40.36
CA ASN B 268 -38.44 46.36 40.29
C ASN B 268 -38.30 45.83 38.86
N PHE B 269 -37.44 46.44 38.06
CA PHE B 269 -37.30 46.11 36.64
C PHE B 269 -35.81 46.11 36.29
N SER B 270 -35.32 44.98 35.79
CA SER B 270 -33.94 44.83 35.36
C SER B 270 -33.90 44.34 33.92
N PHE B 271 -32.92 44.79 33.15
CA PHE B 271 -32.87 44.47 31.72
C PHE B 271 -31.42 44.56 31.23
N HIS B 272 -30.77 43.41 31.08
CA HIS B 272 -29.43 43.35 30.51
C HIS B 272 -29.50 42.95 29.03
N LEU B 273 -28.53 43.44 28.26
CA LEU B 273 -28.42 43.13 26.84
C LEU B 273 -27.12 42.38 26.60
N HIS B 274 -27.20 41.32 25.80
CA HIS B 274 -26.03 40.56 25.36
C HIS B 274 -26.00 40.60 23.84
N LEU B 275 -25.16 41.46 23.28
CA LEU B 275 -24.99 41.55 21.83
C LEU B 275 -24.34 40.26 21.33
N LYS B 276 -25.09 39.50 20.54
CA LYS B 276 -24.57 38.26 19.96
C LYS B 276 -24.18 38.52 18.51
N GLU B 277 -22.93 38.22 18.17
CA GLU B 277 -22.44 38.42 16.81
C GLU B 277 -22.81 37.23 15.94
N GLY B 278 -23.58 37.50 14.88
CA GLY B 278 -24.00 36.43 13.99
C GLY B 278 -22.85 35.82 13.23
N ALA B 279 -23.10 34.64 12.66
CA ALA B 279 -22.07 33.92 11.93
C ALA B 279 -22.02 34.30 10.45
N GLY B 280 -23.16 34.58 9.83
CA GLY B 280 -23.13 35.10 8.48
C GLY B 280 -24.10 34.52 7.48
N ALA B 281 -24.98 33.63 7.91
CA ALA B 281 -25.90 32.97 6.98
C ALA B 281 -27.18 33.78 6.81
N PHE B 282 -27.89 33.53 5.71
CA PHE B 282 -29.15 34.20 5.43
C PHE B 282 -30.35 33.44 5.98
N VAL B 283 -30.27 32.11 6.04
CA VAL B 283 -31.33 31.34 6.67
C VAL B 283 -31.43 31.63 8.16
N CYS B 284 -30.34 32.07 8.77
CA CYS B 284 -30.27 32.38 10.20
C CYS B 284 -30.99 33.67 10.55
N GLY B 285 -31.73 34.26 9.63
CA GLY B 285 -32.55 35.41 9.94
C GLY B 285 -33.96 35.09 10.32
N GLU B 286 -34.42 33.88 10.05
CA GLU B 286 -35.72 33.44 10.51
C GLU B 286 -35.71 33.27 12.02
N GLU B 287 -36.90 33.32 12.62
CA GLU B 287 -37.02 33.19 14.07
C GLU B 287 -36.37 31.92 14.59
N THR B 288 -36.76 30.77 14.03
CA THR B 288 -36.30 29.51 14.57
C THR B 288 -34.82 29.28 14.28
N ALA B 289 -34.35 29.67 13.10
CA ALA B 289 -32.93 29.52 12.80
C ALA B 289 -32.10 30.47 13.66
N LEU B 290 -32.61 31.66 13.95
CA LEU B 290 -31.93 32.58 14.85
C LEU B 290 -31.83 31.99 16.26
N MET B 291 -32.94 31.45 16.76
CA MET B 291 -32.93 30.82 18.07
C MET B 291 -31.94 29.66 18.12
N ALA B 292 -31.87 28.87 17.06
CA ALA B 292 -30.94 27.76 17.02
C ALA B 292 -29.50 28.26 16.94
N SER B 293 -29.28 29.39 16.27
CA SER B 293 -27.93 29.91 16.10
C SER B 293 -27.41 30.55 17.38
N ILE B 294 -28.30 31.11 18.20
CA ILE B 294 -27.88 31.64 19.50
C ILE B 294 -27.45 30.49 20.41
N GLU B 295 -28.18 29.37 20.35
CA GLU B 295 -27.89 28.22 21.21
C GLU B 295 -26.73 27.38 20.71
N GLY B 296 -25.96 27.87 19.75
CA GLY B 296 -24.79 27.13 19.29
C GLY B 296 -25.11 25.91 18.45
N ARG B 297 -26.12 25.98 17.60
CA ARG B 297 -26.47 24.88 16.71
C ARG B 297 -26.51 25.38 15.27
N ARG B 298 -26.99 24.53 14.36
CA ARG B 298 -27.12 24.93 12.97
C ARG B 298 -28.43 25.66 12.75
N GLY B 299 -28.39 26.69 11.91
CA GLY B 299 -29.57 27.49 11.65
C GLY B 299 -30.56 26.76 10.77
N MET B 300 -31.10 25.65 11.29
CA MET B 300 -32.07 24.83 10.56
C MET B 300 -33.45 25.10 11.13
N PRO B 301 -34.33 25.76 10.38
CA PRO B 301 -35.66 26.07 10.92
C PRO B 301 -36.41 24.82 11.35
N ARG B 302 -37.33 25.00 12.28
CA ARG B 302 -38.16 23.94 12.85
C ARG B 302 -39.61 24.30 12.65
N PRO B 303 -40.52 23.33 12.75
CA PRO B 303 -41.94 23.60 12.51
C PRO B 303 -42.49 24.70 13.38
N ARG B 304 -43.49 25.40 12.86
CA ARG B 304 -44.04 26.65 13.38
C ARG B 304 -45.02 26.51 14.55
N PRO B 305 -45.97 25.56 14.55
CA PRO B 305 -47.04 25.57 15.56
C PRO B 305 -46.51 25.73 16.98
N PRO B 306 -45.36 25.13 17.34
CA PRO B 306 -44.73 25.61 18.58
C PRO B 306 -44.02 26.94 18.35
N PHE B 307 -44.81 28.01 18.37
CA PHE B 307 -44.33 29.32 17.98
C PHE B 307 -43.30 29.84 18.97
N PRO B 308 -42.45 30.79 18.56
CA PRO B 308 -41.42 31.30 19.48
C PRO B 308 -41.98 32.35 20.42
N ALA B 309 -43.16 32.06 20.98
CA ALA B 309 -43.71 32.82 22.08
C ALA B 309 -44.19 31.94 23.22
N GLN B 310 -44.51 30.68 22.95
CA GLN B 310 -44.73 29.68 23.99
C GLN B 310 -43.48 28.86 24.25
N HIS B 311 -42.56 28.81 23.29
CA HIS B 311 -41.36 27.98 23.39
C HIS B 311 -40.29 28.60 22.49
N GLY B 312 -39.28 29.19 23.11
CA GLY B 312 -38.24 29.88 22.37
C GLY B 312 -36.83 29.54 22.80
N LEU B 313 -36.04 30.57 23.12
CA LEU B 313 -34.68 30.37 23.58
C LEU B 313 -34.65 29.51 24.83
N TRP B 314 -33.95 28.39 24.77
CA TRP B 314 -33.79 27.47 25.89
C TRP B 314 -35.13 27.05 26.48
N GLY B 315 -36.15 26.96 25.63
CA GLY B 315 -37.48 26.64 26.09
C GLY B 315 -38.24 27.80 26.69
N LYS B 316 -37.57 28.87 27.04
CA LYS B 316 -38.24 30.01 27.64
C LYS B 316 -38.92 30.85 26.57
N PRO B 317 -40.05 31.48 26.91
CA PRO B 317 -40.75 32.31 25.93
C PRO B 317 -39.89 33.47 25.45
N THR B 318 -39.95 33.73 24.14
CA THR B 318 -39.22 34.79 23.49
C THR B 318 -40.19 35.65 22.69
N ASN B 319 -39.75 36.84 22.30
CA ASN B 319 -40.59 37.77 21.54
C ASN B 319 -39.79 38.40 20.40
N ILE B 320 -39.14 37.56 19.59
CA ILE B 320 -38.34 38.01 18.46
C ILE B 320 -39.08 39.06 17.63
N ASN B 321 -38.39 40.16 17.32
CA ASN B 321 -38.95 41.22 16.51
C ASN B 321 -37.85 41.80 15.65
N ASN B 322 -38.25 42.61 14.68
CA ASN B 322 -37.30 43.29 13.80
C ASN B 322 -36.78 44.55 14.47
N VAL B 323 -35.74 45.14 13.87
CA VAL B 323 -35.14 46.31 14.48
C VAL B 323 -35.92 47.58 14.12
N GLU B 324 -36.63 47.60 13.00
CA GLU B 324 -37.39 48.80 12.66
C GLU B 324 -38.73 48.85 13.38
N THR B 325 -39.31 47.69 13.71
CA THR B 325 -40.45 47.71 14.60
C THR B 325 -40.04 47.97 16.05
N TRP B 326 -38.81 47.60 16.42
CA TRP B 326 -38.29 48.01 17.71
C TRP B 326 -38.05 49.52 17.75
N ALA B 327 -37.62 50.09 16.63
CA ALA B 327 -37.37 51.52 16.52
C ALA B 327 -38.65 52.33 16.36
N ASN B 328 -39.80 51.72 16.58
CA ASN B 328 -41.08 52.45 16.38
C ASN B 328 -41.88 52.43 17.67
N VAL B 329 -41.71 51.38 18.48
CA VAL B 329 -42.43 51.31 19.80
C VAL B 329 -42.09 52.56 20.63
N PRO B 330 -40.84 53.04 20.77
CA PRO B 330 -40.56 54.28 21.51
C PRO B 330 -41.40 55.48 21.07
N ARG B 331 -41.43 55.77 19.78
CA ARG B 331 -42.15 56.99 19.30
C ARG B 331 -43.66 56.80 19.45
N ILE B 332 -44.20 55.62 19.15
CA ILE B 332 -45.70 55.46 19.20
C ILE B 332 -46.16 55.58 20.64
N ILE B 333 -45.28 55.30 21.60
CA ILE B 333 -45.63 55.48 23.02
C ILE B 333 -45.73 56.95 23.36
N LEU B 334 -44.73 57.74 22.98
CA LEU B 334 -44.70 59.12 23.42
C LEU B 334 -45.59 60.00 22.55
N ASN B 335 -45.40 59.95 21.22
CA ASN B 335 -46.27 60.74 20.34
C ASN B 335 -47.69 60.21 20.28
N GLY B 336 -48.00 59.10 20.93
CA GLY B 336 -49.35 58.58 20.95
C GLY B 336 -49.61 57.57 19.84
N ALA B 337 -50.79 56.97 19.92
CA ALA B 337 -51.21 55.93 18.99
C ALA B 337 -52.18 56.44 17.93
N ASP B 338 -53.11 57.33 18.29
CA ASP B 338 -54.00 57.93 17.31
C ASP B 338 -53.24 58.70 16.24
N TRP B 339 -52.06 59.23 16.57
CA TRP B 339 -51.25 59.93 15.59
C TRP B 339 -50.57 58.96 14.63
N PHE B 340 -50.13 57.80 15.14
CA PHE B 340 -49.44 56.84 14.29
C PHE B 340 -50.40 56.15 13.34
N ALA B 341 -51.68 56.09 13.68
CA ALA B 341 -52.69 55.48 12.82
C ALA B 341 -53.25 56.46 11.79
N SER B 342 -52.68 57.66 11.70
CA SER B 342 -53.13 58.67 10.75
C SER B 342 -52.15 58.82 9.59
N MET B 343 -51.35 57.78 9.31
CA MET B 343 -50.43 57.80 8.18
C MET B 343 -50.45 56.47 7.44
N GLY B 344 -51.50 55.67 7.62
CA GLY B 344 -51.64 54.42 6.91
C GLY B 344 -52.89 54.43 6.04
N THR B 345 -53.07 53.35 5.28
CA THR B 345 -54.15 53.34 4.30
C THR B 345 -55.48 52.95 4.93
N GLU B 346 -55.67 51.66 5.23
CA GLU B 346 -56.78 51.21 6.06
C GLU B 346 -56.35 50.06 6.96
N LYS B 347 -55.24 49.40 6.60
CA LYS B 347 -54.78 48.21 7.31
C LYS B 347 -53.34 48.35 7.79
N SER B 348 -52.45 48.89 6.97
CA SER B 348 -51.04 49.01 7.31
C SER B 348 -50.75 50.48 7.62
N LYS B 349 -50.58 50.78 8.90
CA LYS B 349 -50.40 52.15 9.37
C LYS B 349 -48.93 52.36 9.76
N GLY B 350 -48.28 53.29 9.09
CA GLY B 350 -46.96 53.71 9.50
C GLY B 350 -46.10 54.03 8.29
N THR B 351 -44.79 54.18 8.56
CA THR B 351 -43.78 54.44 7.55
C THR B 351 -43.12 53.12 7.20
N LYS B 352 -42.29 53.12 6.15
CA LYS B 352 -41.45 51.95 5.90
C LYS B 352 -40.18 52.37 5.18
N ILE B 353 -39.04 51.97 5.75
CA ILE B 353 -37.76 52.20 5.11
C ILE B 353 -37.62 51.34 3.87
N PHE B 354 -37.28 51.96 2.75
CA PHE B 354 -37.03 51.29 1.48
C PHE B 354 -35.63 51.55 1.00
N ALA B 355 -35.01 50.54 0.40
CA ALA B 355 -33.67 50.64 -0.18
C ALA B 355 -33.85 50.71 -1.69
N LEU B 356 -33.96 51.92 -2.23
CA LEU B 356 -34.12 52.07 -3.66
C LEU B 356 -32.75 51.99 -4.33
N THR B 357 -32.56 50.99 -5.18
CA THR B 357 -31.29 50.75 -5.83
C THR B 357 -31.53 50.14 -7.21
N GLY B 358 -30.45 49.80 -7.88
CA GLY B 358 -30.54 49.37 -9.25
C GLY B 358 -30.16 50.50 -10.18
N LYS B 359 -30.64 50.39 -11.42
CA LYS B 359 -30.39 51.39 -12.44
C LYS B 359 -31.37 52.54 -12.24
N ILE B 360 -31.15 53.30 -11.17
CA ILE B 360 -31.98 54.45 -10.85
C ILE B 360 -31.07 55.64 -10.58
N THR B 361 -31.57 56.85 -10.88
CA THR B 361 -30.77 58.05 -10.73
C THR B 361 -30.36 58.29 -9.29
N ASN B 362 -31.32 58.24 -8.37
CA ASN B 362 -31.07 58.54 -6.96
C ASN B 362 -31.22 57.26 -6.15
N THR B 363 -30.08 56.73 -5.71
CA THR B 363 -30.04 55.46 -4.99
C THR B 363 -29.80 55.72 -3.51
N GLY B 364 -30.50 54.97 -2.66
CA GLY B 364 -30.27 55.09 -1.23
C GLY B 364 -31.51 54.68 -0.45
N LEU B 365 -31.50 55.06 0.83
CA LEU B 365 -32.57 54.73 1.74
C LEU B 365 -33.59 55.86 1.78
N ILE B 366 -34.86 55.51 1.58
CA ILE B 366 -35.96 56.47 1.64
C ILE B 366 -36.96 55.99 2.67
N GLU B 367 -37.84 56.90 3.09
CA GLU B 367 -38.84 56.61 4.11
C GLU B 367 -40.17 57.17 3.63
N VAL B 368 -41.02 56.30 3.10
CA VAL B 368 -42.32 56.71 2.60
C VAL B 368 -43.38 56.04 3.46
N PRO B 369 -44.53 56.69 3.68
CA PRO B 369 -45.65 56.00 4.33
C PRO B 369 -46.14 54.84 3.48
N MET B 370 -47.07 54.10 4.04
CA MET B 370 -47.59 52.92 3.38
C MET B 370 -48.85 53.25 2.60
N GLY B 371 -49.00 52.60 1.45
CA GLY B 371 -50.08 52.92 0.54
C GLY B 371 -49.68 54.00 -0.44
N ILE B 372 -48.44 53.92 -0.92
CA ILE B 372 -47.90 54.85 -1.89
C ILE B 372 -47.84 54.14 -3.23
N THR B 373 -48.30 54.81 -4.28
CA THR B 373 -48.18 54.27 -5.62
C THR B 373 -46.71 54.18 -5.99
N ILE B 374 -46.34 53.10 -6.69
CA ILE B 374 -44.93 52.89 -7.01
C ILE B 374 -44.40 53.88 -8.02
N ARG B 375 -45.27 54.53 -8.81
CA ARG B 375 -44.83 55.53 -9.75
C ARG B 375 -44.03 56.62 -9.05
N GLU B 376 -44.62 57.25 -8.03
CA GLU B 376 -43.90 58.25 -7.25
C GLU B 376 -42.57 57.73 -6.73
N ILE B 377 -42.46 56.43 -6.48
CA ILE B 377 -41.21 55.88 -5.98
C ILE B 377 -40.10 55.93 -7.01
N ILE B 378 -40.41 55.70 -8.29
CA ILE B 378 -39.38 55.60 -9.31
C ILE B 378 -39.41 56.74 -10.32
N TYR B 379 -40.53 57.44 -10.49
CA TYR B 379 -40.62 58.49 -11.49
C TYR B 379 -40.43 59.89 -10.92
N GLU B 380 -40.66 60.10 -9.62
CA GLU B 380 -40.50 61.43 -9.05
C GLU B 380 -39.69 61.47 -7.76
N LEU B 381 -39.45 60.34 -7.10
CA LEU B 381 -38.59 60.33 -5.94
C LEU B 381 -37.12 60.14 -6.34
N GLY B 382 -36.83 59.08 -7.07
CA GLY B 382 -35.48 58.86 -7.57
C GLY B 382 -35.21 59.66 -8.82
N GLY B 383 -36.28 60.13 -9.47
CA GLY B 383 -36.14 61.01 -10.61
C GLY B 383 -36.02 60.33 -11.95
N GLY B 384 -36.34 59.05 -12.04
CA GLY B 384 -36.31 58.37 -13.31
C GLY B 384 -35.10 57.43 -13.42
N ILE B 385 -35.14 56.60 -14.47
CA ILE B 385 -34.11 55.59 -14.69
C ILE B 385 -32.78 56.27 -14.98
N LEU B 386 -31.69 55.55 -14.71
CA LEU B 386 -30.36 56.15 -14.78
C LEU B 386 -29.84 56.21 -16.21
N ASN B 387 -30.70 56.65 -17.13
CA ASN B 387 -30.40 57.04 -18.49
C ASN B 387 -31.68 57.53 -19.13
N GLY B 388 -31.65 57.79 -20.43
CA GLY B 388 -32.88 58.10 -21.15
C GLY B 388 -33.68 56.87 -21.52
N LYS B 389 -33.58 55.82 -20.70
CA LYS B 389 -34.26 54.55 -20.97
C LYS B 389 -35.64 54.54 -20.31
N GLU B 390 -36.37 53.46 -20.53
CA GLU B 390 -37.69 53.27 -19.97
C GLU B 390 -37.67 52.20 -18.88
N PHE B 391 -38.72 52.18 -18.07
CA PHE B 391 -38.80 51.31 -16.91
C PHE B 391 -39.47 50.00 -17.29
N LYS B 392 -38.82 48.89 -16.95
CA LYS B 392 -39.32 47.57 -17.28
C LYS B 392 -39.90 46.85 -16.07
N ALA B 393 -39.11 46.68 -15.01
CA ALA B 393 -39.57 45.96 -13.84
C ALA B 393 -38.85 46.48 -12.60
N VAL B 394 -39.43 46.16 -11.45
CA VAL B 394 -38.84 46.51 -10.16
C VAL B 394 -39.08 45.36 -9.19
N GLN B 395 -38.01 44.80 -8.66
CA GLN B 395 -38.11 43.78 -7.63
C GLN B 395 -38.26 44.47 -6.27
N ILE B 396 -39.23 43.98 -5.49
CA ILE B 396 -39.73 44.72 -4.34
C ILE B 396 -39.21 44.13 -3.03
N GLY B 397 -39.04 42.83 -2.97
CA GLY B 397 -38.72 42.18 -1.72
C GLY B 397 -37.36 41.50 -1.67
N GLY B 398 -36.34 42.15 -2.23
CA GLY B 398 -35.01 41.60 -2.21
C GLY B 398 -34.90 40.38 -3.10
N PRO B 399 -34.05 39.44 -2.71
CA PRO B 399 -33.87 38.25 -3.56
C PRO B 399 -35.08 37.34 -3.58
N SER B 400 -35.67 37.09 -2.42
CA SER B 400 -36.84 36.23 -2.32
C SER B 400 -38.14 37.03 -2.42
N GLY B 401 -38.24 37.84 -3.47
CA GLY B 401 -39.40 38.69 -3.68
C GLY B 401 -39.77 38.82 -5.14
N GLY B 402 -41.04 39.11 -5.40
CA GLY B 402 -41.51 39.22 -6.77
C GLY B 402 -40.96 40.44 -7.48
N CYS B 403 -41.51 40.68 -8.66
CA CYS B 403 -41.12 41.81 -9.50
C CYS B 403 -42.37 42.36 -10.18
N LEU B 404 -42.58 43.66 -10.04
CA LEU B 404 -43.74 44.33 -10.61
C LEU B 404 -43.34 45.10 -11.86
N THR B 405 -44.25 45.14 -12.83
CA THR B 405 -44.05 45.89 -14.06
C THR B 405 -45.23 46.82 -14.35
N LYS B 406 -45.30 47.36 -15.56
CA LYS B 406 -46.05 48.59 -15.81
C LYS B 406 -47.55 48.47 -15.60
N GLU B 407 -48.10 47.28 -15.44
CA GLU B 407 -49.51 47.21 -15.03
C GLU B 407 -49.65 47.58 -13.56
N HIS B 408 -48.59 47.41 -12.78
CA HIS B 408 -48.55 47.85 -11.39
C HIS B 408 -47.76 49.14 -11.30
N LEU B 409 -48.47 50.25 -11.51
CA LEU B 409 -47.91 51.58 -11.36
C LEU B 409 -48.73 52.48 -10.46
N ASP B 410 -50.03 52.23 -10.33
CA ASP B 410 -50.88 52.97 -9.42
C ASP B 410 -51.34 52.12 -8.24
N LEU B 411 -50.83 50.91 -8.13
CA LEU B 411 -51.17 50.03 -7.03
C LEU B 411 -50.43 50.47 -5.77
N PRO B 412 -51.12 50.86 -4.70
CA PRO B 412 -50.43 51.24 -3.47
C PRO B 412 -49.65 50.07 -2.90
N ILE B 413 -48.52 50.39 -2.26
CA ILE B 413 -47.61 49.39 -1.71
C ILE B 413 -48.00 49.16 -0.26
N ASP B 414 -48.61 48.02 0.01
CA ASP B 414 -49.03 47.60 1.34
C ASP B 414 -48.45 46.23 1.64
N TYR B 415 -48.91 45.64 2.75
CA TYR B 415 -48.61 44.24 3.01
C TYR B 415 -49.55 43.32 2.26
N GLU B 416 -50.84 43.66 2.20
CA GLU B 416 -51.83 42.82 1.53
C GLU B 416 -51.85 43.03 0.03
N SER B 417 -51.50 44.22 -0.45
CA SER B 417 -51.55 44.50 -1.88
C SER B 417 -50.40 43.84 -2.63
N LEU B 418 -49.20 43.86 -2.05
CA LEU B 418 -48.05 43.24 -2.71
C LEU B 418 -48.24 41.74 -2.86
N THR B 419 -48.86 41.10 -1.85
CA THR B 419 -49.03 39.65 -1.89
C THR B 419 -49.89 39.22 -3.07
N ALA B 420 -50.98 39.94 -3.33
CA ALA B 420 -51.80 39.64 -4.49
C ALA B 420 -51.02 39.80 -5.79
N ALA B 421 -50.01 40.67 -5.79
CA ALA B 421 -49.18 40.90 -6.95
C ALA B 421 -47.96 39.99 -6.99
N GLY B 422 -47.98 38.89 -6.24
CA GLY B 422 -46.91 37.92 -6.26
C GLY B 422 -45.60 38.36 -5.66
N ALA B 423 -45.48 39.61 -5.21
CA ALA B 423 -44.26 40.13 -4.63
C ALA B 423 -44.43 40.24 -3.12
N ILE B 424 -43.42 39.78 -2.39
CA ILE B 424 -43.47 39.86 -0.94
C ILE B 424 -42.77 41.13 -0.49
N MET B 425 -43.13 41.59 0.71
CA MET B 425 -42.45 42.70 1.35
C MET B 425 -41.50 42.14 2.40
N GLY B 426 -40.21 42.24 2.12
CA GLY B 426 -39.20 41.71 3.01
C GLY B 426 -37.81 42.05 2.51
N SER B 427 -36.97 42.54 3.42
CA SER B 427 -35.69 43.16 3.11
C SER B 427 -35.91 44.48 2.39
N GLY B 428 -37.15 44.78 2.04
CA GLY B 428 -37.58 46.07 1.54
C GLY B 428 -36.80 46.65 0.37
N GLY B 429 -35.92 45.86 -0.23
CA GLY B 429 -35.09 46.38 -1.30
C GLY B 429 -35.86 46.49 -2.61
N LEU B 430 -35.88 47.71 -3.15
CA LEU B 430 -36.55 48.01 -4.42
C LEU B 430 -35.46 48.21 -5.46
N VAL B 431 -35.19 47.18 -6.22
CA VAL B 431 -34.18 47.25 -7.28
C VAL B 431 -34.87 47.36 -8.63
N VAL B 432 -34.51 48.40 -9.39
CA VAL B 432 -35.18 48.73 -10.64
C VAL B 432 -34.33 48.23 -11.81
N MET B 433 -35.00 47.85 -12.90
CA MET B 433 -34.33 47.30 -14.08
C MET B 433 -34.55 48.18 -15.30
N ASP B 434 -33.58 48.17 -16.22
CA ASP B 434 -33.73 48.92 -17.49
C ASP B 434 -34.59 48.11 -18.47
N GLU B 435 -34.88 48.67 -19.65
CA GLU B 435 -35.65 47.92 -20.68
C GLU B 435 -34.77 46.81 -21.27
N ASP B 436 -33.45 46.99 -21.26
CA ASP B 436 -32.52 46.00 -21.86
C ASP B 436 -32.47 44.71 -21.01
N THR B 437 -32.58 44.82 -19.68
CA THR B 437 -32.45 43.63 -18.79
C THR B 437 -33.45 42.54 -19.17
N CYS B 438 -33.03 41.28 -19.13
CA CYS B 438 -33.95 40.14 -19.43
C CYS B 438 -34.49 39.56 -18.11
N MET B 439 -35.74 39.11 -18.11
CA MET B 439 -36.36 38.61 -16.85
C MET B 439 -35.93 37.16 -16.58
N VAL B 440 -35.50 36.41 -17.59
CA VAL B 440 -34.97 35.04 -17.37
C VAL B 440 -33.67 35.15 -16.57
N ASP B 441 -32.77 36.04 -16.98
CA ASP B 441 -31.47 36.25 -16.26
C ASP B 441 -31.74 36.81 -14.87
N VAL B 442 -32.68 37.76 -14.76
CA VAL B 442 -33.03 38.36 -13.43
C VAL B 442 -33.48 37.22 -12.50
N ALA B 443 -34.39 36.37 -12.96
CA ALA B 443 -34.89 35.25 -12.14
C ALA B 443 -33.72 34.33 -11.75
N LYS B 444 -32.85 34.02 -12.70
CA LYS B 444 -31.71 33.09 -12.45
C LYS B 444 -30.79 33.66 -11.38
N PHE B 445 -30.46 34.95 -11.47
CA PHE B 445 -29.54 35.59 -10.49
C PHE B 445 -30.16 35.55 -9.10
N PHE B 446 -31.44 35.94 -8.99
CA PHE B 446 -32.11 35.98 -7.69
C PHE B 446 -32.44 34.59 -7.17
N LEU B 447 -32.43 33.57 -8.02
CA LEU B 447 -32.63 32.21 -7.56
C LEU B 447 -31.31 31.51 -7.23
N GLU B 448 -30.24 31.85 -7.94
CA GLU B 448 -28.91 31.38 -7.58
C GLU B 448 -28.47 31.93 -6.25
N PHE B 449 -28.99 33.08 -5.84
CA PHE B 449 -28.72 33.54 -4.48
C PHE B 449 -29.44 32.67 -3.45
N THR B 450 -30.74 32.46 -3.64
CA THR B 450 -31.51 31.70 -2.66
C THR B 450 -31.12 30.23 -2.64
N GLN B 451 -30.46 29.75 -3.69
CA GLN B 451 -29.94 28.38 -3.67
C GLN B 451 -28.72 28.27 -2.78
N ARG B 452 -27.78 29.20 -2.91
CA ARG B 452 -26.57 29.15 -2.10
C ARG B 452 -26.89 29.32 -0.62
N GLU B 453 -27.95 30.08 -0.29
CA GLU B 453 -28.31 30.35 1.09
C GLU B 453 -29.42 29.43 1.60
N SER B 454 -29.60 28.28 0.96
CA SER B 454 -30.56 27.28 1.39
C SER B 454 -29.92 26.36 2.42
N CYS B 455 -30.74 25.92 3.37
CA CYS B 455 -30.31 25.08 4.49
C CYS B 455 -30.07 23.62 4.17
N GLY B 456 -30.88 23.05 3.28
CA GLY B 456 -30.76 21.66 2.93
C GLY B 456 -31.47 20.75 3.91
N LYS B 457 -32.64 21.18 4.38
CA LYS B 457 -33.44 20.39 5.30
C LYS B 457 -34.71 19.87 4.66
N CYS B 458 -35.37 20.70 3.86
CA CYS B 458 -36.59 20.30 3.18
C CYS B 458 -36.30 19.89 1.75
N VAL B 459 -36.89 18.78 1.32
CA VAL B 459 -36.68 18.28 -0.08
C VAL B 459 -37.09 19.38 -1.08
N PRO B 460 -38.31 19.97 -1.03
CA PRO B 460 -38.72 20.96 -2.03
C PRO B 460 -37.65 22.01 -2.34
N CYS B 461 -37.00 22.57 -1.32
CA CYS B 461 -36.02 23.66 -1.55
C CYS B 461 -34.66 23.07 -1.97
N ARG B 462 -34.16 22.09 -1.22
CA ARG B 462 -32.83 21.51 -1.51
C ARG B 462 -32.79 21.00 -2.96
N GLU B 463 -33.92 20.54 -3.50
CA GLU B 463 -33.93 19.97 -4.83
C GLU B 463 -34.49 20.90 -5.89
N GLY B 464 -35.71 21.41 -5.67
CA GLY B 464 -36.36 22.23 -6.68
C GLY B 464 -35.62 23.52 -6.99
N THR B 465 -34.85 24.06 -6.04
CA THR B 465 -34.13 25.30 -6.34
C THR B 465 -33.02 25.03 -7.35
N LYS B 466 -32.25 23.96 -7.13
CA LYS B 466 -31.25 23.54 -8.12
C LYS B 466 -31.88 23.22 -9.46
N GLN B 467 -33.02 22.51 -9.44
CA GLN B 467 -33.66 22.13 -10.70
C GLN B 467 -34.17 23.35 -11.46
N MET B 468 -34.75 24.33 -10.75
CA MET B 468 -35.21 25.54 -11.40
C MET B 468 -34.04 26.36 -11.92
N LEU B 469 -32.92 26.38 -11.20
CA LEU B 469 -31.74 27.05 -11.71
C LEU B 469 -31.28 26.43 -13.02
N LEU B 470 -31.29 25.10 -13.09
CA LEU B 470 -30.90 24.42 -14.33
C LEU B 470 -31.88 24.72 -15.47
N MET B 471 -33.18 24.69 -15.17
CA MET B 471 -34.18 24.98 -16.20
C MET B 471 -34.03 26.40 -16.73
N LEU B 472 -33.80 27.36 -15.84
CA LEU B 472 -33.59 28.74 -16.28
C LEU B 472 -32.32 28.88 -17.09
N GLN B 473 -31.25 28.18 -16.69
CA GLN B 473 -30.01 28.23 -17.46
C GLN B 473 -30.19 27.66 -18.86
N LYS B 474 -31.00 26.61 -19.00
CA LYS B 474 -31.18 26.03 -20.33
C LYS B 474 -32.22 26.80 -21.16
N ILE B 475 -33.12 27.53 -20.50
CA ILE B 475 -34.06 28.36 -21.26
C ILE B 475 -33.37 29.63 -21.75
N CYS B 476 -32.45 30.17 -20.94
CA CYS B 476 -31.70 31.35 -21.38
C CYS B 476 -30.65 30.99 -22.44
N ASN B 477 -30.12 29.76 -22.39
CA ASN B 477 -29.08 29.35 -23.32
C ASN B 477 -29.63 28.86 -24.65
N GLY B 478 -30.94 28.89 -24.86
CA GLY B 478 -31.53 28.51 -26.12
C GLY B 478 -31.81 27.03 -26.29
N GLU B 479 -31.53 26.21 -25.29
CA GLU B 479 -31.74 24.77 -25.37
C GLU B 479 -33.04 24.34 -24.72
N GLY B 480 -34.02 25.23 -24.62
CA GLY B 480 -35.26 24.94 -23.92
C GLY B 480 -36.36 24.46 -24.86
N THR B 481 -37.17 23.53 -24.38
CA THR B 481 -38.33 23.05 -25.09
C THR B 481 -39.54 23.90 -24.71
N MET B 482 -40.74 23.43 -25.03
CA MET B 482 -41.95 24.17 -24.71
C MET B 482 -42.66 23.63 -23.48
N ASP B 483 -42.31 22.44 -23.00
CA ASP B 483 -42.89 21.90 -21.79
C ASP B 483 -42.01 22.09 -20.56
N ASP B 484 -40.74 22.48 -20.75
CA ASP B 484 -39.91 22.80 -19.61
C ASP B 484 -40.41 24.06 -18.90
N LEU B 485 -41.09 24.94 -19.63
CA LEU B 485 -41.70 26.10 -19.00
C LEU B 485 -42.84 25.67 -18.06
N SER B 486 -43.67 24.73 -18.50
CA SER B 486 -44.70 24.20 -17.61
C SER B 486 -44.08 23.46 -16.43
N LYS B 487 -43.02 22.70 -16.68
CA LYS B 487 -42.30 22.05 -15.59
C LYS B 487 -41.80 23.09 -14.58
N LEU B 488 -41.24 24.20 -15.06
CA LEU B 488 -40.72 25.23 -14.17
C LEU B 488 -41.83 25.88 -13.38
N GLU B 489 -42.96 26.16 -14.02
CA GLU B 489 -44.09 26.77 -13.31
C GLU B 489 -44.61 25.85 -12.21
N GLU B 490 -44.82 24.57 -12.55
CA GLU B 490 -45.33 23.63 -11.54
C GLU B 490 -44.32 23.41 -10.44
N LEU B 491 -43.03 23.40 -10.76
CA LEU B 491 -42.01 23.26 -9.73
C LEU B 491 -42.00 24.47 -8.81
N ALA B 492 -42.16 25.67 -9.37
CA ALA B 492 -42.24 26.87 -8.55
C ALA B 492 -43.41 26.79 -7.59
N HIS B 493 -44.59 26.40 -8.11
CA HIS B 493 -45.76 26.30 -7.25
C HIS B 493 -45.59 25.24 -6.17
N MET B 494 -45.01 24.10 -6.52
CA MET B 494 -44.78 23.04 -5.54
C MET B 494 -43.83 23.50 -4.44
N VAL B 495 -42.69 24.09 -4.82
CA VAL B 495 -41.74 24.57 -3.82
C VAL B 495 -42.35 25.66 -2.96
N LYS B 496 -43.22 26.49 -3.54
CA LYS B 496 -43.85 27.55 -2.76
C LYS B 496 -44.84 26.98 -1.75
N GLU B 497 -45.62 25.98 -2.14
CA GLU B 497 -46.67 25.46 -1.27
C GLU B 497 -46.22 24.33 -0.35
N THR B 498 -45.01 23.80 -0.54
CA THR B 498 -44.58 22.64 0.24
C THR B 498 -43.40 22.93 1.16
N SER B 499 -42.61 23.96 0.91
CA SER B 499 -41.40 24.20 1.68
C SER B 499 -41.72 24.52 3.13
N LEU B 500 -40.73 24.27 3.99
CA LEU B 500 -40.90 24.44 5.43
C LEU B 500 -40.75 25.91 5.84
N CYS B 501 -39.57 26.47 5.62
CA CYS B 501 -39.30 27.86 5.96
C CYS B 501 -39.73 28.82 4.86
N GLY B 502 -39.94 30.09 5.21
CA GLY B 502 -40.34 31.08 4.24
C GLY B 502 -39.34 31.31 3.13
N LEU B 503 -38.09 30.87 3.32
CA LEU B 503 -37.12 30.94 2.23
C LEU B 503 -37.56 30.11 1.06
N GLY B 504 -37.98 28.87 1.31
CA GLY B 504 -38.45 28.03 0.22
C GLY B 504 -39.79 28.45 -0.32
N GLN B 505 -40.58 29.16 0.47
CA GLN B 505 -41.89 29.61 0.02
C GLN B 505 -41.84 30.93 -0.73
N THR B 506 -40.73 31.68 -0.63
CA THR B 506 -40.56 32.92 -1.35
C THR B 506 -39.38 32.89 -2.31
N ALA B 507 -38.66 31.77 -2.41
CA ALA B 507 -37.59 31.67 -3.40
C ALA B 507 -38.11 31.47 -4.81
N PRO B 508 -39.14 30.66 -5.07
CA PRO B 508 -39.69 30.64 -6.43
C PRO B 508 -40.71 31.75 -6.63
N ASN B 509 -40.40 32.94 -6.12
CA ASN B 509 -41.18 34.13 -6.38
C ASN B 509 -40.74 34.81 -7.68
N PRO B 510 -39.43 35.03 -7.90
CA PRO B 510 -39.01 35.67 -9.15
C PRO B 510 -39.15 34.80 -10.39
N VAL B 511 -39.70 33.61 -10.27
CA VAL B 511 -40.05 32.79 -11.43
C VAL B 511 -41.54 32.89 -11.72
N ILE B 512 -42.38 32.74 -10.69
CA ILE B 512 -43.81 32.95 -10.85
C ILE B 512 -44.09 34.36 -11.35
N THR B 513 -43.42 35.36 -10.77
CA THR B 513 -43.76 36.74 -11.13
C THR B 513 -43.20 37.13 -12.49
N THR B 514 -42.09 36.52 -12.90
CA THR B 514 -41.56 36.77 -14.24
C THR B 514 -42.30 35.99 -15.31
N ILE B 515 -42.98 34.90 -14.96
CA ILE B 515 -43.75 34.16 -15.94
C ILE B 515 -45.17 34.72 -16.06
N ARG B 516 -45.73 35.26 -14.98
CA ARG B 516 -47.10 35.76 -15.06
C ARG B 516 -47.20 37.13 -15.71
N TYR B 517 -46.10 37.87 -15.80
CA TYR B 517 -46.10 39.18 -16.44
C TYR B 517 -45.23 39.24 -17.69
N PHE B 518 -44.19 38.41 -17.80
CA PHE B 518 -43.32 38.36 -18.95
C PHE B 518 -43.39 37.00 -19.63
N ARG B 519 -44.61 36.47 -19.75
CA ARG B 519 -44.78 35.16 -20.38
C ARG B 519 -44.35 35.19 -21.84
N ASP B 520 -44.68 36.27 -22.55
CA ASP B 520 -44.23 36.39 -23.94
C ASP B 520 -42.72 36.44 -24.03
N GLU B 521 -42.07 37.07 -23.06
CA GLU B 521 -40.61 37.14 -23.07
C GLU B 521 -39.99 35.77 -22.83
N TYR B 522 -40.69 34.89 -22.12
CA TYR B 522 -40.21 33.52 -21.97
C TYR B 522 -40.46 32.71 -23.23
N VAL B 523 -41.69 32.75 -23.75
CA VAL B 523 -42.03 32.02 -24.96
C VAL B 523 -41.13 32.42 -26.12
N ALA B 524 -40.66 33.66 -26.12
CA ALA B 524 -39.71 34.10 -27.15
C ALA B 524 -38.37 33.40 -27.06
N HIS B 525 -38.03 32.80 -25.92
CA HIS B 525 -36.80 32.04 -25.83
C HIS B 525 -36.96 30.63 -26.35
N ILE B 526 -38.21 30.16 -26.45
CA ILE B 526 -38.47 28.82 -26.94
C ILE B 526 -38.76 28.82 -28.43
N LYS B 527 -39.47 29.83 -28.92
CA LYS B 527 -39.91 29.80 -30.32
C LYS B 527 -38.87 30.44 -31.24
N ASP B 528 -38.46 31.67 -30.96
CA ASP B 528 -37.59 32.41 -31.86
C ASP B 528 -36.12 32.43 -31.43
N LYS B 529 -35.76 31.77 -30.34
CA LYS B 529 -34.39 31.49 -29.95
C LYS B 529 -33.52 32.73 -29.76
N ARG B 530 -34.14 33.91 -29.79
CA ARG B 530 -33.37 35.17 -29.57
C ARG B 530 -33.82 35.81 -28.24
N CYS B 531 -32.97 36.65 -27.66
CA CYS B 531 -33.29 37.24 -26.34
C CYS B 531 -33.30 38.76 -26.41
N PRO B 532 -34.27 39.46 -25.79
CA PRO B 532 -34.26 40.93 -25.75
C PRO B 532 -33.16 41.52 -24.85
N ALA B 533 -32.41 40.66 -24.16
CA ALA B 533 -31.29 41.14 -23.31
C ALA B 533 -30.09 41.52 -24.17
N LYS B 534 -29.95 40.88 -25.34
CA LYS B 534 -28.88 41.29 -26.26
C LYS B 534 -27.51 41.13 -25.60
N ILE B 535 -27.34 40.07 -24.80
CA ILE B 535 -26.11 39.88 -24.05
C ILE B 535 -25.56 38.48 -24.27
N CYS B 536 -26.41 37.55 -24.69
CA CYS B 536 -26.03 36.14 -24.77
C CYS B 536 -26.41 35.59 -26.14
N PRO B 537 -25.71 34.57 -26.64
CA PRO B 537 -26.02 33.92 -27.92
C PRO B 537 -27.45 33.35 -27.97
N SER C 4 2.50 25.30 15.16
CA SER C 4 2.64 23.95 15.68
C SER C 4 1.30 23.39 16.15
N THR C 5 1.08 22.09 15.91
CA THR C 5 -0.15 21.45 16.32
C THR C 5 -0.27 21.36 17.84
N VAL C 6 0.85 21.54 18.56
CA VAL C 6 0.79 21.58 20.02
C VAL C 6 0.52 22.99 20.53
N ASP C 7 0.91 24.01 19.77
CA ASP C 7 0.61 25.39 20.16
C ASP C 7 -0.89 25.64 20.16
N VAL C 8 -1.58 25.19 19.10
CA VAL C 8 -3.00 25.47 18.97
C VAL C 8 -3.79 24.82 20.09
N VAL C 9 -3.32 23.69 20.62
CA VAL C 9 -4.03 23.02 21.71
C VAL C 9 -4.25 23.98 22.88
N GLU C 10 -3.15 24.45 23.48
CA GLU C 10 -3.27 25.35 24.61
C GLU C 10 -3.83 26.70 24.19
N LYS C 11 -3.53 27.14 22.96
CA LYS C 11 -4.00 28.45 22.52
C LYS C 11 -5.52 28.50 22.41
N VAL C 12 -6.15 27.39 22.02
CA VAL C 12 -7.60 27.33 21.99
C VAL C 12 -8.16 26.94 23.36
N LYS C 13 -7.35 26.25 24.18
CA LYS C 13 -7.74 26.07 25.57
C LYS C 13 -8.01 27.43 26.23
N GLU C 14 -7.13 28.39 25.99
CA GLU C 14 -7.31 29.73 26.55
C GLU C 14 -8.45 30.51 25.92
N ILE C 15 -8.96 30.08 24.76
CA ILE C 15 -10.12 30.73 24.18
C ILE C 15 -11.43 30.09 24.65
N VAL C 16 -11.41 28.79 24.93
CA VAL C 16 -12.60 28.12 25.44
C VAL C 16 -12.73 28.27 26.95
N ALA C 17 -11.66 28.66 27.64
CA ALA C 17 -11.75 28.92 29.08
C ALA C 17 -12.87 29.87 29.47
N PRO C 18 -13.06 31.06 28.85
CA PRO C 18 -14.12 31.95 29.32
C PRO C 18 -15.53 31.48 28.98
N TRP C 19 -15.66 30.28 28.41
CA TRP C 19 -16.95 29.79 27.94
C TRP C 19 -17.40 28.48 28.57
N LYS C 20 -16.56 27.83 29.37
CA LYS C 20 -16.94 26.55 29.96
C LYS C 20 -18.16 26.70 30.86
N GLY C 21 -19.12 25.80 30.69
CA GLY C 21 -20.30 25.77 31.52
C GLY C 21 -21.16 27.02 31.48
N LYS C 22 -21.36 27.57 30.28
CA LYS C 22 -22.19 28.76 30.11
C LYS C 22 -23.36 28.57 29.16
N GLN C 23 -23.64 27.36 28.70
CA GLN C 23 -24.86 27.04 27.97
C GLN C 23 -25.02 27.93 26.74
N GLY C 24 -24.10 27.75 25.81
CA GLY C 24 -24.16 28.42 24.53
C GLY C 24 -22.78 28.85 24.08
N GLY C 25 -22.77 29.85 23.20
CA GLY C 25 -21.55 30.46 22.75
C GLY C 25 -20.51 29.51 22.18
N LEU C 26 -20.87 28.79 21.14
CA LEU C 26 -19.92 27.96 20.40
C LEU C 26 -19.49 28.60 19.09
N ILE C 27 -20.40 29.25 18.38
CA ILE C 27 -20.04 29.96 17.16
C ILE C 27 -19.16 31.17 17.45
N PRO C 28 -19.24 31.82 18.64
CA PRO C 28 -18.22 32.83 18.93
C PRO C 28 -16.86 32.22 19.23
N ILE C 29 -16.82 31.04 19.86
CA ILE C 29 -15.56 30.33 20.03
C ILE C 29 -14.93 30.06 18.68
N LEU C 30 -15.70 29.49 17.76
CA LEU C 30 -15.19 29.21 16.42
C LEU C 30 -14.80 30.49 15.70
N GLN C 31 -15.55 31.57 15.90
CA GLN C 31 -15.21 32.84 15.29
C GLN C 31 -13.85 33.34 15.78
N GLU C 32 -13.58 33.21 17.09
CA GLU C 32 -12.31 33.68 17.62
C GLU C 32 -11.15 32.76 17.29
N VAL C 33 -11.40 31.47 17.09
CA VAL C 33 -10.35 30.59 16.59
C VAL C 33 -10.09 30.84 15.11
N GLN C 34 -11.09 31.29 14.37
CA GLN C 34 -10.87 31.70 12.99
C GLN C 34 -10.11 33.01 12.91
N ARG C 35 -10.37 33.93 13.85
CA ARG C 35 -9.69 35.22 13.84
C ARG C 35 -8.20 35.06 14.14
N GLU C 36 -7.84 34.15 15.03
CA GLU C 36 -6.45 33.98 15.45
C GLU C 36 -5.72 32.88 14.70
N LEU C 37 -6.37 32.21 13.75
CA LEU C 37 -5.69 31.22 12.94
C LEU C 37 -6.00 31.31 11.45
N GLY C 38 -7.01 32.10 11.04
CA GLY C 38 -7.40 32.17 9.65
C GLY C 38 -8.17 30.97 9.14
N TYR C 39 -8.18 29.87 9.88
CA TYR C 39 -8.91 28.67 9.49
C TYR C 39 -9.09 27.81 10.74
N LEU C 40 -9.99 26.83 10.63
CA LEU C 40 -10.26 25.92 11.73
C LEU C 40 -9.61 24.57 11.44
N PRO C 41 -8.48 24.26 12.04
CA PRO C 41 -7.86 22.94 11.81
C PRO C 41 -8.60 21.85 12.57
N GLU C 42 -8.26 20.61 12.24
CA GLU C 42 -8.87 19.47 12.90
C GLU C 42 -8.49 19.39 14.37
N GLU C 43 -7.26 19.77 14.71
CA GLU C 43 -6.84 19.77 16.11
C GLU C 43 -7.67 20.76 16.92
N ALA C 44 -7.89 21.95 16.39
CA ALA C 44 -8.71 22.94 17.08
C ALA C 44 -10.11 22.41 17.36
N LEU C 45 -10.73 21.78 16.36
CA LEU C 45 -12.08 21.27 16.55
C LEU C 45 -12.11 20.12 17.56
N LEU C 46 -11.12 19.23 17.50
CA LEU C 46 -11.06 18.13 18.45
C LEU C 46 -10.91 18.66 19.88
N THR C 47 -10.06 19.66 20.08
CA THR C 47 -9.89 20.19 21.43
C THR C 47 -11.11 20.97 21.90
N ILE C 48 -11.78 21.70 21.01
CA ILE C 48 -13.02 22.37 21.39
C ILE C 48 -14.06 21.35 21.82
N SER C 49 -14.15 20.24 21.09
CA SER C 49 -15.11 19.20 21.45
C SER C 49 -14.75 18.55 22.78
N ARG C 50 -13.46 18.35 23.04
CA ARG C 50 -13.06 17.73 24.30
C ARG C 50 -13.23 18.67 25.49
N GLU C 51 -13.08 19.99 25.28
CA GLU C 51 -13.23 20.93 26.39
C GLU C 51 -14.69 21.22 26.70
N LEU C 52 -15.50 21.55 25.69
CA LEU C 52 -16.91 21.81 25.95
C LEU C 52 -17.71 20.53 26.15
N LYS C 53 -17.09 19.37 25.97
CA LYS C 53 -17.78 18.08 26.00
C LYS C 53 -19.02 18.10 25.12
N MET C 54 -18.85 18.67 23.93
CA MET C 54 -19.81 18.69 22.85
C MET C 54 -19.35 17.73 21.77
N PRO C 55 -20.23 16.93 21.18
CA PRO C 55 -19.78 15.89 20.24
C PRO C 55 -19.08 16.49 19.03
N LYS C 56 -18.15 15.69 18.48
CA LYS C 56 -17.38 16.14 17.32
C LYS C 56 -18.28 16.36 16.10
N ALA C 57 -19.33 15.54 15.97
CA ALA C 57 -20.26 15.71 14.87
C ALA C 57 -20.93 17.07 14.92
N GLU C 58 -21.31 17.53 16.12
CA GLU C 58 -21.95 18.83 16.25
C GLU C 58 -21.01 19.97 15.86
N VAL C 59 -19.77 19.95 16.36
CA VAL C 59 -18.87 21.06 16.09
C VAL C 59 -18.46 21.07 14.63
N TYR C 60 -18.31 19.89 14.01
CA TYR C 60 -18.00 19.88 12.58
C TYR C 60 -19.22 20.29 11.75
N GLY C 61 -20.43 19.98 12.20
CA GLY C 61 -21.61 20.40 11.48
C GLY C 61 -21.81 21.90 11.52
N VAL C 62 -21.55 22.52 12.68
CA VAL C 62 -21.71 23.96 12.76
C VAL C 62 -20.52 24.70 12.16
N ALA C 63 -19.34 24.07 12.14
CA ALA C 63 -18.18 24.69 11.50
C ALA C 63 -18.32 24.70 9.98
N THR C 64 -18.96 23.71 9.40
CA THR C 64 -19.14 23.63 7.95
C THR C 64 -20.49 24.15 7.49
N PHE C 65 -21.32 24.63 8.41
CA PHE C 65 -22.60 25.21 8.05
C PHE C 65 -22.45 26.62 7.50
N TYR C 66 -21.52 27.40 8.03
CA TYR C 66 -21.37 28.80 7.69
C TYR C 66 -20.22 28.99 6.70
N ALA C 67 -20.42 29.91 5.75
CA ALA C 67 -19.41 30.14 4.73
C ALA C 67 -18.22 30.94 5.24
N GLN C 68 -18.36 31.63 6.38
CA GLN C 68 -17.26 32.41 6.91
C GLN C 68 -16.11 31.53 7.37
N PHE C 69 -16.43 30.36 7.93
CA PHE C 69 -15.40 29.47 8.43
C PHE C 69 -14.72 28.73 7.28
N HIS C 70 -13.57 28.14 7.58
CA HIS C 70 -12.81 27.35 6.62
C HIS C 70 -12.11 26.22 7.35
N LEU C 71 -12.21 25.01 6.79
CA LEU C 71 -11.60 23.83 7.39
C LEU C 71 -10.18 23.58 6.89
N LYS C 72 -9.75 24.27 5.83
CA LYS C 72 -8.42 24.16 5.28
C LYS C 72 -7.71 25.50 5.40
N PRO C 73 -6.37 25.50 5.44
CA PRO C 73 -5.64 26.78 5.45
C PRO C 73 -5.97 27.61 4.22
N ARG C 74 -6.27 28.89 4.42
CA ARG C 74 -6.68 29.75 3.32
C ARG C 74 -5.48 30.44 2.69
N GLY C 75 -5.62 30.80 1.42
CA GLY C 75 -4.56 31.47 0.69
C GLY C 75 -4.34 32.91 1.13
N VAL D 4 -11.99 -1.16 -53.76
CA VAL D 4 -12.00 0.25 -53.43
C VAL D 4 -13.12 0.57 -52.45
N PHE D 5 -14.10 -0.32 -52.35
CA PHE D 5 -15.29 -0.03 -51.58
C PHE D 5 -15.58 -1.17 -50.60
N LYS D 6 -16.73 -1.06 -49.96
CA LYS D 6 -17.02 -1.79 -48.73
C LYS D 6 -18.44 -2.35 -48.76
N LEU D 7 -18.64 -3.45 -48.05
CA LEU D 7 -19.95 -4.01 -47.80
C LEU D 7 -20.14 -4.17 -46.30
N GLU D 8 -21.26 -3.69 -45.78
CA GLU D 8 -21.53 -3.77 -44.36
C GLU D 8 -22.88 -4.42 -44.09
N ILE D 9 -22.86 -5.53 -43.36
CA ILE D 9 -24.08 -6.24 -43.05
C ILE D 9 -24.74 -5.73 -41.77
N ASN D 10 -24.08 -4.80 -41.10
CA ASN D 10 -24.63 -4.26 -39.84
C ASN D 10 -26.05 -3.73 -39.99
N PRO D 11 -26.90 -4.03 -39.01
CA PRO D 11 -26.52 -4.80 -37.83
C PRO D 11 -26.78 -6.28 -38.05
N VAL D 12 -25.89 -7.15 -37.60
CA VAL D 12 -26.12 -8.57 -37.77
C VAL D 12 -27.37 -8.88 -36.99
N THR D 13 -28.29 -9.62 -37.60
CA THR D 13 -29.53 -9.93 -36.93
C THR D 13 -29.56 -11.33 -36.36
N ARG D 14 -30.60 -11.61 -35.59
CA ARG D 14 -30.79 -12.91 -34.96
C ARG D 14 -29.54 -13.38 -34.22
N ILE D 15 -28.76 -12.42 -33.71
CA ILE D 15 -27.74 -12.69 -32.71
C ILE D 15 -28.00 -11.74 -31.55
N GLU D 16 -27.40 -12.05 -30.41
CA GLU D 16 -27.54 -11.22 -29.22
C GLU D 16 -26.42 -10.17 -29.24
N GLY D 17 -26.79 -8.92 -29.06
CA GLY D 17 -25.83 -7.84 -29.00
C GLY D 17 -25.82 -7.02 -30.30
N HIS D 18 -24.80 -6.19 -30.41
CA HIS D 18 -24.62 -5.29 -31.55
C HIS D 18 -23.35 -5.68 -32.28
N GLY D 19 -23.50 -6.28 -33.46
CA GLY D 19 -22.39 -6.68 -34.29
C GLY D 19 -22.47 -6.05 -35.67
N LYS D 20 -21.33 -6.05 -36.36
CA LYS D 20 -21.25 -5.41 -37.67
C LYS D 20 -20.14 -6.09 -38.47
N ILE D 21 -20.52 -6.77 -39.54
CA ILE D 21 -19.57 -7.41 -40.45
C ILE D 21 -19.24 -6.43 -41.56
N THR D 22 -17.95 -6.23 -41.82
CA THR D 22 -17.50 -5.34 -42.89
C THR D 22 -16.53 -6.09 -43.79
N VAL D 23 -16.90 -6.25 -45.05
CA VAL D 23 -16.04 -6.82 -46.08
C VAL D 23 -15.47 -5.68 -46.91
N MET D 24 -14.16 -5.73 -47.17
CA MET D 24 -13.49 -4.71 -47.97
C MET D 24 -13.13 -5.31 -49.32
N LEU D 25 -13.83 -4.90 -50.37
CA LEU D 25 -13.55 -5.42 -51.70
C LEU D 25 -12.48 -4.59 -52.39
N ASP D 26 -11.72 -5.23 -53.26
CA ASP D 26 -10.64 -4.57 -53.98
C ASP D 26 -11.17 -4.01 -55.29
N GLU D 27 -10.27 -3.53 -56.16
CA GLU D 27 -10.69 -2.91 -57.41
C GLU D 27 -11.38 -3.91 -58.33
N SER D 28 -10.84 -5.12 -58.43
CA SER D 28 -11.38 -6.15 -59.30
C SER D 28 -12.66 -6.78 -58.76
N GLY D 29 -13.12 -6.39 -57.59
CA GLY D 29 -14.33 -6.93 -57.02
C GLY D 29 -14.15 -8.19 -56.19
N HIS D 30 -12.98 -8.38 -55.59
CA HIS D 30 -12.69 -9.58 -54.80
C HIS D 30 -12.43 -9.21 -53.34
N VAL D 31 -12.72 -10.15 -52.46
CA VAL D 31 -12.56 -9.94 -51.03
C VAL D 31 -11.08 -10.00 -50.67
N ARG D 32 -10.64 -9.06 -49.83
CA ARG D 32 -9.25 -9.05 -49.39
C ARG D 32 -9.16 -8.99 -47.86
N GLU D 33 -10.20 -8.48 -47.23
CA GLU D 33 -10.23 -8.36 -45.77
C GLU D 33 -11.68 -8.35 -45.31
N THR D 34 -11.92 -8.91 -44.12
CA THR D 34 -13.26 -8.89 -43.55
C THR D 34 -13.14 -8.90 -42.04
N ARG D 35 -13.92 -8.03 -41.38
CA ARG D 35 -13.89 -7.90 -39.95
C ARG D 35 -15.29 -8.05 -39.36
N PHE D 36 -15.32 -8.41 -38.08
CA PHE D 36 -16.56 -8.53 -37.30
C PHE D 36 -16.40 -7.67 -36.06
N HIS D 37 -16.98 -6.47 -36.09
CA HIS D 37 -16.86 -5.53 -34.98
C HIS D 37 -18.02 -5.70 -34.02
N VAL D 38 -17.71 -5.64 -32.72
CA VAL D 38 -18.72 -5.50 -31.68
C VAL D 38 -18.76 -4.04 -31.29
N THR D 39 -19.97 -3.47 -31.24
CA THR D 39 -20.14 -2.03 -31.23
C THR D 39 -20.81 -1.52 -29.96
N GLN D 40 -20.74 -2.28 -28.87
CA GLN D 40 -21.28 -1.84 -27.59
C GLN D 40 -20.23 -2.02 -26.50
N TYR D 41 -20.34 -1.20 -25.46
CA TYR D 41 -19.48 -1.31 -24.30
C TYR D 41 -20.13 -0.54 -23.16
N ARG D 42 -20.06 -1.10 -21.95
CA ARG D 42 -20.68 -0.49 -20.79
C ARG D 42 -19.72 -0.24 -19.64
N GLY D 43 -18.77 -1.13 -19.41
CA GLY D 43 -17.73 -0.88 -18.43
C GLY D 43 -17.96 -1.53 -17.08
N PHE D 44 -18.40 -2.78 -17.08
CA PHE D 44 -18.63 -3.48 -15.82
C PHE D 44 -17.34 -3.70 -15.05
N GLU D 45 -16.21 -3.81 -15.75
CA GLU D 45 -14.93 -3.92 -15.07
C GLU D 45 -14.52 -2.62 -14.39
N VAL D 46 -15.15 -1.50 -14.74
CA VAL D 46 -14.71 -0.18 -14.30
C VAL D 46 -15.65 0.40 -13.25
N PHE D 47 -16.96 0.41 -13.53
CA PHE D 47 -17.90 1.07 -12.62
C PHE D 47 -18.31 0.20 -11.44
N THR D 48 -17.66 -0.94 -11.23
CA THR D 48 -17.93 -1.78 -10.07
C THR D 48 -16.97 -1.51 -8.93
N HIS D 49 -15.95 -0.67 -9.14
CA HIS D 49 -15.02 -0.34 -8.08
C HIS D 49 -15.72 0.41 -6.96
N GLY D 50 -15.26 0.20 -5.74
CA GLY D 50 -15.85 0.85 -4.58
C GLY D 50 -17.09 0.17 -4.03
N ARG D 51 -17.63 -0.82 -4.73
CA ARG D 51 -18.79 -1.56 -4.24
C ARG D 51 -18.33 -2.71 -3.35
N ASP D 52 -19.21 -3.12 -2.45
CA ASP D 52 -18.95 -4.28 -1.62
C ASP D 52 -19.08 -5.55 -2.46
N PHE D 53 -18.28 -6.57 -2.14
CA PHE D 53 -18.27 -7.75 -2.97
C PHE D 53 -19.60 -8.50 -2.95
N ARG D 54 -20.31 -8.47 -1.83
CA ARG D 54 -21.64 -9.08 -1.77
C ARG D 54 -22.64 -8.44 -2.72
N GLU D 55 -22.30 -7.28 -3.29
CA GLU D 55 -23.14 -6.62 -4.27
C GLU D 55 -22.91 -7.11 -5.69
N MET D 56 -21.85 -7.88 -5.91
CA MET D 56 -21.45 -8.27 -7.26
C MET D 56 -22.33 -9.36 -7.86
N PRO D 57 -22.76 -10.38 -7.10
CA PRO D 57 -23.70 -11.37 -7.66
C PRO D 57 -25.02 -10.78 -8.15
N VAL D 58 -25.30 -9.50 -7.87
CA VAL D 58 -26.50 -8.86 -8.39
C VAL D 58 -26.19 -7.90 -9.54
N ILE D 59 -25.04 -7.23 -9.52
CA ILE D 59 -24.68 -6.32 -10.60
C ILE D 59 -24.29 -7.09 -11.85
N THR D 60 -23.47 -8.13 -11.69
CA THR D 60 -22.88 -8.84 -12.83
C THR D 60 -23.88 -9.61 -13.68
N PRO D 61 -24.99 -10.13 -13.15
CA PRO D 61 -26.00 -10.71 -14.03
C PRO D 61 -26.53 -9.75 -15.07
N ARG D 62 -26.42 -8.45 -14.84
CA ARG D 62 -26.88 -7.44 -15.79
C ARG D 62 -25.95 -7.28 -16.97
N ILE D 63 -24.99 -8.19 -17.11
CA ILE D 63 -24.14 -8.22 -18.29
C ILE D 63 -24.90 -8.79 -19.47
N CYS D 64 -25.76 -9.77 -19.23
CA CYS D 64 -26.52 -10.40 -20.29
C CYS D 64 -27.79 -11.01 -19.70
N GLY D 65 -28.85 -11.05 -20.51
CA GLY D 65 -30.11 -11.62 -20.09
C GLY D 65 -30.35 -12.99 -20.66
N ILE D 66 -29.41 -13.49 -21.46
CA ILE D 66 -29.51 -14.87 -21.91
C ILE D 66 -28.81 -15.81 -20.94
N CYS D 67 -27.71 -15.37 -20.34
CA CYS D 67 -26.98 -16.14 -19.35
C CYS D 67 -26.71 -15.30 -18.11
N PRO D 68 -27.76 -14.98 -17.35
CA PRO D 68 -27.53 -14.27 -16.08
C PRO D 68 -27.16 -15.22 -14.96
N VAL D 69 -27.59 -16.47 -15.06
CA VAL D 69 -27.26 -17.47 -14.05
C VAL D 69 -25.78 -17.79 -14.06
N SER D 70 -25.15 -17.75 -15.24
CA SER D 70 -23.72 -18.01 -15.31
C SER D 70 -22.92 -16.95 -14.57
N HIS D 71 -23.24 -15.68 -14.80
CA HIS D 71 -22.54 -14.61 -14.09
C HIS D 71 -22.87 -14.62 -12.61
N HIS D 72 -24.13 -14.90 -12.27
CA HIS D 72 -24.51 -15.09 -10.88
C HIS D 72 -23.64 -16.12 -10.19
N LEU D 73 -23.46 -17.29 -10.83
CA LEU D 73 -22.73 -18.37 -10.19
C LEU D 73 -21.24 -18.10 -10.14
N ALA D 74 -20.68 -17.46 -11.18
CA ALA D 74 -19.27 -17.11 -11.16
C ALA D 74 -18.97 -16.08 -10.08
N SER D 75 -19.83 -15.06 -9.95
CA SER D 75 -19.67 -14.10 -8.87
C SER D 75 -19.82 -14.76 -7.51
N ALA D 76 -20.74 -15.71 -7.39
CA ALA D 76 -20.90 -16.43 -6.13
C ALA D 76 -19.63 -17.20 -5.78
N LYS D 77 -19.02 -17.87 -6.77
CA LYS D 77 -17.78 -18.60 -6.50
C LYS D 77 -16.65 -17.64 -6.12
N ALA D 78 -16.58 -16.50 -6.79
CA ALA D 78 -15.51 -15.55 -6.48
C ALA D 78 -15.67 -14.99 -5.07
N CYS D 79 -16.90 -14.66 -4.66
CA CYS D 79 -17.12 -14.22 -3.29
C CYS D 79 -16.89 -15.34 -2.30
N ASP D 80 -17.18 -16.59 -2.69
CA ASP D 80 -16.91 -17.73 -1.83
C ASP D 80 -15.43 -17.84 -1.55
N GLU D 81 -14.59 -17.69 -2.57
CA GLU D 81 -13.14 -17.71 -2.37
C GLU D 81 -12.63 -16.46 -1.69
N ILE D 82 -13.38 -15.34 -1.76
CA ILE D 82 -13.03 -14.18 -0.95
C ILE D 82 -13.27 -14.48 0.52
N LEU D 83 -14.32 -15.25 0.82
CA LEU D 83 -14.67 -15.57 2.23
C LEU D 83 -13.89 -16.81 2.70
N GLY D 84 -13.21 -17.49 1.77
CA GLY D 84 -12.47 -18.72 2.12
C GLY D 84 -13.40 -19.80 2.66
N VAL D 85 -14.56 -19.98 2.03
CA VAL D 85 -15.55 -21.01 2.49
C VAL D 85 -15.66 -22.11 1.43
N THR D 86 -15.86 -23.35 1.88
CA THR D 86 -16.04 -24.48 0.93
C THR D 86 -17.46 -25.03 1.10
N ILE D 87 -18.30 -24.86 0.09
CA ILE D 87 -19.77 -24.74 0.30
C ILE D 87 -20.35 -26.12 0.60
N THR D 88 -21.51 -26.17 1.26
CA THR D 88 -22.17 -27.45 1.60
C THR D 88 -22.46 -28.24 0.31
N PRO D 89 -22.40 -29.59 0.32
CA PRO D 89 -22.75 -30.39 -0.86
C PRO D 89 -24.11 -30.00 -1.45
N ALA D 90 -25.08 -29.67 -0.59
CA ALA D 90 -26.43 -29.28 -1.05
C ALA D 90 -26.36 -28.03 -1.93
N ALA D 91 -25.68 -26.97 -1.46
CA ALA D 91 -25.55 -25.73 -2.23
C ALA D 91 -24.87 -25.99 -3.56
N HIS D 92 -23.86 -26.85 -3.58
CA HIS D 92 -23.23 -27.27 -4.82
C HIS D 92 -24.25 -27.84 -5.79
N LYS D 93 -25.11 -28.74 -5.31
CA LYS D 93 -26.08 -29.39 -6.18
C LYS D 93 -27.14 -28.42 -6.65
N LEU D 94 -27.56 -27.47 -5.81
CA LEU D 94 -28.58 -26.52 -6.24
C LEU D 94 -28.01 -25.53 -7.25
N ARG D 95 -26.76 -25.09 -7.04
CA ARG D 95 -26.10 -24.25 -8.04
C ARG D 95 -25.96 -24.99 -9.35
N GLU D 96 -25.61 -26.29 -9.31
CA GLU D 96 -25.49 -27.06 -10.53
C GLU D 96 -26.84 -27.25 -11.22
N LEU D 97 -27.91 -27.41 -10.44
CA LEU D 97 -29.24 -27.50 -11.04
C LEU D 97 -29.63 -26.21 -11.75
N MET D 98 -29.36 -25.06 -11.13
CA MET D 98 -29.67 -23.79 -11.78
C MET D 98 -28.81 -23.59 -13.02
N HIS D 99 -27.55 -24.01 -12.97
CA HIS D 99 -26.69 -23.92 -14.14
C HIS D 99 -27.20 -24.81 -15.26
N MET D 100 -27.72 -25.98 -14.93
CA MET D 100 -28.27 -26.87 -15.95
C MET D 100 -29.52 -26.25 -16.58
N GLY D 101 -30.38 -25.65 -15.76
CA GLY D 101 -31.52 -24.93 -16.31
C GLY D 101 -31.10 -23.83 -17.26
N GLN D 102 -30.07 -23.07 -16.90
CA GLN D 102 -29.58 -22.01 -17.79
C GLN D 102 -29.02 -22.57 -19.09
N ILE D 103 -28.25 -23.65 -19.01
CA ILE D 103 -27.73 -24.29 -20.21
C ILE D 103 -28.86 -24.71 -21.13
N VAL D 104 -29.87 -25.38 -20.56
CA VAL D 104 -31.00 -25.85 -21.36
C VAL D 104 -31.69 -24.69 -22.05
N GLN D 105 -32.01 -23.63 -21.30
CA GLN D 105 -32.75 -22.54 -21.89
C GLN D 105 -31.93 -21.79 -22.94
N SER D 106 -30.63 -21.62 -22.70
CA SER D 106 -29.80 -20.88 -23.64
C SER D 106 -29.63 -21.65 -24.95
N HIS D 107 -29.41 -22.97 -24.86
CA HIS D 107 -29.25 -23.75 -26.08
C HIS D 107 -30.57 -23.88 -26.84
N ALA D 108 -31.68 -23.99 -26.11
CA ALA D 108 -32.98 -24.02 -26.77
C ALA D 108 -33.24 -22.70 -27.50
N LEU D 109 -32.90 -21.57 -26.88
CA LEU D 109 -33.10 -20.29 -27.54
C LEU D 109 -32.19 -20.15 -28.76
N SER D 110 -30.92 -20.53 -28.62
CA SER D 110 -29.96 -20.33 -29.69
C SER D 110 -30.16 -21.30 -30.85
N PHE D 111 -30.87 -22.41 -30.64
CA PHE D 111 -31.14 -23.29 -31.76
C PHE D 111 -32.51 -23.03 -32.38
N PHE D 112 -33.51 -22.76 -31.54
CA PHE D 112 -34.88 -22.72 -32.03
C PHE D 112 -35.29 -21.32 -32.48
N HIS D 113 -34.94 -20.29 -31.73
CA HIS D 113 -35.40 -18.94 -32.00
C HIS D 113 -34.43 -18.11 -32.84
N LEU D 114 -33.20 -18.55 -33.02
CA LEU D 114 -32.17 -17.71 -33.64
C LEU D 114 -31.48 -18.35 -34.82
N SER D 115 -31.49 -19.66 -34.98
CA SER D 115 -30.75 -20.31 -36.05
C SER D 115 -31.54 -21.36 -36.82
N SER D 116 -32.72 -21.75 -36.34
CA SER D 116 -33.51 -22.79 -36.98
C SER D 116 -34.02 -22.40 -38.37
N PRO D 117 -34.36 -21.13 -38.64
CA PRO D 117 -34.74 -20.78 -40.02
C PRO D 117 -33.69 -21.11 -41.06
N ASP D 118 -32.42 -20.84 -40.77
CA ASP D 118 -31.35 -21.18 -41.70
C ASP D 118 -31.06 -22.67 -41.75
N ILE D 119 -31.58 -23.45 -40.81
CA ILE D 119 -31.39 -24.89 -40.81
C ILE D 119 -32.50 -25.59 -41.56
N LEU D 120 -33.72 -25.04 -41.52
CA LEU D 120 -34.86 -25.66 -42.17
C LEU D 120 -35.13 -25.10 -43.55
N TRP D 121 -35.06 -23.78 -43.71
CA TRP D 121 -35.38 -23.14 -44.98
C TRP D 121 -34.17 -22.86 -45.83
N GLY D 122 -32.96 -22.97 -45.29
CA GLY D 122 -31.75 -22.71 -46.04
C GLY D 122 -31.33 -21.26 -45.98
N PHE D 123 -30.14 -21.01 -46.51
CA PHE D 123 -29.57 -19.67 -46.54
C PHE D 123 -30.17 -18.80 -47.66
N ASP D 124 -31.10 -19.34 -48.46
CA ASP D 124 -31.65 -18.61 -49.59
C ASP D 124 -33.17 -18.40 -49.46
N ALA D 125 -33.70 -18.54 -48.25
CA ALA D 125 -35.11 -18.32 -48.03
C ALA D 125 -35.44 -16.83 -48.09
N PRO D 126 -36.70 -16.47 -48.32
CA PRO D 126 -37.08 -15.06 -48.25
C PRO D 126 -36.83 -14.47 -46.87
N VAL D 127 -36.69 -13.15 -46.82
CA VAL D 127 -36.30 -12.50 -45.58
C VAL D 127 -37.47 -12.43 -44.60
N LYS D 128 -38.68 -12.17 -45.11
CA LYS D 128 -39.82 -11.96 -44.22
C LYS D 128 -40.27 -13.23 -43.53
N ILE D 129 -39.94 -14.39 -44.08
CA ILE D 129 -40.34 -15.66 -43.48
C ILE D 129 -39.22 -16.32 -42.68
N ARG D 130 -38.01 -15.76 -42.71
CA ARG D 130 -36.86 -16.36 -42.03
C ARG D 130 -36.76 -15.82 -40.61
N ASN D 131 -37.69 -16.28 -39.77
CA ASN D 131 -37.74 -15.88 -38.36
C ASN D 131 -38.66 -16.85 -37.64
N VAL D 132 -38.72 -16.71 -36.30
CA VAL D 132 -39.55 -17.58 -35.49
C VAL D 132 -41.03 -17.40 -35.80
N ALA D 133 -41.42 -16.23 -36.30
CA ALA D 133 -42.81 -16.01 -36.67
C ALA D 133 -43.18 -16.88 -37.86
N GLY D 134 -42.38 -16.83 -38.93
CA GLY D 134 -42.61 -17.71 -40.05
C GLY D 134 -42.48 -19.17 -39.66
N LEU D 135 -41.67 -19.47 -38.65
CA LEU D 135 -41.50 -20.84 -38.23
C LEU D 135 -42.76 -21.37 -37.55
N VAL D 136 -43.33 -20.60 -36.62
CA VAL D 136 -44.57 -21.03 -35.99
C VAL D 136 -45.72 -20.99 -37.00
N ASP D 137 -45.58 -20.16 -38.04
CA ASP D 137 -46.59 -20.15 -39.10
C ASP D 137 -46.56 -21.45 -39.91
N ARG D 138 -45.36 -21.92 -40.25
CA ARG D 138 -45.23 -23.07 -41.14
C ARG D 138 -44.85 -24.36 -40.42
N TYR D 139 -43.98 -24.29 -39.41
CA TYR D 139 -43.63 -25.46 -38.61
C TYR D 139 -44.07 -25.22 -37.17
N PRO D 140 -45.37 -25.33 -36.88
CA PRO D 140 -45.84 -24.92 -35.54
C PRO D 140 -45.42 -25.89 -34.44
N GLU D 141 -45.43 -27.20 -34.71
CA GLU D 141 -45.04 -28.16 -33.70
C GLU D 141 -43.61 -27.94 -33.22
N LEU D 142 -42.68 -27.69 -34.14
CA LEU D 142 -41.28 -27.51 -33.73
C LEU D 142 -41.12 -26.22 -32.93
N ALA D 143 -41.82 -25.16 -33.33
CA ALA D 143 -41.72 -23.90 -32.60
C ALA D 143 -42.25 -24.05 -31.19
N LYS D 144 -43.41 -24.70 -31.02
CA LYS D 144 -43.93 -24.87 -29.67
C LYS D 144 -43.07 -25.85 -28.87
N LYS D 145 -42.41 -26.80 -29.52
CA LYS D 145 -41.49 -27.68 -28.82
C LYS D 145 -40.31 -26.90 -28.24
N GLY D 146 -39.67 -26.07 -29.07
CA GLY D 146 -38.58 -25.26 -28.57
C GLY D 146 -39.01 -24.30 -27.49
N ILE D 147 -40.18 -23.69 -27.67
CA ILE D 147 -40.75 -22.80 -26.66
C ILE D 147 -40.94 -23.55 -25.34
N MET D 148 -41.42 -24.78 -25.40
CA MET D 148 -41.66 -25.55 -24.18
C MET D 148 -40.35 -25.93 -23.50
N LEU D 149 -39.32 -26.24 -24.28
CA LEU D 149 -38.02 -26.57 -23.69
C LEU D 149 -37.45 -25.36 -22.96
N ARG D 150 -37.49 -24.19 -23.60
CA ARG D 150 -37.04 -22.98 -22.94
C ARG D 150 -37.88 -22.67 -21.70
N LYS D 151 -39.17 -22.97 -21.76
CA LYS D 151 -40.03 -22.78 -20.60
C LYS D 151 -39.60 -23.68 -19.45
N PHE D 152 -39.27 -24.93 -19.74
CA PHE D 152 -38.78 -25.84 -18.71
C PHE D 152 -37.53 -25.27 -18.03
N GLY D 153 -36.54 -24.88 -18.84
CA GLY D 153 -35.33 -24.32 -18.27
C GLY D 153 -35.58 -23.10 -17.42
N GLN D 154 -36.34 -22.13 -17.95
CA GLN D 154 -36.54 -20.89 -17.23
C GLN D 154 -37.45 -21.03 -16.03
N GLU D 155 -38.35 -22.02 -16.04
CA GLU D 155 -39.15 -22.27 -14.84
C GLU D 155 -38.32 -22.97 -13.76
N ILE D 156 -37.33 -23.77 -14.13
CA ILE D 156 -36.36 -24.23 -13.13
C ILE D 156 -35.64 -23.04 -12.52
N ILE D 157 -35.15 -22.14 -13.38
CA ILE D 157 -34.46 -20.95 -12.89
C ILE D 157 -35.38 -20.12 -11.99
N LYS D 158 -36.67 -20.07 -12.30
CA LYS D 158 -37.60 -19.27 -11.52
C LYS D 158 -37.93 -19.91 -10.18
N THR D 159 -38.15 -21.22 -10.15
CA THR D 159 -38.46 -21.89 -8.89
C THR D 159 -37.25 -21.88 -7.96
N LEU D 160 -36.04 -21.83 -8.52
CA LEU D 160 -34.88 -21.74 -7.63
C LEU D 160 -34.54 -20.31 -7.23
N GLY D 161 -34.64 -19.34 -8.14
CA GLY D 161 -34.15 -18.01 -7.86
C GLY D 161 -35.16 -16.88 -7.94
N GLY D 162 -36.44 -17.20 -7.87
CA GLY D 162 -37.48 -16.19 -7.82
C GLY D 162 -37.90 -15.60 -9.15
N LYS D 163 -36.97 -15.36 -10.07
CA LYS D 163 -37.30 -14.74 -11.34
C LYS D 163 -36.72 -15.58 -12.47
N LYS D 164 -37.14 -15.26 -13.69
CA LYS D 164 -36.60 -15.94 -14.86
C LYS D 164 -35.31 -15.28 -15.32
N ILE D 165 -35.34 -13.96 -15.51
CA ILE D 165 -34.17 -13.19 -15.88
C ILE D 165 -33.63 -12.50 -14.64
N HIS D 166 -32.31 -12.56 -14.45
CA HIS D 166 -31.60 -12.00 -13.31
C HIS D 166 -32.14 -12.57 -12.01
N PRO D 167 -31.92 -13.85 -11.74
CA PRO D 167 -32.39 -14.46 -10.50
C PRO D 167 -31.39 -14.24 -9.38
N TRP D 168 -31.83 -14.52 -8.15
CA TRP D 168 -30.97 -14.39 -6.98
C TRP D 168 -31.14 -15.64 -6.12
N HIS D 169 -30.15 -16.51 -6.14
CA HIS D 169 -30.19 -17.75 -5.38
C HIS D 169 -28.92 -17.97 -4.57
N SER D 170 -27.79 -17.48 -5.08
CA SER D 170 -26.48 -17.82 -4.57
C SER D 170 -25.90 -16.64 -3.81
N ILE D 171 -25.78 -16.79 -2.50
CA ILE D 171 -25.15 -15.80 -1.64
C ILE D 171 -23.68 -16.16 -1.51
N PRO D 172 -22.82 -15.25 -1.09
CA PRO D 172 -21.45 -15.65 -0.71
C PRO D 172 -21.49 -16.58 0.49
N GLY D 173 -21.12 -17.84 0.30
CA GLY D 173 -21.17 -18.79 1.39
C GLY D 173 -22.03 -20.00 1.09
N GLY D 174 -22.97 -19.85 0.16
CA GLY D 174 -23.83 -20.97 -0.18
C GLY D 174 -25.00 -20.59 -1.06
N VAL D 175 -26.19 -21.05 -0.66
CA VAL D 175 -27.39 -20.94 -1.47
C VAL D 175 -28.56 -20.55 -0.57
N ASN D 176 -29.51 -19.81 -1.14
CA ASN D 176 -30.58 -19.20 -0.35
C ASN D 176 -31.81 -20.10 -0.22
N ARG D 177 -32.10 -20.93 -1.20
CA ARG D 177 -33.35 -21.68 -1.23
C ARG D 177 -33.09 -23.13 -1.60
N SER D 178 -34.05 -23.98 -1.27
CA SER D 178 -34.00 -25.39 -1.61
C SER D 178 -35.34 -25.82 -2.19
N LEU D 179 -35.32 -26.93 -2.92
CA LEU D 179 -36.53 -27.45 -3.53
C LEU D 179 -37.39 -28.17 -2.50
N THR D 180 -38.67 -28.25 -2.79
CA THR D 180 -39.60 -29.03 -1.99
C THR D 180 -40.09 -30.23 -2.80
N PRO D 181 -40.50 -31.31 -2.13
CA PRO D 181 -40.97 -32.50 -2.86
C PRO D 181 -42.00 -32.19 -3.96
N GLN D 182 -42.94 -31.28 -3.69
CA GLN D 182 -43.97 -30.98 -4.68
C GLN D 182 -43.35 -30.43 -5.97
N GLU D 183 -42.57 -29.35 -5.86
CA GLU D 183 -41.98 -28.76 -7.06
C GLU D 183 -40.91 -29.68 -7.66
N ARG D 184 -40.25 -30.48 -6.82
CA ARG D 184 -39.29 -31.45 -7.34
C ARG D 184 -39.97 -32.45 -8.27
N ASP D 185 -41.09 -33.01 -7.83
CA ASP D 185 -41.81 -33.95 -8.68
C ASP D 185 -42.44 -33.24 -9.87
N ALA D 186 -42.88 -31.99 -9.68
CA ALA D 186 -43.43 -31.24 -10.80
C ALA D 186 -42.40 -31.02 -11.89
N ILE D 187 -41.14 -30.79 -11.51
CA ILE D 187 -40.06 -30.67 -12.49
C ILE D 187 -39.73 -32.04 -13.10
N ALA D 188 -39.63 -33.07 -12.25
CA ALA D 188 -39.21 -34.38 -12.72
C ALA D 188 -40.21 -34.99 -13.69
N ALA D 189 -41.50 -34.72 -13.53
CA ALA D 189 -42.51 -35.26 -14.43
C ALA D 189 -42.51 -34.62 -15.80
N GLN D 190 -41.66 -33.61 -16.04
CA GLN D 190 -41.62 -32.92 -17.32
C GLN D 190 -40.43 -33.32 -18.18
N LEU D 191 -39.56 -34.19 -17.69
CA LEU D 191 -38.31 -34.53 -18.35
C LEU D 191 -38.48 -35.41 -19.59
N PRO D 192 -39.42 -36.37 -19.63
CA PRO D 192 -39.57 -37.19 -20.84
C PRO D 192 -39.80 -36.39 -22.12
N GLU D 193 -40.78 -35.49 -22.14
CA GLU D 193 -41.03 -34.74 -23.37
C GLU D 193 -39.89 -33.79 -23.71
N MET D 194 -39.16 -33.33 -22.70
CA MET D 194 -38.00 -32.50 -22.98
C MET D 194 -36.89 -33.31 -23.64
N LYS D 195 -36.67 -34.54 -23.17
CA LYS D 195 -35.71 -35.42 -23.84
C LYS D 195 -36.16 -35.74 -25.25
N SER D 196 -37.47 -35.92 -25.45
CA SER D 196 -37.99 -36.19 -26.78
C SER D 196 -37.78 -35.00 -27.72
N ILE D 197 -37.95 -33.79 -27.19
CA ILE D 197 -37.70 -32.59 -28.00
C ILE D 197 -36.22 -32.49 -28.37
N ALA D 198 -35.34 -32.77 -27.41
CA ALA D 198 -33.91 -32.74 -27.70
C ALA D 198 -33.54 -33.77 -28.75
N MET D 199 -34.10 -34.97 -28.68
CA MET D 199 -33.81 -35.99 -29.67
C MET D 199 -34.37 -35.63 -31.04
N GLU D 200 -35.55 -35.01 -31.07
CA GLU D 200 -36.11 -34.54 -32.34
C GLU D 200 -35.19 -33.52 -32.98
N ALA D 201 -34.70 -32.56 -32.19
CA ALA D 201 -33.77 -31.56 -32.72
C ALA D 201 -32.47 -32.19 -33.19
N ILE D 202 -31.99 -33.21 -32.46
CA ILE D 202 -30.76 -33.89 -32.85
C ILE D 202 -30.95 -34.59 -34.19
N LYS D 203 -32.08 -35.29 -34.35
CA LYS D 203 -32.42 -35.88 -35.64
C LYS D 203 -32.41 -34.84 -36.73
N LEU D 204 -33.08 -33.71 -36.50
CA LEU D 204 -33.19 -32.67 -37.52
C LEU D 204 -31.80 -32.19 -37.94
N ILE D 205 -30.93 -31.89 -36.97
CA ILE D 205 -29.63 -31.34 -37.32
C ILE D 205 -28.73 -32.39 -37.97
N LYS D 206 -28.86 -33.66 -37.57
CA LYS D 206 -28.05 -34.70 -38.19
C LYS D 206 -28.45 -34.91 -39.64
N ASP D 207 -29.74 -34.94 -39.93
CA ASP D 207 -30.15 -35.05 -41.33
C ASP D 207 -29.77 -33.80 -42.12
N TYR D 208 -29.83 -32.63 -41.50
CA TYR D 208 -29.40 -31.41 -42.19
C TYR D 208 -27.93 -31.48 -42.58
N LEU D 209 -27.08 -31.97 -41.67
CA LEU D 209 -25.65 -32.02 -41.97
C LEU D 209 -25.30 -33.14 -42.94
N GLN D 210 -26.01 -34.27 -42.88
CA GLN D 210 -25.72 -35.36 -43.81
C GLN D 210 -26.27 -35.09 -45.20
N GLU D 211 -27.34 -34.29 -45.33
CA GLU D 211 -27.90 -34.01 -46.64
C GLU D 211 -26.88 -33.32 -47.53
N GLY D 212 -26.46 -32.11 -47.15
CA GLY D 212 -25.40 -31.42 -47.83
C GLY D 212 -24.06 -31.70 -47.17
N GLY D 213 -23.64 -32.96 -47.23
CA GLY D 213 -22.57 -33.46 -46.39
C GLY D 213 -21.26 -32.69 -46.35
N GLU D 214 -20.53 -32.66 -47.45
CA GLU D 214 -19.14 -32.21 -47.38
C GLU D 214 -18.99 -30.70 -47.58
N GLU D 215 -19.85 -30.07 -48.38
CA GLU D 215 -19.81 -28.62 -48.48
C GLU D 215 -20.06 -27.97 -47.13
N LEU D 216 -20.92 -28.57 -46.31
CA LEU D 216 -21.15 -28.07 -44.96
C LEU D 216 -20.00 -28.40 -44.01
N LYS D 217 -19.02 -29.19 -44.44
CA LYS D 217 -17.85 -29.46 -43.63
C LYS D 217 -16.72 -28.47 -43.90
N GLU D 218 -16.76 -27.76 -45.03
CA GLU D 218 -15.77 -26.72 -45.32
C GLU D 218 -16.28 -25.34 -44.95
N PHE D 219 -17.51 -25.22 -44.48
CA PHE D 219 -18.11 -23.92 -44.16
C PHE D 219 -17.46 -23.37 -42.91
N ALA D 220 -16.52 -22.43 -43.10
CA ALA D 220 -15.89 -21.70 -42.00
C ALA D 220 -15.14 -22.63 -41.05
N THR D 221 -14.44 -23.61 -41.62
CA THR D 221 -13.71 -24.61 -40.84
C THR D 221 -12.25 -24.20 -40.75
N LEU D 222 -11.73 -24.07 -39.53
CA LEU D 222 -10.33 -23.74 -39.30
C LEU D 222 -9.84 -24.50 -38.08
N ASP D 223 -8.70 -25.18 -38.23
CA ASP D 223 -8.15 -26.02 -37.18
C ASP D 223 -7.51 -25.14 -36.11
N THR D 224 -8.03 -25.22 -34.88
CA THR D 224 -7.52 -24.45 -33.76
C THR D 224 -7.54 -25.34 -32.52
N ALA D 225 -7.17 -24.75 -31.38
CA ALA D 225 -7.21 -25.44 -30.10
C ALA D 225 -8.61 -25.36 -29.51
N TYR D 226 -8.88 -26.24 -28.55
CA TYR D 226 -10.21 -26.35 -27.95
C TYR D 226 -10.09 -26.29 -26.43
N MET D 227 -10.74 -25.33 -25.81
CA MET D 227 -10.72 -25.17 -24.36
C MET D 227 -12.02 -25.67 -23.77
N GLY D 228 -11.92 -26.34 -22.62
CA GLY D 228 -13.10 -26.80 -21.92
C GLY D 228 -12.81 -26.97 -20.44
N LEU D 229 -13.85 -27.35 -19.71
CA LEU D 229 -13.73 -27.71 -18.30
C LEU D 229 -13.96 -29.20 -18.15
N VAL D 230 -13.13 -29.83 -17.32
CA VAL D 230 -13.16 -31.28 -17.18
C VAL D 230 -12.94 -31.66 -15.73
N ARG D 231 -13.68 -32.67 -15.28
CA ARG D 231 -13.34 -33.43 -14.09
C ARG D 231 -12.27 -34.42 -14.49
N ASP D 232 -12.03 -35.45 -13.66
CA ASP D 232 -10.97 -36.42 -13.91
C ASP D 232 -10.77 -36.72 -15.38
N GLY D 233 -11.86 -37.07 -16.08
CA GLY D 233 -11.82 -37.16 -17.53
C GLY D 233 -13.14 -36.78 -18.17
N TYR D 234 -14.06 -36.24 -17.38
CA TYR D 234 -15.45 -36.14 -17.76
C TYR D 234 -15.86 -34.69 -18.02
N LEU D 235 -16.85 -34.53 -18.90
CA LEU D 235 -17.37 -33.21 -19.22
C LEU D 235 -18.12 -32.63 -18.03
N GLU D 236 -17.59 -31.54 -17.48
CA GLU D 236 -18.19 -30.89 -16.32
C GLU D 236 -18.47 -29.43 -16.65
N LEU D 237 -19.60 -28.93 -16.17
CA LEU D 237 -20.06 -27.59 -16.50
C LEU D 237 -20.03 -26.62 -15.32
N TYR D 238 -19.90 -27.10 -14.09
CA TYR D 238 -19.87 -26.24 -12.92
C TYR D 238 -18.48 -26.09 -12.33
N ASP D 239 -17.83 -27.19 -11.99
CA ASP D 239 -16.48 -27.20 -11.46
C ASP D 239 -15.52 -27.80 -12.47
N GLY D 240 -14.29 -28.03 -12.04
CA GLY D 240 -13.31 -28.76 -12.83
C GLY D 240 -12.12 -27.91 -13.21
N GLU D 241 -11.25 -28.52 -14.00
CA GLU D 241 -10.01 -27.91 -14.47
C GLU D 241 -10.15 -27.46 -15.91
N VAL D 242 -9.41 -26.42 -16.27
CA VAL D 242 -9.40 -25.93 -17.64
C VAL D 242 -8.42 -26.76 -18.46
N ARG D 243 -8.88 -27.24 -19.61
CA ARG D 243 -8.08 -28.11 -20.47
C ARG D 243 -8.11 -27.57 -21.89
N ILE D 244 -6.92 -27.39 -22.47
CA ILE D 244 -6.77 -26.93 -23.84
C ILE D 244 -6.17 -28.08 -24.65
N LYS D 245 -6.85 -28.42 -25.74
CA LYS D 245 -6.44 -29.50 -26.62
C LYS D 245 -5.93 -28.92 -27.92
N ALA D 246 -4.73 -29.36 -28.33
CA ALA D 246 -4.17 -28.98 -29.61
C ALA D 246 -5.09 -29.41 -30.74
N PRO D 247 -4.95 -28.82 -31.92
CA PRO D 247 -5.88 -29.14 -33.02
C PRO D 247 -5.87 -30.58 -33.48
N ARG D 248 -5.11 -31.44 -32.80
CA ARG D 248 -4.98 -32.83 -33.28
C ARG D 248 -5.18 -33.83 -32.13
N GLY D 249 -5.57 -33.39 -30.95
CA GLY D 249 -5.97 -34.27 -29.87
C GLY D 249 -5.11 -34.19 -28.63
N ARG D 250 -3.86 -33.75 -28.77
CA ARG D 250 -2.95 -33.71 -27.64
C ARG D 250 -3.39 -32.65 -26.64
N ILE D 251 -3.33 -32.99 -25.36
CA ILE D 251 -3.71 -32.07 -24.30
C ILE D 251 -2.54 -31.13 -24.03
N LEU D 252 -2.82 -29.83 -24.14
CA LEU D 252 -1.77 -28.79 -23.96
C LEU D 252 -2.17 -27.83 -22.83
N ASP D 253 -1.54 -27.94 -21.65
CA ASP D 253 -1.76 -27.06 -20.51
C ASP D 253 -3.18 -27.21 -19.94
N GLN D 254 -3.43 -28.40 -19.41
CA GLN D 254 -4.56 -28.57 -18.51
C GLN D 254 -4.17 -28.06 -17.13
N PHE D 255 -4.84 -27.00 -16.67
CA PHE D 255 -4.45 -26.33 -15.43
C PHE D 255 -5.70 -26.10 -14.57
N ASP D 256 -5.47 -25.45 -13.43
CA ASP D 256 -6.48 -25.12 -12.45
C ASP D 256 -7.01 -23.71 -12.69
N PRO D 257 -8.32 -23.49 -12.56
CA PRO D 257 -8.91 -22.21 -12.97
C PRO D 257 -8.26 -20.98 -12.36
N LYS D 258 -7.83 -21.05 -11.10
CA LYS D 258 -7.30 -19.86 -10.44
C LYS D 258 -5.95 -19.43 -11.01
N ASP D 259 -5.25 -20.33 -11.69
CA ASP D 259 -3.97 -19.99 -12.33
C ASP D 259 -4.16 -19.62 -13.79
N TYR D 260 -5.03 -18.64 -14.08
CA TYR D 260 -5.33 -18.28 -15.45
C TYR D 260 -4.51 -17.10 -15.94
N LEU D 261 -4.05 -16.24 -15.04
CA LEU D 261 -3.19 -15.13 -15.45
C LEU D 261 -1.83 -15.60 -15.93
N ASP D 262 -1.47 -16.84 -15.61
CA ASP D 262 -0.22 -17.42 -16.09
C ASP D 262 -0.35 -18.07 -17.45
N HIS D 263 -1.55 -18.17 -18.00
CA HIS D 263 -1.78 -18.93 -19.22
C HIS D 263 -2.61 -18.22 -20.28
N ILE D 264 -3.40 -17.20 -19.92
CA ILE D 264 -4.31 -16.55 -20.85
C ILE D 264 -4.02 -15.06 -20.86
N GLY D 265 -3.98 -14.49 -22.06
CA GLY D 265 -3.80 -13.05 -22.20
C GLY D 265 -4.72 -12.52 -23.29
N GLU D 266 -5.11 -11.27 -23.14
CA GLU D 266 -6.06 -10.63 -24.04
C GLU D 266 -5.34 -9.59 -24.91
N HIS D 267 -5.44 -9.76 -26.22
CA HIS D 267 -4.92 -8.80 -27.18
C HIS D 267 -6.04 -7.87 -27.62
N VAL D 268 -5.71 -6.59 -27.77
CA VAL D 268 -6.68 -5.56 -28.10
C VAL D 268 -6.46 -5.12 -29.54
N GLU D 269 -7.55 -5.03 -30.31
CA GLU D 269 -7.50 -4.53 -31.68
C GLU D 269 -8.36 -3.29 -31.83
N PRO D 270 -7.96 -2.35 -32.69
CA PRO D 270 -8.62 -1.04 -32.69
C PRO D 270 -10.05 -1.04 -33.22
N TRP D 271 -10.45 -2.06 -33.97
CA TRP D 271 -11.74 -2.03 -34.66
C TRP D 271 -12.85 -2.75 -33.91
N SER D 272 -12.62 -3.15 -32.67
CA SER D 272 -13.62 -3.92 -31.95
C SER D 272 -13.48 -3.67 -30.45
N TYR D 273 -14.62 -3.45 -29.79
CA TYR D 273 -14.64 -3.40 -28.34
C TYR D 273 -14.41 -4.76 -27.71
N LEU D 274 -14.33 -5.81 -28.52
CA LEU D 274 -14.07 -7.16 -28.04
C LEU D 274 -12.59 -7.47 -28.12
N LYS D 275 -12.06 -8.04 -27.04
CA LYS D 275 -10.66 -8.43 -27.00
C LYS D 275 -10.50 -9.84 -27.56
N PHE D 276 -9.25 -10.29 -27.65
CA PHE D 276 -8.90 -11.58 -28.24
C PHE D 276 -8.06 -12.33 -27.22
N PRO D 277 -8.69 -13.19 -26.41
CA PRO D 277 -7.90 -14.01 -25.49
C PRO D 277 -7.16 -15.10 -26.24
N PHE D 278 -5.99 -15.47 -25.70
CA PHE D 278 -5.12 -16.43 -26.33
C PHE D 278 -4.23 -17.07 -25.27
N TYR D 279 -3.81 -18.30 -25.56
CA TYR D 279 -2.83 -18.99 -24.73
C TYR D 279 -1.50 -18.27 -24.83
N LYS D 280 -0.96 -17.87 -23.67
CA LYS D 280 0.17 -16.94 -23.66
C LYS D 280 1.43 -17.56 -24.24
N ALA D 281 1.65 -18.86 -24.03
CA ALA D 281 2.90 -19.48 -24.45
C ALA D 281 3.03 -19.59 -25.97
N LEU D 282 1.95 -19.35 -26.71
CA LEU D 282 1.98 -19.39 -28.17
C LEU D 282 1.70 -18.04 -28.81
N GLY D 283 1.36 -17.05 -27.99
CA GLY D 283 1.10 -15.70 -28.49
C GLY D 283 -0.16 -15.48 -29.30
N PHE D 284 -0.17 -14.38 -30.04
CA PHE D 284 -1.30 -14.00 -30.87
C PHE D 284 -0.84 -13.75 -32.30
N PRO D 285 -1.59 -14.26 -33.29
CA PRO D 285 -2.85 -14.98 -33.15
C PRO D 285 -2.67 -16.48 -33.31
N HIS D 286 -1.65 -17.05 -32.68
CA HIS D 286 -1.41 -18.47 -32.79
C HIS D 286 -1.96 -19.25 -31.61
N GLY D 287 -1.93 -18.63 -30.44
CA GLY D 287 -2.46 -19.25 -29.26
C GLY D 287 -3.96 -19.18 -29.10
N SER D 288 -4.66 -18.55 -30.04
CA SER D 288 -6.10 -18.44 -29.96
C SER D 288 -6.75 -19.80 -30.12
N TYR D 289 -7.84 -20.01 -29.38
CA TYR D 289 -8.52 -21.29 -29.32
C TYR D 289 -10.02 -21.08 -29.48
N ARG D 290 -10.77 -22.18 -29.44
CA ARG D 290 -12.21 -22.17 -29.51
C ARG D 290 -12.80 -22.59 -28.17
N VAL D 291 -13.96 -22.03 -27.85
CA VAL D 291 -14.74 -22.47 -26.70
C VAL D 291 -16.15 -22.75 -27.19
N GLY D 292 -16.96 -23.41 -26.36
CA GLY D 292 -18.32 -23.71 -26.72
C GLY D 292 -18.59 -25.19 -26.78
N PRO D 293 -19.80 -25.56 -27.19
CA PRO D 293 -20.18 -26.98 -27.20
C PRO D 293 -19.22 -27.87 -27.98
N LEU D 294 -18.82 -27.43 -29.17
CA LEU D 294 -17.88 -28.21 -29.97
C LEU D 294 -16.55 -28.38 -29.26
N ALA D 295 -15.98 -27.27 -28.77
CA ALA D 295 -14.71 -27.34 -28.06
C ALA D 295 -14.84 -28.14 -26.77
N ARG D 296 -15.98 -28.03 -26.09
CA ARG D 296 -16.21 -28.82 -24.89
C ARG D 296 -16.21 -30.31 -25.19
N LEU D 297 -17.01 -30.73 -26.17
CA LEU D 297 -17.07 -32.15 -26.49
C LEU D 297 -15.78 -32.66 -27.10
N ASN D 298 -14.95 -31.76 -27.63
CA ASN D 298 -13.66 -32.18 -28.15
C ASN D 298 -12.63 -32.34 -27.03
N ALA D 299 -12.69 -31.47 -26.03
CA ALA D 299 -11.72 -31.51 -24.95
C ALA D 299 -12.08 -32.58 -23.92
N ALA D 300 -13.37 -32.75 -23.64
CA ALA D 300 -13.79 -33.78 -22.70
C ALA D 300 -13.57 -35.15 -23.30
N ASP D 301 -13.28 -36.13 -22.43
CA ASP D 301 -13.01 -37.48 -22.90
C ASP D 301 -14.24 -38.37 -22.84
N ALA D 302 -15.10 -38.18 -21.84
CA ALA D 302 -16.31 -38.96 -21.70
C ALA D 302 -17.39 -38.08 -21.06
N VAL D 303 -18.59 -38.64 -20.95
CA VAL D 303 -19.71 -37.98 -20.28
C VAL D 303 -20.28 -38.95 -19.25
N SER D 304 -21.10 -38.41 -18.35
CA SER D 304 -21.57 -39.15 -17.19
C SER D 304 -23.05 -39.52 -17.26
N THR D 305 -23.69 -39.38 -18.42
CA THR D 305 -25.10 -39.72 -18.54
C THR D 305 -25.32 -40.65 -19.74
N PRO D 306 -26.24 -41.63 -19.61
CA PRO D 306 -26.34 -42.70 -20.62
C PRO D 306 -26.74 -42.23 -22.01
N GLU D 307 -27.90 -41.58 -22.12
CA GLU D 307 -28.40 -41.21 -23.44
C GLU D 307 -27.60 -40.09 -24.09
N ALA D 308 -26.81 -39.35 -23.31
CA ALA D 308 -25.90 -38.38 -23.91
C ALA D 308 -24.59 -39.03 -24.31
N SER D 309 -24.18 -40.10 -23.62
CA SER D 309 -23.00 -40.84 -24.04
C SER D 309 -23.27 -41.59 -25.33
N LYS D 310 -24.48 -42.16 -25.46
CA LYS D 310 -24.84 -42.88 -26.67
C LYS D 310 -24.79 -41.99 -27.91
N GLU D 311 -24.87 -40.68 -27.74
CA GLU D 311 -24.76 -39.73 -28.84
C GLU D 311 -23.40 -39.07 -28.90
N PHE D 312 -22.72 -38.96 -27.76
CA PHE D 312 -21.34 -38.50 -27.73
C PHE D 312 -20.43 -39.43 -28.50
N ALA D 313 -20.71 -40.73 -28.48
CA ALA D 313 -19.93 -41.66 -29.30
C ALA D 313 -20.12 -41.38 -30.78
N LEU D 314 -21.37 -41.20 -31.22
CA LEU D 314 -21.65 -40.89 -32.61
C LEU D 314 -21.03 -39.56 -33.02
N TYR D 315 -20.97 -38.60 -32.10
CA TYR D 315 -20.31 -37.34 -32.39
C TYR D 315 -18.80 -37.52 -32.52
N LYS D 316 -18.21 -38.32 -31.64
CA LYS D 316 -16.77 -38.53 -31.70
C LYS D 316 -16.36 -39.26 -32.97
N GLU D 317 -17.20 -40.17 -33.45
CA GLU D 317 -16.90 -40.82 -34.74
C GLU D 317 -17.41 -40.00 -35.92
N MET D 318 -17.08 -38.71 -35.91
CA MET D 318 -17.37 -37.82 -37.03
C MET D 318 -16.08 -37.13 -37.46
N GLY D 319 -15.18 -36.88 -36.51
CA GLY D 319 -13.87 -36.38 -36.78
C GLY D 319 -12.79 -37.32 -36.24
N GLU D 320 -11.56 -37.01 -36.63
CA GLU D 320 -10.40 -37.79 -36.24
C GLU D 320 -9.93 -37.40 -34.85
N ASP D 321 -9.30 -38.36 -34.16
CA ASP D 321 -8.68 -38.16 -32.85
C ASP D 321 -9.68 -37.76 -31.79
N GLY D 322 -10.97 -38.03 -32.01
CA GLY D 322 -11.99 -37.54 -31.11
C GLY D 322 -12.14 -36.03 -31.17
N ILE D 323 -11.99 -35.45 -32.35
CA ILE D 323 -12.00 -34.00 -32.54
C ILE D 323 -12.75 -33.68 -33.82
N VAL D 324 -13.78 -32.86 -33.72
CA VAL D 324 -14.59 -32.43 -34.85
C VAL D 324 -14.33 -30.93 -35.06
N PRO D 325 -13.57 -30.53 -36.08
CA PRO D 325 -13.24 -29.12 -36.29
C PRO D 325 -14.27 -28.33 -37.07
N TYR D 326 -15.36 -28.93 -37.50
CA TYR D 326 -16.31 -28.27 -38.38
C TYR D 326 -17.19 -27.28 -37.61
N THR D 327 -17.26 -26.05 -38.12
CA THR D 327 -17.97 -24.99 -37.40
C THR D 327 -19.47 -25.28 -37.34
N LEU D 328 -20.08 -25.67 -38.46
CA LEU D 328 -21.51 -25.89 -38.50
C LEU D 328 -21.96 -27.10 -37.70
N TYR D 329 -21.03 -27.89 -37.17
CA TYR D 329 -21.39 -28.97 -36.26
C TYR D 329 -21.62 -28.47 -34.85
N TYR D 330 -21.25 -27.22 -34.58
CA TYR D 330 -21.56 -26.59 -33.30
C TYR D 330 -22.99 -26.86 -32.88
N HIS D 331 -23.95 -26.56 -33.77
CA HIS D 331 -25.36 -26.84 -33.50
C HIS D 331 -25.53 -28.23 -32.92
N TYR D 332 -25.05 -29.25 -33.64
CA TYR D 332 -25.12 -30.62 -33.15
C TYR D 332 -24.59 -30.71 -31.73
N ALA D 333 -23.33 -30.33 -31.54
CA ALA D 333 -22.74 -30.40 -30.20
C ALA D 333 -23.62 -29.70 -29.19
N ARG D 334 -24.14 -28.52 -29.55
CA ARG D 334 -24.98 -27.78 -28.63
C ARG D 334 -26.15 -28.62 -28.14
N LEU D 335 -26.88 -29.25 -29.06
CA LEU D 335 -28.01 -30.07 -28.66
C LEU D 335 -27.56 -31.17 -27.71
N ILE D 336 -26.41 -31.80 -28.00
CA ILE D 336 -25.88 -32.82 -27.10
C ILE D 336 -25.82 -32.27 -25.68
N GLU D 337 -25.21 -31.10 -25.52
CA GLU D 337 -25.15 -30.48 -24.21
C GLU D 337 -26.52 -30.33 -23.59
N ALA D 338 -27.48 -29.77 -24.34
CA ALA D 338 -28.85 -29.68 -23.85
C ALA D 338 -29.33 -31.03 -23.35
N LEU D 339 -29.18 -32.07 -24.18
CA LEU D 339 -29.53 -33.42 -23.75
C LEU D 339 -28.84 -33.75 -22.44
N TYR D 340 -27.51 -33.63 -22.40
CA TYR D 340 -26.77 -33.85 -21.17
C TYR D 340 -27.41 -33.10 -20.02
N GLY D 341 -27.65 -31.80 -20.20
CA GLY D 341 -28.24 -31.01 -19.14
C GLY D 341 -29.50 -31.66 -18.58
N LEU D 342 -30.44 -32.01 -19.45
CA LEU D 342 -31.67 -32.63 -19.00
C LEU D 342 -31.35 -33.86 -18.14
N GLU D 343 -30.51 -34.74 -18.67
CA GLU D 343 -30.19 -35.96 -17.94
C GLU D 343 -29.48 -35.64 -16.64
N ARG D 344 -28.63 -34.62 -16.62
CA ARG D 344 -28.00 -34.22 -15.37
C ARG D 344 -29.04 -33.83 -14.32
N ILE D 345 -30.09 -33.11 -14.74
CA ILE D 345 -31.16 -32.76 -13.81
C ILE D 345 -31.77 -34.03 -13.23
N GLU D 346 -31.94 -35.06 -14.06
CA GLU D 346 -32.55 -36.30 -13.58
C GLU D 346 -31.69 -36.97 -12.52
N GLN D 347 -30.40 -36.64 -12.47
CA GLN D 347 -29.56 -37.19 -11.43
C GLN D 347 -29.60 -36.32 -10.18
N LEU D 348 -29.83 -35.02 -10.35
CA LEU D 348 -29.86 -34.13 -9.19
C LEU D 348 -31.20 -34.24 -8.45
N LEU D 349 -32.30 -34.27 -9.20
CA LEU D 349 -33.61 -34.38 -8.56
C LEU D 349 -33.74 -35.68 -7.78
N ALA D 350 -32.99 -36.71 -8.16
CA ALA D 350 -33.05 -37.99 -7.47
C ALA D 350 -32.18 -38.05 -6.23
N ASP D 351 -31.49 -36.97 -5.88
CA ASP D 351 -30.61 -36.96 -4.73
C ASP D 351 -31.35 -36.31 -3.57
N PRO D 352 -31.48 -36.98 -2.41
CA PRO D 352 -32.30 -36.43 -1.32
C PRO D 352 -31.70 -35.24 -0.60
N ASP D 353 -30.60 -34.68 -1.12
CA ASP D 353 -30.04 -33.45 -0.59
C ASP D 353 -30.39 -32.24 -1.45
N ILE D 354 -31.28 -32.41 -2.43
CA ILE D 354 -31.82 -31.26 -3.15
C ILE D 354 -32.91 -30.59 -2.32
N THR D 355 -33.61 -31.36 -1.48
CA THR D 355 -34.59 -30.80 -0.55
C THR D 355 -34.02 -30.67 0.86
N SER D 356 -32.74 -30.34 0.96
CA SER D 356 -32.05 -30.31 2.24
C SER D 356 -32.29 -28.97 2.93
N SER D 357 -31.57 -28.74 4.03
CA SER D 357 -31.69 -27.51 4.79
C SER D 357 -30.37 -26.87 5.18
N ASP D 358 -29.24 -27.57 5.05
CA ASP D 358 -27.93 -27.01 5.37
C ASP D 358 -27.35 -26.42 4.09
N LEU D 359 -27.47 -25.10 3.94
CA LEU D 359 -27.12 -24.45 2.69
C LEU D 359 -26.19 -23.25 2.83
N ARG D 360 -25.65 -22.97 4.02
CA ARG D 360 -24.84 -21.78 4.22
C ARG D 360 -23.66 -22.08 5.14
N VAL D 361 -22.51 -21.49 4.82
CA VAL D 361 -21.24 -21.85 5.42
C VAL D 361 -20.59 -20.59 5.98
N THR D 362 -21.42 -19.64 6.43
CA THR D 362 -20.95 -18.28 6.72
C THR D 362 -19.65 -18.27 7.51
N SER D 363 -18.80 -17.30 7.19
CA SER D 363 -17.50 -17.13 7.81
C SER D 363 -17.21 -15.65 7.98
N LYS D 364 -16.18 -15.35 8.76
CA LYS D 364 -15.70 -13.99 8.99
C LYS D 364 -14.22 -13.96 8.60
N GLU D 365 -13.98 -13.74 7.32
CA GLU D 365 -12.63 -13.72 6.77
C GLU D 365 -12.69 -13.15 5.36
N ILE D 366 -11.83 -12.18 5.06
CA ILE D 366 -11.83 -11.51 3.77
C ILE D 366 -10.43 -11.65 3.18
N ASN D 367 -10.32 -12.45 2.12
CA ASN D 367 -9.10 -12.67 1.37
C ASN D 367 -9.02 -11.71 0.19
N PRO D 368 -7.81 -11.22 -0.14
CA PRO D 368 -7.70 -10.14 -1.13
C PRO D 368 -8.04 -10.55 -2.56
N GLU D 369 -8.25 -11.83 -2.85
CA GLU D 369 -8.46 -12.25 -4.22
C GLU D 369 -9.49 -13.37 -4.27
N GLY D 370 -10.29 -13.37 -5.33
CA GLY D 370 -11.26 -14.42 -5.56
C GLY D 370 -11.54 -14.64 -7.03
N ILE D 371 -11.39 -15.87 -7.50
CA ILE D 371 -11.56 -16.21 -8.91
C ILE D 371 -12.66 -17.25 -9.02
N GLY D 372 -13.61 -17.00 -9.92
CA GLY D 372 -14.69 -17.93 -10.17
C GLY D 372 -14.79 -18.28 -11.64
N VAL D 373 -14.57 -19.55 -11.96
CA VAL D 373 -14.55 -20.01 -13.35
C VAL D 373 -15.61 -21.09 -13.51
N ILE D 374 -16.53 -20.88 -14.45
CA ILE D 374 -17.52 -21.89 -14.77
C ILE D 374 -17.63 -22.04 -16.28
N GLU D 375 -18.54 -22.90 -16.69
CA GLU D 375 -18.78 -23.21 -18.09
C GLU D 375 -20.15 -22.68 -18.47
N ALA D 376 -20.17 -21.45 -18.98
CA ALA D 376 -21.37 -20.88 -19.55
C ALA D 376 -21.71 -21.63 -20.84
N PRO D 377 -22.98 -21.59 -21.33
CA PRO D 377 -23.36 -22.39 -22.51
C PRO D 377 -22.49 -22.14 -23.74
N ARG D 378 -21.86 -20.98 -23.85
CA ARG D 378 -21.08 -20.67 -25.07
C ARG D 378 -19.58 -20.81 -24.80
N GLY D 379 -19.18 -21.20 -23.59
CA GLY D 379 -17.76 -21.45 -23.38
C GLY D 379 -17.40 -21.26 -21.91
N THR D 380 -16.21 -20.73 -21.67
CA THR D 380 -15.68 -20.57 -20.35
C THR D 380 -15.88 -19.14 -19.86
N LEU D 381 -16.23 -19.00 -18.58
CA LEU D 381 -16.51 -17.69 -17.99
C LEU D 381 -15.68 -17.55 -16.72
N ILE D 382 -14.83 -16.52 -16.70
CA ILE D 382 -13.89 -16.27 -15.61
C ILE D 382 -14.16 -14.90 -15.01
N HIS D 383 -14.47 -14.88 -13.73
CA HIS D 383 -14.57 -13.66 -12.93
C HIS D 383 -13.38 -13.61 -12.00
N HIS D 384 -12.85 -12.41 -11.78
CA HIS D 384 -11.66 -12.23 -10.95
C HIS D 384 -11.82 -10.93 -10.17
N TYR D 385 -12.04 -11.04 -8.87
CA TYR D 385 -12.25 -9.89 -8.00
C TYR D 385 -11.07 -9.73 -7.05
N GLN D 386 -10.63 -8.48 -6.87
CA GLN D 386 -9.60 -8.13 -5.93
C GLN D 386 -10.15 -7.07 -5.00
N VAL D 387 -10.21 -7.40 -3.71
CA VAL D 387 -10.82 -6.55 -2.69
C VAL D 387 -9.73 -6.08 -1.73
N ASN D 388 -10.13 -5.18 -0.83
CA ASN D 388 -9.30 -4.76 0.28
C ASN D 388 -9.78 -5.47 1.55
N GLU D 389 -9.20 -5.10 2.70
CA GLU D 389 -9.56 -5.75 3.95
C GLU D 389 -10.96 -5.38 4.42
N SER D 390 -11.51 -4.27 3.92
CA SER D 390 -12.87 -3.88 4.27
C SER D 390 -13.92 -4.58 3.42
N GLY D 391 -13.51 -5.35 2.41
CA GLY D 391 -14.46 -6.00 1.52
C GLY D 391 -14.90 -5.16 0.36
N VAL D 392 -14.19 -4.08 0.06
CA VAL D 392 -14.54 -3.17 -1.02
C VAL D 392 -13.78 -3.60 -2.26
N ILE D 393 -14.48 -3.60 -3.40
CA ILE D 393 -13.89 -4.07 -4.65
C ILE D 393 -12.86 -3.06 -5.13
N THR D 394 -11.63 -3.53 -5.34
CA THR D 394 -10.55 -2.71 -5.86
C THR D 394 -10.30 -2.95 -7.34
N LYS D 395 -10.35 -4.19 -7.79
CA LYS D 395 -10.12 -4.50 -9.20
C LYS D 395 -11.05 -5.62 -9.64
N VAL D 396 -11.55 -5.51 -10.87
CA VAL D 396 -12.40 -6.53 -11.47
C VAL D 396 -11.82 -6.90 -12.83
N ASN D 397 -11.86 -8.19 -13.14
CA ASN D 397 -11.44 -8.69 -14.44
C ASN D 397 -12.39 -9.79 -14.88
N LEU D 398 -12.97 -9.65 -16.07
CA LEU D 398 -13.88 -10.63 -16.62
C LEU D 398 -13.35 -11.12 -17.96
N ILE D 399 -13.47 -12.42 -18.19
CA ILE D 399 -13.18 -13.02 -19.48
C ILE D 399 -14.31 -13.99 -19.80
N VAL D 400 -15.11 -13.67 -20.81
CA VAL D 400 -16.36 -14.37 -21.04
C VAL D 400 -16.24 -15.20 -22.32
N ALA D 401 -17.27 -16.01 -22.58
CA ALA D 401 -17.17 -17.12 -23.51
C ALA D 401 -16.95 -16.67 -24.94
N THR D 402 -17.91 -15.92 -25.49
CA THR D 402 -17.82 -15.51 -26.89
C THR D 402 -16.54 -14.75 -27.19
N GLY D 403 -16.01 -14.02 -26.20
CA GLY D 403 -14.74 -13.35 -26.41
C GLY D 403 -13.63 -14.27 -26.85
N HIS D 404 -13.62 -15.52 -26.36
CA HIS D 404 -12.63 -16.48 -26.79
C HIS D 404 -12.82 -16.85 -28.26
N ASN D 405 -14.06 -16.85 -28.74
CA ASN D 405 -14.38 -17.29 -30.09
C ASN D 405 -14.30 -16.17 -31.12
N ASN D 406 -13.72 -15.02 -30.74
CA ASN D 406 -13.68 -13.88 -31.65
C ASN D 406 -12.83 -14.17 -32.89
N PHE D 407 -11.65 -14.75 -32.69
CA PHE D 407 -10.76 -15.02 -33.81
C PHE D 407 -11.33 -16.07 -34.74
N ALA D 408 -11.95 -17.10 -34.17
CA ALA D 408 -12.61 -18.12 -34.99
C ALA D 408 -13.72 -17.50 -35.83
N MET D 409 -14.47 -16.58 -35.25
CA MET D 409 -15.53 -15.91 -36.00
C MET D 409 -14.96 -15.06 -37.12
N ASN D 410 -13.91 -14.28 -36.83
CA ASN D 410 -13.30 -13.47 -37.87
C ASN D 410 -12.79 -14.33 -39.02
N LYS D 411 -12.08 -15.42 -38.70
CA LYS D 411 -11.53 -16.27 -39.75
C LYS D 411 -12.63 -16.96 -40.55
N GLY D 412 -13.67 -17.44 -39.89
CA GLY D 412 -14.78 -18.05 -40.61
C GLY D 412 -15.47 -17.06 -41.53
N VAL D 413 -15.68 -15.83 -41.06
CA VAL D 413 -16.34 -14.82 -41.88
C VAL D 413 -15.48 -14.49 -43.09
N GLU D 414 -14.16 -14.37 -42.89
CA GLU D 414 -13.28 -14.10 -44.02
C GLU D 414 -13.28 -15.24 -45.03
N MET D 415 -13.32 -16.49 -44.54
CA MET D 415 -13.36 -17.64 -45.44
C MET D 415 -14.63 -17.62 -46.28
N VAL D 416 -15.80 -17.49 -45.65
CA VAL D 416 -17.02 -17.50 -46.43
C VAL D 416 -17.10 -16.25 -47.31
N ALA D 417 -16.45 -15.16 -46.90
CA ALA D 417 -16.42 -13.95 -47.72
C ALA D 417 -15.67 -14.20 -49.02
N LYS D 418 -14.45 -14.73 -48.94
CA LYS D 418 -13.72 -14.99 -50.18
C LYS D 418 -13.93 -16.42 -50.67
N LYS D 419 -15.06 -17.00 -50.31
CA LYS D 419 -15.56 -18.21 -50.95
C LYS D 419 -16.90 -18.04 -51.66
N TYR D 420 -17.82 -17.22 -51.15
CA TYR D 420 -19.13 -17.07 -51.76
C TYR D 420 -19.35 -15.72 -52.43
N ILE D 421 -18.69 -14.66 -51.98
CA ILE D 421 -18.75 -13.39 -52.69
C ILE D 421 -17.98 -13.53 -53.99
N THR D 422 -18.71 -13.52 -55.11
CA THR D 422 -18.05 -13.56 -56.42
C THR D 422 -17.55 -12.16 -56.80
N GLY D 423 -18.46 -11.20 -56.87
CA GLY D 423 -18.10 -9.82 -57.12
C GLY D 423 -19.03 -8.87 -56.38
N THR D 424 -19.46 -7.81 -57.05
CA THR D 424 -20.48 -6.93 -56.51
C THR D 424 -21.85 -7.50 -56.87
N ASN D 425 -22.92 -6.76 -56.58
CA ASN D 425 -24.29 -7.24 -56.78
C ASN D 425 -24.53 -8.52 -55.96
N VAL D 426 -24.15 -8.47 -54.70
CA VAL D 426 -24.24 -9.63 -53.81
C VAL D 426 -25.68 -9.81 -53.33
N PRO D 427 -26.32 -10.93 -53.65
CA PRO D 427 -27.70 -11.13 -53.20
C PRO D 427 -27.77 -11.37 -51.69
N GLU D 428 -28.98 -11.38 -51.17
CA GLU D 428 -29.19 -11.63 -49.75
C GLU D 428 -29.25 -13.12 -49.46
N GLY D 429 -28.26 -13.84 -49.97
CA GLY D 429 -28.05 -15.24 -49.66
C GLY D 429 -26.59 -15.48 -49.36
N VAL D 430 -25.75 -14.52 -49.76
CA VAL D 430 -24.34 -14.55 -49.41
C VAL D 430 -24.09 -13.80 -48.11
N PHE D 431 -24.85 -12.73 -47.88
CA PHE D 431 -24.79 -12.05 -46.59
C PHE D 431 -25.30 -12.94 -45.47
N ASN D 432 -26.33 -13.73 -45.75
CA ASN D 432 -26.90 -14.60 -44.73
C ASN D 432 -25.89 -15.66 -44.28
N ARG D 433 -25.00 -16.08 -45.17
CA ARG D 433 -23.95 -17.01 -44.76
C ARG D 433 -22.88 -16.30 -43.93
N LEU D 434 -22.55 -15.07 -44.32
CA LEU D 434 -21.65 -14.24 -43.52
C LEU D 434 -22.19 -14.02 -42.12
N GLU D 435 -23.51 -14.07 -41.95
CA GLU D 435 -24.07 -14.01 -40.60
C GLU D 435 -24.19 -15.37 -39.94
N HIS D 436 -24.45 -16.43 -40.70
CA HIS D 436 -24.58 -17.74 -40.08
C HIS D 436 -23.24 -18.26 -39.55
N VAL D 437 -22.13 -17.83 -40.15
CA VAL D 437 -20.84 -18.23 -39.56
C VAL D 437 -20.69 -17.64 -38.17
N ILE D 438 -21.30 -16.48 -37.92
CA ILE D 438 -21.33 -15.92 -36.57
C ILE D 438 -22.38 -16.64 -35.72
N ARG D 439 -23.53 -16.96 -36.31
CA ARG D 439 -24.62 -17.56 -35.57
C ARG D 439 -24.32 -19.00 -35.14
N ALA D 440 -23.40 -19.68 -35.82
CA ALA D 440 -23.03 -21.02 -35.40
C ALA D 440 -22.43 -21.01 -34.01
N TYR D 441 -21.57 -20.03 -33.74
CA TYR D 441 -21.03 -19.87 -32.40
C TYR D 441 -22.06 -19.28 -31.43
N ASP D 442 -23.16 -18.73 -31.95
CA ASP D 442 -24.26 -18.13 -31.19
C ASP D 442 -23.71 -17.18 -30.14
N PRO D 443 -23.21 -16.02 -30.54
CA PRO D 443 -22.50 -15.16 -29.60
C PRO D 443 -23.43 -14.31 -28.76
N CYS D 444 -23.07 -14.17 -27.50
CA CYS D 444 -23.68 -13.19 -26.59
C CYS D 444 -22.75 -11.99 -26.59
N LEU D 445 -23.00 -11.05 -27.50
CA LEU D 445 -22.12 -9.90 -27.63
C LEU D 445 -22.20 -8.96 -26.45
N SER D 446 -23.22 -9.10 -25.60
CA SER D 446 -23.27 -8.32 -24.37
C SER D 446 -22.36 -8.91 -23.32
N CYS D 447 -22.19 -10.23 -23.32
CA CYS D 447 -21.24 -10.87 -22.42
C CYS D 447 -19.81 -10.51 -22.80
N SER D 448 -19.51 -10.51 -24.10
CA SER D 448 -18.16 -10.28 -24.56
C SER D 448 -17.67 -8.89 -24.17
N THR D 449 -18.42 -7.86 -24.51
CA THR D 449 -18.07 -6.48 -24.17
C THR D 449 -18.81 -6.06 -22.91
N HIS D 450 -18.46 -6.72 -21.82
CA HIS D 450 -19.03 -6.46 -20.51
C HIS D 450 -18.83 -5.01 -20.08
N MET E 1 -54.51 -9.27 -42.99
CA MET E 1 -54.26 -7.95 -43.57
C MET E 1 -54.51 -6.84 -42.55
N ALA E 2 -55.11 -7.21 -41.41
CA ALA E 2 -55.35 -6.28 -40.31
C ALA E 2 -54.31 -6.41 -39.21
N LYS E 3 -53.10 -6.84 -39.56
CA LYS E 3 -52.06 -7.06 -38.57
C LYS E 3 -51.39 -5.74 -38.20
N ALA E 4 -50.93 -5.67 -36.95
CA ALA E 4 -50.17 -4.52 -36.49
C ALA E 4 -48.74 -4.58 -37.04
N LYS E 5 -47.92 -3.61 -36.65
CA LYS E 5 -46.57 -3.50 -37.19
C LYS E 5 -45.57 -3.24 -36.07
N VAL E 6 -45.63 -4.06 -35.01
CA VAL E 6 -44.69 -3.90 -33.91
C VAL E 6 -43.26 -4.06 -34.41
N ALA E 7 -42.40 -3.14 -34.01
CA ALA E 7 -40.98 -3.21 -34.35
C ALA E 7 -40.18 -2.85 -33.11
N THR E 8 -39.28 -3.73 -32.71
CA THR E 8 -38.55 -3.61 -31.45
C THR E 8 -37.05 -3.53 -31.71
N PHE E 9 -36.33 -3.01 -30.72
CA PHE E 9 -34.88 -3.04 -30.74
C PHE E 9 -34.32 -2.70 -29.37
N TRP E 10 -33.04 -2.98 -29.20
CA TRP E 10 -32.31 -2.68 -27.97
C TRP E 10 -31.15 -1.74 -28.30
N LEU E 11 -30.92 -0.76 -27.43
CA LEU E 11 -29.87 0.22 -27.67
C LEU E 11 -28.61 -0.06 -26.86
N GLU E 12 -28.72 -0.05 -25.54
CA GLU E 12 -27.61 -0.35 -24.64
C GLU E 12 -28.08 -1.31 -23.57
N ALA E 13 -28.74 -2.37 -24.03
CA ALA E 13 -29.36 -3.32 -23.08
C ALA E 13 -28.48 -4.53 -22.84
N CYS E 14 -29.02 -5.53 -22.14
CA CYS E 14 -28.30 -6.80 -21.90
C CYS E 14 -29.11 -7.93 -22.52
N ALA E 15 -30.10 -7.61 -23.37
CA ALA E 15 -31.00 -8.61 -23.99
C ALA E 15 -32.04 -9.10 -22.99
N GLY E 16 -31.91 -8.71 -21.72
CA GLY E 16 -32.84 -9.18 -20.67
C GLY E 16 -34.30 -8.85 -20.97
N CYS E 17 -34.57 -7.64 -21.46
CA CYS E 17 -35.97 -7.20 -21.71
C CYS E 17 -36.56 -7.96 -22.91
N HIS E 18 -35.74 -8.24 -23.93
CA HIS E 18 -36.22 -8.99 -25.11
C HIS E 18 -36.38 -10.47 -24.76
N MET E 19 -35.57 -10.99 -23.82
CA MET E 19 -35.74 -12.35 -23.34
C MET E 19 -36.98 -12.47 -22.47
N SER E 20 -37.35 -11.39 -21.78
CA SER E 20 -38.61 -11.39 -21.04
C SER E 20 -39.79 -11.20 -21.98
N PHE E 21 -39.56 -10.63 -23.15
CA PHE E 21 -40.57 -10.67 -24.21
C PHE E 21 -40.70 -12.08 -24.78
N LEU E 22 -39.59 -12.80 -24.88
CA LEU E 22 -39.60 -14.12 -25.50
C LEU E 22 -40.16 -15.20 -24.59
N ASP E 23 -40.34 -14.91 -23.29
CA ASP E 23 -40.91 -15.91 -22.40
C ASP E 23 -42.42 -15.76 -22.24
N LEU E 24 -43.08 -15.15 -23.21
CA LEU E 24 -44.53 -15.17 -23.34
C LEU E 24 -44.95 -16.41 -24.14
N ASP E 25 -44.47 -17.57 -23.68
CA ASP E 25 -44.36 -18.78 -24.51
C ASP E 25 -45.57 -19.10 -25.38
N GLU E 26 -46.72 -19.38 -24.76
CA GLU E 26 -47.92 -19.63 -25.57
C GLU E 26 -48.58 -18.32 -25.96
N ARG E 27 -48.46 -17.31 -25.12
CA ARG E 27 -48.89 -15.98 -25.48
C ARG E 27 -48.13 -15.44 -26.68
N LEU E 28 -46.89 -15.90 -26.91
CA LEU E 28 -46.18 -15.51 -28.11
C LEU E 28 -46.82 -16.11 -29.36
N ILE E 29 -47.20 -17.39 -29.28
CA ILE E 29 -47.84 -18.04 -30.43
C ILE E 29 -49.19 -17.42 -30.71
N ASP E 30 -49.98 -17.11 -29.68
CA ASP E 30 -51.28 -16.51 -29.93
C ASP E 30 -51.20 -15.01 -30.13
N LEU E 31 -50.03 -14.41 -29.95
CA LEU E 31 -49.84 -12.99 -30.28
C LEU E 31 -49.36 -12.82 -31.71
N PHE E 32 -48.53 -13.74 -32.19
CA PHE E 32 -48.08 -13.67 -33.58
C PHE E 32 -49.24 -13.74 -34.56
N GLN E 33 -50.37 -14.30 -34.16
CA GLN E 33 -51.58 -14.28 -34.99
C GLN E 33 -52.27 -12.94 -34.97
N ASN E 34 -51.78 -11.98 -34.18
CA ASN E 34 -52.32 -10.63 -34.16
C ASN E 34 -51.28 -9.56 -34.45
N VAL E 35 -50.01 -9.89 -34.49
CA VAL E 35 -48.93 -8.93 -34.74
C VAL E 35 -47.98 -9.52 -35.77
N GLU E 36 -47.68 -8.76 -36.82
CA GLU E 36 -46.56 -9.07 -37.69
C GLU E 36 -45.37 -8.22 -37.22
N ILE E 37 -44.23 -8.86 -37.05
CA ILE E 37 -43.06 -8.23 -36.46
C ILE E 37 -42.09 -7.90 -37.59
N LEU E 38 -42.05 -6.62 -37.95
CA LEU E 38 -41.03 -6.06 -38.82
C LEU E 38 -39.76 -5.85 -37.99
N PHE E 39 -38.83 -5.01 -38.47
CA PHE E 39 -37.49 -4.89 -37.92
C PHE E 39 -37.43 -5.05 -36.41
N SER E 40 -36.58 -5.97 -35.96
CA SER E 40 -36.53 -6.46 -34.58
C SER E 40 -35.28 -7.32 -34.40
N PRO E 41 -34.74 -7.43 -33.18
CA PRO E 41 -33.52 -8.22 -32.99
C PRO E 41 -33.67 -9.69 -33.29
N ILE E 42 -34.89 -10.20 -33.49
CA ILE E 42 -35.11 -11.60 -33.77
C ILE E 42 -35.66 -11.82 -35.18
N VAL E 43 -35.63 -10.80 -36.02
CA VAL E 43 -35.97 -10.94 -37.43
C VAL E 43 -34.83 -10.38 -38.26
N ASP E 44 -34.87 -10.65 -39.56
CA ASP E 44 -33.74 -10.35 -40.44
C ASP E 44 -33.92 -9.06 -41.23
N ALA E 45 -34.88 -8.22 -40.87
CA ALA E 45 -34.99 -6.91 -41.49
C ALA E 45 -33.84 -6.03 -41.05
N LYS E 46 -33.27 -5.26 -41.98
CA LYS E 46 -32.10 -4.44 -41.67
C LYS E 46 -32.44 -2.98 -41.39
N ASP E 47 -33.51 -2.46 -41.99
CA ASP E 47 -33.88 -1.06 -41.81
C ASP E 47 -35.32 -0.96 -41.33
N ILE E 48 -35.58 0.09 -40.55
CA ILE E 48 -36.88 0.22 -39.88
C ILE E 48 -37.94 0.61 -40.90
N PRO E 49 -39.07 -0.09 -40.96
CA PRO E 49 -40.16 0.33 -41.85
C PRO E 49 -41.11 1.29 -41.15
N ASN E 50 -42.15 1.72 -41.85
CA ASN E 50 -43.22 2.49 -41.23
C ASN E 50 -44.09 1.56 -40.41
N ILE E 51 -44.19 1.82 -39.11
CA ILE E 51 -44.75 0.88 -38.16
C ILE E 51 -45.86 1.57 -37.36
N ASP E 52 -46.50 0.81 -36.48
CA ASP E 52 -47.52 1.33 -35.57
C ASP E 52 -47.01 1.42 -34.14
N VAL E 53 -46.43 0.35 -33.62
CA VAL E 53 -45.88 0.32 -32.27
C VAL E 53 -44.38 0.11 -32.37
N GLY E 54 -43.62 1.04 -31.83
CA GLY E 54 -42.17 0.94 -31.76
C GLY E 54 -41.73 0.72 -30.31
N VAL E 55 -40.87 -0.27 -30.13
CA VAL E 55 -40.43 -0.69 -28.80
C VAL E 55 -38.92 -0.54 -28.72
N LEU E 56 -38.45 0.19 -27.70
CA LEU E 56 -37.03 0.40 -27.48
C LEU E 56 -36.63 -0.14 -26.11
N SER E 57 -35.45 -0.74 -26.04
CA SER E 57 -34.88 -1.19 -24.77
C SER E 57 -33.45 -0.68 -24.68
N GLY E 58 -32.98 -0.52 -23.46
CA GLY E 58 -31.65 0.00 -23.22
C GLY E 58 -31.60 1.52 -23.27
N GLY E 59 -30.49 2.05 -22.80
CA GLY E 59 -30.32 3.49 -22.73
C GLY E 59 -29.67 4.07 -23.97
N LEU E 60 -28.81 5.06 -23.79
CA LEU E 60 -28.10 5.71 -24.89
C LEU E 60 -26.65 5.91 -24.45
N GLY E 61 -25.76 5.08 -24.98
CA GLY E 61 -24.35 5.18 -24.63
C GLY E 61 -23.45 5.50 -25.81
N ASN E 62 -23.85 5.10 -27.00
CA ASN E 62 -23.08 5.35 -28.21
C ASN E 62 -23.79 6.33 -29.12
N VAL E 63 -23.05 6.80 -30.14
CA VAL E 63 -23.62 7.69 -31.15
C VAL E 63 -24.48 6.95 -32.16
N GLU E 64 -24.46 5.63 -32.15
CA GLU E 64 -25.33 4.84 -33.03
C GLU E 64 -26.71 4.65 -32.42
N GLU E 65 -26.76 4.43 -31.11
CA GLU E 65 -28.04 4.22 -30.43
C GLU E 65 -28.92 5.46 -30.49
N VAL E 66 -28.31 6.65 -30.45
CA VAL E 66 -29.10 7.88 -30.55
C VAL E 66 -29.80 7.96 -31.90
N GLU E 67 -29.06 7.72 -32.98
CA GLU E 67 -29.64 7.77 -34.30
C GLU E 67 -30.68 6.67 -34.49
N LEU E 68 -30.44 5.50 -33.92
CA LEU E 68 -31.42 4.42 -34.08
C LEU E 68 -32.70 4.72 -33.31
N ALA E 69 -32.57 5.31 -32.12
CA ALA E 69 -33.75 5.73 -31.37
C ALA E 69 -34.53 6.79 -32.13
N LYS E 70 -33.82 7.74 -32.74
CA LYS E 70 -34.50 8.78 -33.51
C LYS E 70 -35.21 8.18 -34.72
N LYS E 71 -34.58 7.21 -35.39
CA LYS E 71 -35.25 6.51 -36.49
C LYS E 71 -36.53 5.84 -36.03
N MET E 72 -36.44 5.06 -34.95
CA MET E 72 -37.62 4.35 -34.45
C MET E 72 -38.70 5.33 -34.00
N ARG E 73 -38.30 6.51 -33.52
CA ARG E 73 -39.29 7.52 -33.14
C ARG E 73 -39.99 8.08 -34.37
N GLU E 74 -39.23 8.44 -35.41
CA GLU E 74 -39.84 9.00 -36.61
C GLU E 74 -40.72 7.98 -37.34
N ARG E 75 -40.40 6.70 -37.23
CA ARG E 75 -41.09 5.69 -38.01
C ARG E 75 -42.36 5.13 -37.34
N CYS E 76 -42.64 5.52 -36.10
CA CYS E 76 -43.77 4.97 -35.37
C CYS E 76 -44.67 6.10 -34.87
N LYS E 77 -45.83 5.69 -34.32
CA LYS E 77 -46.73 6.61 -33.66
C LYS E 77 -46.83 6.39 -32.16
N TYR E 78 -46.64 5.15 -31.69
CA TYR E 78 -46.66 4.82 -30.28
C TYR E 78 -45.33 4.16 -29.92
N LEU E 79 -44.57 4.81 -29.04
CA LEU E 79 -43.28 4.31 -28.59
C LEU E 79 -43.41 3.75 -27.18
N VAL E 80 -42.76 2.62 -26.93
CA VAL E 80 -42.82 1.94 -25.64
C VAL E 80 -41.40 1.75 -25.13
N ALA E 81 -41.09 2.35 -23.98
CA ALA E 81 -39.81 2.18 -23.32
C ALA E 81 -39.87 0.92 -22.47
N TRP E 82 -38.91 0.03 -22.65
CA TRP E 82 -38.85 -1.21 -21.90
C TRP E 82 -37.68 -1.17 -20.91
N GLY E 83 -37.97 -1.45 -19.64
CA GLY E 83 -36.88 -1.58 -18.66
C GLY E 83 -36.38 -0.28 -18.07
N ASP E 84 -35.68 -0.37 -16.93
CA ASP E 84 -35.13 0.82 -16.25
C ASP E 84 -34.05 1.46 -17.12
N CYS E 85 -33.39 0.65 -17.97
CA CYS E 85 -32.28 1.20 -18.79
C CYS E 85 -32.84 2.25 -19.75
N ALA E 86 -34.07 2.06 -20.24
CA ALA E 86 -34.70 3.02 -21.17
C ALA E 86 -35.57 4.02 -20.40
N VAL E 87 -36.13 3.61 -19.27
CA VAL E 87 -37.07 4.48 -18.50
C VAL E 87 -36.27 5.35 -17.52
N PHE E 88 -35.35 4.76 -16.76
CA PHE E 88 -34.60 5.50 -15.74
C PHE E 88 -33.14 5.69 -16.08
N GLY E 89 -32.60 4.96 -17.04
CA GLY E 89 -31.19 5.03 -17.35
C GLY E 89 -30.49 3.74 -16.97
N GLY E 90 -30.88 3.20 -15.82
CA GLY E 90 -30.46 1.87 -15.44
C GLY E 90 -28.97 1.76 -15.13
N ILE E 91 -28.51 0.51 -15.11
CA ILE E 91 -27.14 0.20 -14.69
C ILE E 91 -26.09 0.88 -15.55
N ASN E 92 -26.42 1.23 -16.80
CA ASN E 92 -25.48 1.98 -17.61
C ASN E 92 -25.04 3.27 -16.93
N CYS E 93 -25.98 3.97 -16.31
CA CYS E 93 -25.69 5.22 -15.61
C CYS E 93 -24.71 5.03 -14.46
N MET E 94 -24.30 3.79 -14.18
CA MET E 94 -23.24 3.57 -13.20
C MET E 94 -21.89 4.07 -13.70
N ARG E 95 -21.74 4.34 -15.00
CA ARG E 95 -20.50 4.86 -15.53
C ARG E 95 -20.53 6.36 -15.74
N ASN E 96 -21.61 7.03 -15.34
CA ASN E 96 -21.70 8.48 -15.45
C ASN E 96 -20.96 9.21 -14.35
N PHE E 97 -20.24 8.50 -13.48
CA PHE E 97 -19.42 9.10 -12.44
C PHE E 97 -17.94 8.98 -12.74
N ILE E 98 -17.58 8.35 -13.84
CA ILE E 98 -16.21 8.22 -14.29
C ILE E 98 -16.14 8.75 -15.71
N PRO E 99 -15.15 9.57 -16.06
CA PRO E 99 -15.06 10.07 -17.44
C PRO E 99 -14.91 8.94 -18.44
N LYS E 100 -15.39 9.19 -19.66
CA LYS E 100 -15.34 8.20 -20.72
C LYS E 100 -13.91 7.74 -20.99
N ASP E 101 -12.97 8.69 -20.99
CA ASP E 101 -11.57 8.35 -21.21
C ASP E 101 -11.07 7.35 -20.18
N VAL E 102 -11.37 7.59 -18.90
CA VAL E 102 -10.91 6.69 -17.85
C VAL E 102 -11.58 5.34 -17.97
N VAL E 103 -12.86 5.31 -18.32
CA VAL E 103 -13.56 4.04 -18.52
C VAL E 103 -12.86 3.21 -19.59
N LEU E 104 -12.69 3.78 -20.78
CA LEU E 104 -12.08 3.02 -21.87
C LEU E 104 -10.65 2.63 -21.55
N ARG E 105 -9.88 3.53 -20.94
CA ARG E 105 -8.47 3.26 -20.66
C ARG E 105 -8.34 2.15 -19.63
N GLU E 106 -9.00 2.28 -18.48
CA GLU E 106 -8.89 1.28 -17.43
C GLU E 106 -9.61 0.00 -17.79
N GLY E 107 -10.43 -0.01 -18.84
CA GLY E 107 -11.05 -1.25 -19.27
C GLY E 107 -10.28 -1.96 -20.37
N TYR E 108 -9.44 -1.24 -21.10
CA TYR E 108 -8.69 -1.84 -22.20
C TYR E 108 -7.19 -1.78 -22.02
N ILE E 109 -6.68 -1.12 -20.99
CA ILE E 109 -5.24 -1.03 -20.76
C ILE E 109 -4.90 -1.54 -19.37
N GLU E 110 -5.67 -1.10 -18.37
CA GLU E 110 -5.29 -1.34 -16.98
C GLU E 110 -5.75 -2.69 -16.46
N THR E 111 -6.66 -3.38 -17.15
CA THR E 111 -7.13 -4.66 -16.66
C THR E 111 -6.03 -5.72 -16.76
N ALA E 112 -6.04 -6.66 -15.83
CA ALA E 112 -5.15 -7.79 -15.92
C ALA E 112 -5.52 -8.65 -17.13
N SER E 113 -4.63 -9.56 -17.49
CA SER E 113 -4.78 -10.44 -18.65
C SER E 113 -4.78 -9.68 -19.97
N THR E 114 -4.58 -8.36 -19.95
CA THR E 114 -4.54 -7.55 -21.14
C THR E 114 -3.09 -7.27 -21.52
N VAL E 115 -2.74 -7.51 -22.78
CA VAL E 115 -1.38 -7.32 -23.27
C VAL E 115 -1.47 -6.39 -24.48
N ASN E 116 -1.22 -5.10 -24.25
CA ASN E 116 -1.05 -4.13 -25.32
C ASN E 116 -0.07 -3.07 -24.85
N PRO E 117 1.23 -3.30 -25.02
CA PRO E 117 2.22 -2.26 -24.68
C PRO E 117 2.09 -1.03 -25.54
N GLN E 118 1.38 -1.10 -26.67
CA GLN E 118 1.14 0.09 -27.48
C GLN E 118 0.21 1.07 -26.77
N GLY E 119 -0.83 0.55 -26.11
CA GLY E 119 -1.77 1.40 -25.42
C GLY E 119 -3.00 1.71 -26.25
N ILE E 120 -3.41 0.74 -27.06
CA ILE E 120 -4.53 0.94 -27.97
C ILE E 120 -5.84 0.90 -27.22
N VAL E 121 -6.74 1.81 -27.56
CA VAL E 121 -8.14 1.75 -27.14
C VAL E 121 -8.98 1.63 -28.39
N PRO E 122 -10.08 0.87 -28.37
CA PRO E 122 -10.87 0.68 -29.61
C PRO E 122 -11.47 1.98 -30.11
N SER E 123 -10.96 2.50 -31.24
CA SER E 123 -11.35 3.81 -31.70
C SER E 123 -11.49 3.89 -33.21
N GLU E 124 -11.89 2.81 -33.88
CA GLU E 124 -12.07 2.87 -35.32
C GLU E 124 -13.18 1.94 -35.75
N ASP E 125 -13.98 2.39 -36.72
CA ASP E 125 -15.06 1.65 -37.35
C ASP E 125 -16.22 1.36 -36.40
N ILE E 126 -16.08 1.73 -35.13
CA ILE E 126 -17.11 1.46 -34.12
C ILE E 126 -17.61 2.79 -33.55
N PRO E 127 -18.85 2.87 -33.10
CA PRO E 127 -19.35 4.13 -32.54
C PRO E 127 -18.63 4.52 -31.27
N GLU E 128 -18.59 5.82 -31.01
CA GLU E 128 -17.91 6.36 -29.85
C GLU E 128 -18.88 6.47 -28.69
N LEU E 129 -18.42 6.09 -27.51
CA LEU E 129 -19.24 6.18 -26.31
C LEU E 129 -19.60 7.62 -26.00
N LEU E 130 -20.86 7.84 -25.64
CA LEU E 130 -21.30 9.16 -25.21
C LEU E 130 -20.62 9.52 -23.90
N PRO E 131 -20.53 10.82 -23.58
CA PRO E 131 -19.94 11.20 -22.29
C PRO E 131 -20.75 10.71 -21.10
N ARG E 132 -22.05 10.53 -21.26
CA ARG E 132 -22.92 10.05 -20.20
C ARG E 132 -23.99 9.15 -20.80
N ALA E 133 -24.28 8.04 -20.14
CA ALA E 133 -25.38 7.18 -20.53
C ALA E 133 -26.68 7.75 -19.99
N LEU E 134 -27.66 7.90 -20.88
CA LEU E 134 -28.93 8.53 -20.54
C LEU E 134 -30.09 7.63 -20.89
N PRO E 135 -31.26 7.87 -20.31
CA PRO E 135 -32.47 7.16 -20.77
C PRO E 135 -32.85 7.61 -22.17
N ILE E 136 -33.83 6.92 -22.74
CA ILE E 136 -34.26 7.28 -24.09
C ILE E 136 -35.11 8.54 -24.10
N ASP E 137 -35.65 8.94 -22.94
CA ASP E 137 -36.41 10.18 -22.88
C ASP E 137 -35.48 11.37 -22.76
N TYR E 138 -34.48 11.43 -23.64
CA TYR E 138 -33.57 12.56 -23.73
C TYR E 138 -33.44 12.96 -25.19
N GLU E 139 -33.65 11.99 -26.08
CA GLU E 139 -33.59 12.20 -27.51
C GLU E 139 -34.89 11.89 -28.25
N VAL E 140 -35.83 11.18 -27.63
CA VAL E 140 -37.10 10.84 -28.24
C VAL E 140 -38.22 11.23 -27.30
N LYS E 141 -39.45 10.91 -27.70
CA LYS E 141 -40.66 11.23 -26.94
C LYS E 141 -41.40 9.93 -26.68
N VAL E 142 -41.34 9.45 -25.45
CA VAL E 142 -41.91 8.16 -25.11
C VAL E 142 -43.41 8.31 -24.83
N ASP E 143 -44.18 7.31 -25.23
CA ASP E 143 -45.62 7.27 -24.97
C ASP E 143 -45.98 6.36 -23.81
N VAL E 144 -45.40 5.16 -23.75
CA VAL E 144 -45.66 4.20 -22.69
C VAL E 144 -44.34 3.82 -22.04
N TYR E 145 -44.29 3.92 -20.71
CA TYR E 145 -43.12 3.53 -19.94
C TYR E 145 -43.38 2.20 -19.25
N VAL E 146 -42.44 1.27 -19.35
CA VAL E 146 -42.56 -0.02 -18.68
C VAL E 146 -41.31 -0.25 -17.83
N PRO E 147 -41.31 0.13 -16.56
CA PRO E 147 -40.09 0.04 -15.75
C PRO E 147 -39.89 -1.37 -15.19
N GLY E 148 -38.63 -1.71 -15.02
CA GLY E 148 -38.24 -3.02 -14.51
C GLY E 148 -36.84 -3.35 -14.94
N CYS E 149 -36.33 -4.49 -14.45
CA CYS E 149 -34.99 -4.98 -14.87
C CYS E 149 -34.97 -6.50 -14.73
N PRO E 150 -35.57 -7.29 -15.64
CA PRO E 150 -36.42 -6.76 -16.71
C PRO E 150 -37.91 -6.71 -16.35
N PRO E 151 -38.78 -6.00 -17.11
CA PRO E 151 -40.22 -6.07 -16.86
C PRO E 151 -40.72 -7.50 -16.94
N ASP E 152 -41.74 -7.81 -16.14
CA ASP E 152 -42.34 -9.13 -16.18
C ASP E 152 -43.02 -9.37 -17.51
N ALA E 153 -43.22 -10.65 -17.84
CA ALA E 153 -43.90 -10.99 -19.08
C ALA E 153 -45.33 -10.49 -19.08
N ASP E 154 -46.00 -10.55 -17.92
CA ASP E 154 -47.39 -10.11 -17.84
C ASP E 154 -47.51 -8.62 -18.16
N THR E 155 -46.55 -7.82 -17.71
CA THR E 155 -46.61 -6.38 -17.99
C THR E 155 -46.45 -6.10 -19.48
N ILE E 156 -45.51 -6.78 -20.13
CA ILE E 156 -45.30 -6.60 -21.56
C ILE E 156 -46.54 -7.02 -22.33
N TYR E 157 -47.13 -8.15 -21.95
CA TYR E 157 -48.33 -8.61 -22.64
C TYR E 157 -49.51 -7.67 -22.41
N TYR E 158 -49.64 -7.15 -21.19
CA TYR E 158 -50.71 -6.18 -20.91
C TYR E 158 -50.56 -4.94 -21.77
N VAL E 159 -49.34 -4.41 -21.85
CA VAL E 159 -49.10 -3.21 -22.66
C VAL E 159 -49.40 -3.51 -24.13
N PHE E 160 -49.02 -4.69 -24.61
CA PHE E 160 -49.30 -5.05 -25.99
C PHE E 160 -50.80 -5.12 -26.26
N LYS E 161 -51.54 -5.87 -25.44
CA LYS E 161 -52.99 -5.96 -25.64
C LYS E 161 -53.66 -4.60 -25.55
N GLU E 162 -53.18 -3.72 -24.67
CA GLU E 162 -53.81 -2.41 -24.55
C GLU E 162 -53.50 -1.53 -25.76
N LEU E 163 -52.28 -1.59 -26.28
CA LEU E 163 -51.95 -0.74 -27.42
C LEU E 163 -52.58 -1.26 -28.71
N LEU E 164 -52.68 -2.57 -28.88
CA LEU E 164 -53.33 -3.12 -30.06
C LEU E 164 -54.84 -3.09 -29.97
N ALA E 165 -55.39 -2.67 -28.82
CA ALA E 165 -56.82 -2.43 -28.68
C ALA E 165 -57.20 -0.98 -28.94
N GLY E 166 -56.22 -0.08 -28.96
CA GLY E 166 -56.47 1.31 -29.33
C GLY E 166 -56.31 2.33 -28.22
N ARG E 167 -55.82 1.94 -27.05
CA ARG E 167 -55.66 2.86 -25.92
C ARG E 167 -54.21 2.86 -25.44
N VAL E 168 -53.72 4.03 -25.08
CA VAL E 168 -52.37 4.20 -24.55
C VAL E 168 -52.38 3.83 -23.07
N PRO E 169 -51.73 2.75 -22.67
CA PRO E 169 -51.84 2.26 -21.30
C PRO E 169 -50.78 2.86 -20.38
N LYS E 170 -51.09 2.81 -19.08
CA LYS E 170 -50.15 3.13 -18.02
C LYS E 170 -50.03 1.91 -17.13
N VAL E 171 -48.80 1.49 -16.85
CA VAL E 171 -48.55 0.30 -16.04
C VAL E 171 -49.22 0.49 -14.68
N PRO E 172 -50.16 -0.38 -14.32
CA PRO E 172 -50.84 -0.24 -13.02
C PRO E 172 -49.87 -0.40 -11.87
N SER E 173 -50.20 0.25 -10.76
CA SER E 173 -49.29 0.28 -9.61
C SER E 173 -49.17 -1.08 -8.94
N GLU E 174 -50.13 -1.98 -9.11
CA GLU E 174 -50.02 -3.30 -8.51
C GLU E 174 -49.13 -4.24 -9.31
N MET E 175 -48.66 -3.83 -10.49
CA MET E 175 -47.76 -4.64 -11.28
C MET E 175 -46.48 -3.91 -11.67
N MET E 176 -46.29 -2.68 -11.18
CA MET E 176 -45.08 -1.93 -11.45
C MET E 176 -43.99 -2.34 -10.47
N ARG E 177 -42.78 -2.53 -11.00
CA ARG E 177 -41.64 -2.91 -10.17
C ARG E 177 -40.38 -2.32 -10.78
N TYR E 178 -39.51 -1.77 -9.94
CA TYR E 178 -38.21 -1.29 -10.37
C TYR E 178 -37.11 -2.32 -10.16
N ASP E 179 -37.44 -3.49 -9.60
CA ASP E 179 -36.50 -4.57 -9.37
C ASP E 179 -35.31 -4.14 -8.52
N MET F 1 63.93 3.33 -27.04
CA MET F 1 64.40 2.01 -26.53
C MET F 1 63.22 1.04 -26.48
N LYS F 2 62.11 1.44 -25.84
CA LYS F 2 60.91 0.56 -25.71
C LYS F 2 61.26 -0.73 -24.97
N GLU F 3 62.35 -0.72 -24.19
CA GLU F 3 62.71 -1.91 -23.37
C GLU F 3 63.47 -1.40 -22.14
N ILE F 4 62.75 -1.16 -21.05
CA ILE F 4 63.37 -0.65 -19.83
C ILE F 4 63.46 -1.77 -18.81
N THR F 5 64.21 -1.51 -17.74
CA THR F 5 64.38 -2.46 -16.66
C THR F 5 64.40 -1.72 -15.33
N LEU F 6 63.69 -2.26 -14.35
CA LEU F 6 63.62 -1.70 -13.01
C LEU F 6 64.09 -2.72 -11.99
N THR F 7 64.09 -2.32 -10.72
CA THR F 7 64.39 -3.24 -9.62
C THR F 7 63.30 -3.08 -8.57
N ILE F 8 62.36 -4.02 -8.54
CA ILE F 8 61.28 -4.04 -7.57
C ILE F 8 61.61 -5.11 -6.53
N ASP F 9 61.68 -4.70 -5.27
CA ASP F 9 61.99 -5.60 -4.15
C ASP F 9 63.35 -6.29 -4.37
N GLY F 10 64.29 -5.56 -4.95
CA GLY F 10 65.60 -6.13 -5.25
C GLY F 10 65.60 -6.95 -6.53
N LYS F 11 64.43 -7.49 -6.89
CA LYS F 11 64.32 -8.32 -8.07
C LYS F 11 64.28 -7.47 -9.33
N VAL F 12 65.13 -7.79 -10.30
CA VAL F 12 65.21 -7.02 -11.53
C VAL F 12 64.07 -7.44 -12.46
N CYS F 13 63.30 -6.46 -12.93
CA CYS F 13 62.15 -6.70 -13.78
C CYS F 13 62.33 -5.99 -15.12
N LYS F 14 61.75 -6.59 -16.16
CA LYS F 14 61.81 -6.07 -17.52
C LYS F 14 60.47 -5.44 -17.89
N GLY F 15 60.49 -4.51 -18.83
CA GLY F 15 59.27 -3.86 -19.24
C GLY F 15 59.48 -2.97 -20.44
N VAL F 16 58.46 -2.18 -20.73
CA VAL F 16 58.45 -1.28 -21.87
C VAL F 16 58.32 0.16 -21.34
N GLN F 17 58.87 1.10 -22.10
CA GLN F 17 58.98 2.48 -21.62
C GLN F 17 57.62 3.15 -21.43
N GLY F 18 56.54 2.56 -21.91
CA GLY F 18 55.23 3.19 -21.85
C GLY F 18 54.37 2.83 -20.66
N ASP F 19 54.70 1.74 -19.98
CA ASP F 19 53.81 1.22 -18.93
C ASP F 19 54.06 1.94 -17.60
N THR F 20 53.22 1.61 -16.62
CA THR F 20 53.34 2.08 -15.26
C THR F 20 54.11 1.06 -14.43
N ILE F 21 54.41 1.42 -13.18
CA ILE F 21 55.16 0.52 -12.31
C ILE F 21 54.35 -0.72 -11.99
N LEU F 22 53.04 -0.55 -11.73
CA LEU F 22 52.21 -1.70 -11.40
C LEU F 22 52.16 -2.70 -12.54
N ASP F 23 52.19 -2.21 -13.78
CA ASP F 23 52.20 -3.12 -14.92
C ASP F 23 53.49 -3.92 -15.00
N VAL F 24 54.63 -3.27 -14.73
CA VAL F 24 55.90 -4.00 -14.74
C VAL F 24 55.95 -4.99 -13.59
N ALA F 25 55.30 -4.65 -12.47
CA ALA F 25 55.28 -5.58 -11.34
C ALA F 25 54.42 -6.80 -11.64
N ASN F 26 53.20 -6.57 -12.13
CA ASN F 26 52.31 -7.66 -12.49
C ASN F 26 52.85 -8.48 -13.66
N LYS F 27 53.69 -7.89 -14.50
CA LYS F 27 54.16 -8.60 -15.68
C LYS F 27 55.05 -9.79 -15.32
N ASN F 28 55.91 -9.65 -14.30
CA ASN F 28 56.73 -10.80 -13.97
C ASN F 28 56.00 -11.75 -13.03
N ASP F 29 55.94 -11.41 -11.74
CA ASP F 29 54.98 -11.99 -10.80
C ASP F 29 54.63 -11.02 -9.70
N VAL F 30 55.43 -9.96 -9.58
CA VAL F 30 55.57 -9.23 -8.32
C VAL F 30 54.23 -8.67 -7.86
N TYR F 31 54.03 -8.69 -6.54
CA TYR F 31 52.75 -8.36 -5.92
C TYR F 31 52.77 -6.95 -5.35
N ILE F 32 51.71 -6.20 -5.62
CA ILE F 32 51.50 -4.87 -5.05
C ILE F 32 50.03 -4.77 -4.65
N PRO F 33 49.71 -4.32 -3.44
CA PRO F 33 48.31 -4.20 -3.03
C PRO F 33 47.55 -3.24 -3.92
N THR F 34 46.36 -3.67 -4.37
CA THR F 34 45.51 -2.83 -5.26
C THR F 34 44.04 -3.03 -4.88
N LEU F 35 43.23 -1.98 -4.94
CA LEU F 35 41.78 -2.08 -4.62
C LEU F 35 40.96 -1.40 -5.72
N CYS F 36 41.47 -0.31 -6.30
CA CYS F 36 40.70 0.43 -7.34
C CYS F 36 41.20 0.07 -8.74
N TYR F 37 42.23 -0.78 -8.83
CA TYR F 37 42.79 -1.14 -10.15
C TYR F 37 42.04 -2.33 -10.76
N GLN F 38 41.64 -2.20 -12.02
CA GLN F 38 40.98 -3.29 -12.74
C GLN F 38 41.61 -3.42 -14.11
N LYS F 39 42.14 -4.60 -14.43
CA LYS F 39 42.70 -4.82 -15.80
C LYS F 39 41.59 -4.56 -16.82
N GLY F 40 41.85 -3.66 -17.78
CA GLY F 40 40.86 -3.35 -18.82
C GLY F 40 40.23 -1.98 -18.63
N LEU F 41 40.52 -1.31 -17.51
CA LEU F 41 39.99 0.06 -17.25
C LEU F 41 41.16 1.02 -17.05
N THR F 42 41.03 2.26 -17.53
CA THR F 42 42.09 3.28 -17.36
C THR F 42 42.41 3.43 -15.87
N PRO F 43 43.69 3.34 -15.39
CA PRO F 43 44.01 3.58 -13.97
C PRO F 43 43.26 4.79 -13.36
N ILE F 44 42.68 4.61 -12.17
CA ILE F 44 41.86 5.69 -11.53
C ILE F 44 42.70 6.46 -10.50
N GLY F 45 43.23 5.78 -9.48
CA GLY F 45 43.98 6.46 -8.41
C GLY F 45 43.04 6.95 -7.33
N ALA F 46 42.49 6.04 -6.52
CA ALA F 46 41.49 6.43 -5.49
C ALA F 46 41.83 5.78 -4.14
N CYS F 47 42.11 4.48 -4.13
CA CYS F 47 42.36 3.75 -2.84
C CYS F 47 43.71 4.14 -2.25
N ARG F 48 44.70 4.48 -3.10
CA ARG F 48 46.06 4.87 -2.64
C ARG F 48 46.70 3.73 -1.84
N MET F 49 46.34 2.47 -2.13
CA MET F 49 46.94 1.29 -1.45
C MET F 49 48.19 0.84 -2.21
N CYS F 50 48.29 1.21 -3.49
CA CYS F 50 49.43 0.75 -4.33
C CYS F 50 50.63 1.68 -4.15
N VAL F 51 50.66 2.45 -3.07
CA VAL F 51 51.77 3.42 -2.83
C VAL F 51 53.11 2.70 -2.83
N VAL F 52 54.17 3.37 -3.29
CA VAL F 52 55.49 2.77 -3.41
C VAL F 52 56.49 3.91 -3.42
N GLN F 53 57.66 3.66 -2.85
CA GLN F 53 58.69 4.69 -2.74
C GLN F 53 60.01 4.17 -3.28
N LEU F 54 60.81 5.11 -3.79
CA LEU F 54 62.12 4.83 -4.34
C LEU F 54 63.21 5.15 -3.32
N GLU F 55 64.41 4.61 -3.57
CA GLU F 55 65.55 4.94 -2.72
C GLU F 55 65.97 6.38 -2.95
N GLY F 56 66.20 7.10 -1.85
CA GLY F 56 66.59 8.50 -1.93
C GLY F 56 65.43 9.46 -1.87
N ASN F 57 64.44 9.26 -2.74
CA ASN F 57 63.27 10.12 -2.74
C ASN F 57 62.31 9.70 -1.64
N PRO F 58 62.02 10.57 -0.65
CA PRO F 58 61.09 10.17 0.42
C PRO F 58 59.63 10.25 0.03
N LYS F 59 59.31 10.70 -1.18
CA LYS F 59 57.92 10.81 -1.61
C LYS F 59 57.36 9.41 -1.88
N MET F 60 56.03 9.33 -1.89
CA MET F 60 55.31 8.09 -2.15
C MET F 60 54.52 8.22 -3.44
N LEU F 61 54.70 7.25 -4.33
CA LEU F 61 54.13 7.33 -5.67
C LEU F 61 53.15 6.18 -5.90
N PRO F 62 51.99 6.47 -6.47
CA PRO F 62 51.02 5.41 -6.79
C PRO F 62 51.51 4.57 -7.96
N SER F 63 51.84 3.30 -7.67
CA SER F 63 52.44 2.43 -8.66
C SER F 63 51.55 2.18 -9.87
N CYS F 64 50.26 2.46 -9.78
CA CYS F 64 49.34 2.18 -10.87
C CYS F 64 49.20 3.34 -11.86
N THR F 65 49.60 4.55 -11.49
CA THR F 65 49.53 5.69 -12.40
C THR F 65 50.89 6.32 -12.69
N THR F 66 51.95 5.88 -12.04
CA THR F 66 53.24 6.51 -12.34
C THR F 66 54.03 5.66 -13.33
N PRO F 67 54.54 6.27 -14.39
CA PRO F 67 55.23 5.49 -15.42
C PRO F 67 56.56 4.94 -14.94
N ALA F 68 57.01 3.88 -15.61
CA ALA F 68 58.26 3.24 -15.29
C ALA F 68 59.39 3.85 -16.10
N GLN F 69 60.53 4.07 -15.43
CA GLN F 69 61.68 4.71 -16.05
C GLN F 69 62.92 3.92 -15.64
N ASP F 70 63.66 3.41 -16.63
CA ASP F 70 64.85 2.61 -16.41
C ASP F 70 65.80 3.24 -15.38
N GLY F 71 66.24 2.45 -14.40
CA GLY F 71 67.21 2.89 -13.43
C GLY F 71 66.66 3.19 -12.05
N MET F 72 65.35 3.08 -11.85
CA MET F 72 64.75 3.39 -10.56
C MET F 72 64.61 2.13 -9.72
N VAL F 73 64.89 2.27 -8.44
CA VAL F 73 64.71 1.19 -7.47
C VAL F 73 63.35 1.38 -6.79
N VAL F 74 62.60 0.29 -6.68
CA VAL F 74 61.25 0.32 -6.14
C VAL F 74 61.21 -0.51 -4.86
N VAL F 75 60.59 0.06 -3.82
CA VAL F 75 60.43 -0.61 -2.53
C VAL F 75 58.93 -0.70 -2.26
N THR F 76 58.43 -1.93 -2.14
CA THR F 76 57.01 -2.15 -1.92
C THR F 76 56.66 -2.45 -0.46
N LYS F 77 57.57 -3.05 0.30
CA LYS F 77 57.29 -3.45 1.68
C LYS F 77 58.32 -2.84 2.62
N ASN F 78 57.84 -2.00 3.54
CA ASN F 78 58.64 -1.54 4.67
C ASN F 78 57.68 -1.08 5.76
N GLU F 79 58.24 -0.59 6.87
CA GLU F 79 57.42 -0.22 8.02
C GLU F 79 56.45 0.91 7.66
N LYS F 80 56.97 1.97 7.01
CA LYS F 80 56.15 3.12 6.68
C LYS F 80 54.97 2.73 5.81
N LEU F 81 55.21 1.91 4.78
CA LEU F 81 54.15 1.57 3.85
C LEU F 81 53.10 0.68 4.50
N LYS F 82 53.54 -0.29 5.30
CA LYS F 82 52.61 -1.12 6.04
C LYS F 82 51.72 -0.28 6.95
N ASP F 83 52.33 0.67 7.67
CA ASP F 83 51.56 1.54 8.55
C ASP F 83 50.54 2.36 7.76
N TYR F 84 50.96 2.96 6.64
CA TYR F 84 50.04 3.80 5.87
C TYR F 84 48.90 2.98 5.28
N ARG F 85 49.21 1.79 4.75
CA ARG F 85 48.16 0.96 4.17
C ARG F 85 47.18 0.47 5.22
N ARG F 86 47.69 0.11 6.41
CA ARG F 86 46.80 -0.29 7.48
C ARG F 86 45.92 0.87 7.92
N GLN F 87 46.45 2.09 7.92
CA GLN F 87 45.64 3.25 8.26
C GLN F 87 44.55 3.49 7.22
N ILE F 88 44.87 3.29 5.94
CA ILE F 88 43.86 3.46 4.90
C ILE F 88 42.75 2.43 5.07
N LEU F 89 43.12 1.17 5.32
CA LEU F 89 42.11 0.13 5.51
C LEU F 89 41.26 0.40 6.74
N GLU F 90 41.88 0.88 7.82
CA GLU F 90 41.12 1.18 9.02
C GLU F 90 40.18 2.35 8.80
N LEU F 91 40.59 3.35 8.02
CA LEU F 91 39.69 4.44 7.65
C LEU F 91 38.49 3.89 6.87
N LEU F 92 38.75 3.01 5.90
CA LEU F 92 37.66 2.46 5.11
C LEU F 92 36.69 1.65 5.97
N PHE F 93 37.21 0.96 6.98
CA PHE F 93 36.34 0.15 7.83
C PHE F 93 35.57 1.02 8.83
N ALA F 94 36.20 2.06 9.36
CA ALA F 94 35.54 2.92 10.34
C ALA F 94 34.56 3.89 9.71
N GLY F 95 34.72 4.21 8.43
CA GLY F 95 33.82 5.13 7.78
C GLY F 95 32.50 4.51 7.42
N ARG F 96 32.53 3.37 6.74
CA ARG F 96 31.33 2.66 6.34
C ARG F 96 31.04 1.55 7.35
N ASN F 97 29.95 0.82 7.10
CA ASN F 97 29.52 -0.22 8.07
C ASN F 97 29.79 -1.60 7.45
N HIS F 98 30.94 -2.18 7.78
CA HIS F 98 31.33 -3.49 7.19
C HIS F 98 30.98 -4.64 8.14
N PHE F 99 29.99 -5.45 7.77
CA PHE F 99 29.55 -6.57 8.59
C PHE F 99 29.94 -7.86 7.86
N CYS F 100 31.15 -8.34 8.11
CA CYS F 100 31.64 -9.52 7.36
C CYS F 100 30.80 -10.75 7.71
N MET F 101 30.26 -10.83 8.92
CA MET F 101 29.50 -12.05 9.34
C MET F 101 28.47 -12.46 8.28
N TYR F 102 27.73 -11.50 7.71
CA TYR F 102 26.65 -11.87 6.76
C TYR F 102 26.89 -11.27 5.37
N CYS F 103 28.10 -10.81 5.07
CA CYS F 103 28.37 -10.31 3.70
C CYS F 103 28.35 -11.48 2.72
N SER F 104 27.79 -11.28 1.53
CA SER F 104 27.75 -12.36 0.49
C SER F 104 29.18 -12.60 -0.03
N GLN F 105 30.02 -11.56 -0.04
CA GLN F 105 31.39 -11.69 -0.49
C GLN F 105 32.36 -11.86 0.67
N SER F 106 31.92 -12.49 1.75
CA SER F 106 32.68 -12.54 3.00
C SER F 106 33.83 -13.54 2.96
N GLY F 107 34.18 -14.04 1.77
CA GLY F 107 35.37 -14.87 1.64
C GLY F 107 36.11 -14.60 0.35
N ASP F 108 35.59 -13.66 -0.44
CA ASP F 108 36.23 -13.28 -1.73
C ASP F 108 36.11 -11.76 -1.92
N CYS F 109 36.26 -10.98 -0.85
CA CYS F 109 36.22 -9.50 -0.96
C CYS F 109 37.66 -8.97 -0.95
N GLU F 110 37.99 -8.08 -1.90
CA GLU F 110 39.37 -7.54 -2.00
C GLU F 110 39.72 -6.76 -0.72
N LEU F 111 38.78 -5.98 -0.19
CA LEU F 111 39.03 -5.19 1.01
C LEU F 111 39.31 -6.09 2.20
N GLN F 112 38.53 -7.16 2.36
CA GLN F 112 38.73 -8.06 3.49
C GLN F 112 40.06 -8.78 3.39
N ARG F 113 40.45 -9.19 2.18
CA ARG F 113 41.73 -9.85 2.00
C ARG F 113 42.88 -8.90 2.28
N LEU F 114 42.76 -7.64 1.83
CA LEU F 114 43.79 -6.65 2.14
C LEU F 114 43.86 -6.36 3.62
N ALA F 115 42.72 -6.45 4.32
CA ALA F 115 42.73 -6.22 5.76
C ALA F 115 43.36 -7.39 6.51
N ILE F 116 43.12 -8.61 6.04
CA ILE F 116 43.69 -9.77 6.71
C ILE F 116 45.19 -9.90 6.41
N GLU F 117 45.62 -9.51 5.21
CA GLU F 117 47.05 -9.60 4.89
C GLU F 117 47.86 -8.57 5.66
N HIS F 118 47.24 -7.47 6.08
CA HIS F 118 47.90 -6.45 6.86
C HIS F 118 47.64 -6.60 8.36
N GLU F 119 47.08 -7.73 8.78
CA GLU F 119 46.90 -8.08 10.19
C GLU F 119 46.06 -7.02 10.91
N MET F 120 44.93 -6.66 10.30
CA MET F 120 44.03 -5.69 10.89
C MET F 120 43.14 -6.39 11.92
N ASP F 121 43.30 -6.03 13.19
CA ASP F 121 42.47 -6.56 14.26
C ASP F 121 41.86 -5.46 15.12
N SER F 122 41.89 -4.21 14.64
CA SER F 122 41.26 -3.07 15.30
C SER F 122 41.25 -1.93 14.29
N VAL F 123 40.29 -1.02 14.45
CA VAL F 123 40.13 0.06 13.49
C VAL F 123 40.74 1.38 13.95
N ARG F 124 40.94 1.57 15.25
CA ARG F 124 41.61 2.71 15.85
C ARG F 124 40.86 4.03 15.62
N PHE F 125 39.68 4.01 15.02
CA PHE F 125 38.92 5.21 14.73
C PHE F 125 37.51 5.09 15.28
N PRO F 126 36.84 6.22 15.56
CA PRO F 126 35.62 6.18 16.37
C PRO F 126 34.38 5.53 15.75
N TYR F 127 34.51 4.90 14.58
CA TYR F 127 33.44 4.10 13.99
C TYR F 127 32.16 4.94 13.76
N LEU F 128 32.28 5.88 12.84
CA LEU F 128 31.11 6.64 12.40
C LEU F 128 29.99 5.72 11.98
N TYR F 129 28.88 5.76 12.71
CA TYR F 129 27.73 4.87 12.47
C TYR F 129 26.71 5.65 11.65
N GLU F 130 26.98 5.77 10.36
CA GLU F 130 26.11 6.50 9.45
C GLU F 130 25.12 5.56 8.79
N ASP F 131 24.01 6.12 8.34
CA ASP F 131 22.94 5.35 7.73
C ASP F 131 23.08 5.46 6.21
N PHE F 132 23.44 4.36 5.57
CA PHE F 132 23.55 4.29 4.13
C PHE F 132 22.41 3.44 3.56
N GLU F 133 21.95 3.81 2.37
CA GLU F 133 20.83 3.12 1.76
C GLU F 133 21.25 1.76 1.23
N VAL F 134 20.38 0.78 1.43
CA VAL F 134 20.54 -0.54 0.81
C VAL F 134 19.46 -0.65 -0.25
N ASP F 135 19.88 -0.72 -1.52
CA ASP F 135 18.96 -0.72 -2.64
C ASP F 135 18.76 -2.16 -3.11
N ALA F 136 17.63 -2.76 -2.74
CA ALA F 136 17.26 -4.09 -3.20
C ALA F 136 15.98 -4.05 -4.04
N THR F 137 15.74 -2.91 -4.69
CA THR F 137 14.51 -2.75 -5.47
C THR F 137 14.55 -3.60 -6.73
N ASP F 138 15.69 -3.68 -7.38
CA ASP F 138 15.85 -4.56 -8.53
C ASP F 138 15.85 -6.00 -8.04
N PRO F 139 15.02 -6.88 -8.60
CA PRO F 139 14.99 -8.27 -8.13
C PRO F 139 16.30 -9.03 -8.33
N ASN F 140 17.18 -8.59 -9.23
CA ASN F 140 18.38 -9.34 -9.57
C ASN F 140 19.64 -8.79 -8.93
N LEU F 141 19.83 -7.48 -8.93
CA LEU F 141 21.05 -6.86 -8.41
C LEU F 141 20.73 -6.11 -7.12
N MET F 142 21.66 -6.16 -6.17
CA MET F 142 21.53 -5.46 -4.90
C MET F 142 22.72 -4.54 -4.70
N MET F 143 22.45 -3.31 -4.27
CA MET F 143 23.49 -2.33 -4.00
C MET F 143 23.40 -1.93 -2.53
N ASP F 144 24.33 -2.43 -1.72
CA ASP F 144 24.38 -2.14 -0.29
C ASP F 144 25.51 -1.16 -0.08
N HIS F 145 25.17 0.13 0.02
CA HIS F 145 26.16 1.18 0.12
C HIS F 145 26.89 1.20 1.46
N ASN F 146 26.52 0.33 2.39
CA ASN F 146 27.28 0.19 3.62
C ASN F 146 28.66 -0.38 3.38
N ARG F 147 28.89 -0.99 2.20
CA ARG F 147 30.15 -1.63 1.88
C ARG F 147 30.88 -0.94 0.74
N CYS F 148 30.77 0.37 0.55
CA CYS F 148 31.38 1.02 -0.64
C CYS F 148 32.74 1.63 -0.33
N VAL F 149 33.72 1.36 -1.16
CA VAL F 149 35.09 1.88 -1.01
C VAL F 149 35.17 3.10 -1.93
N LEU F 150 34.18 3.32 -2.80
CA LEU F 150 34.20 4.43 -3.75
C LEU F 150 35.45 4.38 -4.62
N CYS F 151 35.58 3.22 -5.27
CA CYS F 151 36.70 2.92 -6.19
C CYS F 151 36.27 3.31 -7.58
N GLN F 152 34.97 3.47 -7.81
CA GLN F 152 34.39 3.94 -9.07
C GLN F 152 34.56 2.93 -10.21
N ARG F 153 34.85 1.69 -9.91
CA ARG F 153 35.09 0.68 -10.96
C ARG F 153 33.75 0.27 -11.54
N CYS F 154 32.66 0.61 -10.89
CA CYS F 154 31.28 0.34 -11.38
C CYS F 154 30.89 1.45 -12.31
N ILE F 155 31.32 2.67 -12.00
CA ILE F 155 31.03 3.81 -12.85
C ILE F 155 31.90 3.78 -14.10
N ARG F 156 33.04 3.11 -14.05
CA ARG F 156 33.89 3.00 -15.23
C ARG F 156 33.49 1.82 -16.11
N THR F 157 32.80 0.84 -15.54
CA THR F 157 32.41 -0.32 -16.31
C THR F 157 31.10 -0.14 -17.07
N CYS F 158 30.24 0.73 -16.54
CA CYS F 158 28.96 1.02 -17.17
C CYS F 158 29.06 2.20 -18.13
N SER F 159 30.26 2.78 -18.22
CA SER F 159 30.50 3.92 -19.08
C SER F 159 31.40 3.62 -20.27
N GLU F 160 32.57 3.03 -20.03
CA GLU F 160 33.49 2.77 -21.12
C GLU F 160 33.34 1.38 -21.72
N ILE F 161 32.82 0.42 -20.98
CA ILE F 161 32.73 -0.96 -21.44
C ILE F 161 31.31 -1.32 -21.86
N VAL F 162 30.31 -0.87 -21.11
CA VAL F 162 28.92 -1.18 -21.41
C VAL F 162 28.28 -0.10 -22.27
N GLY F 163 28.36 1.15 -21.85
CA GLY F 163 27.76 2.23 -22.61
C GLY F 163 26.51 2.76 -21.94
N ALA F 164 25.79 1.88 -21.25
CA ALA F 164 24.61 2.27 -20.49
C ALA F 164 25.08 3.01 -19.25
N HIS F 165 25.27 4.32 -19.42
CA HIS F 165 25.86 5.16 -18.39
C HIS F 165 24.87 5.38 -17.25
N THR F 166 24.55 4.31 -16.53
CA THR F 166 23.52 4.37 -15.50
C THR F 166 24.04 4.87 -14.17
N LEU F 167 25.34 4.70 -13.90
CA LEU F 167 25.92 5.02 -12.61
C LEU F 167 26.80 6.25 -12.68
N ASP F 168 26.80 7.04 -11.61
CA ASP F 168 27.73 8.15 -11.45
C ASP F 168 27.80 8.49 -9.97
N LEU F 169 28.53 9.55 -9.65
CA LEU F 169 28.74 9.96 -8.27
C LEU F 169 27.82 11.12 -7.91
N GLU F 170 27.15 10.99 -6.77
CA GLU F 170 26.28 12.02 -6.23
C GLU F 170 27.14 13.01 -5.45
N ARG F 171 26.51 13.80 -4.57
CA ARG F 171 27.14 14.93 -3.88
C ARG F 171 28.57 14.63 -3.46
N ARG F 172 29.43 15.63 -3.62
CA ARG F 172 30.85 15.46 -3.38
C ARG F 172 31.15 15.35 -1.88
N GLY F 173 32.43 15.18 -1.57
CA GLY F 173 32.86 15.07 -0.19
C GLY F 173 32.63 13.68 0.37
N TRP F 174 32.59 13.62 1.70
CA TRP F 174 32.29 12.37 2.38
C TRP F 174 30.91 11.83 2.03
N GLN F 175 30.01 12.68 1.55
CA GLN F 175 28.67 12.28 1.15
C GLN F 175 28.62 11.70 -0.26
N ALA F 176 29.76 11.30 -0.81
CA ALA F 176 29.79 10.71 -2.13
C ALA F 176 28.97 9.42 -2.14
N LYS F 177 28.27 9.18 -3.24
CA LYS F 177 27.41 8.01 -3.38
C LYS F 177 27.33 7.63 -4.85
N VAL F 178 27.12 6.34 -5.09
CA VAL F 178 26.94 5.81 -6.42
C VAL F 178 25.44 5.69 -6.67
N ILE F 179 24.94 6.47 -7.62
CA ILE F 179 23.51 6.59 -7.86
C ILE F 179 23.17 6.02 -9.23
N ALA F 180 21.90 5.76 -9.43
CA ALA F 180 21.35 5.44 -10.74
C ALA F 180 20.99 6.75 -11.44
N ASP F 181 20.19 6.66 -12.50
CA ASP F 181 19.80 7.85 -13.24
C ASP F 181 18.98 8.79 -12.37
N LEU F 182 19.49 10.00 -12.17
CA LEU F 182 18.79 11.06 -11.46
C LEU F 182 18.44 10.65 -10.03
N GLY F 183 19.36 9.97 -9.37
CA GLY F 183 19.16 9.60 -7.98
C GLY F 183 18.09 8.58 -7.73
N LYS F 184 17.63 7.91 -8.79
CA LYS F 184 16.54 6.91 -8.65
C LYS F 184 17.14 5.60 -8.13
N ARG F 185 16.27 4.66 -7.75
CA ARG F 185 16.70 3.27 -7.43
C ARG F 185 16.96 2.53 -8.75
N LEU F 186 17.74 1.44 -8.70
CA LEU F 186 18.12 0.73 -9.95
C LEU F 186 16.86 0.26 -10.71
N ARG F 187 15.77 -0.04 -10.00
CA ARG F 187 14.59 -0.55 -10.70
C ARG F 187 13.86 0.54 -11.47
N GLU F 188 13.99 1.79 -11.04
CA GLU F 188 13.35 2.90 -11.75
C GLU F 188 14.19 3.39 -12.92
N SER F 189 15.47 3.04 -12.97
CA SER F 189 16.33 3.50 -14.05
C SER F 189 16.01 2.74 -15.33
N ASP F 190 15.76 3.50 -16.40
CA ASP F 190 15.43 2.91 -17.70
C ASP F 190 16.66 2.64 -18.57
N THR F 191 17.78 3.29 -18.26
CA THR F 191 19.01 3.12 -19.07
C THR F 191 19.86 1.96 -18.55
N CYS F 192 19.25 0.98 -17.88
CA CYS F 192 20.02 -0.21 -17.40
C CYS F 192 19.69 -1.43 -18.28
N VAL F 193 20.70 -2.24 -18.60
CA VAL F 193 20.50 -3.42 -19.50
C VAL F 193 20.58 -4.71 -18.67
N ASN F 194 20.77 -4.59 -17.35
CA ASN F 194 20.87 -5.78 -16.46
C ASN F 194 21.96 -6.72 -16.98
N CYS F 195 23.19 -6.24 -17.14
CA CYS F 195 24.30 -7.06 -17.68
C CYS F 195 25.15 -7.62 -16.56
N GLY F 196 25.13 -7.01 -15.37
CA GLY F 196 25.94 -7.43 -14.25
C GLY F 196 27.42 -7.20 -14.42
N ALA F 197 27.80 -6.32 -15.34
CA ALA F 197 29.23 -5.98 -15.50
C ALA F 197 29.70 -5.21 -14.26
N CYS F 198 28.77 -4.51 -13.61
CA CYS F 198 29.09 -3.76 -12.36
C CYS F 198 29.38 -4.73 -11.23
N ALA F 199 28.62 -5.83 -11.14
CA ALA F 199 28.81 -6.83 -10.08
C ALA F 199 30.18 -7.50 -10.24
N GLN F 200 30.62 -7.71 -11.48
CA GLN F 200 31.92 -8.30 -11.72
C GLN F 200 33.05 -7.31 -11.45
N SER F 201 32.78 -6.05 -11.66
CA SER F 201 33.81 -5.03 -11.44
C SER F 201 33.91 -4.65 -9.98
N CYS F 202 32.87 -4.82 -9.17
CA CYS F 202 32.93 -4.35 -7.75
C CYS F 202 33.86 -5.25 -7.01
N PRO F 203 34.82 -4.69 -6.28
CA PRO F 203 35.75 -5.52 -5.49
C PRO F 203 35.19 -5.91 -4.13
N THR F 204 34.30 -5.10 -3.60
CA THR F 204 33.65 -5.34 -2.32
C THR F 204 32.33 -6.09 -2.55
N GLY F 205 31.49 -6.15 -1.53
CA GLY F 205 30.20 -6.78 -1.68
C GLY F 205 29.06 -5.77 -1.71
N THR F 206 29.29 -4.65 -2.38
CA THR F 206 28.23 -3.65 -2.52
C THR F 206 27.22 -4.07 -3.58
N ILE F 207 27.67 -4.18 -4.82
CA ILE F 207 26.84 -4.73 -5.89
C ILE F 207 26.96 -6.25 -5.85
N THR F 208 25.82 -6.92 -5.80
CA THR F 208 25.78 -8.37 -5.68
C THR F 208 24.62 -8.93 -6.48
N ILE F 209 24.88 -10.02 -7.20
CA ILE F 209 23.81 -10.78 -7.83
C ILE F 209 23.05 -11.53 -6.74
N ARG F 210 21.73 -11.34 -6.71
CA ARG F 210 20.97 -11.70 -5.52
C ARG F 210 20.67 -13.19 -5.44
N GLU F 211 20.29 -13.81 -6.55
CA GLU F 211 19.78 -15.17 -6.48
C GLU F 211 20.86 -16.20 -6.21
N PHE F 212 22.12 -15.87 -6.49
CA PHE F 212 23.24 -16.75 -6.18
C PHE F 212 24.09 -16.22 -5.03
N ALA F 213 23.45 -15.58 -4.05
CA ALA F 213 24.16 -15.10 -2.87
C ALA F 213 24.62 -16.27 -2.03
N TYR F 214 25.83 -16.14 -1.47
CA TYR F 214 26.40 -17.08 -0.51
C TYR F 214 26.84 -18.38 -1.17
N ARG F 215 26.52 -18.55 -2.45
CA ARG F 215 26.93 -19.73 -3.21
C ARG F 215 27.98 -19.41 -4.25
N GLY F 216 27.92 -18.22 -4.84
CA GLY F 216 28.87 -17.83 -5.87
C GLY F 216 30.10 -17.16 -5.32
N ARG F 217 30.68 -17.74 -4.26
CA ARG F 217 31.97 -17.28 -3.76
C ARG F 217 33.06 -18.04 -4.48
N ARG F 218 33.97 -17.32 -5.14
CA ARG F 218 35.04 -17.96 -5.88
C ARG F 218 36.01 -18.71 -4.97
N SER F 219 36.02 -18.39 -3.67
CA SER F 219 36.94 -19.04 -2.75
C SER F 219 36.51 -20.45 -2.38
N GLU F 220 35.22 -20.75 -2.43
CA GLU F 220 34.70 -22.05 -2.03
C GLU F 220 34.14 -22.83 -3.23
N CYS F 221 34.78 -22.70 -4.38
CA CYS F 221 34.40 -23.44 -5.56
C CYS F 221 35.08 -24.80 -5.59
N ASP F 222 34.64 -25.65 -6.52
CA ASP F 222 35.25 -26.95 -6.73
C ASP F 222 36.06 -27.04 -8.01
N ALA F 223 35.76 -26.23 -9.01
CA ALA F 223 36.50 -26.24 -10.28
C ALA F 223 36.15 -24.98 -11.04
N VAL F 224 37.12 -24.51 -11.83
CA VAL F 224 36.94 -23.37 -12.72
C VAL F 224 37.24 -23.82 -14.14
N VAL F 225 36.26 -23.65 -15.03
CA VAL F 225 36.38 -24.08 -16.42
C VAL F 225 36.02 -22.91 -17.31
N GLU F 226 36.85 -22.68 -18.34
CA GLU F 226 36.61 -21.60 -19.29
C GLU F 226 36.07 -22.17 -20.59
N SER F 227 34.99 -21.58 -21.08
CA SER F 227 34.32 -22.03 -22.29
C SER F 227 33.68 -20.81 -22.96
N VAL F 228 32.77 -21.08 -23.89
CA VAL F 228 32.10 -20.03 -24.64
C VAL F 228 30.59 -20.04 -24.45
N CYS F 229 30.01 -18.85 -24.40
CA CYS F 229 28.58 -18.65 -24.24
C CYS F 229 27.90 -19.06 -25.55
N PRO F 230 27.07 -20.11 -25.50
CA PRO F 230 26.38 -20.64 -26.67
C PRO F 230 25.13 -19.86 -27.11
N LEU F 231 24.53 -19.11 -26.19
CA LEU F 231 23.24 -18.43 -26.47
C LEU F 231 23.26 -17.59 -27.77
N CYS F 232 24.24 -16.71 -27.97
CA CYS F 232 24.17 -15.85 -29.19
C CYS F 232 25.41 -16.00 -30.08
N ALA F 233 25.50 -15.22 -31.15
CA ALA F 233 26.61 -15.35 -32.14
C ALA F 233 27.91 -14.70 -31.64
N VAL F 234 27.82 -13.69 -30.76
CA VAL F 234 29.04 -12.95 -30.32
C VAL F 234 30.04 -13.96 -29.75
N GLY F 235 29.56 -14.98 -29.03
CA GLY F 235 30.46 -16.02 -28.51
C GLY F 235 31.46 -15.48 -27.52
N CYS F 236 30.97 -14.92 -26.40
CA CYS F 236 31.87 -14.33 -25.36
C CYS F 236 32.55 -15.45 -24.58
N LYS F 237 33.84 -15.29 -24.29
CA LYS F 237 34.59 -16.28 -23.47
C LYS F 237 34.16 -16.16 -22.01
N ILE F 238 33.91 -17.28 -21.34
CA ILE F 238 33.38 -17.22 -19.94
C ILE F 238 34.36 -17.91 -18.97
N LYS F 239 34.06 -17.86 -17.67
CA LYS F 239 34.91 -18.43 -16.62
C LYS F 239 34.07 -19.13 -15.57
N THR F 240 33.19 -20.02 -16.04
CA THR F 240 32.29 -20.81 -15.20
C THR F 240 32.93 -21.30 -13.92
N TYR F 241 32.24 -21.06 -12.79
CA TYR F 241 32.62 -21.56 -11.49
C TYR F 241 31.64 -22.66 -11.08
N VAL F 242 32.15 -23.83 -10.72
CA VAL F 242 31.31 -24.99 -10.41
C VAL F 242 31.43 -25.30 -8.93
N ARG F 243 30.30 -25.58 -8.30
CA ARG F 243 30.26 -25.93 -6.88
C ARG F 243 29.16 -26.95 -6.68
N THR F 244 29.55 -28.18 -6.33
CA THR F 244 28.63 -29.28 -6.06
C THR F 244 27.70 -29.54 -7.24
N GLY F 245 28.30 -29.64 -8.42
CA GLY F 245 27.54 -29.98 -9.62
C GLY F 245 26.62 -28.88 -10.09
N SER F 246 26.95 -27.62 -9.81
CA SER F 246 26.09 -26.51 -10.17
C SER F 246 26.95 -25.29 -10.49
N ILE F 247 26.54 -24.55 -11.51
CA ILE F 247 27.22 -23.32 -11.91
C ILE F 247 26.76 -22.21 -11.00
N VAL F 248 27.68 -21.63 -10.23
CA VAL F 248 27.32 -20.61 -9.25
C VAL F 248 27.66 -19.20 -9.71
N ARG F 249 28.54 -19.05 -10.70
CA ARG F 249 28.97 -17.73 -11.13
C ARG F 249 29.57 -17.84 -12.52
N VAL F 250 29.19 -16.94 -13.40
CA VAL F 250 29.75 -16.86 -14.75
C VAL F 250 30.38 -15.48 -14.88
N GLU F 251 31.69 -15.46 -15.09
CA GLU F 251 32.44 -14.22 -15.20
C GLU F 251 33.04 -14.10 -16.60
N GLY F 252 33.17 -12.87 -17.08
CA GLY F 252 33.62 -12.64 -18.43
C GLY F 252 35.12 -12.51 -18.59
N THR F 253 35.77 -13.59 -19.00
CA THR F 253 37.14 -13.49 -19.48
C THR F 253 37.16 -12.71 -20.79
N GLY F 254 38.25 -11.99 -21.02
CA GLY F 254 38.31 -11.13 -22.19
C GLY F 254 38.32 -9.66 -21.84
N VAL F 255 39.02 -9.31 -20.75
CA VAL F 255 39.13 -7.93 -20.32
C VAL F 255 40.20 -7.24 -21.14
N GLU F 256 40.74 -7.94 -22.14
CA GLU F 256 41.67 -7.37 -23.10
C GLU F 256 41.03 -7.10 -24.46
N GLU F 257 40.00 -7.86 -24.83
CA GLU F 257 39.25 -7.70 -26.05
C GLU F 257 38.27 -6.53 -25.92
N PRO F 258 37.72 -6.04 -27.04
CA PRO F 258 36.84 -4.86 -26.95
C PRO F 258 35.54 -5.12 -26.19
N ASP F 259 35.13 -6.37 -26.03
CA ASP F 259 33.94 -6.64 -25.22
C ASP F 259 34.16 -6.25 -23.77
N GLY F 260 35.35 -6.52 -23.24
CA GLY F 260 35.68 -6.13 -21.89
C GLY F 260 35.18 -7.06 -20.81
N GLY F 261 34.68 -8.23 -21.17
CA GLY F 261 34.19 -9.17 -20.20
C GLY F 261 32.73 -9.02 -19.83
N GLN F 262 32.11 -7.89 -20.18
CA GLN F 262 30.68 -7.74 -19.92
C GLN F 262 29.90 -8.77 -20.72
N LEU F 263 29.16 -9.60 -20.01
CA LEU F 263 28.30 -10.58 -20.63
C LEU F 263 26.87 -10.05 -20.53
N CYS F 264 25.99 -10.57 -21.38
CA CYS F 264 24.58 -10.18 -21.36
C CYS F 264 23.83 -10.84 -20.22
N HIS F 265 22.65 -10.31 -19.90
CA HIS F 265 21.79 -10.85 -18.84
C HIS F 265 21.64 -12.36 -18.96
N MET F 266 21.54 -12.83 -20.19
CA MET F 266 21.46 -14.27 -20.45
C MET F 266 22.75 -14.97 -20.05
N GLY F 267 23.88 -14.46 -20.53
CA GLY F 267 25.14 -15.16 -20.33
C GLY F 267 25.49 -15.41 -18.88
N ARG F 268 25.12 -14.50 -17.98
CA ARG F 268 25.46 -14.64 -16.57
C ARG F 268 24.26 -14.80 -15.66
N TRP F 269 23.06 -14.95 -16.20
CA TRP F 269 21.89 -15.31 -15.39
C TRP F 269 21.26 -16.63 -15.81
N TRP F 270 21.10 -16.87 -17.11
CA TRP F 270 20.47 -18.10 -17.56
C TRP F 270 21.40 -19.29 -17.40
N LEU F 271 22.68 -19.11 -17.73
CA LEU F 271 23.62 -20.22 -17.66
C LEU F 271 23.75 -20.80 -16.26
N PRO F 272 23.85 -20.01 -15.17
CA PRO F 272 23.84 -20.62 -13.84
C PRO F 272 22.45 -21.03 -13.40
N GLU F 273 21.42 -20.40 -13.95
CA GLU F 273 20.05 -20.83 -13.67
C GLU F 273 19.68 -22.10 -14.44
N SER F 274 20.43 -22.47 -15.45
CA SER F 274 20.16 -23.68 -16.23
C SER F 274 20.58 -24.94 -15.51
N THR F 275 21.60 -24.88 -14.66
CA THR F 275 22.13 -26.06 -14.02
C THR F 275 21.24 -26.54 -12.87
N GLU F 276 20.21 -25.76 -12.51
CA GLU F 276 19.31 -26.12 -11.43
C GLU F 276 17.89 -26.34 -11.94
N ARG F 277 17.75 -26.92 -13.13
CA ARG F 277 16.45 -27.18 -13.72
C ARG F 277 16.08 -28.66 -13.55
N GLU F 278 14.99 -29.07 -14.20
CA GLU F 278 14.26 -30.28 -13.82
C GLU F 278 14.79 -31.56 -14.44
N ARG F 279 15.57 -31.50 -15.51
CA ARG F 279 16.40 -32.64 -15.89
C ARG F 279 15.61 -33.92 -16.17
N VAL F 280 14.98 -34.00 -17.35
CA VAL F 280 14.10 -35.10 -17.75
C VAL F 280 14.62 -36.45 -17.27
N THR F 281 15.87 -36.78 -17.59
CA THR F 281 16.62 -37.92 -17.02
C THR F 281 16.03 -39.30 -17.29
N VAL F 282 14.91 -39.39 -18.01
CA VAL F 282 14.30 -40.68 -18.33
C VAL F 282 13.27 -40.47 -19.42
N PRO F 283 13.10 -41.41 -20.36
CA PRO F 283 12.09 -41.22 -21.40
C PRO F 283 10.68 -41.20 -20.81
N LEU F 284 9.86 -40.30 -21.34
CA LEU F 284 8.49 -40.12 -20.87
C LEU F 284 7.50 -40.52 -21.95
N ILE F 285 6.23 -40.48 -21.57
CA ILE F 285 5.12 -40.72 -22.49
C ILE F 285 3.93 -39.88 -22.01
N ARG F 286 3.21 -39.28 -22.95
CA ARG F 286 2.23 -38.26 -22.60
C ARG F 286 1.14 -38.81 -21.69
N GLU F 287 0.52 -39.93 -22.08
CA GLU F 287 -0.50 -40.61 -21.28
C GLU F 287 -1.76 -39.77 -21.10
N GLY F 288 -1.74 -38.54 -21.63
CA GLY F 288 -2.87 -37.65 -21.52
C GLY F 288 -2.74 -36.68 -20.36
N ALA F 289 -2.33 -35.46 -20.66
CA ALA F 289 -2.26 -34.35 -19.70
C ALA F 289 -1.30 -34.58 -18.54
N SER F 290 -0.60 -35.72 -18.52
CA SER F 290 0.30 -36.03 -17.41
C SER F 290 1.27 -37.12 -17.83
N TYR F 291 2.56 -36.79 -17.85
CA TYR F 291 3.57 -37.70 -18.36
C TYR F 291 3.70 -38.94 -17.49
N ARG F 292 4.44 -39.92 -18.01
CA ARG F 292 4.62 -41.20 -17.35
C ARG F 292 6.00 -41.74 -17.68
N GLU F 293 6.60 -42.42 -16.70
CA GLU F 293 7.94 -42.97 -16.86
C GLU F 293 7.88 -44.25 -17.68
N ALA F 294 8.81 -44.40 -18.62
CA ALA F 294 8.89 -45.58 -19.47
C ALA F 294 10.35 -45.94 -19.70
N THR F 295 10.57 -47.20 -20.03
CA THR F 295 11.91 -47.65 -20.38
C THR F 295 12.28 -47.15 -21.78
N TRP F 296 13.57 -47.24 -22.10
CA TRP F 296 14.04 -46.76 -23.39
C TRP F 296 13.47 -47.58 -24.53
N GLU F 297 13.35 -48.90 -24.32
CA GLU F 297 12.79 -49.75 -25.36
C GLU F 297 11.35 -49.38 -25.68
N GLU F 298 10.53 -49.17 -24.65
CA GLU F 298 9.12 -48.84 -24.88
C GLU F 298 8.97 -47.50 -25.59
N ALA F 299 9.64 -46.46 -25.07
CA ALA F 299 9.53 -45.13 -25.67
C ALA F 299 10.03 -45.13 -27.11
N LEU F 300 11.20 -45.72 -27.35
CA LEU F 300 11.74 -45.72 -28.69
C LEU F 300 10.91 -46.58 -29.63
N ALA F 301 10.31 -47.66 -29.12
CA ALA F 301 9.47 -48.49 -29.96
C ALA F 301 8.23 -47.74 -30.42
N LEU F 302 7.56 -47.05 -29.48
CA LEU F 302 6.37 -46.30 -29.85
C LEU F 302 6.72 -45.12 -30.76
N ALA F 303 7.83 -44.45 -30.47
CA ALA F 303 8.24 -43.32 -31.30
C ALA F 303 8.55 -43.76 -32.72
N SER F 304 9.30 -44.86 -32.88
CA SER F 304 9.62 -45.33 -34.22
C SER F 304 8.41 -45.94 -34.91
N ALA F 305 7.47 -46.51 -34.15
CA ALA F 305 6.25 -47.02 -34.75
C ALA F 305 5.43 -45.89 -35.36
N GLU F 306 5.33 -44.76 -34.66
CA GLU F 306 4.64 -43.62 -35.25
C GLU F 306 5.49 -42.89 -36.28
N PHE F 307 6.82 -43.06 -36.24
CA PHE F 307 7.68 -42.40 -37.20
C PHE F 307 7.70 -43.13 -38.55
N LYS F 308 7.55 -44.45 -38.53
CA LYS F 308 7.48 -45.20 -39.78
C LYS F 308 6.15 -44.98 -40.46
N LYS F 309 5.05 -45.13 -39.71
CA LYS F 309 3.72 -45.00 -40.28
C LYS F 309 3.43 -43.61 -40.82
N ALA F 310 4.37 -42.67 -40.69
CA ALA F 310 4.24 -41.34 -41.25
C ALA F 310 5.26 -41.06 -42.34
N TYR F 311 6.44 -41.67 -42.28
CA TYR F 311 7.47 -41.48 -43.29
C TYR F 311 7.15 -42.15 -44.61
N ASP F 312 6.34 -43.21 -44.61
CA ASP F 312 5.95 -43.81 -45.88
C ASP F 312 5.04 -42.89 -46.67
N GLN F 313 4.22 -42.11 -45.99
CA GLN F 313 3.21 -41.26 -46.65
C GLN F 313 3.73 -39.84 -46.79
N GLU F 314 5.05 -39.73 -46.90
CA GLU F 314 5.72 -38.48 -47.24
C GLU F 314 5.63 -37.45 -46.12
N LYS F 315 4.90 -37.76 -45.05
CA LYS F 315 4.62 -36.78 -44.02
C LYS F 315 5.43 -37.01 -42.76
N ALA F 316 6.60 -36.39 -42.69
CA ALA F 316 7.43 -36.42 -41.50
C ALA F 316 8.43 -35.28 -41.56
N GLY F 317 8.94 -34.82 -40.41
CA GLY F 317 9.81 -33.67 -40.39
C GLY F 317 10.69 -33.65 -39.16
N ALA F 318 11.72 -32.82 -39.23
CA ALA F 318 12.66 -32.66 -38.12
C ALA F 318 12.97 -31.20 -37.95
N ILE F 319 12.84 -30.71 -36.73
CA ILE F 319 13.16 -29.32 -36.38
C ILE F 319 14.26 -29.37 -35.32
N LEU F 320 15.49 -29.15 -35.74
CA LEU F 320 16.65 -29.25 -34.88
C LEU F 320 17.04 -27.86 -34.39
N SER F 321 17.98 -27.82 -33.46
CA SER F 321 18.42 -26.58 -32.82
C SER F 321 19.81 -26.20 -33.31
N SER F 322 20.00 -24.91 -33.58
CA SER F 322 21.28 -24.40 -34.03
C SER F 322 22.23 -24.08 -32.89
N LEU F 323 21.80 -24.26 -31.65
CA LEU F 323 22.70 -24.22 -30.50
C LEU F 323 23.38 -25.55 -30.26
N CYS F 324 23.14 -26.53 -31.13
CA CYS F 324 23.81 -27.81 -31.06
C CYS F 324 25.20 -27.71 -31.67
N THR F 325 26.04 -28.68 -31.32
CA THR F 325 27.41 -28.68 -31.80
C THR F 325 27.48 -29.26 -33.20
N ASP F 326 28.66 -29.18 -33.82
CA ASP F 326 28.81 -29.64 -35.19
C ASP F 326 28.70 -31.15 -35.30
N GLU F 327 29.08 -31.88 -34.24
CA GLU F 327 29.01 -33.33 -34.30
C GLU F 327 27.56 -33.82 -34.19
N GLU F 328 26.78 -33.20 -33.30
CA GLU F 328 25.37 -33.56 -33.20
C GLU F 328 24.63 -33.21 -34.48
N LEU F 329 24.95 -32.06 -35.08
CA LEU F 329 24.32 -31.69 -36.34
C LEU F 329 24.74 -32.63 -37.46
N THR F 330 26.00 -33.05 -37.46
CA THR F 330 26.47 -34.02 -38.44
C THR F 330 25.72 -35.34 -38.30
N LEU F 331 25.50 -35.80 -37.07
CA LEU F 331 24.78 -37.04 -36.87
C LEU F 331 23.31 -36.92 -37.29
N PHE F 332 22.66 -35.83 -36.90
CA PHE F 332 21.28 -35.59 -37.31
C PHE F 332 21.17 -35.55 -38.83
N SER F 333 22.10 -34.89 -39.50
CA SER F 333 22.05 -34.80 -40.96
C SER F 333 22.35 -36.15 -41.60
N ALA F 334 23.24 -36.93 -40.99
CA ALA F 334 23.52 -38.26 -41.50
C ALA F 334 22.29 -39.14 -41.41
N LEU F 335 21.48 -38.96 -40.36
CA LEU F 335 20.26 -39.76 -40.26
C LEU F 335 19.18 -39.25 -41.21
N PHE F 336 18.95 -37.95 -41.24
CA PHE F 336 17.79 -37.41 -41.92
C PHE F 336 18.06 -37.02 -43.37
N ARG F 337 19.20 -36.41 -43.65
CA ARG F 337 19.48 -35.92 -44.99
C ARG F 337 20.18 -36.94 -45.88
N ASN F 338 21.03 -37.79 -45.32
CA ASN F 338 21.79 -38.75 -46.11
C ASN F 338 21.46 -40.20 -45.80
N ALA F 339 20.42 -40.45 -45.02
CA ALA F 339 19.95 -41.83 -44.80
C ALA F 339 18.46 -41.99 -45.08
N LEU F 340 17.65 -40.97 -44.79
CA LEU F 340 16.22 -41.03 -45.01
C LEU F 340 15.76 -40.20 -46.20
N LYS F 341 16.65 -39.43 -46.81
CA LYS F 341 16.32 -38.58 -47.96
C LYS F 341 15.19 -37.61 -47.64
N MET F 342 15.09 -37.22 -46.37
CA MET F 342 14.05 -36.28 -45.95
C MET F 342 14.27 -34.92 -46.57
N LYS F 343 13.17 -34.16 -46.69
CA LYS F 343 13.21 -32.83 -47.25
C LYS F 343 12.82 -31.74 -46.26
N HIS F 344 12.27 -32.09 -45.11
CA HIS F 344 11.82 -31.12 -44.10
C HIS F 344 12.73 -31.22 -42.88
N ILE F 345 13.87 -30.54 -42.93
CA ILE F 345 14.89 -30.61 -41.89
C ILE F 345 15.20 -29.21 -41.36
N ASP F 346 14.20 -28.33 -41.31
CA ASP F 346 14.47 -26.95 -40.91
C ASP F 346 15.01 -26.88 -39.48
N THR F 347 15.44 -25.68 -39.11
CA THR F 347 15.96 -25.37 -37.79
C THR F 347 15.09 -24.26 -37.20
N PHE F 348 15.05 -24.18 -35.87
CA PHE F 348 14.29 -23.14 -35.19
C PHE F 348 14.61 -21.74 -35.72
N ASP F 349 15.80 -21.55 -36.28
CA ASP F 349 16.22 -20.26 -36.81
C ASP F 349 16.56 -20.35 -38.30
N GLY F 350 16.02 -21.37 -38.97
CA GLY F 350 16.38 -21.60 -40.37
C GLY F 350 16.04 -20.42 -41.28
N ASP F 351 14.99 -19.67 -40.94
CA ASP F 351 14.57 -18.57 -41.80
C ASP F 351 15.62 -17.46 -41.83
N ILE F 352 16.11 -17.06 -40.66
CA ILE F 352 17.14 -16.02 -40.60
C ILE F 352 18.39 -16.47 -41.35
N ILE F 353 18.77 -17.73 -41.19
CA ILE F 353 20.00 -18.23 -41.80
C ILE F 353 19.87 -18.24 -43.32
N ARG F 354 18.80 -18.85 -43.84
CA ARG F 354 18.62 -18.91 -45.28
C ARG F 354 18.44 -17.51 -45.87
N GLY F 355 17.79 -16.60 -45.15
CA GLY F 355 17.63 -15.25 -45.66
C GLY F 355 18.95 -14.51 -45.76
N PHE F 356 19.75 -14.56 -44.69
CA PHE F 356 21.05 -13.91 -44.72
C PHE F 356 21.94 -14.47 -45.82
N PHE F 357 21.93 -15.80 -45.99
CA PHE F 357 22.83 -16.38 -46.98
C PHE F 357 22.36 -16.09 -48.40
N LYS F 358 21.05 -16.17 -48.66
CA LYS F 358 20.57 -15.88 -50.01
C LYS F 358 20.56 -14.38 -50.30
N GLY F 359 20.72 -13.54 -49.28
CA GLY F 359 20.92 -12.12 -49.53
C GLY F 359 22.38 -11.74 -49.69
N PHE F 360 23.28 -12.53 -49.12
CA PHE F 360 24.71 -12.26 -49.25
C PHE F 360 25.36 -12.97 -50.43
N MET F 361 24.69 -13.97 -51.01
CA MET F 361 25.26 -14.66 -52.16
C MET F 361 25.41 -13.80 -53.42
N PRO F 362 24.57 -12.79 -53.68
CA PRO F 362 24.88 -11.85 -54.78
C PRO F 362 26.27 -11.23 -54.69
N PHE F 363 26.95 -11.39 -53.56
CA PHE F 363 28.30 -10.88 -53.39
C PHE F 363 29.36 -11.97 -53.30
N ARG F 364 28.95 -13.23 -53.07
CA ARG F 364 29.92 -14.31 -53.10
C ARG F 364 30.34 -14.65 -54.51
N GLU F 365 29.48 -14.39 -55.49
CA GLU F 365 29.82 -14.71 -56.88
C GLU F 365 30.71 -13.65 -57.51
N GLN F 366 31.10 -12.62 -56.77
CA GLN F 366 32.05 -11.63 -57.24
C GLN F 366 33.26 -11.45 -56.33
N GLY F 367 33.42 -12.31 -55.32
CA GLY F 367 34.65 -12.35 -54.55
C GLY F 367 34.80 -11.30 -53.48
N VAL F 368 33.72 -10.91 -52.81
CA VAL F 368 33.78 -9.96 -51.71
C VAL F 368 33.13 -10.59 -50.49
N ARG F 369 33.73 -10.33 -49.32
CA ARG F 369 33.18 -10.79 -48.05
C ARG F 369 32.20 -9.75 -47.52
N PRO F 370 30.90 -9.99 -47.61
CA PRO F 370 29.93 -8.92 -47.37
C PRO F 370 29.60 -8.67 -45.92
N PHE F 371 30.60 -8.61 -45.05
CA PHE F 371 30.40 -8.23 -43.65
C PHE F 371 31.76 -8.05 -42.99
N THR F 372 31.74 -7.47 -41.79
CA THR F 372 32.93 -7.16 -41.02
C THR F 372 32.77 -7.65 -39.59
N ALA F 373 33.84 -7.53 -38.82
CA ALA F 373 33.80 -7.84 -37.40
C ALA F 373 32.90 -6.85 -36.68
N ALA F 374 32.23 -7.35 -35.63
CA ALA F 374 31.22 -6.55 -34.95
C ALA F 374 31.83 -5.45 -34.10
N HIS F 375 33.11 -5.52 -33.78
CA HIS F 375 33.74 -4.55 -32.89
C HIS F 375 34.23 -3.30 -33.61
N HIS F 376 33.99 -3.18 -34.91
CA HIS F 376 34.36 -1.98 -35.64
C HIS F 376 33.35 -0.85 -35.46
N ILE F 377 32.20 -1.12 -34.84
CA ILE F 377 31.23 -0.08 -34.58
C ILE F 377 31.81 1.04 -33.73
N LEU F 378 32.85 0.75 -32.95
CA LEU F 378 33.49 1.78 -32.14
C LEU F 378 34.28 2.75 -33.01
N ASP F 379 34.83 2.25 -34.12
CA ASP F 379 35.66 3.07 -35.00
C ASP F 379 34.85 3.76 -36.10
N SER F 380 33.54 3.60 -36.12
CA SER F 380 32.72 4.17 -37.17
C SER F 380 32.34 5.61 -36.84
N ASP F 381 31.56 6.21 -37.74
CA ASP F 381 31.08 7.58 -37.56
C ASP F 381 29.58 7.72 -37.74
N LEU F 382 28.92 6.84 -38.49
CA LEU F 382 27.47 6.86 -38.63
C LEU F 382 26.98 5.43 -38.65
N ILE F 383 26.19 5.06 -37.65
CA ILE F 383 25.68 3.71 -37.48
C ILE F 383 24.22 3.69 -37.89
N ILE F 384 23.91 2.94 -38.95
CA ILE F 384 22.56 2.84 -39.48
C ILE F 384 21.98 1.49 -39.05
N THR F 385 20.87 1.53 -38.32
CA THR F 385 20.24 0.33 -37.77
C THR F 385 19.13 -0.10 -38.72
N MET F 386 19.37 -1.18 -39.45
CA MET F 386 18.44 -1.68 -40.46
C MET F 386 17.72 -2.91 -39.92
N PHE F 387 16.49 -2.70 -39.46
CA PHE F 387 15.60 -3.80 -39.04
C PHE F 387 16.23 -4.64 -37.94
N ALA F 388 16.95 -3.98 -37.03
CA ALA F 388 17.69 -4.65 -35.98
C ALA F 388 17.25 -4.16 -34.62
N ASP F 389 17.35 -5.05 -33.64
CA ASP F 389 17.17 -4.69 -32.23
C ASP F 389 18.21 -5.45 -31.44
N PRO F 390 19.44 -4.94 -31.39
CA PRO F 390 20.54 -5.74 -30.84
C PRO F 390 20.42 -6.01 -29.36
N GLN F 391 19.68 -5.19 -28.61
CA GLN F 391 19.53 -5.45 -27.17
C GLN F 391 18.79 -6.75 -26.90
N LYS F 392 18.09 -7.29 -27.89
CA LYS F 392 17.43 -8.58 -27.76
C LYS F 392 18.08 -9.67 -28.61
N GLU F 393 19.06 -9.32 -29.44
CA GLU F 393 19.69 -10.29 -30.33
C GLU F 393 21.20 -10.38 -30.16
N ALA F 394 21.88 -9.27 -29.89
CA ALA F 394 23.32 -9.29 -29.69
C ALA F 394 23.71 -8.14 -28.77
N PRO F 395 23.62 -8.34 -27.46
CA PRO F 395 23.82 -7.21 -26.52
C PRO F 395 25.19 -6.58 -26.59
N VAL F 396 26.24 -7.33 -26.92
CA VAL F 396 27.57 -6.74 -27.04
C VAL F 396 27.63 -5.78 -28.23
N VAL F 397 26.87 -6.08 -29.29
CA VAL F 397 26.77 -5.15 -30.40
C VAL F 397 26.09 -3.86 -29.96
N ALA F 398 25.03 -3.97 -29.15
CA ALA F 398 24.40 -2.78 -28.60
C ALA F 398 25.34 -2.01 -27.70
N SER F 399 26.23 -2.71 -26.99
CA SER F 399 27.21 -2.04 -26.16
C SER F 399 28.22 -1.28 -27.01
N TYR F 400 28.67 -1.87 -28.10
CA TYR F 400 29.51 -1.15 -29.06
C TYR F 400 28.80 0.11 -29.56
N ILE F 401 27.52 -0.03 -29.91
CA ILE F 401 26.76 1.11 -30.42
C ILE F 401 26.69 2.22 -29.38
N ARG F 402 26.39 1.86 -28.13
CA ARG F 402 26.27 2.87 -27.09
C ARG F 402 27.60 3.53 -26.80
N VAL F 403 28.68 2.75 -26.74
CA VAL F 403 30.00 3.34 -26.48
C VAL F 403 30.38 4.30 -27.59
N ALA F 404 30.11 3.92 -28.85
CA ALA F 404 30.48 4.78 -29.96
C ALA F 404 29.63 6.05 -29.99
N CYS F 405 28.34 5.93 -29.68
CA CYS F 405 27.44 7.08 -29.78
C CYS F 405 27.46 7.98 -28.57
N LEU F 406 28.00 7.52 -27.43
CA LEU F 406 28.01 8.32 -26.23
C LEU F 406 29.40 8.72 -25.75
N HIS F 407 30.46 8.07 -26.23
CA HIS F 407 31.82 8.39 -25.82
C HIS F 407 32.79 8.51 -26.98
N ARG F 408 32.38 8.19 -28.21
CA ARG F 408 33.21 8.37 -29.39
C ARG F 408 32.53 9.21 -30.46
N ASN F 409 31.41 9.85 -30.13
CA ASN F 409 30.77 10.86 -30.97
C ASN F 409 30.39 10.30 -32.36
N ALA F 410 29.48 9.33 -32.34
CA ALA F 410 28.90 8.79 -33.55
C ALA F 410 27.42 9.11 -33.62
N LYS F 411 26.90 9.18 -34.85
CA LYS F 411 25.50 9.50 -35.09
C LYS F 411 24.74 8.24 -35.48
N LEU F 412 23.49 8.18 -35.05
CA LEU F 412 22.66 6.98 -35.20
C LEU F 412 21.39 7.33 -35.97
N MET F 413 21.06 6.48 -36.95
CA MET F 413 19.83 6.62 -37.72
C MET F 413 19.18 5.26 -37.90
N ASN F 414 17.87 5.21 -37.69
CA ASN F 414 17.10 3.98 -37.80
C ASN F 414 16.42 3.90 -39.17
N LEU F 415 16.37 2.69 -39.72
CA LEU F 415 15.81 2.45 -41.03
C LEU F 415 14.89 1.23 -40.99
N SER F 416 14.01 1.19 -40.00
CA SER F 416 13.17 0.03 -39.77
C SER F 416 11.77 0.45 -39.37
N TYR F 417 10.82 -0.46 -39.59
CA TYR F 417 9.44 -0.29 -39.13
C TYR F 417 9.26 -0.87 -37.74
N GLY F 418 10.04 -0.38 -36.79
CA GLY F 418 10.02 -0.91 -35.45
C GLY F 418 9.99 0.17 -34.38
N PRO F 419 10.41 -0.19 -33.17
CA PRO F 419 10.31 0.74 -32.03
C PRO F 419 11.51 1.64 -31.83
N SER F 420 12.42 1.72 -32.82
CA SER F 420 13.65 2.51 -32.68
C SER F 420 14.45 2.03 -31.49
N PRO F 421 15.10 0.86 -31.59
CA PRO F 421 15.63 0.16 -30.41
C PRO F 421 16.52 0.98 -29.50
N PHE F 422 16.92 2.18 -29.91
CA PHE F 422 17.71 3.08 -29.06
C PHE F 422 16.99 4.42 -28.96
N PRO F 423 15.92 4.49 -28.17
CA PRO F 423 15.15 5.74 -28.06
C PRO F 423 15.87 6.78 -27.21
N GLY F 424 16.76 7.55 -27.82
CA GLY F 424 17.49 8.57 -27.11
C GLY F 424 18.91 8.76 -27.61
N LEU F 425 19.34 7.86 -28.50
CA LEU F 425 20.63 8.01 -29.18
C LEU F 425 20.48 8.25 -30.68
N VAL F 426 19.32 7.94 -31.25
CA VAL F 426 19.08 8.14 -32.67
C VAL F 426 18.71 9.60 -32.91
N ASP F 427 19.15 10.14 -34.05
CA ASP F 427 18.77 11.48 -34.46
C ASP F 427 18.01 11.50 -35.77
N LEU F 428 17.72 10.34 -36.35
CA LEU F 428 16.99 10.26 -37.62
C LEU F 428 16.27 8.92 -37.65
N ASP F 429 14.98 8.92 -37.31
CA ASP F 429 14.17 7.71 -37.32
C ASP F 429 13.39 7.65 -38.63
N ILE F 430 13.75 6.70 -39.49
CA ILE F 430 13.12 6.53 -40.79
C ILE F 430 12.29 5.26 -40.76
N ARG F 431 10.98 5.42 -40.60
CA ARG F 431 10.06 4.30 -40.51
C ARG F 431 9.53 3.96 -41.90
N LEU F 432 9.85 2.80 -42.38
CA LEU F 432 9.43 2.36 -43.69
C LEU F 432 8.09 1.62 -43.60
N PRO F 433 7.16 1.92 -44.51
CA PRO F 433 5.95 1.11 -44.61
C PRO F 433 6.17 -0.13 -45.43
N GLU F 434 5.47 -1.19 -45.04
CA GLU F 434 5.71 -2.51 -45.62
C GLU F 434 5.24 -2.56 -47.08
N GLY F 435 5.40 -3.73 -47.70
CA GLY F 435 5.01 -3.90 -49.11
C GLY F 435 6.20 -4.35 -49.94
N GLN F 436 6.67 -3.50 -50.86
CA GLN F 436 7.88 -3.84 -51.65
C GLN F 436 8.83 -2.64 -51.59
N ALA F 437 9.40 -2.38 -50.41
CA ALA F 437 10.32 -1.23 -50.23
C ALA F 437 11.75 -1.62 -50.61
N VAL F 438 11.96 -2.90 -50.93
CA VAL F 438 13.33 -3.40 -51.27
C VAL F 438 13.83 -2.76 -52.58
N PRO F 439 13.11 -2.86 -53.73
CA PRO F 439 13.57 -2.21 -54.97
C PRO F 439 13.68 -0.70 -54.75
N LYS F 440 12.77 -0.12 -53.96
CA LYS F 440 12.81 1.34 -53.66
C LYS F 440 14.18 1.67 -53.05
N ALA F 441 14.60 0.90 -52.04
CA ALA F 441 15.89 1.15 -51.37
C ALA F 441 17.05 0.98 -52.35
N LEU F 442 17.01 -0.09 -53.16
CA LEU F 442 18.14 -0.38 -54.10
C LEU F 442 18.23 0.71 -55.18
N SER F 443 17.09 1.21 -55.67
CA SER F 443 17.13 2.33 -56.66
C SER F 443 17.60 3.62 -55.97
N ASN F 444 17.24 3.80 -54.69
CA ASN F 444 17.66 5.01 -53.93
C ASN F 444 19.18 5.03 -53.81
N LEU F 445 19.80 3.88 -53.54
CA LEU F 445 21.28 3.84 -53.36
C LEU F 445 21.97 3.81 -54.73
N ALA F 446 21.23 3.49 -55.80
CA ALA F 446 21.80 3.52 -57.16
C ALA F 446 22.25 4.95 -57.49
N GLU F 447 21.46 5.94 -57.07
CA GLU F 447 21.78 7.36 -57.36
C GLU F 447 23.06 7.79 -56.61
N ILE F 448 23.33 7.19 -55.44
CA ILE F 448 24.50 7.61 -54.62
C ILE F 448 25.81 7.12 -55.26
N ILE F 449 25.76 6.11 -56.12
CA ILE F 449 27.00 5.65 -56.83
C ILE F 449 27.20 6.51 -58.10
N GLY F 450 26.11 7.01 -58.70
CA GLY F 450 26.22 7.76 -59.96
C GLY F 450 26.22 9.26 -59.72
N LYS F 451 25.05 9.84 -59.43
CA LYS F 451 24.93 11.26 -59.20
C LYS F 451 25.85 11.76 -58.10
N ILE F 452 26.21 10.90 -57.14
CA ILE F 452 27.09 11.29 -56.05
C ILE F 452 28.43 10.60 -56.20
N SER F 479 13.99 11.62 -59.63
CA SER F 479 14.81 10.41 -59.37
C SER F 479 14.65 9.98 -57.91
N ILE F 480 15.13 10.80 -56.97
CA ILE F 480 15.02 10.49 -55.52
C ILE F 480 13.53 10.42 -55.15
N GLU F 481 12.72 11.36 -55.65
CA GLU F 481 11.27 11.39 -55.33
C GLU F 481 10.60 10.11 -55.83
N GLU F 482 10.93 9.68 -57.05
CA GLU F 482 10.33 8.45 -57.64
C GLU F 482 10.75 7.23 -56.81
N SER F 483 11.97 7.24 -56.27
CA SER F 483 12.49 6.09 -55.47
C SER F 483 12.12 6.27 -53.99
N ALA F 484 11.29 7.27 -53.66
CA ALA F 484 10.91 7.54 -52.26
C ALA F 484 9.39 7.68 -52.14
N ARG F 485 8.67 6.66 -52.62
CA ARG F 485 7.18 6.65 -52.52
C ARG F 485 6.77 5.43 -51.68
N ALA F 486 7.26 4.24 -52.05
CA ALA F 486 6.97 3.02 -51.25
C ALA F 486 7.78 3.08 -49.95
N MET F 487 8.82 3.94 -49.91
CA MET F 487 9.59 4.13 -48.65
C MET F 487 8.77 5.00 -47.69
N GLY F 488 7.64 5.55 -48.16
CA GLY F 488 6.75 6.36 -47.30
C GLY F 488 7.44 7.57 -46.73
N LEU F 489 8.33 8.20 -47.51
CA LEU F 489 9.06 9.40 -47.05
C LEU F 489 8.78 10.56 -48.00
N ASP F 490 8.39 11.72 -47.48
CA ASP F 490 8.25 12.89 -48.39
C ASP F 490 9.65 13.20 -48.94
N PRO F 491 9.80 13.70 -50.19
CA PRO F 491 11.13 13.91 -50.78
C PRO F 491 12.19 14.43 -49.79
N LYS F 492 11.83 15.43 -48.98
CA LYS F 492 12.81 16.05 -48.03
C LYS F 492 13.39 14.98 -47.10
N ILE F 493 12.56 14.07 -46.56
CA ILE F 493 13.05 13.08 -45.56
C ILE F 493 14.15 12.24 -46.20
N ALA F 494 13.88 11.65 -47.38
CA ALA F 494 14.89 10.83 -48.09
C ALA F 494 16.09 11.69 -48.50
N GLU F 495 15.84 12.97 -48.82
CA GLU F 495 16.93 13.87 -49.29
C GLU F 495 18.01 13.99 -48.21
N GLU F 496 17.62 14.34 -46.97
CA GLU F 496 18.64 14.56 -45.95
C GLU F 496 19.14 13.25 -45.37
N VAL F 497 18.37 12.17 -45.54
CA VAL F 497 18.92 10.83 -45.30
C VAL F 497 20.16 10.63 -46.17
N ALA F 498 20.02 10.87 -47.47
CA ALA F 498 21.16 10.72 -48.38
C ALA F 498 22.27 11.73 -48.05
N LEU F 499 21.88 12.95 -47.65
CA LEU F 499 22.85 13.98 -47.29
C LEU F 499 23.70 13.60 -46.09
N MET F 500 23.12 13.00 -45.06
CA MET F 500 23.92 12.52 -43.95
C MET F 500 24.68 11.25 -44.31
N LEU F 501 24.12 10.43 -45.20
CA LEU F 501 24.83 9.22 -45.62
C LEU F 501 26.09 9.54 -46.43
N ILE F 502 26.09 10.63 -47.20
CA ILE F 502 27.23 10.97 -48.04
C ILE F 502 28.32 11.71 -47.28
N SER F 503 27.98 12.39 -46.19
CA SER F 503 28.94 13.17 -45.42
C SER F 503 29.71 12.34 -44.42
N ALA F 504 29.47 11.03 -44.36
CA ALA F 504 30.12 10.15 -43.41
C ALA F 504 31.30 9.46 -44.08
N ARG F 505 32.47 9.57 -43.45
CA ARG F 505 33.70 9.01 -44.03
C ARG F 505 33.85 7.52 -43.78
N ARG F 506 33.36 7.02 -42.64
CA ARG F 506 33.40 5.60 -42.35
C ARG F 506 32.11 5.21 -41.65
N PRO F 507 31.05 4.95 -42.40
CA PRO F 507 29.79 4.53 -41.81
C PRO F 507 29.75 3.01 -41.63
N ILE F 508 28.70 2.55 -40.96
CA ILE F 508 28.47 1.13 -40.77
C ILE F 508 26.98 0.89 -40.64
N PHE F 509 26.55 -0.29 -41.08
CA PHE F 509 25.15 -0.68 -41.07
C PHE F 509 24.98 -1.91 -40.18
N ILE F 510 23.92 -1.91 -39.38
CA ILE F 510 23.55 -3.05 -38.55
C ILE F 510 22.26 -3.63 -39.11
N ILE F 511 22.37 -4.82 -39.71
CA ILE F 511 21.22 -5.46 -40.36
C ILE F 511 20.71 -6.56 -39.45
N GLY F 512 19.42 -6.50 -39.12
CA GLY F 512 18.84 -7.39 -38.15
C GLY F 512 18.17 -8.61 -38.77
N GLY F 513 17.62 -9.45 -37.89
CA GLY F 513 16.97 -10.67 -38.31
C GLY F 513 15.58 -10.48 -38.86
N ARG F 514 14.95 -9.33 -38.59
CA ARG F 514 13.66 -9.04 -39.22
C ARG F 514 13.81 -8.89 -40.73
N ALA F 515 14.88 -8.21 -41.16
CA ALA F 515 15.13 -8.03 -42.59
C ALA F 515 15.29 -9.35 -43.32
N THR F 516 15.49 -10.45 -42.60
CA THR F 516 15.59 -11.76 -43.23
C THR F 516 14.24 -12.37 -43.54
N LYS F 517 13.15 -11.60 -43.41
CA LYS F 517 11.86 -12.07 -43.91
C LYS F 517 11.83 -12.10 -45.44
N SER F 518 12.81 -11.47 -46.08
CA SER F 518 12.96 -11.51 -47.53
C SER F 518 14.45 -11.38 -47.84
N HIS F 519 15.00 -12.34 -48.58
CA HIS F 519 16.43 -12.33 -48.88
C HIS F 519 16.78 -11.18 -49.81
N GLU F 520 15.78 -10.37 -50.16
CA GLU F 520 16.03 -9.18 -50.97
C GLU F 520 16.53 -8.03 -50.12
N LEU F 521 15.95 -7.86 -48.92
CA LEU F 521 16.31 -6.70 -48.10
C LEU F 521 17.73 -6.81 -47.56
N VAL F 522 18.23 -8.04 -47.37
CA VAL F 522 19.63 -8.21 -47.00
C VAL F 522 20.54 -7.70 -48.09
N THR F 523 20.24 -8.05 -49.35
CA THR F 523 20.99 -7.50 -50.47
C THR F 523 20.84 -6.00 -50.57
N ALA F 524 19.67 -5.48 -50.21
CA ALA F 524 19.47 -4.02 -50.23
C ALA F 524 20.39 -3.34 -49.23
N ALA F 525 20.50 -3.90 -48.01
CA ALA F 525 21.43 -3.35 -47.02
C ALA F 525 22.87 -3.47 -47.50
N CYS F 526 23.24 -4.62 -48.05
CA CYS F 526 24.61 -4.83 -48.52
C CYS F 526 24.93 -3.92 -49.71
N ASN F 527 23.91 -3.46 -50.42
CA ASN F 527 24.13 -2.53 -51.52
C ASN F 527 24.18 -1.09 -51.04
N LEU F 528 23.38 -0.74 -50.04
CA LEU F 528 23.57 0.54 -49.37
C LEU F 528 24.96 0.63 -48.76
N ALA F 529 25.55 -0.51 -48.40
CA ALA F 529 26.91 -0.51 -47.88
C ALA F 529 27.93 -0.11 -48.96
N VAL F 530 27.79 -0.65 -50.18
CA VAL F 530 28.75 -0.34 -51.23
C VAL F 530 28.47 1.03 -51.83
N ALA F 531 27.22 1.50 -51.78
CA ALA F 531 26.86 2.78 -52.34
C ALA F 531 27.32 3.95 -51.48
N SER F 532 27.99 3.68 -50.36
CA SER F 532 28.47 4.76 -49.50
C SER F 532 29.93 4.55 -49.10
N LYS F 533 30.63 3.63 -49.76
CA LYS F 533 32.04 3.35 -49.49
C LYS F 533 32.27 2.98 -48.02
N ALA F 534 31.51 2.00 -47.54
CA ALA F 534 31.67 1.48 -46.18
C ALA F 534 32.48 0.18 -46.24
N PHE F 535 33.79 0.34 -46.40
CA PHE F 535 34.70 -0.78 -46.58
C PHE F 535 35.61 -0.94 -45.35
N PHE F 536 35.97 -2.18 -45.07
CA PHE F 536 36.99 -2.51 -44.07
C PHE F 536 37.85 -3.64 -44.61
N GLU F 537 39.05 -3.77 -44.05
CA GLU F 537 40.01 -4.74 -44.57
C GLU F 537 39.55 -6.18 -44.37
N ASP F 538 38.47 -6.42 -43.62
CA ASP F 538 37.91 -7.76 -43.54
C ASP F 538 36.63 -7.90 -44.37
N GLY F 539 36.02 -6.80 -44.78
CA GLY F 539 34.86 -6.85 -45.63
C GLY F 539 34.06 -5.57 -45.55
N LEU F 540 32.79 -5.67 -45.93
CA LEU F 540 31.90 -4.52 -45.92
C LEU F 540 31.42 -4.22 -44.52
N GLY F 541 30.83 -3.03 -44.35
CA GLY F 541 30.26 -2.65 -43.07
C GLY F 541 28.81 -3.06 -42.92
N VAL F 542 28.56 -4.36 -42.86
CA VAL F 542 27.20 -4.89 -42.80
C VAL F 542 26.92 -5.54 -41.46
N VAL F 543 27.87 -6.30 -40.92
CA VAL F 543 27.82 -6.91 -39.59
C VAL F 543 26.43 -7.48 -39.29
N PRO F 544 26.05 -8.60 -39.90
CA PRO F 544 24.72 -9.17 -39.64
C PRO F 544 24.63 -9.71 -38.23
N LEU F 545 23.42 -9.65 -37.70
CA LEU F 545 23.11 -10.14 -36.35
C LEU F 545 22.50 -11.52 -36.49
N LEU F 546 23.35 -12.54 -36.43
CA LEU F 546 22.91 -13.92 -36.46
C LEU F 546 22.43 -14.34 -35.08
N VAL F 547 21.40 -15.17 -35.03
CA VAL F 547 20.75 -15.49 -33.77
C VAL F 547 21.43 -16.64 -33.04
N SER F 548 22.18 -17.48 -33.74
CA SER F 548 22.90 -18.58 -33.12
C SER F 548 24.37 -18.51 -33.53
N ALA F 549 25.17 -19.43 -32.97
CA ALA F 549 26.60 -19.45 -33.23
C ALA F 549 27.00 -20.49 -34.27
N ASN F 550 26.24 -21.57 -34.41
CA ASN F 550 26.50 -22.59 -35.43
C ASN F 550 25.73 -22.29 -36.70
N SER F 551 25.85 -21.06 -37.19
CA SER F 551 25.09 -20.65 -38.40
C SER F 551 25.59 -21.43 -39.61
N LEU F 552 26.89 -21.31 -39.92
CA LEU F 552 27.45 -22.02 -41.10
C LEU F 552 27.33 -23.53 -40.87
N GLY F 553 27.57 -23.98 -39.63
CA GLY F 553 27.44 -25.41 -39.31
C GLY F 553 26.04 -25.90 -39.59
N ALA F 554 25.02 -25.18 -39.12
CA ALA F 554 23.62 -25.59 -39.32
C ALA F 554 23.29 -25.57 -40.82
N ARG F 555 23.77 -24.55 -41.53
CA ARG F 555 23.46 -24.44 -42.96
C ARG F 555 24.00 -25.64 -43.73
N ASN F 556 25.30 -25.92 -43.59
CA ASN F 556 25.93 -27.00 -44.34
C ASN F 556 25.37 -28.36 -44.00
N THR F 557 24.66 -28.50 -42.87
CA THR F 557 24.22 -29.81 -42.40
C THR F 557 22.71 -29.96 -42.35
N VAL F 558 21.99 -29.02 -41.76
CA VAL F 558 20.60 -29.23 -41.35
C VAL F 558 19.64 -28.27 -42.05
N VAL F 559 19.98 -26.99 -42.10
CA VAL F 559 19.06 -25.98 -42.62
C VAL F 559 18.62 -26.34 -44.03
N SER F 560 17.32 -26.22 -44.27
CA SER F 560 16.72 -26.54 -45.57
C SER F 560 16.82 -25.35 -46.52
N GLU F 561 16.54 -25.62 -47.80
CA GLU F 561 16.63 -24.59 -48.82
C GLU F 561 15.33 -23.81 -49.00
N ASN F 562 14.19 -24.43 -48.75
CA ASN F 562 12.91 -23.77 -48.88
C ASN F 562 12.14 -23.83 -47.56
N PRO F 563 11.41 -22.78 -47.22
CA PRO F 563 10.61 -22.82 -45.99
C PRO F 563 9.45 -23.80 -46.12
N TRP F 564 9.24 -24.59 -45.07
CA TRP F 564 8.15 -25.57 -45.04
C TRP F 564 7.37 -25.58 -43.75
N LEU F 565 7.85 -24.95 -42.68
CA LEU F 565 7.13 -24.96 -41.42
C LEU F 565 5.94 -24.02 -41.48
N GLY F 566 4.84 -24.43 -40.88
CA GLY F 566 3.62 -23.66 -40.95
C GLY F 566 2.90 -23.74 -42.29
N ARG F 567 3.46 -24.52 -43.21
CA ARG F 567 2.82 -24.72 -44.54
C ARG F 567 2.43 -26.20 -44.64
N GLU F 568 3.40 -27.10 -44.48
CA GLU F 568 3.10 -28.56 -44.46
C GLU F 568 2.41 -28.88 -43.13
N ARG F 569 1.25 -29.54 -43.17
CA ARG F 569 0.49 -29.88 -41.94
C ARG F 569 1.41 -30.68 -41.00
N ARG F 570 2.03 -31.75 -41.51
CA ARG F 570 2.98 -32.60 -40.73
C ARG F 570 2.26 -33.53 -39.75
N ASP F 571 2.45 -34.83 -39.90
CA ASP F 571 1.91 -35.87 -39.03
C ASP F 571 2.94 -36.44 -38.06
N PHE F 572 4.23 -36.27 -38.33
CA PHE F 572 5.27 -36.61 -37.37
C PHE F 572 6.33 -35.53 -37.37
N LEU F 573 6.94 -35.32 -36.20
CA LEU F 573 7.91 -34.25 -36.01
C LEU F 573 8.89 -34.65 -34.93
N TYR F 574 10.18 -34.55 -35.25
CA TYR F 574 11.26 -34.69 -34.29
C TYR F 574 11.82 -33.30 -34.01
N VAL F 575 11.88 -32.93 -32.73
CA VAL F 575 12.31 -31.61 -32.33
C VAL F 575 13.40 -31.76 -31.28
N PHE F 576 14.63 -31.47 -31.66
CA PHE F 576 15.74 -31.39 -30.71
C PHE F 576 15.93 -29.93 -30.34
N SER F 577 15.64 -29.60 -29.09
CA SER F 577 15.71 -28.23 -28.61
C SER F 577 16.51 -28.20 -27.31
N THR F 578 17.68 -27.57 -27.35
CA THR F 578 18.37 -27.20 -26.12
C THR F 578 17.59 -26.07 -25.48
N ALA F 579 16.77 -26.37 -24.48
CA ALA F 579 15.76 -25.43 -24.02
C ALA F 579 16.39 -24.26 -23.27
N MET F 580 17.13 -23.43 -24.00
CA MET F 580 17.82 -22.29 -23.43
C MET F 580 17.23 -20.96 -23.87
N VAL F 581 17.12 -20.73 -25.18
CA VAL F 581 16.56 -19.48 -25.70
C VAL F 581 15.11 -19.74 -26.09
N PRO F 582 14.23 -18.76 -25.94
CA PRO F 582 12.83 -18.96 -26.35
C PRO F 582 12.72 -19.10 -27.86
N GLU F 583 11.58 -19.61 -28.29
CA GLU F 583 11.31 -19.83 -29.70
C GLU F 583 10.16 -18.95 -30.16
N GLU F 584 10.19 -18.62 -31.45
CA GLU F 584 9.13 -17.78 -32.05
C GLU F 584 7.80 -18.47 -31.83
N GLU F 585 6.77 -17.70 -31.45
CA GLU F 585 5.44 -18.27 -31.15
C GLU F 585 4.90 -19.01 -32.37
N GLU F 586 5.24 -18.55 -33.59
CA GLU F 586 4.74 -19.19 -34.83
C GLU F 586 5.30 -20.59 -34.96
N ILE F 587 6.59 -20.77 -34.69
CA ILE F 587 7.24 -22.11 -34.80
C ILE F 587 6.54 -23.06 -33.83
N LEU F 588 6.23 -22.60 -32.61
CA LEU F 588 5.60 -23.45 -31.60
C LEU F 588 4.17 -23.78 -31.98
N ALA F 589 3.46 -22.86 -32.64
CA ALA F 589 2.12 -23.14 -33.10
C ALA F 589 2.12 -24.19 -34.20
N ALA F 590 3.15 -24.18 -35.06
CA ALA F 590 3.29 -25.22 -36.06
C ALA F 590 3.63 -26.56 -35.42
N ILE F 591 4.42 -26.54 -34.35
CA ILE F 591 4.74 -27.79 -33.65
C ILE F 591 3.52 -28.33 -32.91
N SER F 592 2.64 -27.45 -32.45
CA SER F 592 1.49 -27.89 -31.66
C SER F 592 0.43 -28.58 -32.52
N ALA F 593 0.49 -28.41 -33.84
CA ALA F 593 -0.52 -28.97 -34.74
C ALA F 593 0.04 -30.11 -35.58
N THR F 594 1.04 -30.83 -35.07
CA THR F 594 1.71 -31.86 -35.85
C THR F 594 1.25 -33.28 -35.53
N ARG F 595 0.36 -33.44 -34.54
CA ARG F 595 -0.31 -34.71 -34.26
C ARG F 595 0.62 -35.75 -33.65
N PHE F 596 1.91 -35.50 -33.68
CA PHE F 596 2.89 -36.27 -32.92
C PHE F 596 4.23 -35.56 -32.91
N VAL F 597 4.74 -35.24 -31.72
CA VAL F 597 6.03 -34.59 -31.56
C VAL F 597 6.87 -35.42 -30.62
N VAL F 598 8.11 -35.67 -31.03
CA VAL F 598 9.09 -36.33 -30.17
C VAL F 598 10.19 -35.29 -29.91
N VAL F 599 10.27 -34.85 -28.67
CA VAL F 599 11.27 -33.86 -28.26
C VAL F 599 12.39 -34.56 -27.52
N GLN F 600 13.62 -34.11 -27.74
CA GLN F 600 14.77 -34.67 -27.05
C GLN F 600 15.46 -33.57 -26.25
N THR F 601 14.69 -32.81 -25.49
CA THR F 601 15.21 -31.76 -24.65
C THR F 601 15.78 -32.33 -23.35
N PRO F 602 16.73 -31.62 -22.73
CA PRO F 602 17.28 -32.09 -21.45
C PRO F 602 16.52 -31.57 -20.23
N PHE F 603 15.66 -30.57 -20.42
CA PHE F 603 14.93 -29.94 -19.33
C PHE F 603 13.44 -30.21 -19.47
N LYS F 604 12.72 -30.01 -18.36
CA LYS F 604 11.27 -30.15 -18.31
C LYS F 604 10.59 -28.79 -18.27
N VAL F 605 11.11 -27.85 -19.07
CA VAL F 605 10.55 -26.46 -19.10
C VAL F 605 9.16 -26.44 -19.73
N ARG F 606 8.37 -25.39 -19.48
CA ARG F 606 6.95 -25.34 -19.93
C ARG F 606 6.78 -25.39 -21.46
N PRO F 607 7.42 -24.52 -22.29
CA PRO F 607 7.14 -24.48 -23.74
C PRO F 607 7.26 -25.84 -24.47
N LEU F 608 8.01 -26.79 -23.92
CA LEU F 608 8.24 -28.07 -24.59
C LEU F 608 7.47 -29.20 -23.94
N VAL F 609 7.35 -29.22 -22.61
CA VAL F 609 6.52 -30.24 -21.98
C VAL F 609 5.05 -30.03 -22.31
N ASN F 610 4.70 -28.85 -22.81
CA ASN F 610 3.29 -28.56 -23.19
C ASN F 610 2.97 -29.23 -24.53
N LEU F 611 3.86 -29.10 -25.52
CA LEU F 611 3.69 -29.71 -26.84
C LEU F 611 4.78 -30.77 -27.02
N ALA F 612 4.50 -31.98 -26.54
CA ALA F 612 5.40 -33.10 -26.69
C ALA F 612 4.66 -34.38 -26.39
N ASP F 613 5.11 -35.47 -27.00
CA ASP F 613 4.51 -36.77 -26.78
C ASP F 613 5.46 -37.81 -26.18
N ILE F 614 6.77 -37.61 -26.28
CA ILE F 614 7.70 -38.60 -25.75
C ILE F 614 8.67 -37.97 -24.76
N LEU F 615 9.30 -36.86 -25.14
CA LEU F 615 10.24 -36.15 -24.27
C LEU F 615 11.40 -37.05 -23.84
N LEU F 616 12.19 -37.44 -24.82
CA LEU F 616 13.40 -38.20 -24.57
C LEU F 616 14.49 -37.31 -23.96
N PRO F 617 15.33 -37.87 -23.10
CA PRO F 617 16.42 -37.09 -22.50
C PRO F 617 17.63 -36.97 -23.42
N ALA F 618 18.38 -35.90 -23.20
CA ALA F 618 19.56 -35.56 -23.99
C ALA F 618 20.55 -34.83 -23.10
N PRO F 619 21.82 -34.75 -23.52
CA PRO F 619 22.80 -34.01 -22.72
C PRO F 619 22.60 -32.51 -22.84
N ALA F 620 22.89 -31.81 -21.75
CA ALA F 620 22.79 -30.36 -21.71
C ALA F 620 24.06 -29.73 -22.26
N TRP F 621 24.02 -28.40 -22.40
CA TRP F 621 25.14 -27.70 -23.01
C TRP F 621 26.40 -27.74 -22.14
N TYR F 622 26.24 -27.85 -20.82
CA TYR F 622 27.37 -27.91 -19.92
C TYR F 622 27.85 -29.33 -19.68
N GLU F 623 27.59 -30.25 -20.60
CA GLU F 623 27.99 -31.64 -20.45
C GLU F 623 28.70 -32.22 -21.65
N ARG F 624 28.70 -31.55 -22.80
CA ARG F 624 29.33 -32.05 -24.00
C ARG F 624 30.23 -30.99 -24.61
N SER F 625 31.17 -31.46 -25.43
CA SER F 625 32.14 -30.62 -26.11
C SER F 625 31.78 -30.47 -27.58
N GLY F 626 32.32 -29.43 -28.20
CA GLY F 626 32.03 -29.16 -29.60
C GLY F 626 32.89 -28.04 -30.12
N HIS F 627 32.60 -27.62 -31.36
CA HIS F 627 33.45 -26.66 -32.03
C HIS F 627 32.75 -25.46 -32.65
N PHE F 628 31.44 -25.54 -32.92
CA PHE F 628 30.64 -24.36 -33.26
C PHE F 628 31.20 -23.62 -34.47
N CYS F 629 31.12 -24.29 -35.62
CA CYS F 629 31.47 -23.63 -36.88
C CYS F 629 30.63 -22.38 -37.07
N THR F 630 31.29 -21.23 -37.18
CA THR F 630 30.62 -19.94 -37.15
C THR F 630 30.57 -19.33 -38.55
N ILE F 631 29.96 -18.14 -38.63
CA ILE F 631 29.72 -17.51 -39.92
C ILE F 631 31.01 -16.93 -40.50
N GLU F 632 31.87 -16.36 -39.66
CA GLU F 632 33.08 -15.70 -40.13
C GLU F 632 34.21 -16.67 -40.43
N GLY F 633 34.02 -17.97 -40.25
CA GLY F 633 35.08 -18.91 -40.60
C GLY F 633 35.44 -19.93 -39.55
N GLU F 634 36.67 -19.86 -39.04
CA GLU F 634 37.23 -20.90 -38.20
C GLU F 634 36.42 -21.08 -36.92
N ARG F 635 36.55 -22.26 -36.32
CA ARG F 635 35.66 -22.75 -35.29
C ARG F 635 36.05 -22.28 -33.90
N ARG F 636 35.06 -22.25 -33.01
CA ARG F 636 35.25 -22.01 -31.60
C ARG F 636 35.44 -23.34 -30.88
N LYS F 637 35.31 -23.35 -29.56
CA LYS F 637 35.39 -24.58 -28.80
C LYS F 637 34.62 -24.43 -27.51
N LEU F 638 33.65 -25.32 -27.28
CA LEU F 638 32.93 -25.40 -26.02
C LEU F 638 33.47 -26.57 -25.22
N ASN F 639 33.87 -26.30 -23.98
CA ASN F 639 34.39 -27.32 -23.09
C ASN F 639 33.29 -27.82 -22.16
N THR F 640 33.43 -29.07 -21.73
CA THR F 640 32.46 -29.68 -20.83
C THR F 640 32.73 -29.19 -19.41
N ILE F 641 31.73 -28.52 -18.82
CA ILE F 641 31.93 -27.90 -17.53
C ILE F 641 31.69 -28.90 -16.41
N VAL F 642 30.48 -29.46 -16.33
CA VAL F 642 30.10 -30.45 -15.34
C VAL F 642 29.95 -31.79 -16.06
N PRO F 643 30.66 -32.82 -15.67
CA PRO F 643 30.51 -34.13 -16.32
C PRO F 643 29.08 -34.64 -16.21
N PRO F 644 28.65 -35.49 -17.14
CA PRO F 644 27.27 -36.00 -17.09
C PRO F 644 26.99 -36.78 -15.83
N LYS F 645 25.83 -36.52 -15.22
CA LYS F 645 25.49 -37.12 -13.94
C LYS F 645 25.08 -38.58 -14.11
N GLY F 646 23.97 -38.81 -14.81
CA GLY F 646 23.45 -40.15 -15.02
C GLY F 646 24.02 -40.81 -16.26
N GLU F 647 23.31 -41.83 -16.72
CA GLU F 647 23.70 -42.58 -17.92
C GLU F 647 22.57 -42.52 -18.93
N ILE F 648 22.53 -41.45 -19.73
CA ILE F 648 21.72 -41.45 -20.95
C ILE F 648 22.46 -42.09 -22.10
N LYS F 649 23.79 -42.13 -22.02
CA LYS F 649 24.68 -43.07 -22.69
C LYS F 649 24.85 -42.88 -24.18
N SER F 650 24.00 -42.05 -24.81
CA SER F 650 24.19 -41.72 -26.23
C SER F 650 23.14 -40.77 -26.79
N LEU F 651 23.46 -40.23 -27.97
CA LEU F 651 22.48 -39.74 -28.93
C LEU F 651 22.49 -40.57 -30.20
N HIS F 652 23.64 -41.16 -30.53
CA HIS F 652 23.74 -42.14 -31.61
C HIS F 652 22.80 -43.31 -31.39
N TYR F 653 22.53 -43.65 -30.12
CA TYR F 653 21.60 -44.74 -29.82
C TYR F 653 20.23 -44.49 -30.44
N VAL F 654 19.66 -43.31 -30.17
CA VAL F 654 18.35 -42.97 -30.71
C VAL F 654 18.40 -42.93 -32.22
N MET F 655 19.49 -42.41 -32.79
CA MET F 655 19.59 -42.30 -34.24
C MET F 655 19.67 -43.68 -34.90
N ASP F 656 20.25 -44.67 -34.21
CA ASP F 656 20.25 -46.02 -34.78
C ASP F 656 18.90 -46.70 -34.61
N GLU F 657 18.28 -46.55 -33.44
CA GLU F 657 16.95 -47.15 -33.25
C GLU F 657 15.90 -46.48 -34.13
N PHE F 658 16.20 -45.30 -34.68
CA PHE F 658 15.36 -44.72 -35.72
C PHE F 658 15.79 -45.20 -37.10
N ALA F 659 17.10 -45.36 -37.31
CA ALA F 659 17.60 -45.95 -38.55
C ALA F 659 17.14 -47.39 -38.67
N LYS F 660 17.44 -48.21 -37.67
CA LYS F 660 16.74 -49.47 -37.53
C LYS F 660 15.28 -49.20 -37.17
N LYS F 661 14.46 -50.24 -37.23
CA LYS F 661 13.01 -50.14 -37.08
C LYS F 661 12.43 -49.35 -38.26
N LEU F 662 13.29 -48.95 -39.19
CA LEU F 662 12.87 -48.24 -40.40
C LEU F 662 13.51 -48.77 -41.66
N GLY F 663 14.63 -49.50 -41.58
CA GLY F 663 15.22 -50.15 -42.72
C GLY F 663 16.27 -49.35 -43.47
N VAL F 664 17.11 -48.61 -42.73
CA VAL F 664 18.22 -47.84 -43.38
C VAL F 664 19.51 -48.05 -42.60
N LYS F 665 20.65 -47.71 -43.22
CA LYS F 665 21.98 -47.71 -42.55
C LYS F 665 22.37 -46.25 -42.24
N LEU F 666 23.09 -46.02 -41.14
CA LEU F 666 23.41 -44.63 -40.74
C LEU F 666 24.70 -44.16 -41.43
N GLU F 667 25.68 -45.04 -41.62
CA GLU F 667 26.91 -44.66 -42.33
C GLU F 667 27.56 -43.44 -41.68
N ARG F 668 28.03 -43.67 -40.44
CA ARG F 668 28.67 -42.68 -39.58
C ARG F 668 29.73 -41.85 -40.31
N PRO F 669 29.48 -40.57 -40.55
CA PRO F 669 30.49 -39.71 -41.15
C PRO F 669 31.30 -38.94 -40.11
N GLU F 670 32.31 -38.22 -40.54
CA GLU F 670 33.04 -37.29 -39.68
C GLU F 670 32.73 -35.86 -40.14
N VAL F 671 33.13 -34.90 -39.32
CA VAL F 671 32.64 -33.54 -39.47
C VAL F 671 33.12 -32.93 -40.78
N SER F 672 32.27 -32.10 -41.37
CA SER F 672 32.65 -31.32 -42.54
C SER F 672 33.51 -30.13 -42.12
N PRO F 673 34.59 -29.85 -42.84
CA PRO F 673 35.50 -28.78 -42.41
C PRO F 673 34.90 -27.40 -42.63
N CYS F 674 35.48 -26.41 -41.96
CA CYS F 674 35.09 -25.02 -42.16
C CYS F 674 35.65 -24.58 -43.52
N GLU F 675 34.76 -24.09 -44.39
CA GLU F 675 35.11 -23.84 -45.77
C GLU F 675 35.25 -22.36 -46.09
N GLU F 676 35.14 -21.50 -45.08
CA GLU F 676 35.20 -20.04 -45.25
C GLU F 676 34.32 -19.59 -46.42
N ILE F 677 33.01 -19.81 -46.30
CA ILE F 677 32.02 -19.63 -47.35
C ILE F 677 32.22 -18.33 -48.12
N PHE F 678 32.44 -17.23 -47.42
CA PHE F 678 32.62 -15.93 -48.06
C PHE F 678 34.10 -15.55 -47.99
N LYS F 679 34.83 -15.90 -49.05
CA LYS F 679 36.26 -15.64 -49.11
C LYS F 679 36.51 -14.18 -49.50
N SER F 680 37.59 -13.63 -48.97
CA SER F 680 38.03 -12.28 -49.31
C SER F 680 39.00 -12.37 -50.48
N GLN F 681 38.44 -12.60 -51.67
CA GLN F 681 39.26 -12.79 -52.86
C GLN F 681 39.84 -11.48 -53.37
N LEU F 682 38.97 -10.52 -53.69
CA LEU F 682 39.39 -9.20 -54.15
C LEU F 682 38.95 -8.15 -53.14
N ARG F 683 39.75 -7.08 -53.04
CA ARG F 683 39.69 -6.16 -51.92
C ARG F 683 38.78 -4.98 -52.27
N ALA F 684 37.62 -4.92 -51.63
CA ALA F 684 36.83 -3.69 -51.49
C ALA F 684 36.51 -3.04 -52.83
N SER F 685 36.45 -3.83 -53.89
CA SER F 685 36.02 -3.33 -55.20
C SER F 685 34.53 -3.56 -55.29
N GLU F 686 33.75 -2.50 -55.06
CA GLU F 686 32.31 -2.63 -54.92
C GLU F 686 31.64 -2.80 -56.27
N ALA F 687 30.47 -3.42 -56.26
CA ALA F 687 29.66 -3.61 -57.47
C ALA F 687 28.20 -3.71 -57.03
N ARG F 688 27.43 -2.66 -57.32
CA ARG F 688 26.00 -2.68 -57.08
C ARG F 688 25.37 -3.88 -57.78
N ILE F 689 24.54 -4.62 -57.06
CA ILE F 689 23.96 -5.85 -57.57
C ILE F 689 22.50 -5.57 -57.90
N VAL F 690 22.18 -5.48 -59.19
CA VAL F 690 20.83 -5.14 -59.62
C VAL F 690 19.90 -6.34 -59.48
N THR F 691 20.43 -7.46 -58.97
CA THR F 691 19.57 -8.59 -58.66
C THR F 691 18.68 -8.23 -57.47
N LEU F 692 17.42 -7.90 -57.75
CA LEU F 692 16.53 -7.35 -56.74
C LEU F 692 15.54 -8.41 -56.23
N SER G 113 52.20 50.86 4.00
CA SER G 113 53.31 51.81 4.30
C SER G 113 54.30 51.82 3.11
N LYS G 114 55.55 51.44 3.35
CA LYS G 114 56.57 51.40 2.27
C LYS G 114 56.63 49.98 1.70
N GLN G 115 56.22 49.81 0.43
CA GLN G 115 56.24 48.47 -0.21
C GLN G 115 56.43 48.66 -1.72
N HIS G 116 56.95 47.63 -2.41
CA HIS G 116 57.20 47.73 -3.88
C HIS G 116 56.01 47.16 -4.65
N ARG G 117 55.34 47.98 -5.45
CA ARG G 117 54.15 47.53 -6.21
C ARG G 117 54.55 47.26 -7.67
N ILE G 118 54.50 46.00 -8.11
CA ILE G 118 54.80 45.66 -9.53
C ILE G 118 53.51 45.17 -10.19
N VAL G 119 52.91 44.10 -9.65
CA VAL G 119 51.68 43.57 -10.22
C VAL G 119 50.58 44.62 -10.17
N LEU G 120 50.31 45.17 -8.98
CA LEU G 120 49.31 46.22 -8.82
C LEU G 120 49.95 47.60 -8.86
N SER G 121 50.69 47.87 -9.94
CA SER G 121 51.30 49.22 -10.11
C SER G 121 50.31 50.10 -10.87
N ASN G 122 49.01 49.75 -10.82
CA ASN G 122 47.96 50.57 -11.46
C ASN G 122 46.94 50.94 -10.39
N CYS G 123 46.47 49.95 -9.62
CA CYS G 123 45.52 50.22 -8.50
C CYS G 123 44.45 51.23 -8.90
N GLY G 124 44.37 52.37 -8.21
CA GLY G 124 43.32 53.37 -8.48
C GLY G 124 43.82 54.53 -9.33
N TYR G 125 45.13 54.63 -9.56
CA TYR G 125 45.66 55.70 -10.45
C TYR G 125 45.43 55.26 -11.91
N ILE G 126 44.25 54.70 -12.19
CA ILE G 126 43.90 54.27 -13.57
C ILE G 126 42.37 54.18 -13.69
N ASP G 127 41.85 54.23 -14.91
CA ASP G 127 40.39 54.02 -15.11
C ASP G 127 40.20 52.54 -15.37
N PRO G 128 39.30 51.85 -14.62
CA PRO G 128 39.18 50.41 -14.75
C PRO G 128 38.47 49.95 -16.03
N GLU G 129 37.79 50.85 -16.74
CA GLU G 129 37.03 50.37 -17.88
C GLU G 129 37.62 50.76 -19.22
N LYS G 130 37.96 52.04 -19.41
CA LYS G 130 38.44 52.53 -20.70
C LYS G 130 39.93 52.24 -20.85
N ILE G 131 40.31 51.75 -22.02
CA ILE G 131 41.62 51.15 -22.21
C ILE G 131 42.69 52.20 -22.49
N GLU G 132 42.34 53.30 -23.16
CA GLU G 132 43.37 54.28 -23.49
C GLU G 132 44.00 54.91 -22.26
N GLU G 133 43.24 55.03 -21.16
CA GLU G 133 43.88 55.38 -19.89
C GLU G 133 44.96 54.38 -19.54
N TYR G 134 44.70 53.09 -19.76
CA TYR G 134 45.67 52.06 -19.42
C TYR G 134 46.88 52.10 -20.34
N ILE G 135 46.67 52.32 -21.64
CA ILE G 135 47.78 52.35 -22.57
C ILE G 135 48.61 53.61 -22.36
N ALA G 136 48.03 54.65 -21.78
CA ALA G 136 48.78 55.86 -21.50
C ALA G 136 49.93 55.63 -20.53
N ARG G 137 49.98 54.46 -19.89
CA ARG G 137 51.03 54.14 -18.91
C ARG G 137 51.83 52.91 -19.31
N ASP G 138 52.27 52.86 -20.56
CA ASP G 138 53.00 51.74 -21.14
C ASP G 138 52.15 50.50 -21.28
N GLY G 139 50.83 50.68 -21.39
CA GLY G 139 49.86 49.60 -21.32
C GLY G 139 50.15 48.36 -22.13
N TYR G 140 50.14 48.46 -23.45
CA TYR G 140 50.33 47.29 -24.31
C TYR G 140 51.69 47.28 -24.99
N MET G 141 52.60 48.19 -24.62
CA MET G 141 53.89 48.29 -25.28
C MET G 141 54.60 46.95 -25.33
N ALA G 142 54.62 46.22 -24.20
CA ALA G 142 55.24 44.91 -24.16
C ALA G 142 54.82 44.05 -25.35
N LEU G 143 53.50 43.93 -25.58
CA LEU G 143 53.03 43.10 -26.69
C LEU G 143 53.73 43.48 -27.98
N GLY G 144 53.75 44.77 -28.31
CA GLY G 144 54.45 45.20 -29.51
C GLY G 144 55.88 44.71 -29.54
N LYS G 145 56.66 44.99 -28.49
CA LYS G 145 58.08 44.66 -28.53
C LYS G 145 58.28 43.15 -28.45
N ALA G 146 57.21 42.41 -28.18
CA ALA G 146 57.34 40.95 -28.19
C ALA G 146 56.78 40.36 -29.47
N LEU G 147 55.92 41.11 -30.17
CA LEU G 147 55.29 40.60 -31.38
C LEU G 147 55.86 41.21 -32.64
N LEU G 148 56.52 42.37 -32.55
CA LEU G 148 57.10 43.03 -33.70
C LEU G 148 58.61 43.16 -33.63
N GLU G 149 59.21 43.11 -32.44
CA GLU G 149 60.64 43.25 -32.27
C GLU G 149 61.35 41.92 -32.04
N MET G 150 60.90 41.14 -31.07
CA MET G 150 61.55 39.88 -30.73
C MET G 150 60.95 38.72 -31.52
N THR G 151 61.59 37.57 -31.41
CA THR G 151 61.30 36.28 -31.99
C THR G 151 60.57 35.39 -30.98
N PRO G 152 59.73 34.46 -31.45
CA PRO G 152 58.97 33.62 -30.50
C PRO G 152 59.84 32.70 -29.65
N GLU G 153 61.16 32.76 -29.81
CA GLU G 153 62.08 31.95 -29.03
C GLU G 153 62.81 32.74 -27.95
N GLU G 154 63.37 33.90 -28.29
CA GLU G 154 64.08 34.68 -27.29
C GLU G 154 63.16 35.18 -26.19
N VAL G 155 61.91 35.51 -26.54
CA VAL G 155 60.93 35.91 -25.54
C VAL G 155 60.74 34.84 -24.47
N LEU G 156 60.87 33.56 -24.84
CA LEU G 156 60.80 32.49 -23.86
C LEU G 156 62.07 32.37 -23.03
N GLU G 157 63.24 32.51 -23.66
CA GLU G 157 64.48 32.25 -22.94
C GLU G 157 64.86 33.41 -22.03
N GLU G 158 64.40 34.62 -22.34
CA GLU G 158 64.64 35.74 -21.46
C GLU G 158 63.65 35.81 -20.32
N VAL G 159 62.46 35.21 -20.49
CA VAL G 159 61.59 34.97 -19.36
C VAL G 159 62.15 33.84 -18.50
N LYS G 160 62.75 32.83 -19.12
CA LYS G 160 63.31 31.68 -18.41
C LYS G 160 64.43 32.07 -17.46
N LYS G 161 65.11 33.18 -17.70
CA LYS G 161 66.14 33.63 -16.78
C LYS G 161 65.65 34.70 -15.82
N SER G 162 64.43 35.22 -16.04
CA SER G 162 63.80 36.11 -15.09
C SER G 162 63.46 35.42 -13.77
N GLY G 163 63.50 34.08 -13.73
CA GLY G 163 63.21 33.37 -12.50
C GLY G 163 61.79 33.55 -12.00
N LEU G 164 60.85 33.83 -12.90
CA LEU G 164 59.46 34.03 -12.50
C LEU G 164 58.82 32.69 -12.15
N ARG G 165 58.84 32.33 -10.88
CA ARG G 165 58.21 31.10 -10.43
C ARG G 165 56.71 31.29 -10.31
N GLY G 166 55.97 30.20 -10.46
CA GLY G 166 54.53 30.23 -10.43
C GLY G 166 53.95 30.83 -9.16
N ARG G 167 53.33 31.99 -9.29
CA ARG G 167 52.70 32.65 -8.15
C ARG G 167 51.38 32.02 -7.75
N GLY G 168 50.93 30.99 -8.45
CA GLY G 168 49.71 30.30 -8.07
C GLY G 168 49.82 29.54 -6.77
N GLY G 169 51.04 29.26 -6.32
CA GLY G 169 51.25 28.57 -5.07
C GLY G 169 52.32 27.51 -5.13
N ALA G 170 52.46 26.86 -6.28
CA ALA G 170 53.46 25.81 -6.41
C ALA G 170 54.87 26.37 -6.34
N GLY G 171 55.19 27.30 -7.23
CA GLY G 171 56.51 27.89 -7.29
C GLY G 171 57.38 27.39 -8.41
N PHE G 172 56.79 26.88 -9.49
CA PHE G 172 57.45 26.29 -10.63
C PHE G 172 57.89 27.37 -11.62
N PRO G 173 59.08 27.22 -12.20
CA PRO G 173 59.53 28.19 -13.21
C PRO G 173 58.61 28.22 -14.42
N THR G 174 57.96 29.36 -14.66
CA THR G 174 57.02 29.44 -15.77
C THR G 174 57.70 29.25 -17.11
N GLY G 175 58.98 29.61 -17.21
CA GLY G 175 59.72 29.38 -18.44
C GLY G 175 59.76 27.91 -18.82
N LEU G 176 59.96 27.05 -17.83
CA LEU G 176 60.01 25.61 -18.11
C LEU G 176 58.64 25.09 -18.56
N LYS G 177 57.58 25.57 -17.93
CA LYS G 177 56.24 25.15 -18.35
C LYS G 177 55.94 25.62 -19.76
N TRP G 178 56.34 26.84 -20.11
CA TRP G 178 56.16 27.31 -21.47
C TRP G 178 56.99 26.52 -22.46
N GLU G 179 58.17 26.06 -22.06
CA GLU G 179 58.98 25.22 -22.93
C GLU G 179 58.32 23.86 -23.14
N PHE G 180 57.75 23.30 -22.07
CA PHE G 180 57.03 22.04 -22.20
C PHE G 180 55.82 22.19 -23.13
N ALA G 181 55.11 23.32 -23.03
CA ALA G 181 53.92 23.51 -23.84
C ALA G 181 54.27 23.81 -25.30
N LYS G 182 55.35 24.55 -25.55
CA LYS G 182 55.74 24.84 -26.92
C LYS G 182 56.23 23.60 -27.63
N LYS G 183 57.07 22.80 -26.97
CA LYS G 183 57.59 21.59 -27.58
C LYS G 183 56.59 20.44 -27.50
N ALA G 184 55.38 20.66 -27.99
CA ALA G 184 54.33 19.66 -27.96
C ALA G 184 53.97 19.22 -29.38
N SER G 185 53.28 18.10 -29.47
CA SER G 185 52.85 17.55 -30.74
C SER G 185 51.51 18.16 -31.16
N GLY G 186 51.20 18.02 -32.45
CA GLY G 186 49.96 18.54 -33.00
C GLY G 186 49.92 20.05 -33.04
N ASP G 187 49.01 20.62 -33.83
CA ASP G 187 48.86 22.06 -33.92
C ASP G 187 47.50 22.45 -33.34
N LYS G 188 47.43 22.48 -32.01
CA LYS G 188 46.29 23.05 -31.29
C LYS G 188 46.67 23.21 -29.82
N LYS G 189 46.71 24.44 -29.33
CA LYS G 189 47.13 24.70 -27.97
C LYS G 189 46.09 25.56 -27.26
N TYR G 190 46.29 25.74 -25.96
CA TYR G 190 45.42 26.56 -25.14
C TYR G 190 46.24 27.26 -24.07
N VAL G 191 45.68 28.35 -23.55
CA VAL G 191 46.26 29.07 -22.42
C VAL G 191 45.12 29.44 -21.49
N ILE G 192 45.26 29.10 -20.21
CA ILE G 192 44.19 29.23 -19.24
C ILE G 192 44.69 30.08 -18.07
N CYS G 193 43.80 30.87 -17.50
CA CYS G 193 44.10 31.81 -16.43
C CYS G 193 43.21 31.48 -15.25
N ASN G 194 43.82 31.03 -14.15
CA ASN G 194 43.10 30.45 -13.03
C ASN G 194 42.78 31.53 -12.01
N ALA G 195 41.58 32.11 -12.13
CA ALA G 195 41.09 33.09 -11.17
C ALA G 195 39.94 32.54 -10.33
N ASP G 196 39.92 31.24 -10.10
CA ASP G 196 38.88 30.60 -9.30
C ASP G 196 39.37 30.55 -7.86
N GLU G 197 39.73 31.72 -7.34
CA GLU G 197 40.29 31.83 -6.00
C GLU G 197 39.19 31.56 -4.98
N GLY G 198 39.23 30.38 -4.37
CA GLY G 198 38.17 29.96 -3.47
C GLY G 198 38.42 30.20 -2.00
N ASP G 199 39.64 30.59 -1.63
CA ASP G 199 39.96 30.88 -0.25
C ASP G 199 39.16 32.08 0.22
N PRO G 200 38.33 31.96 1.26
CA PRO G 200 37.65 33.13 1.81
C PRO G 200 38.61 34.00 2.60
N GLY G 201 39.30 34.90 1.90
CA GLY G 201 40.40 35.65 2.49
C GLY G 201 41.51 35.85 1.50
N ALA G 202 41.34 35.33 0.28
CA ALA G 202 42.32 35.47 -0.77
C ALA G 202 41.74 36.24 -1.95
N PHE G 203 41.09 37.37 -1.67
CA PHE G 203 40.58 38.27 -2.69
C PHE G 203 41.68 39.01 -3.44
N MET G 204 42.90 38.53 -3.22
CA MET G 204 44.10 38.94 -3.94
C MET G 204 43.90 39.08 -5.43
N ASP G 205 43.23 38.11 -6.03
CA ASP G 205 43.24 37.94 -7.47
C ASP G 205 42.02 38.54 -8.15
N ARG G 206 40.84 38.45 -7.53
CA ARG G 206 39.68 39.18 -8.04
C ARG G 206 39.97 40.68 -8.10
N SER G 207 40.73 41.20 -7.12
CA SER G 207 41.08 42.61 -7.15
C SER G 207 41.97 42.93 -8.34
N THR G 208 42.79 41.99 -8.78
CA THR G 208 43.64 42.23 -9.94
C THR G 208 42.82 42.23 -11.23
N LEU G 209 41.92 41.26 -11.38
CA LEU G 209 41.07 41.23 -12.58
C LEU G 209 40.09 42.39 -12.60
N GLU G 210 39.79 42.97 -11.43
CA GLU G 210 38.93 44.15 -11.36
C GLU G 210 39.71 45.44 -11.50
N GLY G 211 41.01 45.43 -11.24
CA GLY G 211 41.82 46.62 -11.38
C GLY G 211 42.30 46.86 -12.78
N ASP G 212 43.03 45.90 -13.35
CA ASP G 212 43.62 46.03 -14.68
C ASP G 212 43.51 44.71 -15.44
N PRO G 213 42.34 44.42 -16.00
CA PRO G 213 42.21 43.21 -16.81
C PRO G 213 43.11 43.20 -18.03
N HIS G 214 43.54 44.38 -18.50
CA HIS G 214 44.28 44.46 -19.75
C HIS G 214 45.70 43.93 -19.62
N SER G 215 46.32 44.07 -18.44
CA SER G 215 47.61 43.44 -18.22
C SER G 215 47.51 41.92 -18.28
N VAL G 216 46.43 41.35 -17.73
CA VAL G 216 46.22 39.91 -17.81
C VAL G 216 45.95 39.49 -19.25
N ILE G 217 45.21 40.31 -20.01
CA ILE G 217 45.01 40.03 -21.42
C ILE G 217 46.33 40.02 -22.17
N GLU G 218 47.19 40.99 -21.86
CA GLU G 218 48.53 41.03 -22.44
C GLU G 218 49.32 39.77 -22.09
N GLY G 219 49.26 39.34 -20.83
CA GLY G 219 49.98 38.14 -20.45
C GLY G 219 49.52 36.91 -21.18
N MET G 220 48.20 36.74 -21.28
CA MET G 220 47.65 35.61 -22.03
C MET G 220 48.06 35.68 -23.50
N THR G 221 48.09 36.88 -24.08
CA THR G 221 48.46 37.02 -25.48
C THR G 221 49.94 36.69 -25.70
N ILE G 222 50.80 37.17 -24.81
CA ILE G 222 52.22 36.82 -24.90
C ILE G 222 52.41 35.32 -24.79
N GLY G 223 51.67 34.69 -23.87
CA GLY G 223 51.76 33.25 -23.76
C GLY G 223 51.31 32.54 -25.02
N ALA G 224 50.23 33.00 -25.62
CA ALA G 224 49.77 32.41 -26.88
C ALA G 224 50.80 32.59 -27.98
N TYR G 225 51.49 33.72 -27.99
CA TYR G 225 52.50 33.95 -29.01
C TYR G 225 53.70 33.04 -28.83
N VAL G 226 54.21 32.94 -27.59
CA VAL G 226 55.36 32.09 -27.33
C VAL G 226 55.01 30.62 -27.60
N ILE G 227 54.00 30.12 -26.89
CA ILE G 227 53.64 28.71 -27.00
C ILE G 227 53.12 28.39 -28.40
N GLY G 228 52.32 29.27 -28.97
CA GLY G 228 51.68 28.99 -30.24
C GLY G 228 50.25 28.57 -30.04
N ALA G 229 49.57 29.23 -29.12
CA ALA G 229 48.19 28.91 -28.76
C ALA G 229 47.24 29.75 -29.58
N ASP G 230 46.21 29.10 -30.14
CA ASP G 230 45.18 29.80 -30.88
C ASP G 230 44.14 30.40 -29.93
N GLU G 231 43.50 29.55 -29.14
CA GLU G 231 42.42 29.98 -28.25
C GLU G 231 42.96 30.21 -26.84
N GLY G 232 42.09 30.72 -25.98
CA GLY G 232 42.44 30.97 -24.60
C GLY G 232 41.21 31.11 -23.72
N TYR G 233 41.34 30.70 -22.45
CA TYR G 233 40.23 30.76 -21.52
C TYR G 233 40.65 31.46 -20.23
N ILE G 234 39.67 32.05 -19.57
CA ILE G 234 39.84 32.58 -18.21
C ILE G 234 38.76 31.94 -17.35
N TYR G 235 39.12 31.58 -16.13
CA TYR G 235 38.22 30.90 -15.21
C TYR G 235 37.92 31.83 -14.03
N CYS G 236 36.73 32.39 -14.01
CA CYS G 236 36.27 33.23 -12.92
C CYS G 236 35.00 32.65 -12.34
N ARG G 237 34.86 32.73 -11.02
CA ARG G 237 33.67 32.24 -10.37
C ARG G 237 32.48 33.16 -10.67
N ALA G 238 31.31 32.55 -10.84
CA ALA G 238 30.09 33.32 -11.02
C ALA G 238 29.74 34.14 -9.79
N GLU G 239 30.44 33.93 -8.67
CA GLU G 239 30.24 34.73 -7.47
C GLU G 239 30.91 36.10 -7.56
N TYR G 240 31.75 36.32 -8.58
CA TYR G 240 32.46 37.58 -8.78
C TYR G 240 31.93 38.23 -10.06
N PRO G 241 30.79 38.92 -9.98
CA PRO G 241 30.21 39.50 -11.21
C PRO G 241 30.97 40.72 -11.69
N LEU G 242 31.65 41.44 -10.79
CA LEU G 242 32.35 42.65 -11.19
C LEU G 242 33.55 42.33 -12.09
N ALA G 243 34.37 41.37 -11.69
CA ALA G 243 35.51 40.98 -12.51
C ALA G 243 35.05 40.42 -13.85
N ILE G 244 34.00 39.59 -13.84
CA ILE G 244 33.47 39.03 -15.07
C ILE G 244 33.00 40.14 -16.00
N LYS G 245 32.26 41.12 -15.46
CA LYS G 245 31.79 42.24 -16.26
C LYS G 245 32.95 43.01 -16.86
N ARG G 246 33.89 43.44 -16.02
CA ARG G 246 34.99 44.26 -16.49
C ARG G 246 35.85 43.51 -17.51
N LEU G 247 36.01 42.20 -17.35
CA LEU G 247 36.83 41.46 -18.30
C LEU G 247 36.09 41.26 -19.61
N LYS G 248 34.78 40.99 -19.54
CA LYS G 248 33.99 40.84 -20.77
C LYS G 248 33.97 42.12 -21.58
N ILE G 249 33.96 43.27 -20.92
CA ILE G 249 33.99 44.51 -21.69
C ILE G 249 35.42 44.89 -22.10
N ALA G 250 36.43 44.52 -21.31
CA ALA G 250 37.80 44.82 -21.65
C ALA G 250 38.30 44.02 -22.85
N ILE G 251 37.92 42.74 -22.96
CA ILE G 251 38.34 41.98 -24.13
C ILE G 251 37.75 42.57 -25.41
N ALA G 252 36.51 43.05 -25.35
CA ALA G 252 35.90 43.70 -26.50
C ALA G 252 36.60 45.01 -26.82
N GLN G 253 36.82 45.84 -25.80
CA GLN G 253 37.51 47.11 -26.00
C GLN G 253 38.97 46.95 -26.40
N ALA G 254 39.53 45.75 -26.26
CA ALA G 254 40.89 45.49 -26.70
C ALA G 254 40.98 44.79 -28.04
N GLU G 255 39.92 44.13 -28.50
CA GLU G 255 39.94 43.57 -29.85
C GLU G 255 39.49 44.61 -30.89
N GLU G 256 38.67 45.57 -30.48
CA GLU G 256 38.32 46.67 -31.37
C GLU G 256 39.55 47.44 -31.83
N MET G 257 40.51 47.64 -30.93
CA MET G 257 41.76 48.28 -31.28
C MET G 257 42.74 47.32 -31.96
N GLY G 258 42.29 46.13 -32.36
CA GLY G 258 43.14 45.20 -33.06
C GLY G 258 44.23 44.57 -32.22
N LEU G 259 43.94 44.21 -30.97
CA LEU G 259 44.90 43.57 -30.08
C LEU G 259 44.45 42.21 -29.58
N LEU G 260 43.22 41.79 -29.90
CA LEU G 260 42.73 40.50 -29.44
C LEU G 260 41.90 39.77 -30.49
N GLY G 261 42.00 40.13 -31.76
CA GLY G 261 41.23 39.49 -32.80
C GLY G 261 42.08 38.72 -33.77
N ASP G 262 41.62 38.62 -35.01
CA ASP G 262 42.37 37.94 -36.05
C ASP G 262 43.52 38.81 -36.53
N HIS G 263 44.63 38.16 -36.89
CA HIS G 263 45.81 38.81 -37.44
C HIS G 263 46.19 40.05 -36.65
N ILE G 264 46.48 39.86 -35.37
CA ILE G 264 46.92 40.96 -34.53
C ILE G 264 48.21 41.54 -35.09
N MET G 265 48.20 42.85 -35.33
CA MET G 265 49.26 43.57 -36.04
C MET G 265 49.52 43.02 -37.43
N GLY G 266 48.62 42.19 -37.97
CA GLY G 266 48.84 41.53 -39.24
C GLY G 266 50.11 40.71 -39.26
N THR G 267 50.19 39.72 -38.36
CA THR G 267 51.43 38.99 -38.14
C THR G 267 51.21 37.49 -38.02
N ASN G 268 50.22 36.94 -38.71
CA ASN G 268 49.91 35.51 -38.70
C ASN G 268 49.62 34.99 -37.30
N PHE G 269 48.95 35.79 -36.46
CA PHE G 269 48.72 35.45 -35.06
C PHE G 269 47.30 35.84 -34.69
N SER G 270 46.50 34.87 -34.24
CA SER G 270 45.13 35.10 -33.81
C SER G 270 44.96 34.58 -32.39
N PHE G 271 44.13 35.26 -31.60
CA PHE G 271 43.99 34.90 -30.18
C PHE G 271 42.61 35.37 -29.69
N HIS G 272 41.68 34.44 -29.57
CA HIS G 272 40.37 34.72 -29.00
C HIS G 272 40.32 34.27 -27.54
N LEU G 273 39.51 34.98 -26.74
CA LEU G 273 39.31 34.66 -25.34
C LEU G 273 37.86 34.28 -25.11
N HIS G 274 37.63 33.21 -24.36
CA HIS G 274 36.30 32.79 -23.94
C HIS G 274 36.28 32.77 -22.42
N LEU G 275 35.70 33.81 -21.82
CA LEU G 275 35.55 33.89 -20.37
C LEU G 275 34.58 32.80 -19.92
N LYS G 276 35.08 31.84 -19.16
CA LYS G 276 34.24 30.77 -18.62
C LYS G 276 33.93 31.07 -17.16
N GLU G 277 32.64 31.11 -16.82
CA GLU G 277 32.22 31.39 -15.46
C GLU G 277 32.24 30.11 -14.64
N GLY G 278 33.05 30.12 -13.57
CA GLY G 278 33.16 28.94 -12.73
C GLY G 278 31.88 28.64 -11.98
N ALA G 279 31.80 27.42 -11.46
CA ALA G 279 30.60 26.98 -10.75
C ALA G 279 30.65 27.31 -9.26
N GLY G 280 31.82 27.23 -8.63
CA GLY G 280 31.93 27.70 -7.26
C GLY G 280 32.70 26.83 -6.29
N ALA G 281 33.30 25.75 -6.76
CA ALA G 281 34.00 24.83 -5.86
C ALA G 281 35.45 25.25 -5.66
N PHE G 282 36.05 24.77 -4.58
CA PHE G 282 37.45 25.06 -4.29
C PHE G 282 38.39 24.02 -4.87
N VAL G 283 37.95 22.77 -4.98
CA VAL G 283 38.77 21.76 -5.64
C VAL G 283 38.95 22.06 -7.12
N CYS G 284 38.02 22.81 -7.71
CA CYS G 284 38.05 23.19 -9.12
C CYS G 284 39.10 24.24 -9.43
N GLY G 285 39.97 24.56 -8.49
CA GLY G 285 41.07 25.46 -8.76
C GLY G 285 42.35 24.78 -9.16
N GLU G 286 42.45 23.48 -8.94
CA GLU G 286 43.59 22.72 -9.42
C GLU G 286 43.53 22.62 -10.94
N GLU G 287 44.70 22.35 -11.54
CA GLU G 287 44.78 22.26 -13.00
C GLU G 287 43.81 21.24 -13.56
N THR G 288 43.87 20.01 -13.05
CA THR G 288 43.08 18.94 -13.63
C THR G 288 41.60 19.11 -13.34
N ALA G 289 41.24 19.57 -12.15
CA ALA G 289 39.84 19.81 -11.84
C ALA G 289 39.30 20.98 -12.66
N LEU G 290 40.13 21.99 -12.91
CA LEU G 290 39.73 23.09 -13.78
C LEU G 290 39.48 22.61 -15.20
N MET G 291 40.40 21.81 -15.73
CA MET G 291 40.22 21.25 -17.06
C MET G 291 38.96 20.41 -17.15
N ALA G 292 38.67 19.63 -16.12
CA ALA G 292 37.46 18.82 -16.11
C ALA G 292 36.21 19.69 -16.01
N SER G 293 36.31 20.81 -15.29
CA SER G 293 35.16 21.68 -15.11
C SER G 293 34.84 22.49 -16.36
N ILE G 294 35.86 22.81 -17.15
CA ILE G 294 35.60 23.48 -18.43
C ILE G 294 34.88 22.53 -19.39
N GLU G 295 35.27 21.25 -19.37
CA GLU G 295 34.68 20.26 -20.27
C GLU G 295 33.34 19.75 -19.79
N GLY G 296 32.72 20.40 -18.82
CA GLY G 296 31.39 19.99 -18.37
C GLY G 296 31.35 18.70 -17.59
N ARG G 297 32.35 18.46 -16.74
CA ARG G 297 32.37 17.27 -15.89
C ARG G 297 32.55 17.68 -14.43
N ARG G 298 32.76 16.70 -13.56
CA ARG G 298 33.00 17.00 -12.15
C ARG G 298 34.45 17.33 -11.92
N GLY G 299 34.69 18.30 -11.04
CA GLY G 299 36.05 18.73 -10.75
C GLY G 299 36.79 17.72 -9.91
N MET G 300 37.01 16.53 -10.47
CA MET G 300 37.71 15.45 -9.78
C MET G 300 39.12 15.36 -10.34
N PRO G 301 40.14 15.71 -9.58
CA PRO G 301 41.51 15.66 -10.11
C PRO G 301 41.89 14.28 -10.59
N ARG G 302 42.83 14.23 -11.52
CA ARG G 302 43.34 13.01 -12.13
C ARG G 302 44.84 12.95 -11.94
N PRO G 303 45.44 11.77 -12.07
CA PRO G 303 46.87 11.63 -11.82
C PRO G 303 47.72 12.57 -12.67
N ARG G 304 48.87 12.95 -12.11
CA ARG G 304 49.74 14.01 -12.59
C ARG G 304 50.65 13.66 -13.77
N PRO G 305 51.29 12.49 -13.80
CA PRO G 305 52.33 12.24 -14.83
C PRO G 305 51.88 12.59 -16.24
N PRO G 306 50.61 12.34 -16.61
CA PRO G 306 50.14 13.03 -17.84
C PRO G 306 49.83 14.49 -17.54
N PHE G 307 50.88 15.30 -17.53
CA PHE G 307 50.77 16.68 -17.09
C PHE G 307 49.93 17.50 -18.06
N PRO G 308 49.37 18.63 -17.60
CA PRO G 308 48.53 19.44 -18.50
C PRO G 308 49.36 20.33 -19.40
N ALA G 309 50.41 19.75 -19.98
CA ALA G 309 51.16 20.37 -21.05
C ALA G 309 51.38 19.43 -22.22
N GLN G 310 51.35 18.12 -22.01
CA GLN G 310 51.29 17.14 -23.08
C GLN G 310 49.86 16.71 -23.37
N HIS G 311 48.96 16.88 -22.41
CA HIS G 311 47.59 16.41 -22.52
C HIS G 311 46.72 17.27 -21.61
N GLY G 312 45.91 18.14 -22.19
CA GLY G 312 45.09 19.06 -21.42
C GLY G 312 43.65 19.14 -21.86
N LEU G 313 43.17 20.35 -22.14
CA LEU G 313 41.81 20.55 -22.60
C LEU G 313 41.56 19.78 -23.89
N TRP G 314 40.57 18.89 -23.85
CA TRP G 314 40.17 18.10 -25.01
C TRP G 314 41.35 17.35 -25.62
N GLY G 315 42.30 16.95 -24.78
CA GLY G 315 43.49 16.30 -25.26
C GLY G 315 44.55 17.22 -25.82
N LYS G 316 44.20 18.45 -26.13
CA LYS G 316 45.16 19.38 -26.69
C LYS G 316 46.04 19.96 -25.59
N PRO G 317 47.30 20.27 -25.90
CA PRO G 317 48.20 20.84 -24.90
C PRO G 317 47.68 22.16 -24.37
N THR G 318 47.81 22.35 -23.06
CA THR G 318 47.39 23.55 -22.36
C THR G 318 48.56 24.08 -21.54
N ASN G 319 48.46 25.33 -21.09
CA ASN G 319 49.51 25.96 -20.30
C ASN G 319 48.92 26.74 -19.13
N ILE G 320 48.06 26.09 -18.36
CA ILE G 320 47.40 26.69 -17.20
C ILE G 320 48.39 27.46 -16.34
N ASN G 321 48.04 28.70 -15.99
CA ASN G 321 48.86 29.54 -15.14
C ASN G 321 47.95 30.36 -14.26
N ASN G 322 48.56 31.00 -13.26
CA ASN G 322 47.83 31.87 -12.35
C ASN G 322 47.67 33.26 -12.96
N VAL G 323 46.84 34.08 -12.34
CA VAL G 323 46.58 35.40 -12.89
C VAL G 323 47.69 36.39 -12.49
N GLU G 324 48.36 36.17 -11.37
CA GLU G 324 49.42 37.09 -11.00
C GLU G 324 50.73 36.80 -11.72
N THR G 325 50.97 35.55 -12.09
CA THR G 325 52.08 35.29 -13.00
C THR G 325 51.76 35.70 -14.43
N TRP G 326 50.48 35.70 -14.80
CA TRP G 326 50.09 36.28 -16.08
C TRP G 326 50.27 37.80 -16.05
N ALA G 327 50.02 38.43 -14.92
CA ALA G 327 50.17 39.86 -14.75
C ALA G 327 51.62 40.29 -14.56
N ASN G 328 52.56 39.39 -14.82
CA ASN G 328 53.98 39.74 -14.58
C ASN G 328 54.76 39.54 -15.89
N VAL G 329 54.31 38.61 -16.74
CA VAL G 329 54.99 38.40 -18.06
C VAL G 329 55.01 39.73 -18.85
N PRO G 330 53.94 40.53 -18.96
CA PRO G 330 54.02 41.83 -19.65
C PRO G 330 55.16 42.73 -19.16
N ARG G 331 55.26 42.95 -17.87
CA ARG G 331 56.28 43.91 -17.34
C ARG G 331 57.69 43.32 -17.51
N ILE G 332 57.88 42.03 -17.26
CA ILE G 332 59.27 41.46 -17.32
C ILE G 332 59.76 41.50 -18.76
N ILE G 333 58.84 41.52 -19.73
CA ILE G 333 59.23 41.64 -21.12
C ILE G 333 59.74 43.04 -21.42
N LEU G 334 58.99 44.07 -21.00
CA LEU G 334 59.34 45.42 -21.40
C LEU G 334 60.43 45.99 -20.49
N ASN G 335 60.23 45.94 -19.17
CA ASN G 335 61.28 46.42 -18.26
C ASN G 335 62.50 45.52 -18.23
N GLY G 336 62.50 44.40 -18.93
CA GLY G 336 63.65 43.53 -18.98
C GLY G 336 63.62 42.44 -17.91
N ALA G 337 64.59 41.54 -18.01
CA ALA G 337 64.71 40.39 -17.12
C ALA G 337 65.77 40.58 -16.05
N ASP G 338 66.91 41.19 -16.39
CA ASP G 338 67.92 41.49 -15.38
C ASP G 338 67.40 42.40 -14.28
N TRP G 339 66.41 43.24 -14.58
CA TRP G 339 65.82 44.10 -13.57
C TRP G 339 64.89 43.32 -12.65
N PHE G 340 64.16 42.34 -13.20
CA PHE G 340 63.22 41.58 -12.38
C PHE G 340 63.96 40.61 -11.46
N ALA G 341 65.17 40.22 -11.81
CA ALA G 341 65.97 39.32 -10.98
C ALA G 341 66.77 40.07 -9.92
N SER G 342 66.56 41.38 -9.78
CA SER G 342 67.26 42.19 -8.80
C SER G 342 66.35 42.56 -7.63
N MET G 343 65.30 41.77 -7.38
CA MET G 343 64.40 41.99 -6.24
C MET G 343 64.06 40.69 -5.55
N GLY G 344 64.84 39.63 -5.77
CA GLY G 344 64.64 38.36 -5.12
C GLY G 344 65.84 38.00 -4.25
N THR G 345 65.70 36.88 -3.53
CA THR G 345 66.74 36.55 -2.56
C THR G 345 67.91 35.83 -3.21
N GLU G 346 67.74 34.55 -3.56
CA GLU G 346 68.69 33.84 -4.42
C GLU G 346 67.97 32.88 -5.35
N LYS G 347 66.72 32.55 -5.01
CA LYS G 347 65.94 31.56 -5.77
C LYS G 347 64.61 32.10 -6.23
N SER G 348 63.90 32.84 -5.39
CA SER G 348 62.57 33.35 -5.71
C SER G 348 62.70 34.85 -5.97
N LYS G 349 62.63 35.23 -7.24
CA LYS G 349 62.83 36.62 -7.65
C LYS G 349 61.48 37.24 -8.02
N GLY G 350 61.10 38.29 -7.31
CA GLY G 350 59.96 39.07 -7.70
C GLY G 350 59.20 39.57 -6.48
N THR G 351 58.01 40.08 -6.73
CA THR G 351 57.09 40.56 -5.71
C THR G 351 56.09 39.47 -5.40
N LYS G 352 55.29 39.66 -4.35
CA LYS G 352 54.16 38.75 -4.14
C LYS G 352 53.04 39.48 -3.40
N ILE G 353 51.85 39.43 -3.97
CA ILE G 353 50.67 39.98 -3.33
C ILE G 353 50.30 39.14 -2.12
N PHE G 354 50.13 39.79 -0.97
CA PHE G 354 49.70 39.16 0.27
C PHE G 354 48.41 39.78 0.78
N ALA G 355 47.54 38.96 1.34
CA ALA G 355 46.28 39.40 1.93
C ALA G 355 46.46 39.36 3.44
N LEU G 356 46.90 40.47 4.02
CA LEU G 356 47.08 40.52 5.46
C LEU G 356 45.75 40.79 6.13
N THR G 357 45.28 39.85 6.94
CA THR G 357 44.00 39.95 7.59
C THR G 357 44.05 39.24 8.94
N GLY G 358 42.91 39.18 9.60
CA GLY G 358 42.87 38.70 10.95
C GLY G 358 42.82 39.85 11.93
N LYS G 359 43.24 39.56 13.16
CA LYS G 359 43.27 40.56 14.23
C LYS G 359 44.53 41.41 14.06
N ILE G 360 44.53 42.23 13.02
CA ILE G 360 45.65 43.12 12.75
C ILE G 360 45.10 44.53 12.52
N THR G 361 45.91 45.54 12.86
CA THR G 361 45.47 46.91 12.77
C THR G 361 45.15 47.31 11.33
N ASN G 362 46.07 47.04 10.41
CA ASN G 362 45.92 47.45 9.01
C ASN G 362 45.71 46.21 8.15
N THR G 363 44.47 46.03 7.70
CA THR G 363 44.08 44.85 6.94
C THR G 363 43.94 45.22 5.47
N GLY G 364 44.41 44.34 4.58
CA GLY G 364 44.23 44.57 3.16
C GLY G 364 45.31 43.86 2.36
N LEU G 365 45.41 44.28 1.10
CA LEU G 365 46.36 43.70 0.16
C LEU G 365 47.64 44.51 0.16
N ILE G 366 48.77 43.82 0.34
CA ILE G 366 50.09 44.45 0.31
C ILE G 366 50.93 43.74 -0.74
N GLU G 367 52.02 44.40 -1.12
CA GLU G 367 52.91 43.88 -2.16
C GLU G 367 54.34 44.03 -1.68
N VAL G 368 54.92 42.94 -1.18
CA VAL G 368 56.28 42.96 -0.67
C VAL G 368 57.12 42.06 -1.56
N PRO G 369 58.40 42.37 -1.76
CA PRO G 369 59.29 41.43 -2.44
C PRO G 369 59.45 40.15 -1.64
N MET G 370 60.14 39.20 -2.24
CA MET G 370 60.31 37.90 -1.62
C MET G 370 61.60 37.85 -0.83
N GLY G 371 61.57 37.13 0.29
CA GLY G 371 62.69 37.11 1.21
C GLY G 371 62.59 38.23 2.22
N ILE G 372 61.38 38.47 2.71
CA ILE G 372 61.11 39.47 3.72
C ILE G 372 60.85 38.76 5.03
N THR G 373 61.48 39.24 6.10
CA THR G 373 61.20 38.69 7.42
C THR G 373 59.76 39.00 7.80
N ILE G 374 59.10 38.04 8.46
CA ILE G 374 57.69 38.21 8.78
C ILE G 374 57.45 39.27 9.83
N ARG G 375 58.47 39.62 10.62
CA ARG G 375 58.30 40.67 11.62
C ARG G 375 57.82 41.97 10.96
N GLU G 376 58.58 42.44 9.96
CA GLU G 376 58.17 43.64 9.22
C GLU G 376 56.76 43.52 8.69
N ILE G 377 56.29 42.31 8.40
CA ILE G 377 54.94 42.15 7.88
C ILE G 377 53.88 42.46 8.92
N ILE G 378 54.11 42.11 10.19
CA ILE G 378 53.09 42.25 11.21
C ILE G 378 53.42 43.31 12.26
N TYR G 379 54.69 43.66 12.45
CA TYR G 379 55.07 44.61 13.48
C TYR G 379 55.26 46.02 12.97
N GLU G 380 55.55 46.21 11.68
CA GLU G 380 55.76 47.55 11.16
C GLU G 380 55.01 47.87 9.88
N LEU G 381 54.47 46.87 9.18
CA LEU G 381 53.64 47.14 8.02
C LEU G 381 52.18 47.35 8.43
N GLY G 382 51.60 46.38 9.11
CA GLY G 382 50.24 46.52 9.62
C GLY G 382 50.20 47.32 10.89
N GLY G 383 51.35 47.45 11.55
CA GLY G 383 51.45 48.29 12.73
C GLY G 383 51.14 47.62 14.05
N GLY G 384 51.10 46.30 14.08
CA GLY G 384 50.87 45.60 15.32
C GLY G 384 49.46 45.03 15.41
N ILE G 385 49.26 44.18 16.42
CA ILE G 385 47.99 43.49 16.61
C ILE G 385 46.89 44.49 16.93
N LEU G 386 45.64 44.11 16.64
CA LEU G 386 44.53 45.05 16.74
C LEU G 386 44.04 45.19 18.18
N ASN G 387 44.99 45.34 19.10
CA ASN G 387 44.80 45.76 20.49
C ASN G 387 46.16 45.85 21.14
N GLY G 388 46.21 46.06 22.45
CA GLY G 388 47.46 45.99 23.17
C GLY G 388 47.88 44.57 23.48
N LYS G 389 47.50 43.62 22.62
CA LYS G 389 47.81 42.21 22.85
C LYS G 389 49.14 41.84 22.18
N GLU G 390 49.54 40.59 22.35
CA GLU G 390 50.77 40.07 21.78
C GLU G 390 50.46 39.09 20.65
N PHE G 391 51.46 38.82 19.84
CA PHE G 391 51.31 38.00 18.64
C PHE G 391 51.59 36.54 18.96
N LYS G 392 50.66 35.67 18.59
CA LYS G 392 50.78 34.24 18.87
C LYS G 392 51.15 33.44 17.62
N ALA G 393 50.35 33.54 16.56
CA ALA G 393 50.60 32.76 15.36
C ALA G 393 50.06 33.51 14.15
N VAL G 394 50.53 33.09 12.98
CA VAL G 394 50.06 33.64 11.71
C VAL G 394 49.99 32.49 10.70
N GLN G 395 48.80 32.28 10.15
CA GLN G 395 48.62 31.31 9.08
C GLN G 395 48.97 31.98 7.75
N ILE G 396 49.76 31.28 6.94
CA ILE G 396 50.46 31.89 5.83
C ILE G 396 49.81 31.52 4.50
N GLY G 397 49.28 30.31 4.39
CA GLY G 397 48.80 29.83 3.12
C GLY G 397 47.32 29.55 3.05
N GLY G 398 46.51 30.43 3.64
CA GLY G 398 45.08 30.27 3.60
C GLY G 398 44.63 29.09 4.44
N PRO G 399 43.56 28.43 4.03
CA PRO G 399 43.05 27.32 4.83
C PRO G 399 43.97 26.11 4.81
N SER G 400 44.47 25.75 3.64
CA SER G 400 45.36 24.61 3.50
C SER G 400 46.83 25.01 3.62
N GLY G 401 47.14 25.73 4.70
CA GLY G 401 48.48 26.21 4.93
C GLY G 401 48.87 26.18 6.40
N GLY G 402 50.17 26.10 6.67
CA GLY G 402 50.65 26.02 8.03
C GLY G 402 50.45 27.33 8.79
N CYS G 403 51.04 27.35 9.98
CA CYS G 403 50.97 28.52 10.86
C CYS G 403 52.32 28.68 11.56
N LEU G 404 52.88 29.87 11.46
CA LEU G 404 54.17 30.18 12.06
C LEU G 404 54.00 30.98 13.34
N THR G 405 54.88 30.73 14.30
CA THR G 405 54.89 31.46 15.56
C THR G 405 56.27 32.02 15.87
N LYS G 406 56.48 32.47 17.11
CA LYS G 406 57.54 33.44 17.40
C LYS G 406 58.95 32.92 17.18
N GLU G 407 59.16 31.62 16.97
CA GLU G 407 60.49 31.19 16.55
C GLU G 407 60.74 31.56 15.10
N HIS G 408 59.67 31.72 14.31
CA HIS G 408 59.77 32.20 12.94
C HIS G 408 59.36 33.66 12.90
N LEU G 409 60.34 34.53 13.16
CA LEU G 409 60.17 35.97 13.06
C LEU G 409 61.22 36.64 12.19
N ASP G 410 62.40 36.05 12.04
CA ASP G 410 63.42 36.56 11.15
C ASP G 410 63.63 35.67 9.94
N LEU G 411 62.82 34.64 9.79
CA LEU G 411 62.90 33.75 8.64
C LEU G 411 62.32 34.43 7.41
N PRO G 412 63.10 34.65 6.36
CA PRO G 412 62.54 35.25 5.14
C PRO G 412 61.47 34.36 4.53
N ILE G 413 60.48 35.00 3.92
CA ILE G 413 59.34 34.32 3.34
C ILE G 413 59.66 34.04 1.87
N ASP G 414 59.93 32.78 1.56
CA ASP G 414 60.22 32.32 0.21
C ASP G 414 59.29 31.17 -0.14
N TYR G 415 59.57 30.53 -1.27
CA TYR G 415 58.91 29.27 -1.59
C TYR G 415 59.55 28.10 -0.88
N GLU G 416 60.88 28.07 -0.81
CA GLU G 416 61.61 26.97 -0.18
C GLU G 416 61.68 27.10 1.33
N SER G 417 61.65 28.33 1.85
CA SER G 417 61.78 28.52 3.30
C SER G 417 60.49 28.18 4.03
N LEU G 418 59.34 28.55 3.46
CA LEU G 418 58.07 28.25 4.10
C LEU G 418 57.83 26.74 4.18
N THR G 419 58.25 26.00 3.15
CA THR G 419 58.02 24.56 3.13
C THR G 419 58.73 23.86 4.29
N ALA G 420 59.97 24.25 4.57
CA ALA G 420 60.68 23.69 5.72
C ALA G 420 59.96 24.01 7.03
N ALA G 421 59.23 25.12 7.07
CA ALA G 421 58.48 25.53 8.24
C ALA G 421 57.06 24.99 8.25
N GLY G 422 56.78 23.95 7.46
CA GLY G 422 55.48 23.31 7.45
C GLY G 422 54.35 24.12 6.88
N ALA G 423 54.59 25.37 6.48
CA ALA G 423 53.56 26.23 5.91
C ALA G 423 53.76 26.34 4.41
N ILE G 424 52.66 26.21 3.67
CA ILE G 424 52.74 26.32 2.23
C ILE G 424 52.42 27.75 1.82
N MET G 425 52.89 28.14 0.65
CA MET G 425 52.56 29.42 0.05
C MET G 425 51.49 29.18 -1.01
N GLY G 426 50.27 29.63 -0.73
CA GLY G 426 49.16 29.43 -1.63
C GLY G 426 47.92 30.11 -1.11
N SER G 427 47.25 30.85 -2.00
CA SER G 427 46.18 31.78 -1.66
C SER G 427 46.75 32.97 -0.89
N GLY G 428 48.03 32.90 -0.54
CA GLY G 428 48.79 34.00 0.01
C GLY G 428 48.20 34.73 1.20
N GLY G 429 47.14 34.19 1.78
CA GLY G 429 46.47 34.88 2.88
C GLY G 429 47.23 34.72 4.18
N LEU G 430 47.59 35.86 4.77
CA LEU G 430 48.31 35.92 6.04
C LEU G 430 47.31 36.37 7.10
N VAL G 431 46.76 35.43 7.82
CA VAL G 431 45.80 35.73 8.88
C VAL G 431 46.49 35.60 10.23
N VAL G 432 46.42 36.66 11.03
CA VAL G 432 47.15 36.75 12.30
C VAL G 432 46.20 36.46 13.45
N MET G 433 46.72 35.88 14.53
CA MET G 433 45.92 35.48 15.68
C MET G 433 46.37 36.22 16.93
N ASP G 434 45.43 36.44 17.86
CA ASP G 434 45.78 37.07 19.16
C ASP G 434 46.38 36.02 20.10
N GLU G 435 46.80 36.43 21.30
CA GLU G 435 47.33 35.47 22.30
C GLU G 435 46.18 34.62 22.84
N ASP G 436 44.95 35.16 22.86
CA ASP G 436 43.79 34.43 23.42
C ASP G 436 43.39 33.24 22.52
N THR G 437 43.53 33.37 21.20
CA THR G 437 43.08 32.30 20.26
C THR G 437 43.75 30.95 20.59
N CYS G 438 42.99 29.86 20.51
CA CYS G 438 43.56 28.50 20.76
C CYS G 438 43.93 27.85 19.42
N MET G 439 45.01 27.07 19.40
CA MET G 439 45.48 26.47 18.11
C MET G 439 44.67 25.20 17.79
N VAL G 440 44.04 24.57 18.78
CA VAL G 440 43.15 23.40 18.51
C VAL G 440 41.94 23.89 17.72
N ASP G 441 41.31 24.98 18.16
CA ASP G 441 40.13 25.56 17.46
C ASP G 441 40.55 26.09 16.09
N VAL G 442 41.71 26.74 16.01
CA VAL G 442 42.22 27.27 14.70
C VAL G 442 42.35 26.09 13.72
N ALA G 443 42.99 25.01 14.15
CA ALA G 443 43.16 23.83 13.28
C ALA G 443 41.79 23.28 12.87
N LYS G 444 40.85 23.18 13.82
CA LYS G 444 39.51 22.61 13.53
C LYS G 444 38.79 23.45 12.48
N PHE G 445 38.83 24.78 12.63
CA PHE G 445 38.12 25.68 11.68
C PHE G 445 38.72 25.53 10.28
N PHE G 446 40.05 25.55 10.18
CA PHE G 446 40.71 25.46 8.88
C PHE G 446 40.66 24.05 8.30
N LEU G 447 40.36 23.05 9.12
CA LEU G 447 40.18 21.70 8.60
C LEU G 447 38.72 21.40 8.26
N GLU G 448 37.77 22.00 8.99
CA GLU G 448 36.37 21.92 8.61
C GLU G 448 36.11 22.62 7.30
N PHE G 449 36.93 23.60 6.94
CA PHE G 449 36.80 24.17 5.59
C PHE G 449 37.26 23.18 4.53
N THR G 450 38.45 22.60 4.70
CA THR G 450 38.99 21.70 3.69
C THR G 450 38.21 20.39 3.62
N GLN G 451 37.44 20.08 4.65
CA GLN G 451 36.57 18.90 4.58
C GLN G 451 35.37 19.17 3.70
N ARG G 452 34.72 20.31 3.87
CA ARG G 452 33.55 20.63 3.05
C ARG G 452 33.91 20.76 1.59
N GLU G 453 35.14 21.21 1.28
CA GLU G 453 35.57 21.42 -0.09
C GLU G 453 36.38 20.26 -0.63
N SER G 454 36.23 19.08 -0.04
CA SER G 454 36.88 17.87 -0.52
C SER G 454 36.02 17.21 -1.57
N CYS G 455 36.70 16.59 -2.54
CA CYS G 455 36.06 15.94 -3.69
C CYS G 455 35.43 14.59 -3.43
N GLY G 456 36.04 13.79 -2.57
CA GLY G 456 35.54 12.47 -2.27
C GLY G 456 35.98 11.44 -3.28
N LYS G 457 37.22 11.56 -3.75
CA LYS G 457 37.78 10.61 -4.70
C LYS G 457 38.86 9.74 -4.09
N CYS G 458 39.71 10.32 -3.26
CA CYS G 458 40.77 9.57 -2.61
C CYS G 458 40.37 9.21 -1.19
N VAL G 459 40.63 7.96 -0.80
CA VAL G 459 40.29 7.49 0.58
C VAL G 459 40.98 8.39 1.62
N PRO G 460 42.31 8.63 1.58
CA PRO G 460 42.97 9.43 2.62
C PRO G 460 42.23 10.72 2.97
N CYS G 461 41.77 11.47 1.98
CA CYS G 461 41.13 12.78 2.26
C CYS G 461 39.66 12.58 2.66
N ARG G 462 38.91 11.80 1.88
CA ARG G 462 37.46 11.59 2.16
C ARG G 462 37.29 11.06 3.59
N GLU G 463 38.24 10.28 4.10
CA GLU G 463 38.08 9.68 5.41
C GLU G 463 38.87 10.39 6.49
N GLY G 464 40.19 10.55 6.29
CA GLY G 464 41.03 11.12 7.32
C GLY G 464 40.67 12.55 7.69
N THR G 465 40.09 13.31 6.76
CA THR G 465 39.74 14.69 7.12
C THR G 465 38.58 14.70 8.12
N LYS G 466 37.55 13.89 7.87
CA LYS G 466 36.47 13.73 8.84
C LYS G 466 36.99 13.20 10.17
N GLN G 467 37.88 12.20 10.11
CA GLN G 467 38.38 11.62 11.35
C GLN G 467 39.21 12.62 12.16
N MET G 468 40.03 13.42 11.48
CA MET G 468 40.81 14.44 12.17
C MET G 468 39.91 15.53 12.73
N LEU G 469 38.84 15.88 12.02
CA LEU G 469 37.88 16.83 12.56
C LEU G 469 37.26 16.31 13.85
N LEU G 470 36.91 15.02 13.87
CA LEU G 470 36.34 14.43 15.09
C LEU G 470 37.37 14.41 16.23
N MET G 471 38.61 14.03 15.92
CA MET G 471 39.64 14.00 16.95
C MET G 471 39.88 15.39 17.54
N LEU G 472 39.93 16.41 16.68
CA LEU G 472 40.11 17.77 17.18
C LEU G 472 38.92 18.22 18.00
N GLN G 473 37.70 17.86 17.58
CA GLN G 473 36.51 18.22 18.36
C GLN G 473 36.53 17.57 19.74
N LYS G 474 37.01 16.33 19.84
CA LYS G 474 37.03 15.68 21.14
C LYS G 474 38.23 16.10 21.99
N ILE G 475 39.30 16.58 21.35
CA ILE G 475 40.43 17.09 22.14
C ILE G 475 40.11 18.48 22.67
N CYS G 476 39.38 19.28 21.90
CA CYS G 476 38.97 20.60 22.39
C CYS G 476 37.86 20.50 23.43
N ASN G 477 37.01 19.47 23.34
CA ASN G 477 35.90 19.33 24.27
C ASN G 477 36.28 18.65 25.57
N GLY G 478 37.55 18.32 25.77
CA GLY G 478 38.00 17.74 27.02
C GLY G 478 37.87 16.24 27.13
N GLU G 479 37.38 15.56 26.10
CA GLU G 479 37.19 14.12 26.12
C GLU G 479 38.32 13.37 25.45
N GLY G 480 39.51 13.96 25.37
CA GLY G 480 40.62 13.37 24.67
C GLY G 480 41.55 12.57 25.58
N THR G 481 42.07 11.47 25.05
CA THR G 481 43.05 10.66 25.74
C THR G 481 44.45 11.16 25.39
N MET G 482 45.47 10.37 25.69
CA MET G 482 46.84 10.77 25.38
C MET G 482 47.39 10.10 24.12
N ASP G 483 46.72 9.07 23.61
CA ASP G 483 47.14 8.44 22.37
C ASP G 483 46.35 8.91 21.16
N ASP G 484 45.24 9.62 21.38
CA ASP G 484 44.53 10.20 20.25
C ASP G 484 45.36 11.30 19.59
N LEU G 485 46.26 11.93 20.34
CA LEU G 485 47.17 12.90 19.75
C LEU G 485 48.14 12.22 18.79
N SER G 486 48.68 11.06 19.19
CA SER G 486 49.54 10.30 18.28
C SER G 486 48.74 9.81 17.08
N LYS G 487 47.51 9.36 17.30
CA LYS G 487 46.65 8.98 16.19
C LYS G 487 46.45 10.15 15.22
N LEU G 488 46.22 11.35 15.75
CA LEU G 488 46.00 12.52 14.91
C LEU G 488 47.25 12.87 14.13
N GLU G 489 48.42 12.80 14.77
CA GLU G 489 49.67 13.10 14.08
C GLU G 489 49.93 12.12 12.94
N GLU G 490 49.78 10.82 13.23
CA GLU G 490 50.02 9.82 12.19
C GLU G 490 48.99 9.92 11.08
N LEU G 491 47.75 10.25 11.41
CA LEU G 491 46.73 10.45 10.38
C LEU G 491 47.05 11.64 9.51
N ALA G 492 47.54 12.73 10.11
CA ALA G 492 47.95 13.89 9.34
C ALA G 492 49.06 13.53 8.37
N HIS G 493 50.08 12.81 8.87
CA HIS G 493 51.19 12.42 8.00
C HIS G 493 50.74 11.50 6.88
N MET G 494 49.85 10.54 7.19
CA MET G 494 49.35 9.62 6.17
C MET G 494 48.57 10.37 5.10
N VAL G 495 47.64 11.24 5.50
CA VAL G 495 46.86 11.99 4.53
C VAL G 495 47.75 12.91 3.71
N LYS G 496 48.81 13.45 4.31
CA LYS G 496 49.72 14.32 3.57
C LYS G 496 50.51 13.54 2.53
N GLU G 497 50.99 12.35 2.89
CA GLU G 497 51.86 11.60 1.99
C GLU G 497 51.13 10.67 1.03
N THR G 498 49.81 10.48 1.20
CA THR G 498 49.08 9.52 0.38
C THR G 498 48.04 10.15 -0.52
N SER G 499 47.55 11.35 -0.22
CA SER G 499 46.46 11.95 -0.98
C SER G 499 46.87 12.22 -2.42
N LEU G 500 45.84 12.29 -3.29
CA LEU G 500 46.07 12.46 -4.72
C LEU G 500 46.33 13.92 -5.07
N CYS G 501 45.35 14.78 -4.82
CA CYS G 501 45.47 16.20 -5.11
C CYS G 501 46.15 16.97 -3.97
N GLY G 502 46.69 18.14 -4.28
CA GLY G 502 47.34 18.95 -3.27
C GLY G 502 46.44 19.39 -2.15
N LEU G 503 45.12 19.32 -2.34
CA LEU G 503 44.20 19.62 -1.25
C LEU G 503 44.39 18.65 -0.11
N GLY G 504 44.46 17.36 -0.42
CA GLY G 504 44.67 16.38 0.64
C GLY G 504 46.08 16.39 1.19
N GLN G 505 47.03 16.89 0.42
CA GLN G 505 48.42 16.95 0.88
C GLN G 505 48.72 18.20 1.68
N THR G 506 47.86 19.22 1.61
CA THR G 506 48.04 20.44 2.39
C THR G 506 46.89 20.70 3.35
N ALA G 507 45.89 19.82 3.40
CA ALA G 507 44.82 19.98 4.40
C ALA G 507 45.26 19.59 5.80
N PRO G 508 46.03 18.52 6.03
CA PRO G 508 46.54 18.30 7.38
C PRO G 508 47.82 19.07 7.62
N ASN G 509 47.86 20.32 7.15
CA ASN G 509 48.95 21.24 7.46
C ASN G 509 48.69 21.97 8.78
N PRO G 510 47.49 22.52 9.02
CA PRO G 510 47.26 23.21 10.29
C PRO G 510 47.15 22.29 11.50
N VAL G 511 47.35 21.00 11.33
CA VAL G 511 47.46 20.07 12.45
C VAL G 511 48.91 19.75 12.74
N ILE G 512 49.68 19.41 11.70
CA ILE G 512 51.11 19.22 11.86
C ILE G 512 51.77 20.48 12.41
N THR G 513 51.41 21.64 11.87
CA THR G 513 52.11 22.86 12.28
C THR G 513 51.67 23.33 13.66
N THR G 514 50.43 23.04 14.05
CA THR G 514 49.98 23.37 15.40
C THR G 514 50.48 22.38 16.44
N ILE G 515 50.83 21.16 16.04
CA ILE G 515 51.36 20.20 17.00
C ILE G 515 52.88 20.34 17.13
N ARG G 516 53.58 20.75 16.06
CA ARG G 516 55.03 20.85 16.15
C ARG G 516 55.50 22.11 16.86
N TYR G 517 54.64 23.13 16.98
CA TYR G 517 55.00 24.36 17.67
C TYR G 517 54.18 24.61 18.93
N PHE G 518 52.95 24.09 19.01
CA PHE G 518 52.09 24.24 20.16
C PHE G 518 51.77 22.89 20.79
N ARG G 519 52.80 22.04 20.89
CA ARG G 519 52.60 20.71 21.46
C ARG G 519 52.19 20.80 22.93
N ASP G 520 52.80 21.72 23.67
CA ASP G 520 52.40 21.91 25.07
C ASP G 520 50.96 22.36 25.17
N GLU G 521 50.51 23.19 24.23
CA GLU G 521 49.12 23.66 24.25
C GLU G 521 48.15 22.52 23.96
N TYR G 522 48.59 21.51 23.22
CA TYR G 522 47.76 20.33 23.01
C TYR G 522 47.77 19.43 24.24
N VAL G 523 48.95 19.12 24.76
CA VAL G 523 49.07 18.27 25.94
C VAL G 523 48.31 18.86 27.11
N ALA G 524 48.20 20.19 27.17
CA ALA G 524 47.41 20.82 28.22
C ALA G 524 45.92 20.53 28.10
N HIS G 525 45.44 20.08 26.94
CA HIS G 525 44.04 19.69 26.83
C HIS G 525 43.82 18.27 27.29
N ILE G 526 44.88 17.47 27.37
CA ILE G 526 44.76 16.10 27.81
C ILE G 526 45.04 15.96 29.30
N LYS G 527 45.99 16.73 29.83
CA LYS G 527 46.40 16.52 31.22
C LYS G 527 45.57 17.39 32.17
N ASP G 528 45.52 18.69 31.94
CA ASP G 528 44.87 19.60 32.87
C ASP G 528 43.48 20.05 32.45
N LYS G 529 42.96 19.55 31.34
CA LYS G 529 41.55 19.67 30.94
C LYS G 529 41.06 21.11 30.80
N ARG G 530 41.98 22.08 30.88
CA ARG G 530 41.59 23.51 30.70
C ARG G 530 42.21 24.04 29.40
N CYS G 531 41.62 25.10 28.85
CA CYS G 531 42.10 25.64 27.56
C CYS G 531 42.52 27.09 27.69
N PRO G 532 43.65 27.52 27.09
CA PRO G 532 44.05 28.94 27.11
C PRO G 532 43.16 29.84 26.23
N ALA G 533 42.20 29.25 25.51
CA ALA G 533 41.26 30.05 24.69
C ALA G 533 40.21 30.71 25.57
N LYS G 534 39.89 30.09 26.72
CA LYS G 534 38.97 30.74 27.65
C LYS G 534 37.61 30.99 27.00
N ILE G 535 37.16 30.05 26.16
CA ILE G 535 35.93 30.23 25.40
C ILE G 535 35.01 29.03 25.58
N CYS G 536 35.58 27.89 25.95
CA CYS G 536 34.82 26.64 25.99
C CYS G 536 35.03 25.95 27.33
N PRO G 537 34.08 25.14 27.80
CA PRO G 537 34.19 24.38 29.05
C PRO G 537 35.41 23.44 29.07
N SER H 4 4.63 25.57 -14.17
CA SER H 4 4.12 24.33 -14.74
C SER H 4 5.26 23.45 -15.24
N THR H 5 5.11 22.13 -15.05
CA THR H 5 6.13 21.19 -15.50
C THR H 5 6.22 21.12 -17.02
N VAL H 6 5.20 21.63 -17.72
CA VAL H 6 5.27 21.71 -19.18
C VAL H 6 5.92 23.01 -19.64
N ASP H 7 5.83 24.07 -18.83
CA ASP H 7 6.50 25.33 -19.18
C ASP H 7 8.01 25.16 -19.17
N VAL H 8 8.54 24.50 -18.14
CA VAL H 8 9.98 24.36 -18.00
C VAL H 8 10.58 23.56 -19.16
N VAL H 9 9.80 22.63 -19.73
CA VAL H 9 10.32 21.84 -20.84
C VAL H 9 10.79 22.74 -21.97
N GLU H 10 9.87 23.52 -22.55
CA GLU H 10 10.23 24.40 -23.65
C GLU H 10 11.14 25.52 -23.18
N LYS H 11 10.97 25.98 -21.93
CA LYS H 11 11.78 27.09 -21.45
C LYS H 11 13.25 26.72 -21.34
N VAL H 12 13.55 25.47 -21.00
CA VAL H 12 14.94 25.01 -20.98
C VAL H 12 15.37 24.53 -22.36
N LYS H 13 14.41 24.12 -23.20
CA LYS H 13 14.74 23.90 -24.60
C LYS H 13 15.37 25.15 -25.22
N GLU H 14 14.79 26.31 -24.93
CA GLU H 14 15.33 27.57 -25.44
C GLU H 14 16.65 27.97 -24.78
N ILE H 15 17.01 27.38 -23.65
CA ILE H 15 18.30 27.67 -23.04
C ILE H 15 19.38 26.71 -23.55
N VAL H 16 19.01 25.47 -23.88
CA VAL H 16 19.97 24.52 -24.42
C VAL H 16 20.15 24.69 -25.92
N ALA H 17 19.23 25.38 -26.59
CA ALA H 17 19.39 25.66 -28.02
C ALA H 17 20.74 26.28 -28.38
N PRO H 18 21.24 27.35 -27.72
CA PRO H 18 22.52 27.93 -28.16
C PRO H 18 23.74 27.08 -27.85
N TRP H 19 23.53 25.87 -27.32
CA TRP H 19 24.63 25.03 -26.88
C TRP H 19 24.71 23.67 -27.56
N LYS H 20 23.72 23.31 -28.37
CA LYS H 20 23.73 21.99 -29.02
C LYS H 20 24.96 21.84 -29.92
N GLY H 21 25.63 20.70 -29.79
CA GLY H 21 26.77 20.38 -30.63
C GLY H 21 27.93 21.34 -30.54
N LYS H 22 28.27 21.77 -29.32
CA LYS H 22 29.40 22.68 -29.12
C LYS H 22 30.47 22.15 -28.18
N GLN H 23 30.40 20.88 -27.77
CA GLN H 23 31.48 20.21 -27.05
C GLN H 23 31.87 20.98 -25.79
N GLY H 24 30.93 21.03 -24.86
CA GLY H 24 31.16 21.60 -23.56
C GLY H 24 29.95 22.38 -23.08
N GLY H 25 30.21 23.31 -22.17
CA GLY H 25 29.20 24.22 -21.68
C GLY H 25 27.95 23.56 -21.15
N LEU H 26 28.09 22.73 -20.14
CA LEU H 26 26.94 22.17 -19.42
C LEU H 26 26.70 22.85 -18.10
N ILE H 27 27.74 23.20 -17.36
CA ILE H 27 27.59 23.93 -16.11
C ILE H 27 27.08 25.35 -16.37
N PRO H 28 27.34 25.99 -17.52
CA PRO H 28 26.63 27.26 -17.77
C PRO H 28 25.16 27.06 -18.08
N ILE H 29 24.81 25.96 -18.76
CA ILE H 29 23.40 25.63 -18.95
C ILE H 29 22.71 25.49 -17.60
N LEU H 30 23.29 24.70 -16.71
CA LEU H 30 22.71 24.52 -15.38
C LEU H 30 22.69 25.83 -14.61
N GLN H 31 23.71 26.66 -14.78
CA GLN H 31 23.73 27.96 -14.11
C GLN H 31 22.56 28.83 -14.58
N GLU H 32 22.27 28.83 -15.89
CA GLU H 32 21.18 29.65 -16.39
C GLU H 32 19.81 29.07 -16.09
N VAL H 33 19.70 27.75 -15.95
CA VAL H 33 18.45 27.18 -15.47
C VAL H 33 18.25 27.43 -13.98
N GLN H 34 19.34 27.57 -13.23
CA GLN H 34 19.22 27.97 -11.83
C GLN H 34 18.85 29.43 -11.70
N ARG H 35 19.37 30.28 -12.61
CA ARG H 35 19.06 31.70 -12.54
C ARG H 35 17.59 31.97 -12.84
N GLU H 36 16.99 31.23 -13.76
CA GLU H 36 15.62 31.47 -14.17
C GLU H 36 14.61 30.58 -13.47
N LEU H 37 15.04 29.72 -12.55
CA LEU H 37 14.11 28.93 -11.77
C LEU H 37 14.43 28.87 -10.28
N GLY H 38 15.61 29.34 -9.85
CA GLY H 38 16.00 29.24 -8.46
C GLY H 38 16.40 27.87 -7.99
N TYR H 39 16.13 26.83 -8.78
CA TYR H 39 16.49 25.46 -8.44
C TYR H 39 16.44 24.63 -9.72
N LEU H 40 17.03 23.44 -9.65
CA LEU H 40 17.04 22.53 -10.79
C LEU H 40 16.05 21.40 -10.55
N PRO H 41 14.88 21.43 -11.15
CA PRO H 41 13.92 20.33 -10.97
C PRO H 41 14.34 19.11 -11.77
N GLU H 42 13.65 18.00 -11.49
CA GLU H 42 13.94 16.76 -12.20
C GLU H 42 13.57 16.85 -13.67
N GLU H 43 12.49 17.56 -13.99
CA GLU H 43 12.09 17.73 -15.38
C GLU H 43 13.16 18.48 -16.16
N ALA H 44 13.70 19.54 -15.58
CA ALA H 44 14.77 20.30 -16.24
C ALA H 44 15.97 19.42 -16.55
N LEU H 45 16.38 18.60 -15.58
CA LEU H 45 17.54 17.75 -15.80
C LEU H 45 17.26 16.68 -16.84
N LEU H 46 16.06 16.09 -16.80
CA LEU H 46 15.71 15.08 -17.81
C LEU H 46 15.72 15.68 -19.21
N THR H 47 15.18 16.89 -19.37
CA THR H 47 15.17 17.50 -20.70
C THR H 47 16.56 17.93 -21.15
N ILE H 48 17.41 18.41 -20.22
CA ILE H 48 18.78 18.73 -20.59
C ILE H 48 19.50 17.48 -21.07
N SER H 49 19.28 16.36 -20.38
CA SER H 49 19.92 15.11 -20.78
C SER H 49 19.41 14.64 -22.13
N ARG H 50 18.10 14.81 -22.40
CA ARG H 50 17.56 14.37 -23.68
C ARG H 50 17.98 15.28 -24.83
N GLU H 51 18.20 16.57 -24.57
CA GLU H 51 18.61 17.47 -25.64
C GLU H 51 20.09 17.36 -25.95
N LEU H 52 20.96 17.43 -24.93
CA LEU H 52 22.39 17.30 -25.20
C LEU H 52 22.81 15.85 -25.45
N LYS H 53 21.89 14.90 -25.31
CA LYS H 53 22.20 13.47 -25.39
C LYS H 53 23.39 13.12 -24.51
N MET H 54 23.39 13.67 -23.30
CA MET H 54 24.31 13.38 -22.23
C MET H 54 23.59 12.55 -21.18
N PRO H 55 24.22 11.51 -20.63
CA PRO H 55 23.49 10.61 -19.73
C PRO H 55 22.97 11.32 -18.49
N LYS H 56 21.86 10.79 -17.96
CA LYS H 56 21.24 11.39 -16.79
C LYS H 56 22.16 11.31 -15.57
N ALA H 57 22.94 10.23 -15.47
CA ALA H 57 23.88 10.10 -14.37
C ALA H 57 24.90 11.22 -14.37
N GLU H 58 25.40 11.60 -15.56
CA GLU H 58 26.37 12.68 -15.64
C GLU H 58 25.77 14.02 -15.20
N VAL H 59 24.59 14.35 -15.69
CA VAL H 59 24.01 15.66 -15.38
C VAL H 59 23.61 15.73 -13.91
N TYR H 60 23.14 14.61 -13.34
CA TYR H 60 22.84 14.64 -11.91
C TYR H 60 24.11 14.66 -11.07
N GLY H 61 25.20 14.05 -11.54
CA GLY H 61 26.44 14.10 -10.81
C GLY H 61 27.05 15.49 -10.79
N VAL H 62 26.97 16.20 -11.93
CA VAL H 62 27.53 17.55 -11.96
C VAL H 62 26.58 18.56 -11.32
N ALA H 63 25.27 18.27 -11.32
CA ALA H 63 24.33 19.16 -10.65
C ALA H 63 24.45 19.08 -9.13
N THR H 64 24.80 17.92 -8.59
CA THR H 64 24.93 17.75 -7.15
C THR H 64 26.37 17.86 -6.68
N PHE H 65 27.31 18.13 -7.58
CA PHE H 65 28.70 18.32 -7.20
C PHE H 65 28.94 19.70 -6.60
N TYR H 66 28.26 20.72 -7.10
CA TYR H 66 28.50 22.10 -6.71
C TYR H 66 27.44 22.56 -5.70
N ALA H 67 27.87 23.35 -4.72
CA ALA H 67 26.97 23.81 -3.68
C ALA H 67 26.05 24.93 -4.16
N GLN H 68 26.38 25.59 -5.27
CA GLN H 68 25.53 26.66 -5.77
C GLN H 68 24.19 26.14 -6.25
N PHE H 69 24.18 24.96 -6.86
CA PHE H 69 22.94 24.40 -7.38
C PHE H 69 22.08 23.83 -6.26
N HIS H 70 20.81 23.59 -6.58
CA HIS H 70 19.86 23.01 -5.65
C HIS H 70 18.88 22.14 -6.41
N LEU H 71 18.65 20.94 -5.90
CA LEU H 71 17.74 19.99 -6.54
C LEU H 71 16.30 20.13 -6.05
N LYS H 72 16.07 20.86 -4.95
CA LYS H 72 14.76 21.10 -4.41
C LYS H 72 14.44 22.59 -4.47
N PRO H 73 13.16 22.96 -4.49
CA PRO H 73 12.81 24.39 -4.46
C PRO H 73 13.34 25.05 -3.20
N ARG H 74 13.98 26.21 -3.36
CA ARG H 74 14.61 26.87 -2.22
C ARG H 74 13.64 27.84 -1.56
N GLY H 75 13.87 28.10 -0.28
CA GLY H 75 13.03 29.01 0.48
C GLY H 75 13.22 30.47 0.10
N VAL I 4 10.92 -6.44 53.62
CA VAL I 4 11.33 -5.08 53.34
C VAL I 4 12.49 -5.04 52.37
N PHE I 5 13.19 -6.17 52.22
CA PHE I 5 14.42 -6.19 51.46
C PHE I 5 14.39 -7.32 50.44
N LYS I 6 15.53 -7.51 49.79
CA LYS I 6 15.61 -8.25 48.53
C LYS I 6 16.82 -9.17 48.54
N LEU I 7 16.72 -10.25 47.79
CA LEU I 7 17.83 -11.15 47.51
C LEU I 7 17.97 -11.29 46.00
N GLU I 8 19.19 -11.12 45.51
CA GLU I 8 19.43 -11.22 44.07
C GLU I 8 20.54 -12.21 43.76
N ILE I 9 20.23 -13.24 43.00
CA ILE I 9 21.21 -14.25 42.65
C ILE I 9 21.99 -13.89 41.39
N ASN I 10 21.62 -12.78 40.76
CA ASN I 10 22.30 -12.37 39.52
C ASN I 10 23.81 -12.26 39.69
N PRO I 11 24.55 -12.74 38.68
CA PRO I 11 23.98 -13.33 37.48
C PRO I 11 23.83 -14.83 37.64
N VAL I 12 22.73 -15.41 37.16
CA VAL I 12 22.56 -16.84 37.28
C VAL I 12 23.68 -17.45 36.48
N THR I 13 24.36 -18.44 37.05
CA THR I 13 25.48 -19.06 36.38
C THR I 13 25.12 -20.39 35.75
N ARG I 14 26.05 -20.91 34.96
CA ARG I 14 25.87 -22.19 34.28
C ARG I 14 24.55 -22.27 33.53
N ILE I 15 24.06 -21.12 33.06
CA ILE I 15 23.02 -21.05 32.06
C ILE I 15 23.53 -20.17 30.93
N GLU I 16 22.87 -20.26 29.78
CA GLU I 16 23.24 -19.45 28.63
C GLU I 16 22.46 -18.14 28.69
N GLY I 17 23.15 -17.03 28.56
CA GLY I 17 22.53 -15.73 28.55
C GLY I 17 22.73 -14.99 29.87
N HIS I 18 21.98 -13.91 30.02
CA HIS I 18 22.05 -13.04 31.19
C HIS I 18 20.71 -13.09 31.91
N GLY I 19 20.69 -13.76 33.08
CA GLY I 19 19.51 -13.87 33.89
C GLY I 19 19.76 -13.34 35.29
N LYS I 20 18.66 -13.05 35.99
CA LYS I 20 18.74 -12.47 37.32
C LYS I 20 17.49 -12.84 38.10
N ILE I 21 17.66 -13.64 39.15
CA ILE I 21 16.57 -14.03 40.03
C ILE I 21 16.51 -13.04 41.18
N THR I 22 15.33 -12.50 41.45
CA THR I 22 15.13 -11.57 42.56
C THR I 22 13.99 -12.05 43.44
N VAL I 23 14.30 -12.36 44.69
CA VAL I 23 13.31 -12.71 45.70
C VAL I 23 13.06 -11.49 46.58
N MET I 24 11.79 -11.18 46.84
CA MET I 24 11.42 -10.06 47.69
C MET I 24 10.89 -10.58 49.02
N LEU I 25 11.68 -10.42 50.08
CA LEU I 25 11.27 -10.89 51.39
C LEU I 25 10.46 -9.82 52.11
N ASP I 26 9.55 -10.27 52.96
CA ASP I 26 8.69 -9.37 53.71
C ASP I 26 9.34 -9.02 55.04
N GLU I 27 8.61 -8.35 55.93
CA GLU I 27 9.17 -7.92 57.20
C GLU I 27 9.56 -9.10 58.07
N SER I 28 8.71 -10.12 58.13
CA SER I 28 8.94 -11.29 58.97
C SER I 28 10.00 -12.23 58.39
N GLY I 29 10.55 -11.93 57.23
CA GLY I 29 11.57 -12.76 56.63
C GLY I 29 11.06 -13.89 55.76
N HIS I 30 9.88 -13.73 55.16
CA HIS I 30 9.28 -14.77 54.33
C HIS I 30 9.14 -14.29 52.89
N VAL I 31 9.17 -15.24 51.96
CA VAL I 31 9.08 -14.94 50.54
C VAL I 31 7.64 -14.57 50.20
N ARG I 32 7.48 -13.53 49.39
CA ARG I 32 6.15 -13.11 48.96
C ARG I 32 6.08 -12.97 47.45
N GLU I 33 7.23 -12.74 46.82
CA GLU I 33 7.29 -12.58 45.36
C GLU I 33 8.69 -12.95 44.89
N THR I 34 8.78 -13.51 43.68
CA THR I 34 10.07 -13.84 43.11
C THR I 34 9.97 -13.75 41.60
N ARG I 35 10.96 -13.11 40.97
CA ARG I 35 10.97 -12.93 39.54
C ARG I 35 12.28 -13.43 38.95
N PHE I 36 12.22 -13.74 37.65
CA PHE I 36 13.38 -14.16 36.86
C PHE I 36 13.47 -13.24 35.65
N HIS I 37 14.35 -12.25 35.72
CA HIS I 37 14.51 -11.28 34.65
C HIS I 37 15.58 -11.72 33.68
N VAL I 38 15.31 -11.53 32.39
CA VAL I 38 16.32 -11.63 31.35
C VAL I 38 16.77 -10.22 31.01
N THR I 39 18.08 -10.01 30.98
CA THR I 39 18.64 -8.66 31.02
C THR I 39 19.43 -8.32 29.77
N GLN I 40 19.16 -8.98 28.65
CA GLN I 40 19.81 -8.67 27.39
C GLN I 40 18.76 -8.51 26.30
N TYR I 41 19.09 -7.71 25.29
CA TYR I 41 18.24 -7.53 24.13
C TYR I 41 19.08 -6.92 23.01
N ARG I 42 18.87 -7.40 21.79
CA ARG I 42 19.65 -6.94 20.65
C ARG I 42 18.79 -6.39 19.51
N GLY I 43 17.63 -6.98 19.25
CA GLY I 43 16.71 -6.42 18.29
C GLY I 43 16.75 -7.06 16.92
N PHE I 44 16.84 -8.38 16.87
CA PHE I 44 16.87 -9.07 15.58
C PHE I 44 15.58 -8.89 14.81
N GLU I 45 14.46 -8.72 15.50
CA GLU I 45 13.20 -8.44 14.83
C GLU I 45 13.17 -7.06 14.20
N VAL I 46 14.08 -6.16 14.60
CA VAL I 46 14.02 -4.76 14.20
C VAL I 46 15.09 -4.42 13.18
N PHE I 47 16.35 -4.78 13.44
CA PHE I 47 17.43 -4.37 12.56
C PHE I 47 17.60 -5.27 11.34
N THR I 48 16.66 -6.18 11.09
CA THR I 48 16.69 -7.01 9.90
C THR I 48 15.85 -6.45 8.78
N HIS I 49 15.11 -5.37 9.02
CA HIS I 49 14.30 -4.76 7.98
C HIS I 49 15.19 -4.19 6.89
N GLY I 50 14.70 -4.22 5.66
CA GLY I 50 15.45 -3.71 4.52
C GLY I 50 16.45 -4.68 3.95
N ARG I 51 16.70 -5.81 4.60
CA ARG I 51 17.61 -6.82 4.07
C ARG I 51 16.87 -7.76 3.15
N ASP I 52 17.60 -8.36 2.23
CA ASP I 52 17.04 -9.38 1.36
C ASP I 52 16.81 -10.67 2.15
N PHE I 53 15.76 -11.41 1.79
CA PHE I 53 15.42 -12.58 2.58
C PHE I 53 16.49 -13.66 2.52
N ARG I 54 17.20 -13.79 1.40
CA ARG I 54 18.30 -14.74 1.31
C ARG I 54 19.44 -14.43 2.27
N GLU I 55 19.43 -13.25 2.89
CA GLU I 55 20.41 -12.88 3.89
C GLU I 55 20.04 -13.34 5.29
N MET I 56 18.80 -13.80 5.49
CA MET I 56 18.31 -14.11 6.82
C MET I 56 18.86 -15.43 7.38
N PRO I 57 19.00 -16.49 6.58
CA PRO I 57 19.63 -17.72 7.10
C PRO I 57 21.05 -17.54 7.60
N VAL I 58 21.68 -16.38 7.37
CA VAL I 58 22.99 -16.11 7.91
C VAL I 58 22.96 -15.15 9.09
N ILE I 59 22.04 -14.19 9.10
CA ILE I 59 21.93 -13.26 10.22
C ILE I 59 21.34 -13.93 11.45
N THR I 60 20.27 -14.70 11.25
CA THR I 60 19.51 -15.26 12.36
C THR I 60 20.25 -16.31 13.18
N PRO I 61 21.17 -17.09 12.62
CA PRO I 61 21.98 -17.96 13.48
C PRO I 61 22.75 -17.22 14.55
N ARG I 62 23.00 -15.94 14.36
CA ARG I 62 23.71 -15.13 15.35
C ARG I 62 22.86 -14.77 16.54
N ILE I 63 21.69 -15.39 16.65
CA ILE I 63 20.86 -15.22 17.83
C ILE I 63 21.43 -16.02 18.99
N CYS I 64 21.98 -17.19 18.70
CA CYS I 64 22.54 -18.05 19.74
C CYS I 64 23.59 -18.96 19.12
N GLY I 65 24.60 -19.32 19.92
CA GLY I 65 25.65 -20.20 19.47
C GLY I 65 25.51 -21.60 19.99
N ILE I 66 24.47 -21.86 20.78
CA ILE I 66 24.17 -23.23 21.17
C ILE I 66 23.24 -23.89 20.17
N CYS I 67 22.31 -23.15 19.60
CA CYS I 67 21.40 -23.66 18.58
C CYS I 67 21.39 -22.72 17.38
N PRO I 68 22.48 -22.68 16.62
CA PRO I 68 22.47 -21.88 15.38
C PRO I 68 21.85 -22.65 14.23
N VAL I 69 21.93 -23.98 14.28
CA VAL I 69 21.34 -24.81 13.23
C VAL I 69 19.83 -24.71 13.24
N SER I 70 19.23 -24.54 14.42
CA SER I 70 17.78 -24.40 14.48
C SER I 70 17.31 -23.13 13.79
N HIS I 71 17.96 -22.01 14.07
CA HIS I 71 17.58 -20.76 13.41
C HIS I 71 17.90 -20.80 11.92
N HIS I 72 19.04 -21.41 11.57
CA HIS I 72 19.37 -21.64 10.17
C HIS I 72 18.25 -22.37 9.45
N LEU I 73 17.75 -23.46 10.04
CA LEU I 73 16.75 -24.28 9.36
C LEU I 73 15.40 -23.60 9.33
N ALA I 74 15.03 -22.88 10.40
CA ALA I 74 13.77 -22.16 10.40
C ALA I 74 13.77 -21.04 9.36
N SER I 75 14.88 -20.30 9.26
CA SER I 75 14.99 -19.28 8.23
C SER I 75 14.97 -19.91 6.84
N ALA I 76 15.58 -21.07 6.68
CA ALA I 76 15.55 -21.76 5.39
C ALA I 76 14.12 -22.14 5.02
N LYS I 77 13.35 -22.65 5.98
CA LYS I 77 11.96 -23.00 5.70
C LYS I 77 11.14 -21.76 5.36
N ALA I 78 11.37 -20.67 6.07
CA ALA I 78 10.62 -19.44 5.81
C ALA I 78 10.93 -18.90 4.41
N CYS I 79 12.20 -18.90 4.01
CA CYS I 79 12.54 -18.49 2.66
C CYS I 79 12.01 -19.47 1.62
N ASP I 80 11.95 -20.76 1.96
CA ASP I 80 11.38 -21.75 1.06
C ASP I 80 9.91 -21.44 0.78
N GLU I 81 9.15 -21.10 1.82
CA GLU I 81 7.76 -20.72 1.62
C GLU I 81 7.62 -19.34 1.00
N ILE I 82 8.64 -18.48 1.11
CA ILE I 82 8.62 -17.24 0.34
C ILE I 82 8.79 -17.54 -1.14
N LEU I 83 9.59 -18.55 -1.47
CA LEU I 83 9.84 -18.90 -2.90
C LEU I 83 8.75 -19.86 -3.40
N GLY I 84 7.90 -20.37 -2.51
CA GLY I 84 6.86 -21.33 -2.90
C GLY I 84 7.46 -22.60 -3.48
N VAL I 85 8.52 -23.12 -2.87
CA VAL I 85 9.19 -24.36 -3.37
C VAL I 85 8.99 -25.49 -2.35
N THR I 86 8.85 -26.72 -2.85
CA THR I 86 8.71 -27.89 -1.95
C THR I 86 9.92 -28.81 -2.14
N ILE I 87 10.77 -28.90 -1.13
CA ILE I 87 12.22 -29.18 -1.34
C ILE I 87 12.40 -30.67 -1.70
N THR I 88 13.50 -31.00 -2.37
CA THR I 88 13.78 -32.41 -2.76
C THR I 88 13.84 -33.29 -1.50
N PRO I 89 13.41 -34.57 -1.56
CA PRO I 89 13.52 -35.47 -0.42
C PRO I 89 14.94 -35.50 0.18
N ALA I 90 15.97 -35.42 -0.67
CA ALA I 90 17.37 -35.43 -0.20
C ALA I 90 17.63 -34.24 0.72
N ALA I 91 17.27 -33.02 0.31
CA ALA I 91 17.49 -31.83 1.11
C ALA I 91 16.76 -31.93 2.44
N HIS I 92 15.55 -32.49 2.43
CA HIS I 92 14.82 -32.77 3.65
C HIS I 92 15.64 -33.63 4.60
N LYS I 93 16.22 -34.71 4.08
CA LYS I 93 16.98 -35.64 4.92
C LYS I 93 18.26 -35.01 5.43
N LEU I 94 18.93 -34.19 4.62
CA LEU I 94 20.16 -33.56 5.07
C LEU I 94 19.88 -32.49 6.12
N ARG I 95 18.81 -31.72 5.94
CA ARG I 95 18.40 -30.78 6.97
C ARG I 95 18.04 -31.50 8.27
N GLU I 96 17.36 -32.64 8.17
CA GLU I 96 17.03 -33.40 9.36
C GLU I 96 18.26 -33.98 10.03
N LEU I 97 19.26 -34.39 9.25
CA LEU I 97 20.51 -34.87 9.83
C LEU I 97 21.23 -33.77 10.59
N MET I 98 21.29 -32.56 10.01
CA MET I 98 21.93 -31.45 10.71
C MET I 98 21.15 -31.08 11.96
N HIS I 99 19.83 -31.12 11.90
CA HIS I 99 19.02 -30.85 13.08
C HIS I 99 19.26 -31.88 14.17
N MET I 100 19.44 -33.14 13.78
CA MET I 100 19.72 -34.18 14.77
C MET I 100 21.09 -33.96 15.41
N GLY I 101 22.08 -33.58 14.62
CA GLY I 101 23.37 -33.23 15.18
C GLY I 101 23.27 -32.09 16.18
N GLN I 102 22.48 -31.07 15.85
CA GLN I 102 22.31 -29.95 16.77
C GLN I 102 21.61 -30.38 18.06
N ILE I 103 20.56 -31.20 17.94
CA ILE I 103 19.88 -31.72 19.12
C ILE I 103 20.85 -32.47 20.02
N VAL I 104 21.64 -33.37 19.42
CA VAL I 104 22.59 -34.16 20.19
C VAL I 104 23.57 -33.27 20.92
N GLN I 105 24.16 -32.30 20.21
CA GLN I 105 25.19 -31.48 20.85
C GLN I 105 24.59 -30.58 21.93
N SER I 106 23.40 -30.04 21.70
CA SER I 106 22.80 -29.14 22.67
C SER I 106 22.41 -29.89 23.95
N HIS I 107 21.84 -31.09 23.81
CA HIS I 107 21.46 -31.84 25.00
C HIS I 107 22.69 -32.36 25.75
N ALA I 108 23.73 -32.74 25.01
CA ALA I 108 24.97 -33.15 25.66
C ALA I 108 25.58 -31.99 26.44
N LEU I 109 25.57 -30.78 25.87
CA LEU I 109 26.11 -29.63 26.57
C LEU I 109 25.27 -29.29 27.80
N SER I 110 23.94 -29.31 27.64
CA SER I 110 23.06 -28.89 28.74
C SER I 110 22.98 -29.92 29.85
N PHE I 111 23.36 -31.17 29.60
CA PHE I 111 23.38 -32.14 30.69
C PHE I 111 24.76 -32.29 31.31
N PHE I 112 25.80 -32.27 30.47
CA PHE I 112 27.13 -32.63 30.96
C PHE I 112 27.91 -31.41 31.46
N HIS I 113 27.85 -30.30 30.75
CA HIS I 113 28.67 -29.14 31.07
C HIS I 113 27.96 -28.11 31.95
N LEU I 114 26.65 -28.20 32.11
CA LEU I 114 25.90 -27.14 32.76
C LEU I 114 25.04 -27.59 33.93
N SER I 115 24.70 -28.87 34.04
CA SER I 115 23.80 -29.33 35.09
C SER I 115 24.27 -30.58 35.81
N SER I 116 25.29 -31.26 35.31
CA SER I 116 25.77 -32.50 35.91
C SER I 116 26.36 -32.33 37.31
N PRO I 117 27.02 -31.20 37.62
CA PRO I 117 27.49 -31.02 39.01
C PRO I 117 26.38 -31.09 40.04
N ASP I 118 25.23 -30.47 39.77
CA ASP I 118 24.11 -30.54 40.70
C ASP I 118 23.41 -31.90 40.69
N ILE I 119 23.71 -32.75 39.72
CA ILE I 119 23.13 -34.08 39.66
C ILE I 119 24.00 -35.10 40.38
N LEU I 120 25.31 -34.90 40.35
CA LEU I 120 26.25 -35.83 40.97
C LEU I 120 26.66 -35.42 42.38
N TRP I 121 26.95 -34.14 42.58
CA TRP I 121 27.43 -33.65 43.88
C TRP I 121 26.33 -33.08 44.75
N GLY I 122 25.14 -32.85 44.21
CA GLY I 122 24.04 -32.29 44.97
C GLY I 122 24.04 -30.78 44.98
N PHE I 123 22.96 -30.23 45.52
CA PHE I 123 22.80 -28.79 45.61
C PHE I 123 23.59 -28.16 46.75
N ASP I 124 24.33 -28.96 47.52
CA ASP I 124 25.06 -28.46 48.68
C ASP I 124 26.57 -28.67 48.55
N ALA I 125 27.05 -28.90 47.33
CA ALA I 125 28.48 -29.07 47.11
C ALA I 125 29.20 -27.73 47.23
N PRO I 126 30.51 -27.74 47.46
CA PRO I 126 31.26 -26.48 47.45
C PRO I 126 31.19 -25.80 46.09
N VAL I 127 31.42 -24.49 46.10
CA VAL I 127 31.23 -23.71 44.88
C VAL I 127 32.38 -23.93 43.90
N LYS I 128 33.61 -24.03 44.41
CA LYS I 128 34.77 -24.10 43.52
C LYS I 128 34.85 -25.42 42.78
N ILE I 129 34.22 -26.47 43.29
CA ILE I 129 34.25 -27.78 42.64
C ILE I 129 33.00 -28.07 41.82
N ARG I 130 31.99 -27.21 41.88
CA ARG I 130 30.73 -27.44 41.18
C ARG I 130 30.79 -26.84 39.78
N ASN I 131 31.56 -27.50 38.92
CA ASN I 131 31.72 -27.08 37.53
C ASN I 131 32.35 -28.24 36.76
N VAL I 132 32.45 -28.06 35.44
CA VAL I 132 33.01 -29.11 34.59
C VAL I 132 34.48 -29.35 34.89
N ALA I 133 35.18 -28.35 35.43
CA ALA I 133 36.57 -28.54 35.81
C ALA I 133 36.69 -29.52 36.96
N GLY I 134 35.92 -29.29 38.03
CA GLY I 134 35.90 -30.24 39.12
C GLY I 134 35.37 -31.60 38.68
N LEU I 135 34.51 -31.62 37.66
CA LEU I 135 33.97 -32.88 37.19
C LEU I 135 35.04 -33.70 36.48
N VAL I 136 35.81 -33.08 35.58
CA VAL I 136 36.89 -33.82 34.92
C VAL I 136 37.99 -34.13 35.94
N ASP I 137 38.09 -33.34 37.00
CA ASP I 137 39.05 -33.65 38.06
C ASP I 137 38.67 -34.91 38.82
N ARG I 138 37.38 -35.05 39.15
CA ARG I 138 36.93 -36.15 40.00
C ARG I 138 36.21 -37.26 39.22
N TYR I 139 35.40 -36.91 38.23
CA TYR I 139 34.75 -37.91 37.39
C TYR I 139 35.25 -37.75 35.95
N PRO I 140 36.48 -38.20 35.65
CA PRO I 140 37.04 -37.89 34.32
C PRO I 140 36.38 -38.66 33.19
N GLU I 141 36.03 -39.93 33.41
CA GLU I 141 35.39 -40.71 32.37
C GLU I 141 34.08 -40.08 31.90
N LEU I 142 33.25 -39.62 32.83
CA LEU I 142 31.96 -39.05 32.44
C LEU I 142 32.16 -37.74 31.69
N ALA I 143 33.13 -36.92 32.13
CA ALA I 143 33.38 -35.66 31.45
C ALA I 143 33.86 -35.89 30.02
N LYS I 144 34.79 -36.83 29.83
CA LYS I 144 35.25 -37.09 28.47
C LYS I 144 34.16 -37.76 27.64
N LYS I 145 33.26 -38.52 28.26
CA LYS I 145 32.14 -39.09 27.52
C LYS I 145 31.22 -37.99 26.99
N GLY I 146 30.83 -37.04 27.85
CA GLY I 146 30.00 -35.95 27.38
C GLY I 146 30.69 -35.10 26.34
N ILE I 147 31.98 -34.84 26.54
CA ILE I 147 32.78 -34.11 25.56
C ILE I 147 32.76 -34.83 24.21
N MET I 148 32.89 -36.15 24.22
CA MET I 148 32.91 -36.91 22.97
C MET I 148 31.55 -36.88 22.28
N LEU I 149 30.48 -36.93 23.06
CA LEU I 149 29.14 -36.87 22.46
C LEU I 149 28.92 -35.53 21.78
N ARG I 150 29.28 -34.44 22.47
CA ARG I 150 29.18 -33.12 21.86
C ARG I 150 30.08 -33.01 20.62
N LYS I 151 31.24 -33.66 20.66
CA LYS I 151 32.13 -33.67 19.50
C LYS I 151 31.47 -34.36 18.32
N PHE I 152 30.80 -35.49 18.57
CA PHE I 152 30.09 -36.18 17.51
C PHE I 152 29.06 -35.27 16.86
N GLY I 153 28.20 -34.66 17.69
CA GLY I 153 27.20 -33.76 17.14
C GLY I 153 27.78 -32.62 16.34
N GLN I 154 28.77 -31.93 16.90
CA GLN I 154 29.30 -30.76 16.23
C GLN I 154 30.15 -31.10 15.02
N GLU I 155 30.75 -32.30 14.99
CA GLU I 155 31.45 -32.72 13.77
C GLU I 155 30.46 -33.11 12.67
N ILE I 156 29.29 -33.63 13.02
CA ILE I 156 28.24 -33.77 12.01
C ILE I 156 27.87 -32.40 11.44
N ILE I 157 27.65 -31.44 12.34
CA ILE I 157 27.31 -30.08 11.90
C ILE I 157 28.43 -29.50 11.03
N LYS I 158 29.68 -29.82 11.33
CA LYS I 158 30.81 -29.28 10.57
C LYS I 158 30.95 -29.93 9.21
N THR I 159 30.80 -31.25 9.13
CA THR I 159 30.92 -31.93 7.85
C THR I 159 29.76 -31.56 6.94
N LEU I 160 28.61 -31.20 7.50
CA LEU I 160 27.53 -30.76 6.62
C LEU I 160 27.60 -29.27 6.27
N GLY I 161 27.96 -28.40 7.22
CA GLY I 161 27.85 -26.98 6.99
C GLY I 161 29.12 -26.17 7.10
N GLY I 162 30.27 -26.84 7.02
CA GLY I 162 31.55 -26.15 7.00
C GLY I 162 32.11 -25.74 8.35
N LYS I 163 31.28 -25.29 9.28
CA LYS I 163 31.75 -24.84 10.57
C LYS I 163 30.96 -25.53 11.67
N LYS I 164 31.45 -25.39 12.90
CA LYS I 164 30.74 -25.94 14.05
C LYS I 164 29.67 -24.96 14.54
N ILE I 165 30.06 -23.70 14.78
CA ILE I 165 29.15 -22.66 15.19
C ILE I 165 28.82 -21.80 13.98
N HIS I 166 27.54 -21.49 13.79
CA HIS I 166 27.01 -20.71 12.68
C HIS I 166 27.39 -21.36 11.35
N PRO I 167 26.82 -22.52 11.04
CA PRO I 167 27.12 -23.18 9.77
C PRO I 167 26.22 -22.65 8.66
N TRP I 168 26.57 -23.00 7.42
CA TRP I 168 25.79 -22.60 6.26
C TRP I 168 25.63 -23.81 5.35
N HIS I 169 24.43 -24.38 5.35
CA HIS I 169 24.13 -25.55 4.54
C HIS I 169 22.85 -25.38 3.73
N SER I 170 21.90 -24.62 4.26
CA SER I 170 20.54 -24.57 3.75
C SER I 170 20.32 -23.24 3.03
N ILE I 171 20.16 -23.31 1.72
CA ILE I 171 19.84 -22.15 0.90
C ILE I 171 18.32 -22.09 0.77
N PRO I 172 17.74 -20.96 0.39
CA PRO I 172 16.33 -20.96 0.00
C PRO I 172 16.11 -21.81 -1.24
N GLY I 173 15.41 -22.93 -1.09
CA GLY I 173 15.20 -23.82 -2.21
C GLY I 173 15.69 -25.23 -1.96
N GLY I 174 16.63 -25.37 -1.03
CA GLY I 174 17.16 -26.70 -0.74
C GLY I 174 18.38 -26.69 0.14
N VAL I 175 19.40 -27.44 -0.28
CA VAL I 175 20.58 -27.69 0.53
C VAL I 175 21.82 -27.61 -0.36
N ASN I 176 22.93 -27.18 0.23
CA ASN I 176 24.12 -26.86 -0.54
C ASN I 176 25.07 -28.06 -0.72
N ARG I 177 25.11 -28.97 0.24
CA ARG I 177 26.10 -30.04 0.22
C ARG I 177 25.46 -31.37 0.54
N SER I 178 26.14 -32.44 0.18
CA SER I 178 25.71 -33.79 0.46
C SER I 178 26.88 -34.60 1.02
N LEU I 179 26.55 -35.68 1.71
CA LEU I 179 27.56 -36.54 2.29
C LEU I 179 28.20 -37.43 1.23
N THR I 180 29.41 -37.87 1.51
CA THR I 180 30.10 -38.85 0.68
C THR I 180 30.23 -40.16 1.44
N PRO I 181 30.33 -41.28 0.72
CA PRO I 181 30.45 -42.59 1.42
C PRO I 181 31.52 -42.62 2.51
N GLN I 182 32.68 -41.99 2.27
CA GLN I 182 33.75 -42.01 3.27
C GLN I 182 33.29 -41.37 4.58
N GLU I 183 32.84 -40.11 4.51
CA GLU I 183 32.43 -39.43 5.74
C GLU I 183 31.15 -40.04 6.31
N ARG I 184 30.29 -40.59 5.45
CA ARG I 184 29.10 -41.28 5.93
C ARG I 184 29.48 -42.46 6.82
N ASP I 185 30.40 -43.30 6.35
CA ASP I 185 30.83 -44.43 7.16
C ASP I 185 31.63 -43.97 8.37
N ALA I 186 32.39 -42.88 8.23
CA ALA I 186 33.12 -42.35 9.37
C ALA I 186 32.18 -41.89 10.48
N ILE I 187 31.03 -41.32 10.12
CA ILE I 187 30.03 -40.95 11.11
C ILE I 187 29.34 -42.20 11.66
N ALA I 188 28.96 -43.13 10.77
CA ALA I 188 28.19 -44.29 11.19
C ALA I 188 28.98 -45.19 12.13
N ALA I 189 30.29 -45.26 11.98
CA ALA I 189 31.11 -46.10 12.85
C ALA I 189 31.28 -45.54 14.25
N GLN I 190 30.74 -44.35 14.53
CA GLN I 190 30.88 -43.72 15.83
C GLN I 190 29.63 -43.81 16.68
N LEU I 191 28.55 -44.39 16.17
CA LEU I 191 27.25 -44.40 16.82
C LEU I 191 27.17 -45.34 18.03
N PRO I 192 27.81 -46.52 18.02
CA PRO I 192 27.72 -47.39 19.20
C PRO I 192 28.16 -46.74 20.51
N GLU I 193 29.34 -46.14 20.55
CA GLU I 193 29.79 -45.54 21.81
C GLU I 193 28.95 -44.32 22.20
N MET I 194 28.38 -43.64 21.20
CA MET I 194 27.49 -42.53 21.53
C MET I 194 26.20 -43.03 22.17
N LYS I 195 25.65 -44.13 21.65
CA LYS I 195 24.48 -44.74 22.29
C LYS I 195 24.83 -45.23 23.68
N SER I 196 26.03 -45.77 23.87
CA SER I 196 26.44 -46.22 25.18
C SER I 196 26.56 -45.06 26.16
N ILE I 197 27.06 -43.92 25.69
CA ILE I 197 27.15 -42.73 26.54
C ILE I 197 25.75 -42.24 26.92
N ALA I 198 24.83 -42.24 25.95
CA ALA I 198 23.47 -41.82 26.25
C ALA I 198 22.82 -42.75 27.27
N MET I 199 23.03 -44.06 27.14
CA MET I 199 22.46 -45.00 28.10
C MET I 199 23.10 -44.85 29.48
N GLU I 200 24.40 -44.58 29.53
CA GLU I 200 25.06 -44.33 30.81
C GLU I 200 24.45 -43.12 31.50
N ALA I 201 24.25 -42.03 30.75
CA ALA I 201 23.63 -40.84 31.32
C ALA I 201 22.20 -41.11 31.77
N ILE I 202 21.46 -41.92 31.00
CA ILE I 202 20.10 -42.26 31.37
C ILE I 202 20.08 -43.03 32.69
N LYS I 203 20.97 -44.02 32.81
CA LYS I 203 21.13 -44.73 34.07
C LYS I 203 21.40 -43.77 35.21
N LEU I 204 22.36 -42.86 35.01
CA LEU I 204 22.73 -41.92 36.07
C LEU I 204 21.54 -41.10 36.52
N ILE I 205 20.79 -40.54 35.57
CA ILE I 205 19.68 -39.67 35.95
C ILE I 205 18.54 -40.46 36.56
N LYS I 206 18.31 -41.69 36.11
CA LYS I 206 17.24 -42.49 36.69
C LYS I 206 17.56 -42.86 38.13
N ASP I 207 18.79 -43.26 38.41
CA ASP I 207 19.15 -43.53 39.80
C ASP I 207 19.11 -42.25 40.64
N TYR I 208 19.50 -41.12 40.07
CA TYR I 208 19.41 -39.86 40.81
C TYR I 208 17.98 -39.53 41.20
N LEU I 209 17.04 -39.73 40.28
CA LEU I 209 15.65 -39.41 40.58
C LEU I 209 15.00 -40.42 41.51
N GLN I 210 15.37 -41.69 41.41
CA GLN I 210 14.79 -42.70 42.29
C GLN I 210 15.38 -42.65 43.70
N GLU I 211 16.63 -42.18 43.84
CA GLU I 211 17.24 -42.11 45.16
C GLU I 211 16.45 -41.20 46.09
N GLY I 212 16.37 -39.91 45.75
CA GLY I 212 15.54 -38.98 46.46
C GLY I 212 14.18 -38.86 45.80
N GLY I 213 13.42 -39.95 45.82
CA GLY I 213 12.26 -40.11 44.97
C GLY I 213 11.22 -39.01 44.96
N GLU I 214 10.51 -38.82 46.06
CA GLU I 214 9.31 -38.01 46.02
C GLU I 214 9.58 -36.52 46.27
N GLU I 215 10.57 -36.18 47.09
CA GLU I 215 10.93 -34.78 47.25
C GLU I 215 11.36 -34.17 45.93
N LEU I 216 12.02 -34.95 45.08
CA LEU I 216 12.38 -34.48 43.75
C LEU I 216 11.20 -34.45 42.79
N LYS I 217 10.04 -34.96 43.20
CA LYS I 217 8.84 -34.86 42.38
C LYS I 217 8.02 -33.61 42.70
N GLU I 218 8.25 -32.99 43.85
CA GLU I 218 7.59 -31.73 44.18
C GLU I 218 8.46 -30.52 43.87
N PHE I 219 9.67 -30.73 43.40
CA PHE I 219 10.61 -29.64 43.12
C PHE I 219 10.14 -28.88 41.90
N ALA I 220 9.50 -27.73 42.13
CA ALA I 220 9.10 -26.81 41.06
C ALA I 220 8.13 -27.46 40.08
N THR I 221 7.18 -28.23 40.61
CA THR I 221 6.20 -28.96 39.81
C THR I 221 4.91 -28.16 39.74
N LEU I 222 4.46 -27.85 38.52
CA LEU I 222 3.20 -27.14 38.32
C LEU I 222 2.53 -27.69 37.07
N ASP I 223 1.25 -28.03 37.20
CA ASP I 223 0.49 -28.65 36.12
C ASP I 223 0.13 -27.59 35.08
N THR I 224 0.61 -27.77 33.86
CA THR I 224 0.33 -26.84 32.76
C THR I 224 0.11 -27.65 31.49
N ALA I 225 -0.07 -26.95 30.38
CA ALA I 225 -0.21 -27.57 29.07
C ALA I 225 1.16 -27.85 28.48
N TYR I 226 1.18 -28.73 27.48
CA TYR I 226 2.43 -29.18 26.87
C TYR I 226 2.34 -29.03 25.36
N MET I 227 3.24 -28.27 24.77
CA MET I 227 3.27 -28.05 23.33
C MET I 227 4.38 -28.87 22.71
N GLY I 228 4.11 -29.44 21.54
CA GLY I 228 5.12 -30.18 20.82
C GLY I 228 4.80 -30.21 19.33
N LEU I 229 5.70 -30.83 18.58
CA LEU I 229 5.49 -31.09 17.17
C LEU I 229 5.31 -32.58 16.95
N VAL I 230 4.34 -32.92 16.10
CA VAL I 230 3.97 -34.32 15.91
C VAL I 230 3.66 -34.57 14.44
N ARG I 231 4.10 -35.73 13.95
CA ARG I 231 3.58 -36.32 12.74
C ARG I 231 2.27 -36.99 13.11
N ASP I 232 1.76 -37.88 12.24
CA ASP I 232 0.47 -38.53 12.45
C ASP I 232 0.19 -38.82 13.92
N GLY I 233 1.13 -39.48 14.60
CA GLY I 233 1.07 -39.61 16.04
C GLY I 233 2.43 -39.64 16.69
N TYR I 234 3.47 -39.34 15.91
CA TYR I 234 4.83 -39.64 16.29
C TYR I 234 5.63 -38.37 16.61
N LEU I 235 6.62 -38.52 17.48
CA LEU I 235 7.48 -37.41 17.86
C LEU I 235 8.36 -37.01 16.68
N GLU I 236 8.16 -35.80 16.17
CA GLU I 236 8.92 -35.29 15.04
C GLU I 236 9.59 -33.98 15.42
N LEU I 237 10.82 -33.80 14.95
CA LEU I 237 11.63 -32.65 15.33
C LEU I 237 11.87 -31.66 14.20
N TYR I 238 11.61 -32.04 12.95
CA TYR I 238 11.83 -31.16 11.80
C TYR I 238 10.54 -30.61 11.24
N ASP I 239 9.61 -31.48 10.85
CA ASP I 239 8.32 -31.10 10.32
C ASP I 239 7.22 -31.45 11.32
N GLY I 240 5.97 -31.31 10.89
CA GLY I 240 4.83 -31.77 11.66
C GLY I 240 3.92 -30.64 12.08
N GLU I 241 2.91 -31.02 12.85
CA GLU I 241 1.88 -30.11 13.34
C GLU I 241 2.14 -29.78 14.81
N VAL I 242 1.71 -28.59 15.21
CA VAL I 242 1.82 -28.17 16.59
C VAL I 242 0.65 -28.72 17.38
N ARG I 243 0.95 -29.35 18.52
CA ARG I 243 -0.06 -30.01 19.34
C ARG I 243 0.11 -29.54 20.78
N ILE I 244 -0.99 -29.07 21.38
CA ILE I 244 -1.02 -28.64 22.77
C ILE I 244 -1.91 -29.61 23.54
N LYS I 245 -1.36 -30.17 24.60
CA LYS I 245 -2.05 -31.13 25.45
C LYS I 245 -2.40 -30.47 26.78
N ALA I 246 -3.67 -30.58 27.17
CA ALA I 246 -4.11 -30.11 28.46
C ALA I 246 -3.34 -30.82 29.57
N PRO I 247 -3.32 -30.27 30.78
CA PRO I 247 -2.52 -30.86 31.86
C PRO I 247 -2.94 -32.27 32.26
N ARG I 248 -3.90 -32.86 31.56
CA ARG I 248 -4.40 -34.18 31.98
C ARG I 248 -4.48 -35.14 30.80
N GLY I 249 -3.98 -34.79 29.62
CA GLY I 249 -3.83 -35.71 28.51
C GLY I 249 -4.63 -35.34 27.28
N ARG I 250 -5.71 -34.58 27.45
CA ARG I 250 -6.57 -34.25 26.33
C ARG I 250 -5.85 -33.31 25.36
N ILE I 251 -5.99 -33.58 24.07
CA ILE I 251 -5.37 -32.76 23.05
C ILE I 251 -6.23 -31.52 22.81
N LEU I 252 -5.61 -30.35 22.97
CA LEU I 252 -6.33 -29.05 22.83
C LEU I 252 -5.68 -28.21 21.74
N ASP I 253 -6.31 -28.09 20.57
CA ASP I 253 -5.85 -27.26 19.46
C ASP I 253 -4.52 -27.78 18.88
N GLN I 254 -4.60 -28.97 18.30
CA GLN I 254 -3.56 -29.41 17.39
C GLN I 254 -3.78 -28.75 16.03
N PHE I 255 -2.85 -27.91 15.60
CA PHE I 255 -3.03 -27.11 14.40
C PHE I 255 -1.77 -27.19 13.54
N ASP I 256 -1.80 -26.47 12.42
CA ASP I 256 -0.73 -26.39 11.45
C ASP I 256 0.16 -25.18 11.74
N PRO I 257 1.48 -25.34 11.61
CA PRO I 257 2.40 -24.28 12.07
C PRO I 257 2.11 -22.90 11.51
N LYS I 258 1.69 -22.79 10.25
CA LYS I 258 1.51 -21.48 9.64
C LYS I 258 0.33 -20.72 10.23
N ASP I 259 -0.60 -21.41 10.88
CA ASP I 259 -1.74 -20.76 11.54
C ASP I 259 -1.46 -20.52 13.01
N TYR I 260 -0.35 -19.83 13.33
CA TYR I 260 0.03 -19.62 14.71
C TYR I 260 -0.44 -18.28 15.25
N LEU I 261 -0.65 -17.28 14.39
CA LEU I 261 -1.17 -16.00 14.85
C LEU I 261 -2.61 -16.10 15.32
N ASP I 262 -3.30 -17.18 14.96
CA ASP I 262 -4.66 -17.41 15.41
C ASP I 262 -4.72 -18.12 16.75
N HIS I 263 -3.59 -18.56 17.28
CA HIS I 263 -3.59 -19.41 18.48
C HIS I 263 -2.60 -18.99 19.56
N ILE I 264 -1.56 -18.22 19.23
CA ILE I 264 -0.51 -17.88 20.18
C ILE I 264 -0.38 -16.36 20.25
N GLY I 265 -0.27 -15.85 21.48
CA GLY I 265 -0.05 -14.43 21.67
C GLY I 265 0.97 -14.21 22.77
N GLU I 266 1.70 -13.11 22.67
CA GLU I 266 2.78 -12.79 23.59
C GLU I 266 2.37 -11.63 24.49
N HIS I 267 2.41 -11.86 25.80
CA HIS I 267 2.17 -10.84 26.80
C HIS I 267 3.50 -10.27 27.27
N VAL I 268 3.53 -8.95 27.46
CA VAL I 268 4.75 -8.24 27.83
C VAL I 268 4.65 -7.81 29.29
N GLU I 269 5.71 -8.06 30.06
CA GLU I 269 5.79 -7.62 31.45
C GLU I 269 6.97 -6.67 31.64
N PRO I 270 6.83 -5.69 32.53
CA PRO I 270 7.83 -4.60 32.58
C PRO I 270 9.20 -5.02 33.10
N TRP I 271 9.31 -6.14 33.80
CA TRP I 271 10.54 -6.49 34.50
C TRP I 271 11.42 -7.46 33.72
N SER I 272 11.09 -7.74 32.45
CA SER I 272 11.85 -8.73 31.70
C SER I 272 11.79 -8.39 30.22
N TYR I 273 12.95 -8.46 29.56
CA TYR I 273 12.99 -8.36 28.11
C TYR I 273 12.40 -9.59 27.44
N LEU I 274 12.03 -10.60 28.20
CA LEU I 274 11.41 -11.81 27.67
C LEU I 274 9.90 -11.70 27.75
N LYS I 275 9.24 -12.06 26.65
CA LYS I 275 7.79 -12.06 26.60
C LYS I 275 7.25 -13.39 27.11
N PHE I 276 5.92 -13.47 27.19
CA PHE I 276 5.23 -14.64 27.73
C PHE I 276 4.22 -15.09 26.69
N PRO I 277 4.59 -16.06 25.85
CA PRO I 277 3.61 -16.60 24.90
C PRO I 277 2.60 -17.47 25.61
N PHE I 278 1.38 -17.48 25.06
CA PHE I 278 0.27 -18.20 25.66
C PHE I 278 -0.76 -18.53 24.58
N TYR I 279 -1.50 -19.60 24.82
CA TYR I 279 -2.62 -19.96 23.97
C TYR I 279 -3.71 -18.91 24.11
N LYS I 280 -4.11 -18.33 22.97
CA LYS I 280 -4.94 -17.13 23.00
C LYS I 280 -6.33 -17.40 23.57
N ALA I 281 -6.90 -18.58 23.30
CA ALA I 281 -8.27 -18.85 23.71
C ALA I 281 -8.43 -18.98 25.22
N LEU I 282 -7.33 -19.07 25.97
CA LEU I 282 -7.38 -19.16 27.42
C LEU I 282 -6.75 -17.96 28.11
N GLY I 283 -6.14 -17.07 27.33
CA GLY I 283 -5.53 -15.86 27.88
C GLY I 283 -4.25 -16.03 28.69
N PHE I 284 -3.94 -15.00 29.47
CA PHE I 284 -2.76 -14.98 30.31
C PHE I 284 -3.14 -14.67 31.75
N PRO I 285 -2.56 -15.40 32.71
CA PRO I 285 -1.56 -16.44 32.54
C PRO I 285 -2.14 -17.83 32.65
N HIS I 286 -3.27 -18.08 32.00
CA HIS I 286 -3.89 -19.38 32.06
C HIS I 286 -3.57 -20.23 30.84
N GLY I 287 -3.43 -19.59 29.70
CA GLY I 287 -3.07 -20.28 28.48
C GLY I 287 -1.61 -20.62 28.33
N SER I 288 -0.77 -20.24 29.29
CA SER I 288 0.64 -20.53 29.20
C SER I 288 0.90 -22.02 29.31
N TYR I 289 1.89 -22.50 28.56
CA TYR I 289 2.19 -23.91 28.44
C TYR I 289 3.69 -24.13 28.60
N ARG I 290 4.10 -25.38 28.52
CA ARG I 290 5.50 -25.77 28.58
C ARG I 290 5.95 -26.29 27.22
N VAL I 291 7.23 -26.06 26.91
CA VAL I 291 7.86 -26.65 25.74
C VAL I 291 9.14 -27.33 26.22
N GLY I 292 9.73 -28.15 25.37
CA GLY I 292 10.96 -28.83 25.70
C GLY I 292 10.81 -30.33 25.71
N PRO I 293 11.88 -31.03 26.08
CA PRO I 293 11.85 -32.50 26.05
C PRO I 293 10.68 -33.12 26.80
N LEU I 294 10.40 -32.63 28.02
CA LEU I 294 9.28 -33.15 28.78
C LEU I 294 7.96 -32.92 28.07
N ALA I 295 7.72 -31.68 27.63
CA ALA I 295 6.49 -31.37 26.92
C ALA I 295 6.40 -32.13 25.60
N ARG I 296 7.53 -32.31 24.92
CA ARG I 296 7.55 -33.08 23.68
C ARG I 296 7.12 -34.52 23.93
N LEU I 297 7.77 -35.19 24.88
CA LEU I 297 7.45 -36.58 25.16
C LEU I 297 6.06 -36.74 25.76
N ASN I 298 5.50 -35.67 26.32
CA ASN I 298 4.14 -35.74 26.83
C ASN I 298 3.12 -35.56 25.72
N ALA I 299 3.42 -34.71 24.74
CA ALA I 299 2.48 -34.44 23.67
C ALA I 299 2.54 -35.53 22.60
N ALA I 300 3.73 -36.04 22.30
CA ALA I 300 3.86 -37.11 21.33
C ALA I 300 3.27 -38.39 21.87
N ASP I 301 2.73 -39.21 20.97
CA ASP I 301 2.10 -40.46 21.39
C ASP I 301 3.04 -41.65 21.29
N ALA I 302 3.92 -41.66 20.29
CA ALA I 302 4.87 -42.74 20.10
C ALA I 302 6.15 -42.16 19.50
N VAL I 303 7.16 -43.03 19.37
CA VAL I 303 8.41 -42.67 18.72
C VAL I 303 8.70 -43.72 17.65
N SER I 304 9.64 -43.39 16.77
CA SER I 304 9.90 -44.19 15.58
C SER I 304 11.22 -44.96 15.63
N THR I 305 11.87 -45.04 16.78
CA THR I 305 13.13 -45.76 16.88
C THR I 305 13.08 -46.76 18.04
N PRO I 306 13.69 -47.95 17.88
CA PRO I 306 13.49 -49.04 18.84
C PRO I 306 13.99 -48.76 20.25
N GLU I 307 15.29 -48.46 20.38
CA GLU I 307 15.87 -48.29 21.71
C GLU I 307 15.40 -47.02 22.40
N ALA I 308 14.85 -46.06 21.65
CA ALA I 308 14.24 -44.90 22.30
C ALA I 308 12.80 -45.17 22.68
N SER I 309 12.11 -46.06 21.95
CA SER I 309 10.77 -46.47 22.35
C SER I 309 10.81 -47.32 23.61
N LYS I 310 11.82 -48.20 23.71
CA LYS I 310 11.97 -49.04 24.89
C LYS I 310 12.17 -48.21 26.16
N GLU I 311 12.60 -46.97 26.04
CA GLU I 311 12.75 -46.07 27.18
C GLU I 311 11.61 -45.07 27.27
N PHE I 312 10.99 -44.72 26.14
CA PHE I 312 9.79 -43.90 26.13
C PHE I 312 8.67 -44.57 26.88
N ALA I 313 8.58 -45.90 26.80
CA ALA I 313 7.57 -46.62 27.59
C ALA I 313 7.82 -46.46 29.08
N LEU I 314 9.07 -46.64 29.52
CA LEU I 314 9.41 -46.47 30.92
C LEU I 314 9.18 -45.04 31.38
N TYR I 315 9.39 -44.07 30.50
CA TYR I 315 9.10 -42.68 30.83
C TYR I 315 7.60 -42.44 30.97
N LYS I 316 6.81 -43.02 30.07
CA LYS I 316 5.37 -42.83 30.12
C LYS I 316 4.77 -43.47 31.37
N GLU I 317 5.33 -44.59 31.81
CA GLU I 317 4.85 -45.18 33.07
C GLU I 317 5.57 -44.58 34.28
N MET I 318 5.60 -43.25 34.33
CA MET I 318 6.12 -42.52 35.47
C MET I 318 5.06 -41.52 35.94
N GLY I 319 4.28 -41.00 35.00
CA GLY I 319 3.15 -40.16 35.29
C GLY I 319 1.86 -40.74 34.74
N GLU I 320 0.76 -40.12 35.13
CA GLU I 320 -0.57 -40.54 34.72
C GLU I 320 -0.91 -39.99 33.35
N ASP I 321 -1.77 -40.71 32.63
CA ASP I 321 -2.31 -40.30 31.33
C ASP I 321 -1.23 -40.14 30.28
N GLY I 322 -0.07 -40.76 30.48
CA GLY I 322 1.05 -40.54 29.60
C GLY I 322 1.60 -39.13 29.71
N ILE I 323 1.61 -38.58 30.92
CA ILE I 323 2.02 -37.20 31.16
C ILE I 323 2.83 -37.15 32.44
N VAL I 324 4.05 -36.64 32.36
CA VAL I 324 4.93 -36.48 33.51
C VAL I 324 5.09 -34.99 33.78
N PRO I 325 4.47 -34.43 34.82
CA PRO I 325 4.54 -33.00 35.08
C PRO I 325 5.74 -32.54 35.89
N TYR I 326 6.63 -33.44 36.30
CA TYR I 326 7.71 -33.10 37.20
C TYR I 326 8.83 -32.36 36.45
N THR I 327 9.24 -31.22 37.01
CA THR I 327 10.22 -30.37 36.33
C THR I 327 11.58 -31.06 36.24
N LEU I 328 12.05 -31.64 37.35
CA LEU I 328 13.37 -32.25 37.37
C LEU I 328 13.47 -33.50 36.52
N TYR I 329 12.37 -33.99 35.97
CA TYR I 329 12.41 -35.09 35.02
C TYR I 329 12.78 -34.62 33.63
N TYR I 330 12.77 -33.30 33.41
CA TYR I 330 13.25 -32.73 32.15
C TYR I 330 14.55 -33.37 31.72
N HIS I 331 15.55 -33.38 32.61
CA HIS I 331 16.83 -34.03 32.33
C HIS I 331 16.61 -35.39 31.69
N TYR I 332 15.87 -36.26 32.37
CA TYR I 332 15.57 -37.58 31.83
C TYR I 332 15.05 -37.47 30.41
N ALA I 333 13.94 -36.74 30.24
CA ALA I 333 13.35 -36.60 28.91
C ALA I 333 14.40 -36.14 27.91
N ARG I 334 15.22 -35.16 28.31
CA ARG I 334 16.24 -34.64 27.42
C ARG I 334 17.14 -35.75 26.89
N LEU I 335 17.66 -36.59 27.79
CA LEU I 335 18.52 -37.67 27.35
C LEU I 335 17.79 -38.57 26.36
N ILE I 336 16.52 -38.87 26.63
CA ILE I 336 15.73 -39.67 25.69
C ILE I 336 15.83 -39.07 24.30
N GLU I 337 15.57 -37.77 24.19
CA GLU I 337 15.68 -37.11 22.90
C GLU I 337 17.05 -37.32 22.28
N ALA I 338 18.11 -37.08 23.05
CA ALA I 338 19.46 -37.35 22.55
C ALA I 338 19.55 -38.75 22.00
N LEU I 339 19.12 -39.75 22.79
CA LEU I 339 19.09 -41.12 22.30
C LEU I 339 18.34 -41.20 20.99
N TYR I 340 17.10 -40.72 20.96
CA TYR I 340 16.33 -40.68 19.73
C TYR I 340 17.16 -40.09 18.60
N GLY I 341 17.74 -38.91 18.83
CA GLY I 341 18.54 -38.28 17.79
C GLY I 341 19.57 -39.23 17.21
N LEU I 342 20.37 -39.85 18.06
CA LEU I 342 21.39 -40.77 17.58
C LEU I 342 20.75 -41.83 16.68
N GLU I 343 19.70 -42.47 17.17
CA GLU I 343 19.06 -43.52 16.40
C GLU I 343 18.47 -42.97 15.11
N ARG I 344 17.94 -41.76 15.13
CA ARG I 344 17.44 -41.15 13.91
C ARG I 344 18.55 -41.02 12.87
N ILE I 345 19.76 -40.63 13.32
CA ILE I 345 20.89 -40.56 12.39
C ILE I 345 21.13 -41.93 11.76
N GLU I 346 21.01 -43.00 12.55
CA GLU I 346 21.26 -44.33 12.01
C GLU I 346 20.26 -44.70 10.93
N GLN I 347 19.11 -44.03 10.91
CA GLN I 347 18.15 -44.28 9.85
C GLN I 347 18.43 -43.41 8.63
N LEU I 348 19.01 -42.23 8.85
CA LEU I 348 19.29 -41.34 7.73
C LEU I 348 20.54 -41.78 6.99
N LEU I 349 21.60 -42.15 7.72
CA LEU I 349 22.84 -42.59 7.08
C LEU I 349 22.60 -43.84 6.24
N ALA I 350 21.60 -44.64 6.58
CA ALA I 350 21.31 -45.87 5.84
C ALA I 350 20.46 -45.63 4.61
N ASP I 351 20.09 -44.39 4.31
CA ASP I 351 19.26 -44.09 3.16
C ASP I 351 20.16 -43.63 2.02
N PRO I 352 20.10 -44.27 0.83
CA PRO I 352 21.05 -43.93 -0.24
C PRO I 352 20.80 -42.58 -0.91
N ASP I 353 19.90 -41.77 -0.36
CA ASP I 353 19.70 -40.41 -0.84
C ASP I 353 20.35 -39.38 0.06
N ILE I 354 21.16 -39.82 1.03
CA ILE I 354 22.00 -38.90 1.79
C ILE I 354 23.23 -38.52 0.98
N THR I 355 23.70 -39.41 0.11
CA THR I 355 24.80 -39.12 -0.80
C THR I 355 24.30 -38.78 -2.20
N SER I 356 23.15 -38.11 -2.29
CA SER I 356 22.50 -37.84 -3.56
C SER I 356 23.10 -36.59 -4.21
N SER I 357 22.48 -36.13 -5.29
CA SER I 357 22.95 -34.95 -5.99
C SER I 357 21.85 -33.96 -6.36
N ASP I 358 20.57 -34.33 -6.25
CA ASP I 358 19.46 -33.42 -6.54
C ASP I 358 19.07 -32.74 -5.23
N LEU I 359 19.54 -31.51 -5.04
CA LEU I 359 19.38 -30.84 -3.77
C LEU I 359 18.81 -29.42 -3.85
N ARG I 360 18.38 -28.97 -5.03
CA ARG I 360 17.92 -27.59 -5.18
C ARG I 360 16.72 -27.52 -6.09
N VAL I 361 15.77 -26.65 -5.75
CA VAL I 361 14.45 -26.62 -6.36
C VAL I 361 14.18 -25.21 -6.87
N THR I 362 15.24 -24.51 -7.28
CA THR I 362 15.16 -23.06 -7.52
C THR I 362 13.92 -22.66 -8.30
N SER I 363 13.36 -21.51 -7.94
CA SER I 363 12.16 -20.97 -8.55
C SER I 363 12.29 -19.46 -8.66
N LYS I 364 11.39 -18.86 -9.43
CA LYS I 364 11.30 -17.41 -9.60
C LYS I 364 9.89 -16.99 -9.20
N GLU I 365 9.71 -16.76 -7.91
CA GLU I 365 8.41 -16.39 -7.36
C GLU I 365 8.62 -15.92 -5.93
N ILE I 366 8.06 -14.76 -5.58
CA ILE I 366 8.23 -14.17 -4.27
C ILE I 366 6.85 -13.93 -3.67
N ASN I 367 6.52 -14.72 -2.64
CA ASN I 367 5.27 -14.62 -1.90
C ASN I 367 5.46 -13.72 -0.68
N PRO I 368 4.42 -12.93 -0.32
CA PRO I 368 4.62 -11.90 0.71
C PRO I 368 4.82 -12.44 2.11
N GLU I 369 4.67 -13.74 2.35
CA GLU I 369 4.75 -14.26 3.71
C GLU I 369 5.43 -15.62 3.70
N GLY I 370 6.20 -15.88 4.77
CA GLY I 370 6.84 -17.16 4.95
C GLY I 370 7.04 -17.50 6.41
N ILE I 371 6.56 -18.66 6.83
CA ILE I 371 6.61 -19.09 8.22
C ILE I 371 7.39 -20.39 8.30
N GLY I 372 8.37 -20.45 9.19
CA GLY I 372 9.14 -21.65 9.40
C GLY I 372 9.13 -22.07 10.86
N VAL I 373 8.58 -23.24 11.14
CA VAL I 373 8.42 -23.73 12.50
C VAL I 373 9.14 -25.06 12.61
N ILE I 374 10.08 -25.15 13.55
CA ILE I 374 10.76 -26.41 13.83
C ILE I 374 10.82 -26.64 15.33
N GLU I 375 11.45 -27.73 15.71
CA GLU I 375 11.58 -28.15 17.09
C GLU I 375 13.05 -28.03 17.49
N ALA I 376 13.40 -26.87 18.04
CA ALA I 376 14.71 -26.68 18.63
C ALA I 376 14.83 -27.54 19.89
N PRO I 377 16.05 -27.87 20.38
CA PRO I 377 16.21 -28.77 21.52
C PRO I 377 15.41 -28.34 22.77
N ARG I 378 15.14 -27.05 22.92
CA ARG I 378 14.45 -26.59 24.16
C ARG I 378 12.97 -26.31 23.89
N GLY I 379 12.49 -26.54 22.66
CA GLY I 379 11.06 -26.37 22.45
C GLY I 379 10.78 -26.04 20.99
N THR I 380 9.79 -25.19 20.79
CA THR I 380 9.32 -24.84 19.47
C THR I 380 9.91 -23.51 19.04
N LEU I 381 10.29 -23.42 17.76
CA LEU I 381 10.92 -22.21 17.22
C LEU I 381 10.17 -21.80 15.96
N ILE I 382 9.63 -20.58 15.98
CA ILE I 382 8.80 -20.04 14.91
C ILE I 382 9.44 -18.78 14.36
N HIS I 383 9.75 -18.80 13.07
CA HIS I 383 10.20 -17.62 12.33
C HIS I 383 9.07 -17.20 11.40
N HIS I 384 8.89 -15.90 11.23
CA HIS I 384 7.80 -15.37 10.42
C HIS I 384 8.31 -14.14 9.69
N TYR I 385 8.49 -14.25 8.38
CA TYR I 385 9.02 -13.17 7.56
C TYR I 385 7.93 -12.66 6.62
N GLN I 386 7.86 -11.33 6.49
CA GLN I 386 6.96 -10.68 5.56
C GLN I 386 7.79 -9.77 4.67
N VAL I 387 7.77 -10.06 3.37
CA VAL I 387 8.59 -9.37 2.38
C VAL I 387 7.69 -8.59 1.44
N ASN I 388 8.31 -7.79 0.58
CA ASN I 388 7.63 -7.12 -0.51
C ASN I 388 7.91 -7.88 -1.82
N GLU I 389 7.46 -7.33 -2.94
CA GLU I 389 7.63 -8.00 -4.22
C GLU I 389 9.09 -8.01 -4.68
N SER I 390 9.92 -7.11 -4.14
CA SER I 390 11.34 -7.10 -4.48
C SER I 390 12.15 -8.09 -3.66
N GLY I 391 11.54 -8.76 -2.69
CA GLY I 391 12.27 -9.68 -1.83
C GLY I 391 12.91 -9.03 -0.63
N VAL I 392 12.52 -7.82 -0.29
CA VAL I 392 13.10 -7.08 0.82
C VAL I 392 12.25 -7.33 2.05
N ILE I 393 12.92 -7.56 3.18
CA ILE I 393 12.22 -7.90 4.42
C ILE I 393 11.49 -6.66 4.94
N THR I 394 10.19 -6.79 5.14
CA THR I 394 9.37 -5.72 5.70
C THR I 394 9.05 -5.94 7.17
N LYS I 395 8.76 -7.17 7.57
CA LYS I 395 8.44 -7.45 8.97
C LYS I 395 9.03 -8.80 9.36
N VAL I 396 9.53 -8.88 10.59
CA VAL I 396 10.07 -10.12 11.14
C VAL I 396 9.40 -10.36 12.49
N ASN I 397 9.09 -11.63 12.76
CA ASN I 397 8.54 -12.04 14.04
C ASN I 397 9.14 -13.37 14.44
N LEU I 398 9.73 -13.44 15.62
CA LEU I 398 10.34 -14.66 16.13
C LEU I 398 9.68 -15.03 17.45
N ILE I 399 9.45 -16.33 17.64
CA ILE I 399 8.99 -16.87 18.91
C ILE I 399 9.81 -18.13 19.18
N VAL I 400 10.67 -18.07 20.19
CA VAL I 400 11.68 -19.10 20.40
C VAL I 400 11.32 -19.91 21.64
N ALA I 401 12.09 -20.98 21.86
CA ALA I 401 11.68 -22.06 22.75
C ALA I 401 11.58 -21.62 24.20
N THR I 402 12.71 -21.18 24.78
CA THR I 402 12.73 -20.82 26.19
C THR I 402 11.71 -19.75 26.52
N GLY I 403 11.40 -18.87 25.57
CA GLY I 403 10.37 -17.88 25.80
C GLY I 403 9.04 -18.48 26.22
N HIS I 404 8.70 -19.65 25.68
CA HIS I 404 7.47 -20.32 26.08
C HIS I 404 7.54 -20.79 27.53
N ASN I 405 8.74 -21.15 28.00
CA ASN I 405 8.92 -21.70 29.33
C ASN I 405 9.15 -20.64 30.40
N ASN I 406 8.90 -19.37 30.08
CA ASN I 406 9.18 -18.30 31.03
C ASN I 406 8.27 -18.39 32.26
N PHE I 407 6.98 -18.61 32.04
CA PHE I 407 6.04 -18.67 33.15
C PHE I 407 6.30 -19.87 34.04
N ALA I 408 6.62 -21.01 33.43
CA ALA I 408 6.96 -22.20 34.21
C ALA I 408 8.19 -21.94 35.07
N MET I 409 9.18 -21.24 34.51
CA MET I 409 10.38 -20.92 35.28
C MET I 409 10.06 -19.99 36.45
N ASN I 410 9.26 -18.94 36.19
CA ASN I 410 8.88 -18.03 37.26
C ASN I 410 8.15 -18.76 38.38
N LYS I 411 7.18 -19.61 38.02
CA LYS I 411 6.41 -20.31 39.04
C LYS I 411 7.27 -21.30 39.81
N GLY I 412 8.15 -22.03 39.12
CA GLY I 412 9.03 -22.94 39.82
C GLY I 412 9.97 -22.22 40.78
N VAL I 413 10.51 -21.08 40.34
CA VAL I 413 11.41 -20.32 41.20
C VAL I 413 10.68 -19.81 42.42
N GLU I 414 9.44 -19.33 42.24
CA GLU I 414 8.66 -18.87 43.38
C GLU I 414 8.35 -20.00 44.35
N MET I 415 8.04 -21.19 43.81
CA MET I 415 7.76 -22.34 44.66
C MET I 415 8.98 -22.71 45.50
N VAL I 416 10.14 -22.88 44.87
CA VAL I 416 11.32 -23.25 45.64
C VAL I 416 11.73 -22.11 46.56
N ALA I 417 11.41 -20.86 46.21
CA ALA I 417 11.70 -19.73 47.07
C ALA I 417 10.92 -19.81 48.37
N LYS I 418 9.59 -19.98 48.27
CA LYS I 418 8.80 -20.08 49.50
C LYS I 418 8.61 -21.52 49.93
N LYS I 419 9.55 -22.38 49.54
CA LYS I 419 9.69 -23.71 50.14
C LYS I 419 11.01 -23.94 50.84
N TYR I 420 12.14 -23.39 50.36
CA TYR I 420 13.43 -23.62 50.98
C TYR I 420 14.01 -22.41 51.69
N ILE I 421 13.66 -21.20 51.29
CA ILE I 421 14.07 -20.01 52.04
C ILE I 421 13.29 -19.99 53.34
N THR I 422 13.98 -20.22 54.45
CA THR I 422 13.33 -20.13 55.77
C THR I 422 13.23 -18.66 56.20
N GLY I 423 14.37 -17.99 56.31
CA GLY I 423 14.40 -16.57 56.61
C GLY I 423 15.56 -15.89 55.90
N THR I 424 16.26 -15.02 56.61
CA THR I 424 17.49 -14.43 56.09
C THR I 424 18.65 -15.37 56.43
N ASN I 425 19.88 -14.94 56.16
CA ASN I 425 21.07 -15.79 56.33
C ASN I 425 20.94 -17.04 55.47
N VAL I 426 20.60 -16.85 54.20
CA VAL I 426 20.37 -17.95 53.28
C VAL I 426 21.71 -18.50 52.78
N PRO I 427 22.02 -19.76 53.05
CA PRO I 427 23.29 -20.32 52.59
C PRO I 427 23.30 -20.51 51.08
N GLU I 428 24.47 -20.84 50.55
CA GLU I 428 24.61 -21.08 49.12
C GLU I 428 24.25 -22.52 48.76
N GLY I 429 23.11 -22.95 49.26
CA GLY I 429 22.52 -24.23 48.90
C GLY I 429 21.05 -24.05 48.60
N VAL I 430 20.51 -22.91 49.04
CA VAL I 430 19.14 -22.54 48.70
C VAL I 430 19.11 -21.70 47.42
N PHE I 431 20.14 -20.87 47.22
CA PHE I 431 20.28 -20.15 45.96
C PHE I 431 20.53 -21.11 44.81
N ASN I 432 21.31 -22.17 45.05
CA ASN I 432 21.61 -23.12 44.00
C ASN I 432 20.36 -23.84 43.52
N ARG I 433 19.38 -24.03 44.39
CA ARG I 433 18.12 -24.63 43.95
C ARG I 433 17.29 -23.62 43.16
N LEU I 434 17.31 -22.35 43.60
CA LEU I 434 16.67 -21.28 42.83
C LEU I 434 17.26 -21.17 41.44
N GLU I 435 18.51 -21.57 41.26
CA GLU I 435 19.08 -21.61 39.91
C GLU I 435 18.82 -22.93 39.19
N HIS I 436 18.78 -24.04 39.92
CA HIS I 436 18.55 -25.32 39.24
C HIS I 436 17.12 -25.43 38.71
N VAL I 437 16.16 -24.74 39.33
CA VAL I 437 14.83 -24.74 38.73
C VAL I 437 14.84 -24.08 37.36
N ILE I 438 15.75 -23.12 37.15
CA ILE I 438 15.94 -22.55 35.83
C ILE I 438 16.75 -23.49 34.94
N ARG I 439 17.77 -24.13 35.51
CA ARG I 439 18.66 -24.99 34.75
C ARG I 439 17.98 -26.27 34.27
N ALA I 440 16.90 -26.70 34.92
CA ALA I 440 16.18 -27.87 34.46
C ALA I 440 15.61 -27.64 33.07
N TYR I 441 15.06 -26.45 32.84
CA TYR I 441 14.59 -26.09 31.50
C TYR I 441 15.75 -25.78 30.56
N ASP I 442 16.96 -25.57 31.09
CA ASP I 442 18.18 -25.27 30.35
C ASP I 442 17.92 -24.16 29.34
N PRO I 443 17.76 -22.93 29.78
CA PRO I 443 17.32 -21.87 28.88
C PRO I 443 18.45 -21.27 28.08
N CYS I 444 18.15 -21.00 26.81
CA CYS I 444 19.00 -20.19 25.94
C CYS I 444 18.44 -18.78 25.99
N LEU I 445 18.93 -17.98 26.94
CA LEU I 445 18.40 -16.63 27.12
C LEU I 445 18.75 -15.71 25.97
N SER I 446 19.70 -16.09 25.11
CA SER I 446 19.96 -15.31 23.91
C SER I 446 18.93 -15.59 22.83
N CYS I 447 18.40 -16.81 22.79
CA CYS I 447 17.32 -17.13 21.88
C CYS I 447 16.04 -16.40 22.28
N SER I 448 15.75 -16.38 23.58
CA SER I 448 14.50 -15.80 24.05
C SER I 448 14.41 -14.31 23.72
N THR I 449 15.42 -13.54 24.10
CA THR I 449 15.46 -12.11 23.81
C THR I 449 16.31 -11.86 22.57
N HIS I 450 15.79 -12.36 21.45
CA HIS I 450 16.42 -12.21 20.15
C HIS I 450 16.62 -10.75 19.78
N MET J 1 49.64 -25.50 42.31
CA MET J 1 49.76 -24.19 42.94
C MET J 1 50.31 -23.16 41.97
N ALA J 2 50.79 -23.64 40.82
CA ALA J 2 51.29 -22.77 39.75
C ALA J 2 50.25 -22.56 38.66
N LYS J 3 48.97 -22.66 38.99
CA LYS J 3 47.91 -22.54 38.00
C LYS J 3 47.63 -21.08 37.68
N ALA J 4 47.22 -20.84 36.44
CA ALA J 4 46.80 -19.51 36.03
C ALA J 4 45.41 -19.20 36.58
N LYS J 5 44.89 -18.03 36.23
CA LYS J 5 43.62 -17.57 36.78
C LYS J 5 42.74 -17.00 35.68
N VAL J 6 42.58 -17.76 34.59
CA VAL J 6 41.72 -17.31 33.50
C VAL J 6 40.30 -17.09 34.00
N ALA J 7 39.73 -15.95 33.64
CA ALA J 7 38.34 -15.64 33.99
C ALA J 7 37.67 -15.03 32.76
N THR J 8 36.57 -15.61 32.34
CA THR J 8 35.91 -15.25 31.09
C THR J 8 34.49 -14.77 31.36
N PHE J 9 33.94 -14.04 30.39
CA PHE J 9 32.54 -13.67 30.42
C PHE J 9 32.10 -13.14 29.06
N TRP J 10 30.79 -13.04 28.89
CA TRP J 10 30.18 -12.51 27.68
C TRP J 10 29.33 -11.30 28.04
N LEU J 11 29.37 -10.26 27.21
CA LEU J 11 28.64 -9.05 27.49
C LEU J 11 27.35 -8.93 26.69
N GLU J 12 27.46 -8.90 25.37
CA GLU J 12 26.32 -8.85 24.47
C GLU J 12 26.51 -9.87 23.35
N ALA J 13 26.85 -11.09 23.77
CA ALA J 13 27.19 -12.13 22.78
C ALA J 13 26.02 -13.05 22.50
N CYS J 14 26.27 -14.13 21.76
CA CYS J 14 25.23 -15.14 21.47
C CYS J 14 25.69 -16.47 22.05
N ALA J 15 26.72 -16.47 22.90
CA ALA J 15 27.31 -17.70 23.48
C ALA J 15 28.19 -18.42 22.46
N GLY J 16 28.18 -17.96 21.21
CA GLY J 16 28.95 -18.62 20.13
C GLY J 16 30.44 -18.72 20.44
N CYS J 17 31.03 -17.65 20.97
CA CYS J 17 32.49 -17.63 21.23
C CYS J 17 32.85 -18.56 22.39
N HIS J 18 31.98 -18.65 23.41
CA HIS J 18 32.23 -19.54 24.56
C HIS J 18 31.98 -20.99 24.14
N MET J 19 31.06 -21.23 23.20
CA MET J 19 30.85 -22.57 22.67
C MET J 19 32.01 -22.99 21.78
N SER J 20 32.67 -22.03 21.13
CA SER J 20 33.89 -22.35 20.39
C SER J 20 35.07 -22.52 21.33
N PHE J 21 34.99 -21.96 22.52
CA PHE J 21 35.95 -22.32 23.57
C PHE J 21 35.69 -23.72 24.08
N LEU J 22 34.42 -24.11 24.16
CA LEU J 22 34.06 -25.41 24.73
C LEU J 22 34.31 -26.56 23.78
N ASP J 23 34.57 -26.29 22.49
CA ASP J 23 34.84 -27.37 21.56
C ASP J 23 36.34 -27.64 21.40
N LEU J 24 37.14 -27.27 22.39
CA LEU J 24 38.53 -27.70 22.51
C LEU J 24 38.58 -29.03 23.26
N ASP J 25 37.80 -29.99 22.77
CA ASP J 25 37.37 -31.16 23.54
C ASP J 25 38.44 -31.83 24.39
N GLU J 26 39.47 -32.40 23.76
CA GLU J 26 40.54 -33.00 24.55
C GLU J 26 41.54 -31.93 24.99
N ARG J 27 41.71 -30.89 24.18
CA ARG J 27 42.48 -29.74 24.59
C ARG J 27 41.89 -29.07 25.82
N LEU J 28 40.58 -29.18 26.03
CA LEU J 28 39.99 -28.65 27.26
C LEU J 28 40.44 -29.45 28.48
N ILE J 29 40.45 -30.79 28.35
CA ILE J 29 40.88 -31.62 29.47
C ILE J 29 42.35 -31.41 29.77
N ASP J 30 43.19 -31.29 28.73
CA ASP J 30 44.61 -31.09 29.01
C ASP J 30 44.96 -29.63 29.27
N LEU J 31 43.99 -28.72 29.11
CA LEU J 31 44.19 -27.32 29.50
C LEU J 31 43.77 -27.08 30.94
N PHE J 32 42.72 -27.76 31.39
CA PHE J 32 42.29 -27.61 32.78
C PHE J 32 43.38 -28.04 33.75
N GLN J 33 44.32 -28.87 33.32
CA GLN J 33 45.48 -29.22 34.15
C GLN J 33 46.52 -28.11 34.17
N ASN J 34 46.31 -27.03 33.43
CA ASN J 34 47.20 -25.88 33.46
C ASN J 34 46.50 -24.58 33.79
N VAL J 35 45.18 -24.54 33.83
CA VAL J 35 44.41 -23.34 34.11
C VAL J 35 43.33 -23.68 35.12
N GLU J 36 43.25 -22.92 36.20
CA GLU J 36 42.07 -22.93 37.05
C GLU J 36 41.17 -21.77 36.63
N ILE J 37 39.89 -22.07 36.45
CA ILE J 37 38.94 -21.12 35.90
C ILE J 37 38.10 -20.58 37.04
N LEU J 38 38.41 -19.35 37.45
CA LEU J 38 37.58 -18.57 38.34
C LEU J 38 36.42 -17.99 37.53
N PHE J 39 35.76 -16.94 38.05
CA PHE J 39 34.50 -16.43 37.50
C PHE J 39 34.41 -16.51 35.99
N SER J 40 33.34 -17.15 35.51
CA SER J 40 33.16 -17.55 34.12
C SER J 40 31.73 -18.03 33.91
N PRO J 41 31.19 -17.94 32.69
CA PRO J 41 29.80 -18.35 32.48
C PRO J 41 29.54 -19.83 32.72
N ILE J 42 30.57 -20.65 32.89
CA ILE J 42 30.39 -22.08 33.12
C ILE J 42 30.85 -22.49 34.51
N VAL J 43 31.10 -21.53 35.40
CA VAL J 43 31.39 -21.81 36.80
C VAL J 43 30.44 -20.99 37.65
N ASP J 44 30.39 -21.31 38.94
CA ASP J 44 29.38 -20.75 39.84
C ASP J 44 29.90 -19.59 40.67
N ALA J 45 31.06 -19.03 40.33
CA ALA J 45 31.52 -17.82 41.01
C ALA J 45 30.66 -16.64 40.61
N LYS J 46 30.32 -15.79 41.57
CA LYS J 46 29.43 -14.67 41.30
C LYS J 46 30.16 -13.35 41.07
N ASP J 47 31.33 -13.16 41.68
CA ASP J 47 32.06 -11.91 41.56
C ASP J 47 33.47 -12.19 41.07
N ILE J 48 34.02 -11.23 40.34
CA ILE J 48 35.31 -11.43 39.67
C ILE J 48 36.43 -11.38 40.69
N PRO J 49 37.33 -12.38 40.72
CA PRO J 49 38.48 -12.30 41.61
C PRO J 49 39.66 -11.62 40.95
N ASN J 50 40.78 -11.52 41.66
CA ASN J 50 42.02 -11.04 41.07
C ASN J 50 42.60 -12.15 40.20
N ILE J 51 42.78 -11.87 38.91
CA ILE J 51 43.07 -12.90 37.91
C ILE J 51 44.33 -12.50 37.15
N ASP J 52 44.74 -13.38 36.24
CA ASP J 52 45.87 -13.13 35.35
C ASP J 52 45.41 -12.84 33.92
N VAL J 53 44.56 -13.69 33.36
CA VAL J 53 44.03 -13.52 32.01
C VAL J 53 42.53 -13.31 32.11
N GLY J 54 42.05 -12.19 31.61
CA GLY J 54 40.64 -11.89 31.55
C GLY J 54 40.16 -11.92 30.10
N VAL J 55 39.07 -12.63 29.87
CA VAL J 55 38.53 -12.86 28.53
C VAL J 55 37.12 -12.29 28.47
N LEU J 56 36.87 -11.43 27.48
CA LEU J 56 35.56 -10.83 27.27
C LEU J 56 35.05 -11.18 25.89
N SER J 57 33.75 -11.44 25.80
CA SER J 57 33.08 -11.66 24.52
C SER J 57 31.84 -10.78 24.46
N GLY J 58 31.44 -10.45 23.24
CA GLY J 58 30.31 -9.58 23.03
C GLY J 58 30.68 -8.11 23.15
N GLY J 59 29.75 -7.27 22.70
CA GLY J 59 29.99 -5.84 22.69
C GLY J 59 29.51 -5.15 23.95
N LEU J 60 28.97 -3.95 23.81
CA LEU J 60 28.45 -3.17 24.94
C LEU J 60 27.11 -2.57 24.51
N GLY J 61 26.03 -3.14 25.02
CA GLY J 61 24.72 -2.65 24.69
C GLY J 61 23.93 -2.13 25.88
N ASN J 62 24.19 -2.68 27.05
CA ASN J 62 23.51 -2.27 28.27
C ASN J 62 24.46 -1.56 29.22
N VAL J 63 23.87 -0.94 30.25
CA VAL J 63 24.66 -0.28 31.29
C VAL J 63 25.28 -1.27 32.27
N GLU J 64 24.90 -2.53 32.21
CA GLU J 64 25.51 -3.56 33.05
C GLU J 64 26.79 -4.10 32.43
N GLU J 65 26.79 -4.27 31.11
CA GLU J 65 27.96 -4.81 30.42
C GLU J 65 29.14 -3.85 30.52
N VAL J 66 28.89 -2.55 30.53
CA VAL J 66 29.98 -1.58 30.67
C VAL J 66 30.67 -1.75 32.02
N GLU J 67 29.88 -1.81 33.09
CA GLU J 67 30.45 -1.98 34.42
C GLU J 67 31.15 -3.32 34.56
N LEU J 68 30.60 -4.37 33.95
CA LEU J 68 31.24 -5.68 34.05
C LEU J 68 32.55 -5.71 33.29
N ALA J 69 32.60 -5.07 32.12
CA ALA J 69 33.85 -4.95 31.38
C ALA J 69 34.89 -4.18 32.18
N LYS J 70 34.47 -3.10 32.83
CA LYS J 70 35.40 -2.32 33.64
C LYS J 70 35.92 -3.13 34.82
N LYS J 71 35.05 -3.92 35.45
CA LYS J 71 35.49 -4.81 36.52
C LYS J 71 36.54 -5.79 36.03
N MET J 72 36.23 -6.48 34.92
CA MET J 72 37.19 -7.46 34.39
C MET J 72 38.49 -6.79 33.97
N ARG J 73 38.44 -5.54 33.54
CA ARG J 73 39.67 -4.82 33.19
C ARG J 73 40.49 -4.53 34.44
N GLU J 74 39.85 -4.01 35.50
CA GLU J 74 40.59 -3.69 36.71
C GLU J 74 41.15 -4.93 37.40
N ARG J 75 40.49 -6.08 37.24
CA ARG J 75 40.87 -7.27 37.98
C ARG J 75 41.94 -8.12 37.29
N CYS J 76 42.32 -7.78 36.06
CA CYS J 76 43.27 -8.59 35.30
C CYS J 76 44.44 -7.74 34.84
N LYS J 77 45.45 -8.42 34.27
CA LYS J 77 46.57 -7.76 33.63
C LYS J 77 46.61 -7.95 32.13
N TYR J 78 46.09 -9.07 31.62
CA TYR J 78 46.03 -9.33 30.19
C TYR J 78 44.57 -9.59 29.82
N LEU J 79 44.02 -8.72 28.96
CA LEU J 79 42.64 -8.84 28.50
C LEU J 79 42.62 -9.35 27.07
N VAL J 80 41.69 -10.25 26.78
CA VAL J 80 41.57 -10.87 25.46
C VAL J 80 40.15 -10.64 24.96
N ALA J 81 40.03 -9.93 23.84
CA ALA J 81 38.76 -9.72 23.17
C ALA J 81 38.47 -10.92 22.28
N TRP J 82 37.30 -11.51 22.43
CA TRP J 82 36.90 -12.67 21.63
C TRP J 82 35.80 -12.27 20.65
N GLY J 83 36.01 -12.57 19.37
CA GLY J 83 34.92 -12.36 18.39
C GLY J 83 34.80 -10.94 17.85
N ASP J 84 34.11 -10.80 16.71
CA ASP J 84 33.92 -9.47 16.08
C ASP J 84 33.05 -8.60 16.99
N CYS J 85 32.19 -9.22 17.80
CA CYS J 85 31.27 -8.43 18.65
C CYS J 85 32.09 -7.61 19.65
N ALA J 86 33.21 -8.15 20.13
CA ALA J 86 34.08 -7.43 21.08
C ALA J 86 35.19 -6.68 20.34
N VAL J 87 35.63 -7.19 19.20
CA VAL J 87 36.77 -6.58 18.46
C VAL J 87 36.25 -5.49 17.51
N PHE J 88 35.21 -5.77 16.74
CA PHE J 88 34.70 -4.82 15.76
C PHE J 88 33.34 -4.24 16.11
N GLY J 89 32.62 -4.84 17.04
CA GLY J 89 31.28 -4.39 17.36
C GLY J 89 30.26 -5.42 16.94
N GLY J 90 30.48 -6.01 15.76
CA GLY J 90 29.72 -7.15 15.33
C GLY J 90 28.27 -6.84 15.02
N ILE J 91 27.48 -7.91 14.97
CA ILE J 91 26.08 -7.82 14.54
C ILE J 91 25.24 -6.91 15.43
N ASN J 92 25.65 -6.71 16.69
CA ASN J 92 24.95 -5.76 17.54
C ASN J 92 24.89 -4.38 16.91
N CYS J 93 25.99 -3.94 16.31
CA CYS J 93 26.05 -2.64 15.66
C CYS J 93 25.07 -2.51 14.51
N MET J 94 24.33 -3.57 14.19
CA MET J 94 23.25 -3.45 13.21
C MET J 94 22.09 -2.62 13.73
N ARG J 95 22.02 -2.37 15.03
CA ARG J 95 20.96 -1.55 15.60
C ARG J 95 21.40 -0.12 15.86
N ASN J 96 22.63 0.24 15.48
CA ASN J 96 23.11 1.60 15.64
C ASN J 96 22.60 2.55 14.57
N PHE J 97 21.72 2.10 13.69
CA PHE J 97 21.11 2.94 12.67
C PHE J 97 19.65 3.22 12.98
N ILE J 98 19.13 2.67 14.06
CA ILE J 98 17.76 2.90 14.51
C ILE J 98 17.84 3.38 15.95
N PRO J 99 17.11 4.42 16.33
CA PRO J 99 17.15 4.88 17.73
C PRO J 99 16.69 3.80 18.69
N LYS J 100 17.22 3.86 19.91
CA LYS J 100 16.89 2.88 20.94
C LYS J 100 15.39 2.82 21.20
N ASP J 101 14.74 3.99 21.23
CA ASP J 101 13.30 4.04 21.45
C ASP J 101 12.55 3.25 20.38
N VAL J 102 12.92 3.45 19.11
CA VAL J 102 12.23 2.76 18.03
C VAL J 102 12.51 1.26 18.10
N VAL J 103 13.74 0.87 18.45
CA VAL J 103 14.05 -0.55 18.59
C VAL J 103 13.14 -1.19 19.62
N LEU J 104 13.13 -0.64 20.84
CA LEU J 104 12.33 -1.25 21.91
C LEU J 104 10.85 -1.22 21.58
N ARG J 105 10.36 -0.12 21.00
CA ARG J 105 8.93 0.02 20.72
C ARG J 105 8.50 -0.97 19.65
N GLU J 106 9.18 -0.99 18.50
CA GLU J 106 8.81 -1.87 17.42
C GLU J 106 9.15 -3.32 17.72
N GLY J 107 9.93 -3.59 18.77
CA GLY J 107 10.18 -4.97 19.15
C GLY J 107 9.24 -5.48 20.22
N TYR J 108 8.63 -4.58 20.99
CA TYR J 108 7.73 -4.99 22.06
C TYR J 108 6.31 -4.52 21.90
N ILE J 109 6.00 -3.71 20.90
CA ILE J 109 4.65 -3.22 20.68
C ILE J 109 4.18 -3.56 19.27
N GLU J 110 5.05 -3.31 18.29
CA GLU J 110 4.62 -3.39 16.89
C GLU J 110 4.70 -4.79 16.32
N THR J 111 5.39 -5.73 16.98
CA THR J 111 5.49 -7.07 16.43
C THR J 111 4.14 -7.78 16.50
N ALA J 112 3.90 -8.66 15.53
CA ALA J 112 2.73 -9.51 15.59
C ALA J 112 2.85 -10.48 16.76
N SER J 113 1.73 -11.13 17.09
CA SER J 113 1.63 -12.05 18.21
C SER J 113 1.84 -11.37 19.57
N THR J 114 2.00 -10.05 19.59
CA THR J 114 2.18 -9.30 20.82
C THR J 114 0.86 -8.65 21.21
N VAL J 115 0.45 -8.84 22.46
CA VAL J 115 -0.80 -8.30 22.97
C VAL J 115 -0.47 -7.47 24.21
N ASN J 116 -0.36 -6.16 24.03
CA ASN J 116 -0.26 -5.22 25.14
C ASN J 116 -0.91 -3.91 24.71
N PRO J 117 -2.22 -3.78 24.89
CA PRO J 117 -2.88 -2.51 24.59
C PRO J 117 -2.43 -1.38 25.49
N GLN J 118 -1.77 -1.69 26.61
CA GLN J 118 -1.22 -0.64 27.47
C GLN J 118 -0.05 0.07 26.79
N GLY J 119 0.81 -0.69 26.11
CA GLY J 119 1.96 -0.11 25.44
C GLY J 119 3.21 -0.18 26.28
N ILE J 120 3.34 -1.25 27.05
CA ILE J 120 4.46 -1.41 27.96
C ILE J 120 5.72 -1.77 27.20
N VAL J 121 6.84 -1.16 27.58
CA VAL J 121 8.16 -1.59 27.14
C VAL J 121 8.94 -1.98 28.38
N PRO J 122 9.78 -3.01 28.33
CA PRO J 122 10.48 -3.45 29.55
C PRO J 122 11.41 -2.39 30.10
N SER J 123 11.05 -1.80 31.25
CA SER J 123 11.79 -0.66 31.76
C SER J 123 11.94 -0.68 33.27
N GLU J 124 12.03 -1.85 33.90
CA GLU J 124 12.20 -1.90 35.34
C GLU J 124 13.02 -3.12 35.73
N ASP J 125 13.90 -2.94 36.71
CA ASP J 125 14.74 -3.97 37.31
C ASP J 125 15.78 -4.53 36.34
N ILE J 126 15.75 -4.09 35.09
CA ILE J 126 16.67 -4.59 34.06
C ILE J 126 17.51 -3.43 33.54
N PRO J 127 18.74 -3.68 33.08
CA PRO J 127 19.57 -2.58 32.57
C PRO J 127 18.99 -1.96 31.32
N GLU J 128 19.31 -0.69 31.12
CA GLU J 128 18.81 0.06 29.98
C GLU J 128 19.78 -0.05 28.81
N LEU J 129 19.24 -0.25 27.62
CA LEU J 129 20.06 -0.35 26.42
C LEU J 129 20.81 0.95 26.17
N LEU J 130 22.08 0.83 25.81
CA LEU J 130 22.87 1.99 25.43
C LEU J 130 22.31 2.58 24.13
N PRO J 131 22.58 3.86 23.86
CA PRO J 131 22.14 4.43 22.59
C PRO J 131 22.78 3.79 21.38
N ARG J 132 23.98 3.25 21.53
CA ARG J 132 24.69 2.59 20.44
C ARG J 132 25.47 1.41 21.01
N ALA J 133 25.45 0.30 20.30
CA ALA J 133 26.26 -0.85 20.66
C ALA J 133 27.67 -0.64 20.13
N LEU J 134 28.66 -0.80 21.01
CA LEU J 134 30.05 -0.53 20.70
C LEU J 134 30.92 -1.73 21.01
N PRO J 135 32.11 -1.80 20.43
CA PRO J 135 33.08 -2.82 20.86
C PRO J 135 33.56 -2.55 22.27
N ILE J 136 34.30 -3.51 22.80
CA ILE J 136 34.81 -3.33 24.16
C ILE J 136 35.98 -2.36 24.22
N ASP J 137 36.61 -2.07 23.07
CA ASP J 137 37.68 -1.09 23.06
C ASP J 137 37.11 0.32 22.98
N TYR J 138 36.17 0.61 23.87
CA TYR J 138 35.60 1.94 24.01
C TYR J 138 35.58 2.31 25.49
N GLU J 139 35.52 1.28 26.34
CA GLU J 139 35.50 1.45 27.78
C GLU J 139 36.66 0.77 28.49
N VAL J 140 37.37 -0.15 27.84
CA VAL J 140 38.50 -0.85 28.44
C VAL J 140 39.69 -0.75 27.50
N LYS J 141 40.78 -1.40 27.88
CA LYS J 141 42.04 -1.40 27.13
C LYS J 141 42.40 -2.84 26.82
N VAL J 142 42.21 -3.24 25.57
CA VAL J 142 42.42 -4.63 25.17
C VAL J 142 43.89 -4.88 24.89
N ASP J 143 44.35 -6.07 25.25
CA ASP J 143 45.72 -6.49 24.99
C ASP J 143 45.83 -7.42 23.79
N VAL J 144 44.94 -8.41 23.69
CA VAL J 144 44.94 -9.37 22.58
C VAL J 144 43.57 -9.34 21.93
N TYR J 145 43.55 -9.18 20.61
CA TYR J 145 42.31 -9.21 19.82
C TYR J 145 42.22 -10.53 19.09
N VAL J 146 41.05 -11.17 19.15
CA VAL J 146 40.81 -12.41 18.44
C VAL J 146 39.56 -12.26 17.59
N PRO J 147 39.67 -11.85 16.33
CA PRO J 147 38.48 -11.58 15.53
C PRO J 147 37.90 -12.85 14.92
N GLY J 148 36.60 -12.82 14.74
CA GLY J 148 35.87 -13.95 14.19
C GLY J 148 34.42 -13.90 14.61
N CYS J 149 33.62 -14.84 14.08
CA CYS J 149 32.20 -14.96 14.49
C CYS J 149 31.76 -16.41 14.28
N PRO J 150 32.12 -17.36 15.17
CA PRO J 150 33.07 -17.14 16.24
C PRO J 150 34.52 -17.48 15.88
N PRO J 151 35.55 -17.07 16.66
CA PRO J 151 36.91 -17.51 16.40
C PRO J 151 37.01 -19.03 16.43
N ASP J 152 37.91 -19.58 15.61
CA ASP J 152 38.11 -21.01 15.60
C ASP J 152 38.71 -21.48 16.92
N ALA J 153 38.54 -22.78 17.19
CA ALA J 153 39.09 -23.34 18.41
C ALA J 153 40.61 -23.25 18.42
N ASP J 154 41.24 -23.45 17.27
CA ASP J 154 42.69 -23.41 17.20
C ASP J 154 43.22 -22.03 17.56
N THR J 155 42.52 -20.97 17.16
CA THR J 155 42.97 -19.62 17.49
C THR J 155 42.89 -19.36 18.99
N ILE J 156 41.79 -19.77 19.62
CA ILE J 156 41.63 -19.60 21.06
C ILE J 156 42.71 -20.38 21.80
N TYR J 157 42.96 -21.61 21.38
CA TYR J 157 43.99 -22.41 22.03
C TYR J 157 45.37 -21.81 21.83
N TYR J 158 45.66 -21.31 20.64
CA TYR J 158 46.95 -20.66 20.39
C TYR J 158 47.14 -19.46 21.30
N VAL J 159 46.12 -18.62 21.41
CA VAL J 159 46.21 -17.44 22.26
C VAL J 159 46.41 -17.85 23.72
N PHE J 160 45.72 -18.91 24.16
CA PHE J 160 45.88 -19.38 25.52
C PHE J 160 47.30 -19.87 25.78
N LYS J 161 47.81 -20.76 24.93
CA LYS J 161 49.18 -21.25 25.11
C LYS J 161 50.20 -20.13 25.07
N GLU J 162 49.98 -19.11 24.23
CA GLU J 162 50.95 -18.02 24.15
C GLU J 162 50.89 -17.14 25.40
N LEU J 163 49.70 -16.88 25.92
CA LEU J 163 49.61 -16.03 27.10
C LEU J 163 50.06 -16.74 28.36
N LEU J 164 49.79 -18.04 28.48
CA LEU J 164 50.26 -18.78 29.63
C LEU J 164 51.73 -19.17 29.54
N ALA J 165 52.37 -18.87 28.41
CA ALA J 165 53.81 -19.03 28.27
C ALA J 165 54.58 -17.75 28.57
N GLY J 166 53.88 -16.61 28.63
CA GLY J 166 54.49 -15.36 29.05
C GLY J 166 54.63 -14.30 27.99
N ARG J 167 54.06 -14.49 26.80
CA ARG J 167 54.16 -13.53 25.71
C ARG J 167 52.78 -13.11 25.24
N VAL J 168 52.63 -11.83 24.93
CA VAL J 168 51.38 -11.28 24.41
C VAL J 168 51.30 -11.59 22.92
N PRO J 169 50.37 -12.43 22.48
CA PRO J 169 50.35 -12.87 21.09
C PRO J 169 49.51 -11.97 20.20
N LYS J 170 49.79 -12.05 18.90
CA LYS J 170 48.99 -11.45 17.85
C LYS J 170 48.54 -12.56 16.92
N VAL J 171 47.24 -12.61 16.63
CA VAL J 171 46.68 -13.66 15.78
C VAL J 171 47.39 -13.61 14.43
N PRO J 172 48.06 -14.69 14.02
CA PRO J 172 48.75 -14.69 12.73
C PRO J 172 47.78 -14.53 11.58
N SER J 173 48.28 -13.95 10.49
CA SER J 173 47.42 -13.64 9.35
C SER J 173 46.93 -14.88 8.63
N GLU J 174 47.61 -16.02 8.76
CA GLU J 174 47.15 -17.23 8.11
C GLU J 174 46.03 -17.92 8.88
N MET J 175 45.68 -17.44 10.07
CA MET J 175 44.58 -18.01 10.84
C MET J 175 43.56 -16.96 11.27
N MET J 176 43.71 -15.71 10.82
CA MET J 176 42.75 -14.67 11.13
C MET J 176 41.60 -14.73 10.14
N ARG J 177 40.38 -14.60 10.66
CA ARG J 177 39.18 -14.61 9.83
C ARG J 177 38.13 -13.73 10.47
N TYR J 178 37.45 -12.93 9.65
CA TYR J 178 36.33 -12.13 10.10
C TYR J 178 34.99 -12.81 9.87
N ASP J 179 34.99 -14.00 9.26
CA ASP J 179 33.79 -14.77 9.00
C ASP J 179 32.77 -14.00 8.17
#